data_5W1K
#
_entry.id   5W1K
#
_cell.length_a   154.840
_cell.length_b   132.230
_cell.length_c   167.420
_cell.angle_alpha   90.000
_cell.angle_beta   92.470
_cell.angle_gamma   90.000
#
_symmetry.space_group_name_H-M   'P 1 21 1'
#
loop_
_entity.id
_entity.type
_entity.pdbx_description
1 polymer 'CR1-28 Fab light chain'
2 polymer 'CR1-28 Fab heavy chain'
3 polymer 'CR1-10 Fab light chain'
4 polymer 'CR1-10 Fab heavy chain'
5 polymer 'Pre-glycoprotein polyprotein GP complex'
6 branched beta-D-mannopyranose-(1-4)-2-acetamido-2-deoxy-beta-D-glucopyranose-(1-4)-2-acetamido-2-deoxy-beta-D-glucopyranose
7 branched 2-acetamido-2-deoxy-beta-D-glucopyranose-(1-4)-2-acetamido-2-deoxy-beta-D-glucopyranose
8 non-polymer 2-acetamido-2-deoxy-beta-D-glucopyranose
#
loop_
_entity_poly.entity_id
_entity_poly.type
_entity_poly.pdbx_seq_one_letter_code
_entity_poly.pdbx_strand_id
1 'polypeptide(L)'
;IQMTQSPSTLSASVGDRVTITCRASQSIDNWLAWYQQKPGKAPKLLIYTASRLESGVPSRFSGSGSGTEFTLTISSLQPD
DFATYYCQHRTFGQGTKVEIKRTVAAPSVFIFPPSDEQLKSGTASVVCLLNNFYPREAKVQWKVDNALQSGNSQESVTEQ
DSKDSTYSLSSTLTLSKADYEKHKVYACEVTHQGLSSPVTKSFNRG
;
A,F,K,S
2 'polypeptide(L)'
;QVQLVESGGGVVQPGRSLRLSCAASGFTFSSSAMHWVRQAPGKGLEWVAVIWSDGSNENYADSVKGRFTISRDNSKNTLY
LQMSSLRAEDTAVYYCATDKTYVSGYTSTWYYFNYWGQGTLVTVSGASTKGPSVFPLAPSSKSTSGGTAALGCLVKDYFP
EPVTVSWNSGALTSGVHTFPAVLQSSGLYSLSSVVTVPSSSLGTQTYICNVNHKPSNTKVDKRVEP
;
B,G,L,T
3 'polypeptide(L)'
;IVLTQSPGTLSLSPGETATLSCRASQSVSSSYLAWYQQKPGQAPRLLIYGASGRATGIPDRFSGSGSGTDFTLTISRLEP
EDFAVYYCQQYGRSGYTFGQGTKLEIKRTVAAPSVFIFPPSDEQLKSGTASVVCLLNNFYPREAKVQWKVDNALQSGNSQ
ESVTEQDSKDSTYSLSSTLTLSKADYEKHKVYACEVTHQGLSSPVTKSFNRGE
;
C,H,M,N
4 'polypeptide(L)'
;VQLQESGPGLVKPSQTLSLTCSVSGGSIGGSSYYWSWIRHHPGKGLEWIGYINYRGITHYNAALKSRVSMSVETSQNHFS
LQLTSVTAADTAVYYCARLTSDCSGGNCYQAFDYWGQGSLVSVSGASTKGPSVFPLAPSSKSTSGGTAALGCLVKDYFPE
PVTVSWNSGALTSGVHTFPAVLQSSGLYSLSSVVTVPSSSLGTQTYICNVNHKPSNTKVDKRVEP
;
D,I,O,Q
5 'polypeptide(L)'
;DLPLLCTLNKSHLYIKGGNASFKISFDDIAVLLPEYDVIIQHPADMSWCSKSDDQIWLSQWFMNAVGHDWYLDPPFLCRN
RTKTEGFIFQVNTSKTGINENYAKKFKTGMHHLYREYPDSCLDGKLCLMKAQPTSWPLQCPL
;
E,J,P,R
#
# COMPACT_ATOMS: atom_id res chain seq x y z
N ILE A 1 58.28 -47.41 -2.30
CA ILE A 1 58.92 -47.62 -3.59
C ILE A 1 60.47 -47.46 -3.45
N GLN A 2 60.98 -47.67 -2.22
CA GLN A 2 62.40 -47.53 -1.90
C GLN A 2 63.05 -48.86 -1.47
N MET A 3 64.29 -49.10 -1.92
CA MET A 3 65.06 -50.33 -1.68
C MET A 3 65.90 -50.33 -0.39
N THR A 4 66.07 -51.52 0.21
CA THR A 4 66.84 -51.78 1.44
C THR A 4 67.60 -53.10 1.27
N GLN A 5 68.92 -53.02 1.07
CA GLN A 5 69.75 -54.19 0.94
C GLN A 5 70.58 -54.43 2.22
N SER A 6 70.69 -55.68 2.58
CA SER A 6 71.48 -56.23 3.64
C SER A 6 72.11 -57.57 3.22
N PRO A 7 73.22 -58.06 3.86
CA PRO A 7 74.12 -57.33 4.77
C PRO A 7 74.95 -56.16 4.17
N SER A 8 75.78 -55.56 5.04
CA SER A 8 76.69 -54.46 4.74
C SER A 8 77.91 -55.03 3.95
N THR A 9 78.60 -56.02 4.54
CA THR A 9 79.76 -56.70 3.97
C THR A 9 79.73 -58.21 4.29
N LEU A 10 79.45 -59.05 3.28
CA LEU A 10 79.40 -60.49 3.45
C LEU A 10 80.78 -61.11 3.32
N SER A 11 81.30 -61.58 4.44
CA SER A 11 82.61 -62.20 4.52
C SER A 11 82.43 -63.70 4.50
N ALA A 12 82.73 -64.31 3.35
CA ALA A 12 82.60 -65.76 3.21
C ALA A 12 83.67 -66.37 2.31
N SER A 13 83.97 -67.67 2.52
CA SER A 13 84.97 -68.39 1.74
C SER A 13 84.36 -69.12 0.53
N VAL A 14 85.22 -69.49 -0.46
CA VAL A 14 84.86 -70.19 -1.69
C VAL A 14 84.31 -71.59 -1.36
N GLY A 15 83.10 -71.87 -1.83
CA GLY A 15 82.42 -73.14 -1.59
C GLY A 15 81.14 -73.01 -0.79
N ASP A 16 81.02 -71.91 -0.02
CA ASP A 16 79.86 -71.60 0.85
C ASP A 16 78.59 -71.31 0.05
N ARG A 17 77.43 -71.52 0.68
CA ARG A 17 76.12 -71.27 0.12
C ARG A 17 75.70 -69.87 0.60
N VAL A 18 76.27 -68.85 -0.05
CA VAL A 18 76.06 -67.44 0.30
C VAL A 18 74.76 -66.88 -0.29
N THR A 19 74.08 -66.02 0.46
CA THR A 19 72.78 -65.49 0.05
C THR A 19 72.57 -64.05 0.52
N ILE A 20 72.11 -63.18 -0.39
CA ILE A 20 71.87 -61.78 -0.13
C ILE A 20 70.37 -61.49 -0.13
N THR A 21 69.92 -60.60 0.76
CA THR A 21 68.53 -60.20 0.88
C THR A 21 68.31 -58.80 0.33
N CYS A 22 67.05 -58.46 0.03
CA CYS A 22 66.60 -57.18 -0.50
C CYS A 22 65.16 -56.92 -0.05
N ARG A 23 64.88 -55.66 0.36
CA ARG A 23 63.56 -55.21 0.82
C ARG A 23 63.03 -54.05 -0.04
N ALA A 24 61.70 -53.83 -0.02
CA ALA A 24 61.02 -52.82 -0.81
C ALA A 24 59.95 -52.13 0.04
N SER A 25 59.86 -50.79 -0.07
CA SER A 25 58.86 -50.01 0.68
C SER A 25 57.42 -50.25 0.19
N GLN A 26 57.23 -50.34 -1.14
CA GLN A 26 55.94 -50.64 -1.78
C GLN A 26 55.95 -52.11 -2.21
N SER A 27 54.76 -52.77 -2.22
CA SER A 27 54.59 -54.16 -2.64
C SER A 27 54.88 -54.29 -4.15
N ILE A 28 56.15 -54.62 -4.46
CA ILE A 28 56.67 -54.78 -5.81
C ILE A 28 56.82 -56.27 -6.04
N ASP A 29 56.10 -56.81 -7.02
CA ASP A 29 56.13 -58.24 -7.32
C ASP A 29 57.31 -58.63 -8.21
N ASN A 30 57.24 -58.37 -9.52
CA ASN A 30 58.32 -58.75 -10.42
C ASN A 30 58.86 -57.58 -11.25
N TRP A 31 59.51 -56.66 -10.54
CA TRP A 31 60.17 -55.49 -11.12
C TRP A 31 61.52 -55.28 -10.43
N LEU A 32 62.22 -56.38 -10.17
CA LEU A 32 63.51 -56.34 -9.49
C LEU A 32 64.60 -57.05 -10.28
N ALA A 33 65.84 -56.60 -10.11
CA ALA A 33 67.05 -57.15 -10.73
C ALA A 33 68.24 -57.06 -9.78
N TRP A 34 69.27 -57.86 -10.08
CA TRP A 34 70.52 -57.91 -9.33
C TRP A 34 71.70 -57.57 -10.22
N TYR A 35 72.71 -56.90 -9.66
CA TYR A 35 73.90 -56.49 -10.40
C TYR A 35 75.19 -57.02 -9.78
N GLN A 36 76.26 -57.15 -10.59
CA GLN A 36 77.61 -57.60 -10.16
C GLN A 36 78.67 -56.60 -10.60
N GLN A 37 79.14 -55.77 -9.67
CA GLN A 37 80.12 -54.77 -10.02
C GLN A 37 81.49 -55.01 -9.42
N LYS A 38 82.42 -55.52 -10.22
CA LYS A 38 83.79 -55.69 -9.76
C LYS A 38 84.39 -54.28 -9.84
N PRO A 39 84.87 -53.69 -8.71
CA PRO A 39 85.35 -52.30 -8.77
C PRO A 39 86.42 -52.07 -9.83
N GLY A 40 86.13 -51.18 -10.78
CA GLY A 40 86.99 -50.86 -11.92
C GLY A 40 86.30 -51.09 -13.26
N LYS A 41 85.07 -51.65 -13.20
CA LYS A 41 84.20 -51.92 -14.33
C LYS A 41 82.72 -51.81 -13.94
N ALA A 42 81.89 -51.33 -14.89
CA ALA A 42 80.44 -51.16 -14.79
C ALA A 42 79.80 -52.48 -14.38
N PRO A 43 78.69 -52.42 -13.60
CA PRO A 43 78.03 -53.66 -13.18
C PRO A 43 77.39 -54.40 -14.35
N LYS A 44 77.27 -55.71 -14.24
CA LYS A 44 76.69 -56.57 -15.27
C LYS A 44 75.32 -56.99 -14.76
N LEU A 45 74.31 -57.12 -15.65
CA LEU A 45 72.99 -57.56 -15.22
C LEU A 45 73.03 -59.07 -14.96
N LEU A 46 72.64 -59.49 -13.76
CA LEU A 46 72.69 -60.91 -13.39
C LEU A 46 71.38 -61.62 -13.70
N ILE A 47 70.32 -61.17 -13.04
CA ILE A 47 68.98 -61.72 -13.10
C ILE A 47 68.00 -60.56 -13.22
N TYR A 48 66.93 -60.77 -13.98
CA TYR A 48 65.89 -59.79 -14.19
C TYR A 48 64.52 -60.39 -13.83
N THR A 49 63.59 -59.54 -13.33
CA THR A 49 62.23 -59.84 -12.83
C THR A 49 62.31 -60.84 -11.64
N ALA A 50 63.38 -60.71 -10.83
CA ALA A 50 63.72 -61.47 -9.63
C ALA A 50 63.80 -63.01 -9.75
N SER A 51 63.48 -63.61 -10.92
CA SER A 51 63.51 -65.07 -11.03
C SER A 51 64.26 -65.60 -12.25
N ARG A 52 64.18 -64.88 -13.38
CA ARG A 52 64.80 -65.24 -14.65
C ARG A 52 66.20 -64.66 -14.81
N LEU A 53 67.18 -65.54 -14.99
CA LEU A 53 68.60 -65.17 -15.16
C LEU A 53 68.82 -64.54 -16.52
N GLU A 54 69.84 -63.68 -16.61
CA GLU A 54 70.19 -63.04 -17.88
C GLU A 54 70.86 -64.05 -18.79
N SER A 55 70.74 -63.84 -20.11
CA SER A 55 71.33 -64.74 -21.10
C SER A 55 72.84 -64.65 -21.06
N GLY A 56 73.43 -65.62 -20.38
CA GLY A 56 74.87 -65.72 -20.21
C GLY A 56 75.36 -65.25 -18.86
N VAL A 57 74.86 -65.91 -17.81
CA VAL A 57 75.22 -65.69 -16.40
C VAL A 57 75.26 -67.06 -15.67
N PRO A 58 76.36 -67.39 -14.94
CA PRO A 58 76.46 -68.73 -14.32
C PRO A 58 75.23 -69.15 -13.53
N SER A 59 74.97 -70.47 -13.58
CA SER A 59 73.85 -71.20 -12.96
C SER A 59 73.85 -71.19 -11.42
N ARG A 60 75.02 -70.92 -10.79
CA ARG A 60 75.15 -70.86 -9.32
C ARG A 60 74.34 -69.71 -8.72
N PHE A 61 74.14 -68.64 -9.51
CA PHE A 61 73.35 -67.48 -9.10
C PHE A 61 71.87 -67.83 -9.21
N SER A 62 71.12 -67.61 -8.13
CA SER A 62 69.68 -67.87 -8.08
C SER A 62 68.96 -66.80 -7.31
N GLY A 63 68.05 -66.15 -7.98
CA GLY A 63 67.22 -65.12 -7.38
C GLY A 63 65.84 -65.69 -7.10
N SER A 64 65.32 -65.46 -5.88
CA SER A 64 64.00 -65.93 -5.45
C SER A 64 63.32 -64.85 -4.61
N GLY A 65 62.04 -64.63 -4.88
CA GLY A 65 61.27 -63.63 -4.15
C GLY A 65 60.17 -62.97 -4.95
N SER A 66 59.10 -62.61 -4.24
CA SER A 66 57.89 -61.95 -4.74
C SER A 66 57.18 -61.28 -3.55
N GLY A 67 56.42 -60.23 -3.84
CA GLY A 67 55.68 -59.43 -2.86
C GLY A 67 56.47 -58.21 -2.42
N THR A 68 57.45 -58.40 -1.53
CA THR A 68 58.30 -57.32 -1.03
C THR A 68 59.72 -57.82 -0.70
N GLU A 69 59.88 -59.14 -0.40
CA GLU A 69 61.17 -59.73 -0.06
C GLU A 69 61.79 -60.55 -1.19
N PHE A 70 63.05 -60.21 -1.51
CA PHE A 70 63.85 -60.82 -2.58
C PHE A 70 65.18 -61.26 -2.09
N THR A 71 65.64 -62.43 -2.59
CA THR A 71 66.91 -63.07 -2.21
C THR A 71 67.73 -63.54 -3.40
N LEU A 72 69.04 -63.27 -3.34
CA LEU A 72 70.02 -63.72 -4.34
C LEU A 72 71.03 -64.63 -3.68
N THR A 73 70.92 -65.93 -3.96
CA THR A 73 71.80 -66.96 -3.45
C THR A 73 72.80 -67.41 -4.52
N ILE A 74 74.05 -67.72 -4.09
CA ILE A 74 75.12 -68.27 -4.92
C ILE A 74 75.40 -69.62 -4.26
N SER A 75 75.02 -70.71 -4.96
CA SER A 75 75.17 -72.09 -4.48
C SER A 75 76.60 -72.45 -4.03
N SER A 76 77.60 -72.25 -4.91
CA SER A 76 79.02 -72.49 -4.60
C SER A 76 79.82 -71.49 -5.38
N LEU A 77 80.09 -70.36 -4.73
CA LEU A 77 80.78 -69.25 -5.38
C LEU A 77 82.23 -69.59 -5.73
N GLN A 78 82.65 -69.07 -6.88
CA GLN A 78 83.99 -69.19 -7.45
C GLN A 78 84.73 -67.86 -7.19
N PRO A 79 86.08 -67.77 -7.37
CA PRO A 79 86.79 -66.49 -7.13
C PRO A 79 86.38 -65.31 -8.01
N ASP A 80 85.76 -65.58 -9.17
CA ASP A 80 85.30 -64.55 -10.12
C ASP A 80 83.90 -63.98 -9.77
N ASP A 81 83.43 -64.13 -8.51
CA ASP A 81 82.12 -63.64 -8.03
C ASP A 81 82.28 -62.57 -6.94
N PHE A 82 83.52 -62.32 -6.51
CA PHE A 82 83.77 -61.36 -5.44
C PHE A 82 83.70 -59.92 -5.92
N ALA A 83 82.53 -59.32 -5.70
CA ALA A 83 82.19 -57.95 -6.09
C ALA A 83 81.02 -57.41 -5.24
N THR A 84 80.62 -56.15 -5.50
CA THR A 84 79.50 -55.50 -4.81
C THR A 84 78.20 -55.73 -5.62
N TYR A 85 77.12 -56.14 -4.92
CA TYR A 85 75.81 -56.43 -5.52
C TYR A 85 74.82 -55.36 -5.14
N TYR A 86 73.86 -55.10 -6.02
CA TYR A 86 72.85 -54.07 -5.79
C TYR A 86 71.46 -54.59 -6.18
N CYS A 87 70.39 -53.94 -5.66
CA CYS A 87 68.99 -54.19 -5.96
C CYS A 87 68.59 -53.30 -7.15
N GLN A 88 67.36 -53.42 -7.66
CA GLN A 88 66.97 -52.61 -8.82
C GLN A 88 65.74 -51.74 -8.48
N HIS A 89 64.82 -51.55 -9.45
CA HIS A 89 63.64 -50.68 -9.44
C HIS A 89 64.09 -49.22 -9.58
N ARG A 90 63.20 -48.25 -9.32
CA ARG A 90 63.53 -46.82 -9.38
C ARG A 90 64.72 -46.54 -8.43
N THR A 91 64.54 -46.82 -7.12
CA THR A 91 65.59 -46.68 -6.10
C THR A 91 66.62 -47.82 -6.30
N PHE A 92 67.70 -47.83 -5.50
CA PHE A 92 68.78 -48.84 -5.54
C PHE A 92 69.15 -49.30 -4.10
N GLY A 93 69.87 -50.42 -4.04
CA GLY A 93 70.38 -51.00 -2.80
C GLY A 93 71.71 -50.37 -2.40
N GLN A 94 72.06 -50.48 -1.09
CA GLN A 94 73.28 -49.92 -0.49
C GLN A 94 74.56 -50.53 -1.06
N GLY A 95 74.55 -51.85 -1.24
CA GLY A 95 75.70 -52.57 -1.77
C GLY A 95 76.30 -53.47 -0.71
N THR A 96 76.08 -54.80 -0.87
CA THR A 96 76.55 -55.91 -0.03
C THR A 96 77.91 -56.45 -0.53
N LYS A 97 78.98 -55.71 -0.22
CA LYS A 97 80.33 -56.08 -0.65
C LYS A 97 80.63 -57.49 -0.19
N VAL A 98 81.05 -58.38 -1.12
CA VAL A 98 81.35 -59.78 -0.82
C VAL A 98 82.88 -59.99 -0.74
N GLU A 99 83.36 -60.22 0.49
CA GLU A 99 84.78 -60.40 0.76
C GLU A 99 85.02 -61.86 1.10
N ILE A 100 86.29 -62.29 1.01
CA ILE A 100 86.72 -63.64 1.31
C ILE A 100 86.88 -63.78 2.81
N LYS A 101 86.96 -65.02 3.24
CA LYS A 101 87.23 -65.45 4.59
C LYS A 101 88.67 -65.94 4.57
N ARG A 102 89.52 -65.32 5.39
CA ARG A 102 90.94 -65.64 5.49
C ARG A 102 91.34 -65.76 6.96
N THR A 103 92.49 -66.42 7.21
CA THR A 103 93.14 -66.53 8.51
C THR A 103 93.55 -65.10 8.87
N VAL A 104 93.42 -64.70 10.13
CA VAL A 104 93.80 -63.36 10.57
C VAL A 104 95.29 -63.13 10.27
N ALA A 105 95.61 -61.95 9.69
CA ALA A 105 96.99 -61.56 9.38
C ALA A 105 97.39 -60.31 10.14
N ALA A 106 98.59 -60.34 10.70
CA ALA A 106 99.12 -59.22 11.47
C ALA A 106 99.67 -58.19 10.51
N PRO A 107 99.40 -56.87 10.74
CA PRO A 107 99.95 -55.84 9.84
C PRO A 107 101.45 -55.56 10.10
N SER A 108 102.20 -55.32 9.03
CA SER A 108 103.62 -55.00 9.13
C SER A 108 103.72 -53.48 9.22
N VAL A 109 103.70 -52.96 10.46
CA VAL A 109 103.71 -51.53 10.79
C VAL A 109 105.10 -50.89 10.53
N PHE A 110 105.12 -49.79 9.75
CA PHE A 110 106.30 -49.03 9.34
C PHE A 110 106.07 -47.51 9.42
N ILE A 111 106.81 -46.82 10.29
CA ILE A 111 106.69 -45.36 10.40
C ILE A 111 107.74 -44.69 9.48
N PHE A 112 107.30 -43.70 8.68
CA PHE A 112 108.15 -42.98 7.73
C PHE A 112 108.28 -41.49 8.08
N PRO A 113 109.52 -40.97 8.23
CA PRO A 113 109.68 -39.55 8.57
C PRO A 113 109.36 -38.65 7.38
N PRO A 114 109.04 -37.35 7.59
CA PRO A 114 108.79 -36.47 6.43
C PRO A 114 110.09 -36.27 5.66
N SER A 115 110.02 -36.22 4.32
CA SER A 115 111.22 -36.04 3.48
C SER A 115 111.92 -34.72 3.77
N ASP A 116 113.25 -34.65 3.53
CA ASP A 116 114.08 -33.46 3.74
C ASP A 116 113.65 -32.33 2.82
N GLU A 117 113.25 -32.68 1.58
CA GLU A 117 112.74 -31.78 0.54
C GLU A 117 111.38 -31.25 0.97
N GLN A 118 110.60 -32.09 1.71
CA GLN A 118 109.28 -31.73 2.23
C GLN A 118 109.39 -30.79 3.40
N LEU A 119 110.47 -30.91 4.17
CA LEU A 119 110.69 -30.10 5.36
C LEU A 119 111.00 -28.64 5.01
N LYS A 120 111.74 -28.40 3.89
CA LYS A 120 112.12 -27.09 3.40
C LYS A 120 110.96 -26.25 2.83
N SER A 121 109.90 -26.91 2.32
CA SER A 121 108.72 -26.24 1.77
C SER A 121 107.77 -25.64 2.83
N GLY A 122 107.92 -26.06 4.10
CA GLY A 122 107.10 -25.54 5.18
C GLY A 122 106.02 -26.48 5.69
N THR A 123 105.50 -27.36 4.82
CA THR A 123 104.47 -28.33 5.19
C THR A 123 105.08 -29.72 5.16
N ALA A 124 105.24 -30.32 6.35
CA ALA A 124 105.83 -31.65 6.48
C ALA A 124 104.84 -32.64 7.06
N SER A 125 104.45 -33.63 6.25
CA SER A 125 103.52 -34.67 6.62
C SER A 125 104.28 -35.95 7.00
N VAL A 126 103.83 -36.61 8.08
CA VAL A 126 104.38 -37.87 8.60
C VAL A 126 103.52 -39.04 8.07
N VAL A 127 104.19 -40.05 7.50
CA VAL A 127 103.51 -41.21 6.90
C VAL A 127 103.73 -42.47 7.76
N CYS A 128 102.66 -43.28 7.91
CA CYS A 128 102.69 -44.56 8.63
C CYS A 128 102.05 -45.63 7.77
N LEU A 129 102.77 -46.73 7.56
CA LEU A 129 102.37 -47.89 6.78
C LEU A 129 102.05 -49.04 7.70
N LEU A 130 101.10 -49.88 7.29
CA LEU A 130 100.77 -51.13 7.95
C LEU A 130 100.25 -52.09 6.88
N ASN A 131 101.22 -52.81 6.30
CA ASN A 131 101.00 -53.70 5.18
C ASN A 131 100.45 -55.06 5.52
N ASN A 132 99.61 -55.53 4.60
CA ASN A 132 98.97 -56.83 4.45
C ASN A 132 98.44 -57.43 5.76
N PHE A 133 97.18 -57.14 6.09
CA PHE A 133 96.48 -57.63 7.27
C PHE A 133 95.09 -58.07 6.80
N TYR A 134 94.47 -59.13 7.38
CA TYR A 134 93.15 -59.51 6.87
C TYR A 134 91.98 -58.71 7.50
N PRO A 135 91.70 -58.77 8.82
CA PRO A 135 90.53 -58.03 9.34
C PRO A 135 90.60 -56.53 9.05
N ARG A 136 89.70 -56.04 8.16
CA ARG A 136 89.59 -54.63 7.72
C ARG A 136 89.57 -53.63 8.89
N GLU A 137 88.88 -53.98 10.01
CA GLU A 137 88.77 -53.11 11.19
C GLU A 137 90.12 -52.95 11.91
N ALA A 138 90.94 -52.03 11.41
CA ALA A 138 92.25 -51.72 11.95
C ALA A 138 92.34 -50.22 12.09
N LYS A 139 92.53 -49.74 13.32
CA LYS A 139 92.57 -48.32 13.59
C LYS A 139 93.96 -47.81 13.95
N VAL A 140 94.28 -46.61 13.46
CA VAL A 140 95.58 -45.99 13.70
C VAL A 140 95.43 -44.77 14.59
N GLN A 141 96.25 -44.71 15.64
CA GLN A 141 96.29 -43.64 16.60
C GLN A 141 97.62 -42.91 16.54
N TRP A 142 97.59 -41.65 16.07
CA TRP A 142 98.79 -40.84 15.99
C TRP A 142 99.11 -40.27 17.33
N LYS A 143 100.31 -40.57 17.84
CA LYS A 143 100.73 -40.10 19.15
C LYS A 143 102.01 -39.31 19.03
N VAL A 144 101.90 -37.98 19.10
CA VAL A 144 103.05 -37.08 19.03
C VAL A 144 103.23 -36.58 20.47
N ASP A 145 104.22 -37.17 21.18
CA ASP A 145 104.50 -36.94 22.60
C ASP A 145 103.26 -37.35 23.46
N ASN A 146 102.44 -38.29 22.92
CA ASN A 146 101.23 -38.93 23.47
C ASN A 146 99.90 -38.12 23.37
N ALA A 147 99.41 -37.83 22.12
CA ALA A 147 98.13 -37.15 21.77
C ALA A 147 98.09 -36.64 20.35
N LEU A 148 96.92 -36.74 19.65
CA LEU A 148 96.66 -36.25 18.29
C LEU A 148 95.57 -37.01 17.52
N GLN A 149 94.83 -36.21 16.70
CA GLN A 149 93.73 -36.65 15.85
C GLN A 149 93.46 -35.64 14.71
N SER A 150 94.32 -34.60 14.54
CA SER A 150 94.19 -33.59 13.51
C SER A 150 94.52 -34.06 12.11
N GLY A 151 95.76 -34.46 11.91
CA GLY A 151 96.24 -34.99 10.64
C GLY A 151 95.85 -36.44 10.37
N ASN A 152 95.39 -37.14 11.43
CA ASN A 152 94.98 -38.56 11.44
C ASN A 152 93.77 -38.84 10.53
N SER A 153 93.00 -37.78 10.15
CA SER A 153 91.81 -37.86 9.29
C SER A 153 92.15 -38.22 7.83
N GLN A 154 93.44 -38.45 7.54
CA GLN A 154 93.86 -38.82 6.21
C GLN A 154 94.54 -40.19 6.23
N GLU A 155 93.76 -41.24 5.92
CA GLU A 155 94.20 -42.64 5.81
C GLU A 155 93.45 -43.35 4.70
N SER A 156 94.16 -44.11 3.87
CA SER A 156 93.57 -44.83 2.75
C SER A 156 93.92 -46.31 2.80
N VAL A 157 93.14 -47.14 2.07
CA VAL A 157 93.29 -48.60 1.98
C VAL A 157 93.13 -49.14 0.56
N THR A 158 94.01 -50.09 0.19
CA THR A 158 93.90 -50.82 -1.08
C THR A 158 92.89 -51.93 -0.86
N GLU A 159 92.25 -52.41 -1.93
CA GLU A 159 91.31 -53.51 -1.82
C GLU A 159 92.06 -54.83 -1.60
N GLN A 160 91.31 -55.87 -1.22
CA GLN A 160 91.81 -57.21 -0.93
C GLN A 160 92.78 -57.66 -2.05
N ASP A 161 93.99 -58.12 -1.64
CA ASP A 161 95.06 -58.62 -2.51
C ASP A 161 94.62 -59.84 -3.36
N SER A 162 95.22 -60.02 -4.55
CA SER A 162 94.90 -61.15 -5.43
C SER A 162 95.52 -62.49 -4.93
N LYS A 163 96.74 -62.43 -4.38
CA LYS A 163 97.52 -63.58 -3.88
C LYS A 163 97.14 -64.07 -2.47
N ASP A 164 97.35 -63.20 -1.47
CA ASP A 164 97.11 -63.49 -0.05
C ASP A 164 95.84 -62.84 0.51
N SER A 165 95.06 -62.11 -0.30
CA SER A 165 93.78 -61.46 0.06
C SER A 165 93.84 -60.68 1.38
N THR A 166 94.80 -59.74 1.47
CA THR A 166 94.99 -58.88 2.64
C THR A 166 94.96 -57.41 2.21
N TYR A 167 94.43 -56.56 3.10
CA TYR A 167 94.34 -55.12 2.88
C TYR A 167 95.64 -54.50 3.39
N SER A 168 95.88 -53.23 3.04
CA SER A 168 97.05 -52.46 3.47
C SER A 168 96.59 -51.02 3.67
N LEU A 169 97.05 -50.39 4.77
CA LEU A 169 96.66 -49.04 5.20
C LEU A 169 97.84 -48.08 5.20
N SER A 170 97.56 -46.84 4.82
CA SER A 170 98.52 -45.75 4.79
C SER A 170 97.94 -44.56 5.51
N SER A 171 98.32 -44.37 6.79
CA SER A 171 97.86 -43.22 7.57
C SER A 171 98.87 -42.09 7.42
N THR A 172 98.41 -40.88 7.06
CA THR A 172 99.26 -39.71 6.84
C THR A 172 98.89 -38.56 7.75
N LEU A 173 99.71 -38.33 8.75
CA LEU A 173 99.61 -37.22 9.67
C LEU A 173 100.10 -36.00 8.92
N THR A 174 99.27 -34.98 8.80
CA THR A 174 99.69 -33.78 8.10
C THR A 174 99.84 -32.66 9.11
N LEU A 175 100.98 -31.94 9.05
CA LEU A 175 101.30 -30.81 9.94
C LEU A 175 102.30 -29.82 9.31
N SER A 176 102.52 -28.66 9.96
CA SER A 176 103.45 -27.64 9.47
C SER A 176 104.85 -27.87 10.05
N LYS A 177 105.84 -27.12 9.51
CA LYS A 177 107.24 -27.12 9.93
C LYS A 177 107.31 -26.49 11.33
N ALA A 178 106.41 -25.52 11.60
CA ALA A 178 106.24 -24.82 12.88
C ALA A 178 105.82 -25.79 13.99
N ASP A 179 104.90 -26.73 13.66
CA ASP A 179 104.44 -27.77 14.56
C ASP A 179 105.42 -28.91 14.61
N TYR A 180 106.23 -29.09 13.56
CA TYR A 180 107.23 -30.15 13.48
C TYR A 180 108.42 -29.83 14.38
N GLU A 181 108.94 -28.60 14.35
CA GLU A 181 110.06 -28.24 15.21
C GLU A 181 109.49 -27.60 16.48
N LYS A 182 108.74 -28.42 17.24
CA LYS A 182 108.06 -28.06 18.48
C LYS A 182 107.82 -29.33 19.32
N HIS A 183 107.85 -30.51 18.67
CA HIS A 183 107.67 -31.81 19.30
C HIS A 183 108.88 -32.76 19.04
N LYS A 184 109.12 -33.73 19.96
CA LYS A 184 110.25 -34.66 19.91
C LYS A 184 109.92 -36.05 19.31
N VAL A 185 109.13 -36.88 20.02
CA VAL A 185 108.80 -38.25 19.62
C VAL A 185 107.53 -38.33 18.78
N TYR A 186 107.65 -38.97 17.62
CA TYR A 186 106.57 -39.21 16.65
C TYR A 186 106.23 -40.70 16.64
N ALA A 187 105.04 -41.06 17.13
CA ALA A 187 104.58 -42.44 17.21
C ALA A 187 103.36 -42.72 16.36
N CYS A 188 103.21 -43.99 16.00
CA CYS A 188 102.10 -44.52 15.22
C CYS A 188 101.57 -45.76 15.94
N GLU A 189 100.59 -45.54 16.83
CA GLU A 189 99.95 -46.60 17.61
C GLU A 189 98.91 -47.33 16.74
N VAL A 190 99.13 -48.64 16.49
CA VAL A 190 98.28 -49.47 15.63
C VAL A 190 97.52 -50.49 16.46
N THR A 191 96.18 -50.41 16.45
CA THR A 191 95.27 -51.33 17.15
C THR A 191 94.66 -52.28 16.13
N HIS A 192 94.96 -53.60 16.30
CA HIS A 192 94.48 -54.66 15.42
C HIS A 192 94.37 -56.00 16.17
N GLN A 193 93.52 -56.89 15.65
CA GLN A 193 93.24 -58.21 16.19
C GLN A 193 94.44 -59.17 16.11
N GLY A 194 95.21 -59.07 15.01
CA GLY A 194 96.40 -59.86 14.77
C GLY A 194 97.60 -59.43 15.60
N LEU A 195 97.40 -58.43 16.46
CA LEU A 195 98.38 -57.88 17.36
C LEU A 195 97.89 -58.09 18.78
N SER A 196 98.60 -58.98 19.52
CA SER A 196 98.30 -59.35 20.91
C SER A 196 98.44 -58.12 21.79
N SER A 197 99.57 -57.41 21.62
CA SER A 197 99.87 -56.15 22.29
C SER A 197 100.00 -55.09 21.17
N PRO A 198 99.03 -54.16 21.02
CA PRO A 198 99.11 -53.18 19.92
C PRO A 198 100.48 -52.52 19.80
N VAL A 199 101.15 -52.80 18.68
CA VAL A 199 102.50 -52.37 18.38
C VAL A 199 102.56 -50.88 17.97
N THR A 200 103.63 -50.20 18.43
CA THR A 200 103.97 -48.79 18.21
C THR A 200 105.37 -48.71 17.58
N LYS A 201 105.46 -48.11 16.38
CA LYS A 201 106.69 -47.87 15.64
C LYS A 201 106.98 -46.38 15.74
N SER A 202 108.14 -46.00 16.33
CA SER A 202 108.47 -44.59 16.57
C SER A 202 109.90 -44.18 16.24
N PHE A 203 110.03 -42.90 15.84
CA PHE A 203 111.27 -42.19 15.56
C PHE A 203 111.26 -40.86 16.34
N ASN A 204 112.37 -40.10 16.30
CA ASN A 204 112.46 -38.82 17.00
C ASN A 204 112.62 -37.67 16.01
N ARG A 205 113.78 -37.61 15.33
CA ARG A 205 114.21 -36.66 14.29
C ARG A 205 115.59 -37.08 13.70
N GLY A 206 116.50 -37.48 14.58
CA GLY A 206 117.85 -37.95 14.23
C GLY A 206 118.05 -39.42 14.55
N GLN B 1 78.13 -57.97 -29.75
CA GLN B 1 78.33 -56.94 -30.76
C GLN B 1 77.99 -55.53 -30.24
N VAL B 2 77.16 -55.49 -29.19
CA VAL B 2 76.67 -54.28 -28.55
C VAL B 2 77.80 -53.54 -27.82
N GLN B 3 77.98 -52.25 -28.19
CA GLN B 3 78.98 -51.34 -27.64
C GLN B 3 78.33 -49.98 -27.30
N LEU B 4 78.75 -49.39 -26.16
CA LEU B 4 78.29 -48.09 -25.64
C LEU B 4 79.48 -47.28 -25.18
N VAL B 5 79.76 -46.19 -25.90
CA VAL B 5 80.91 -45.33 -25.62
C VAL B 5 80.48 -43.92 -25.21
N GLU B 6 81.26 -43.31 -24.28
CA GLU B 6 81.02 -41.97 -23.74
C GLU B 6 81.97 -40.96 -24.38
N SER B 7 81.57 -39.66 -24.40
CA SER B 7 82.39 -38.59 -24.98
C SER B 7 83.54 -38.15 -24.08
N GLY B 8 83.22 -37.59 -22.93
CA GLY B 8 84.23 -37.10 -22.02
C GLY B 8 83.82 -35.85 -21.28
N GLY B 9 84.35 -35.70 -20.08
CA GLY B 9 84.09 -34.58 -19.19
C GLY B 9 84.83 -34.83 -17.90
N GLY B 10 85.56 -33.83 -17.43
CA GLY B 10 86.34 -33.97 -16.21
C GLY B 10 86.06 -32.89 -15.19
N VAL B 11 87.03 -31.97 -15.02
CA VAL B 11 86.94 -30.83 -14.10
C VAL B 11 85.90 -29.83 -14.59
N VAL B 12 85.14 -29.30 -13.64
CA VAL B 12 84.11 -28.28 -13.80
C VAL B 12 83.88 -27.62 -12.45
N GLN B 13 83.90 -26.29 -12.44
CA GLN B 13 83.65 -25.54 -11.21
C GLN B 13 82.15 -25.60 -10.90
N PRO B 14 81.74 -25.77 -9.60
CA PRO B 14 80.29 -25.86 -9.30
C PRO B 14 79.45 -24.68 -9.80
N GLY B 15 78.47 -24.99 -10.65
CA GLY B 15 77.55 -24.04 -11.26
C GLY B 15 77.65 -23.99 -12.77
N ARG B 16 78.86 -24.18 -13.30
CA ARG B 16 79.09 -24.17 -14.75
C ARG B 16 78.54 -25.45 -15.35
N SER B 17 77.89 -25.33 -16.51
CA SER B 17 77.31 -26.47 -17.22
C SER B 17 78.38 -27.30 -17.93
N LEU B 18 78.15 -28.62 -18.01
CA LEU B 18 79.00 -29.59 -18.69
C LEU B 18 78.07 -30.51 -19.50
N ARG B 19 78.36 -30.70 -20.81
CA ARG B 19 77.60 -31.54 -21.74
C ARG B 19 78.33 -32.88 -22.02
N LEU B 20 77.56 -34.00 -21.98
CA LEU B 20 78.05 -35.36 -22.22
C LEU B 20 77.23 -36.16 -23.21
N SER B 21 77.91 -36.91 -24.08
CA SER B 21 77.28 -37.77 -25.08
C SER B 21 77.64 -39.23 -24.95
N CYS B 22 76.81 -40.08 -25.58
CA CYS B 22 76.95 -41.54 -25.58
C CYS B 22 76.62 -42.14 -26.96
N ALA B 23 77.67 -42.50 -27.71
CA ALA B 23 77.49 -43.12 -29.02
C ALA B 23 77.16 -44.58 -28.84
N ALA B 24 76.22 -45.08 -29.64
CA ALA B 24 75.76 -46.46 -29.58
C ALA B 24 75.92 -47.14 -30.91
N SER B 25 76.17 -48.46 -30.87
CA SER B 25 76.36 -49.33 -32.05
C SER B 25 76.16 -50.81 -31.70
N GLY B 26 75.95 -51.63 -32.72
CA GLY B 26 75.79 -53.09 -32.60
C GLY B 26 74.39 -53.58 -32.33
N PHE B 27 73.43 -52.67 -32.09
CA PHE B 27 72.03 -52.97 -31.82
C PHE B 27 71.10 -51.91 -32.43
N THR B 28 69.78 -52.19 -32.52
CA THR B 28 68.80 -51.25 -33.04
C THR B 28 68.61 -50.18 -31.97
N PHE B 29 69.26 -49.04 -32.19
CA PHE B 29 69.26 -47.94 -31.24
C PHE B 29 67.90 -47.29 -31.09
N SER B 30 67.18 -46.99 -32.18
CA SER B 30 65.87 -46.32 -32.13
C SER B 30 64.75 -47.12 -31.42
N SER B 31 64.96 -48.42 -31.19
CA SER B 31 63.96 -49.27 -30.54
C SER B 31 64.15 -49.36 -29.02
N SER B 32 65.36 -49.68 -28.55
CA SER B 32 65.65 -49.81 -27.11
C SER B 32 65.82 -48.44 -26.45
N ALA B 33 65.09 -48.22 -25.34
CA ALA B 33 65.14 -46.99 -24.57
C ALA B 33 66.50 -46.91 -23.94
N MET B 34 67.02 -45.70 -23.86
CA MET B 34 68.36 -45.41 -23.36
C MET B 34 68.38 -44.45 -22.18
N HIS B 35 69.39 -44.60 -21.26
CA HIS B 35 69.56 -43.69 -20.11
C HIS B 35 70.87 -43.84 -19.29
N TRP B 36 71.14 -42.82 -18.45
CA TRP B 36 72.35 -42.64 -17.67
C TRP B 36 72.29 -43.12 -16.24
N VAL B 37 73.49 -43.41 -15.68
CA VAL B 37 73.68 -43.86 -14.30
C VAL B 37 74.89 -43.17 -13.62
N ARG B 38 74.62 -42.46 -12.49
CA ARG B 38 75.60 -41.76 -11.65
C ARG B 38 76.28 -42.74 -10.69
N GLN B 39 77.61 -42.66 -10.62
CA GLN B 39 78.39 -43.53 -9.74
C GLN B 39 79.57 -42.86 -9.07
N ALA B 40 79.36 -42.45 -7.82
CA ALA B 40 80.43 -41.89 -7.03
C ALA B 40 81.23 -43.05 -6.37
N PRO B 41 82.56 -42.90 -6.11
CA PRO B 41 83.32 -44.02 -5.50
C PRO B 41 82.89 -44.37 -4.08
N GLY B 42 82.40 -43.36 -3.34
CA GLY B 42 81.97 -43.45 -1.95
C GLY B 42 80.49 -43.70 -1.69
N LYS B 43 79.77 -44.29 -2.68
CA LYS B 43 78.35 -44.64 -2.54
C LYS B 43 77.96 -45.84 -3.43
N GLY B 44 78.61 -45.95 -4.57
CA GLY B 44 78.34 -47.00 -5.54
C GLY B 44 77.45 -46.49 -6.64
N LEU B 45 76.33 -47.19 -6.90
CA LEU B 45 75.43 -46.82 -7.99
C LEU B 45 74.29 -45.89 -7.60
N GLU B 46 73.74 -45.19 -8.62
CA GLU B 46 72.58 -44.27 -8.54
C GLU B 46 72.04 -44.00 -9.93
N TRP B 47 70.74 -44.15 -10.13
CA TRP B 47 70.14 -43.85 -11.42
C TRP B 47 69.93 -42.33 -11.54
N VAL B 48 70.13 -41.72 -12.71
CA VAL B 48 70.01 -40.26 -12.80
C VAL B 48 68.94 -39.76 -13.79
N ALA B 49 68.72 -40.47 -14.91
CA ALA B 49 67.73 -40.08 -15.93
C ALA B 49 67.24 -41.24 -16.77
N VAL B 50 66.13 -41.02 -17.51
CA VAL B 50 65.54 -41.98 -18.44
C VAL B 50 64.83 -41.24 -19.59
N ILE B 51 65.01 -41.75 -20.80
CA ILE B 51 64.39 -41.25 -22.03
C ILE B 51 63.87 -42.45 -22.79
N TRP B 52 62.58 -42.39 -23.18
CA TRP B 52 61.97 -43.44 -23.97
C TRP B 52 62.58 -43.39 -25.38
N SER B 53 62.62 -44.53 -26.08
CA SER B 53 63.17 -44.61 -27.43
C SER B 53 62.26 -43.86 -28.40
N ASP B 54 62.87 -43.15 -29.37
CA ASP B 54 62.23 -42.34 -30.39
C ASP B 54 61.31 -41.26 -29.74
N GLY B 55 61.95 -40.27 -29.12
CA GLY B 55 61.30 -39.14 -28.47
C GLY B 55 60.60 -39.47 -27.17
N SER B 56 59.69 -38.55 -26.74
CA SER B 56 58.88 -38.58 -25.52
C SER B 56 59.73 -38.75 -24.26
N ASN B 57 60.61 -37.76 -24.02
CA ASN B 57 61.52 -37.70 -22.87
C ASN B 57 60.78 -37.83 -21.56
N GLU B 58 61.09 -38.89 -20.80
CA GLU B 58 60.49 -39.08 -19.50
C GLU B 58 61.28 -38.36 -18.41
N ASN B 59 60.82 -38.45 -17.15
CA ASN B 59 61.45 -37.85 -15.98
C ASN B 59 62.90 -38.32 -15.68
N TYR B 60 63.50 -37.66 -14.72
CA TYR B 60 64.85 -37.91 -14.23
C TYR B 60 64.72 -38.39 -12.81
N ALA B 61 65.84 -38.41 -12.08
CA ALA B 61 65.91 -38.73 -10.65
C ALA B 61 65.83 -37.37 -9.92
N ASP B 62 64.83 -37.22 -8.99
CA ASP B 62 64.56 -36.05 -8.16
C ASP B 62 65.79 -35.56 -7.35
N SER B 63 66.82 -36.43 -7.23
CA SER B 63 68.10 -36.23 -6.54
C SER B 63 68.82 -35.01 -7.08
N VAL B 64 68.48 -34.63 -8.34
CA VAL B 64 69.14 -33.61 -9.14
C VAL B 64 68.20 -33.01 -10.27
N LYS B 65 67.12 -33.74 -10.66
CA LYS B 65 66.04 -33.51 -11.64
C LYS B 65 65.90 -32.11 -12.29
N GLY B 66 65.45 -31.15 -11.49
CA GLY B 66 65.17 -29.80 -11.94
C GLY B 66 66.28 -29.00 -12.58
N ARG B 67 67.56 -29.36 -12.32
CA ARG B 67 68.69 -28.58 -12.83
C ARG B 67 69.64 -29.31 -13.81
N PHE B 68 69.10 -29.65 -15.02
CA PHE B 68 69.75 -30.32 -16.17
C PHE B 68 68.74 -31.05 -17.07
N THR B 69 69.21 -31.52 -18.25
CA THR B 69 68.41 -32.19 -19.28
C THR B 69 69.10 -33.40 -19.90
N ILE B 70 68.28 -34.33 -20.45
CA ILE B 70 68.67 -35.55 -21.17
C ILE B 70 68.06 -35.45 -22.59
N SER B 71 68.84 -35.80 -23.62
CA SER B 71 68.39 -35.73 -25.00
C SER B 71 68.68 -37.03 -25.72
N ARG B 72 68.09 -37.20 -26.90
CA ARG B 72 68.27 -38.38 -27.73
C ARG B 72 68.25 -37.99 -29.21
N ASP B 73 69.24 -38.47 -29.98
CA ASP B 73 69.29 -38.25 -31.42
C ASP B 73 69.42 -39.61 -32.08
N ASN B 74 68.34 -40.05 -32.74
CA ASN B 74 68.25 -41.36 -33.37
C ASN B 74 68.96 -41.43 -34.72
N SER B 75 69.17 -40.27 -35.37
CA SER B 75 69.90 -40.19 -36.64
C SER B 75 71.41 -40.34 -36.43
N LYS B 76 71.96 -39.62 -35.42
CA LYS B 76 73.38 -39.70 -35.07
C LYS B 76 73.67 -40.96 -34.23
N ASN B 77 72.61 -41.57 -33.66
CA ASN B 77 72.67 -42.78 -32.82
C ASN B 77 73.44 -42.53 -31.51
N THR B 78 73.35 -41.29 -30.99
CA THR B 78 73.98 -40.89 -29.74
C THR B 78 72.93 -40.48 -28.71
N LEU B 79 73.33 -40.49 -27.43
CA LEU B 79 72.51 -40.06 -26.30
C LEU B 79 73.18 -38.82 -25.72
N TYR B 80 72.44 -38.01 -24.95
CA TYR B 80 72.98 -36.79 -24.37
C TYR B 80 72.57 -36.60 -22.91
N LEU B 81 73.39 -35.87 -22.14
CA LEU B 81 73.10 -35.51 -20.76
C LEU B 81 73.76 -34.17 -20.50
N GLN B 82 72.96 -33.10 -20.48
CA GLN B 82 73.44 -31.74 -20.26
C GLN B 82 73.28 -31.33 -18.80
N MET B 83 74.40 -31.44 -18.04
CA MET B 83 74.52 -31.13 -16.60
C MET B 83 74.80 -29.64 -16.32
N SER B 84 73.76 -28.85 -16.02
CA SER B 84 73.86 -27.41 -15.71
C SER B 84 73.68 -27.09 -14.20
N SER B 85 74.19 -25.91 -13.72
CA SER B 85 74.13 -25.43 -12.32
C SER B 85 74.64 -26.51 -11.37
N LEU B 86 75.85 -27.01 -11.65
CA LEU B 86 76.42 -28.11 -10.90
C LEU B 86 76.73 -27.80 -9.44
N ARG B 87 76.66 -28.86 -8.64
CA ARG B 87 76.94 -28.87 -7.22
C ARG B 87 78.18 -29.76 -7.05
N ALA B 88 78.92 -29.56 -5.95
CA ALA B 88 80.14 -30.30 -5.65
C ALA B 88 79.88 -31.82 -5.44
N GLU B 89 78.64 -32.20 -5.02
CA GLU B 89 78.26 -33.59 -4.73
C GLU B 89 78.09 -34.46 -5.99
N ASP B 90 78.06 -33.87 -7.19
CA ASP B 90 77.95 -34.62 -8.44
C ASP B 90 79.28 -35.20 -8.92
N THR B 91 80.30 -35.24 -8.03
CA THR B 91 81.61 -35.81 -8.33
C THR B 91 81.40 -37.33 -8.47
N ALA B 92 81.15 -37.78 -9.72
CA ALA B 92 80.87 -39.18 -10.04
C ALA B 92 81.30 -39.61 -11.45
N VAL B 93 81.06 -40.91 -11.75
CA VAL B 93 81.35 -41.59 -13.02
C VAL B 93 80.00 -41.88 -13.67
N TYR B 94 79.83 -41.44 -14.92
CA TYR B 94 78.54 -41.55 -15.58
C TYR B 94 78.47 -42.64 -16.64
N TYR B 95 77.67 -43.70 -16.36
CA TYR B 95 77.49 -44.81 -17.30
C TYR B 95 76.30 -44.60 -18.20
N CYS B 96 76.33 -45.29 -19.35
CA CYS B 96 75.30 -45.29 -20.37
C CYS B 96 74.68 -46.68 -20.41
N ALA B 97 73.35 -46.81 -20.23
CA ALA B 97 72.65 -48.10 -20.21
C ALA B 97 71.39 -48.14 -21.06
N THR B 98 70.97 -49.35 -21.46
CA THR B 98 69.83 -49.54 -22.38
C THR B 98 68.67 -50.37 -21.74
N ASP B 99 68.15 -51.36 -22.51
CA ASP B 99 67.09 -52.34 -22.25
C ASP B 99 65.69 -51.77 -22.30
N LYS B 100 64.79 -52.57 -22.92
CA LYS B 100 63.36 -52.37 -23.10
C LYS B 100 62.78 -53.77 -23.33
N THR B 101 61.44 -53.93 -23.21
CA THR B 101 60.69 -55.18 -23.38
C THR B 101 61.14 -56.26 -22.35
N TYR B 102 60.62 -57.47 -22.49
CA TYR B 102 60.93 -58.63 -21.66
C TYR B 102 60.45 -59.81 -22.47
N VAL B 103 61.38 -60.71 -22.87
CA VAL B 103 61.19 -61.90 -23.71
C VAL B 103 59.87 -62.62 -23.35
N SER B 104 58.78 -62.13 -23.97
CA SER B 104 57.33 -62.40 -23.90
C SER B 104 56.60 -61.09 -24.35
N GLY B 105 55.26 -61.11 -24.40
CA GLY B 105 54.45 -59.98 -24.85
C GLY B 105 54.35 -58.79 -23.92
N TYR B 106 55.50 -58.13 -23.64
CA TYR B 106 55.67 -56.95 -22.78
C TYR B 106 56.74 -56.06 -23.39
N THR B 107 56.56 -54.73 -23.32
CA THR B 107 57.48 -53.76 -23.92
C THR B 107 57.81 -52.58 -23.00
N SER B 108 56.72 -52.03 -22.44
CA SER B 108 56.52 -50.82 -21.65
C SER B 108 57.33 -50.68 -20.35
N THR B 109 58.26 -49.69 -20.37
CA THR B 109 59.21 -49.24 -19.34
C THR B 109 59.93 -50.37 -18.59
N TRP B 110 61.27 -50.33 -18.64
CA TRP B 110 62.12 -51.30 -17.95
C TRP B 110 63.38 -50.62 -17.41
N TYR B 111 63.37 -50.34 -16.10
CA TYR B 111 64.48 -49.69 -15.39
C TYR B 111 65.69 -50.65 -15.27
N TYR B 112 65.65 -51.76 -16.01
CA TYR B 112 66.72 -52.75 -16.06
C TYR B 112 67.78 -52.31 -17.04
N PHE B 113 69.02 -52.75 -16.83
CA PHE B 113 70.15 -52.39 -17.68
C PHE B 113 70.99 -53.62 -18.03
N ASN B 114 70.75 -54.24 -19.20
CA ASN B 114 71.49 -55.41 -19.66
C ASN B 114 72.84 -55.07 -20.29
N TYR B 115 72.92 -53.91 -20.99
CA TYR B 115 74.14 -53.43 -21.65
C TYR B 115 74.56 -52.03 -21.18
N TRP B 116 75.81 -51.96 -20.67
CA TRP B 116 76.39 -50.76 -20.08
C TRP B 116 77.46 -50.08 -20.96
N GLY B 117 78.01 -48.97 -20.45
CA GLY B 117 79.06 -48.21 -21.11
C GLY B 117 80.41 -48.43 -20.45
N GLN B 118 81.19 -47.34 -20.34
CA GLN B 118 82.53 -47.34 -19.72
C GLN B 118 82.62 -46.34 -18.58
N GLY B 119 81.89 -45.23 -18.71
CA GLY B 119 81.84 -44.18 -17.72
C GLY B 119 82.99 -43.20 -17.84
N THR B 120 82.67 -41.89 -17.76
CA THR B 120 83.65 -40.80 -17.81
C THR B 120 83.56 -40.09 -16.46
N LEU B 121 84.69 -40.08 -15.74
CA LEU B 121 84.81 -39.46 -14.42
C LEU B 121 84.72 -37.95 -14.56
N VAL B 122 83.66 -37.40 -13.97
CA VAL B 122 83.36 -35.95 -13.93
C VAL B 122 83.51 -35.46 -12.48
N THR B 123 84.65 -34.80 -12.20
CA THR B 123 84.91 -34.22 -10.87
C THR B 123 84.40 -32.79 -10.90
N VAL B 124 83.50 -32.46 -9.97
CA VAL B 124 82.96 -31.11 -9.86
C VAL B 124 83.66 -30.39 -8.71
N SER B 125 84.73 -29.62 -9.03
CA SER B 125 85.53 -28.82 -8.09
C SER B 125 86.08 -27.59 -8.79
N GLY B 126 86.24 -26.54 -8.03
CA GLY B 126 86.75 -25.27 -8.54
C GLY B 126 88.25 -25.14 -8.53
N ALA B 127 88.91 -26.01 -7.75
CA ALA B 127 90.36 -26.03 -7.57
C ALA B 127 91.14 -25.97 -8.89
N SER B 128 92.24 -25.20 -8.86
CA SER B 128 93.18 -24.97 -9.98
C SER B 128 94.03 -26.20 -10.27
N THR B 129 94.26 -26.48 -11.57
CA THR B 129 95.07 -27.60 -12.02
C THR B 129 96.53 -27.31 -11.70
N LYS B 130 97.11 -28.14 -10.85
CA LYS B 130 98.50 -28.02 -10.46
C LYS B 130 99.21 -29.37 -10.45
N GLY B 131 100.53 -29.30 -10.57
CA GLY B 131 101.41 -30.46 -10.62
C GLY B 131 101.69 -31.08 -9.26
N PRO B 132 101.94 -32.41 -9.20
CA PRO B 132 102.27 -33.04 -7.92
C PRO B 132 103.73 -32.83 -7.51
N SER B 133 103.95 -32.76 -6.19
CA SER B 133 105.28 -32.65 -5.57
C SER B 133 105.55 -34.02 -4.97
N VAL B 134 106.62 -34.68 -5.47
CA VAL B 134 106.99 -36.05 -5.08
C VAL B 134 108.10 -36.04 -4.05
N PHE B 135 107.83 -36.71 -2.93
CA PHE B 135 108.77 -36.84 -1.82
C PHE B 135 109.03 -38.31 -1.53
N PRO B 136 110.30 -38.74 -1.36
CA PRO B 136 110.58 -40.14 -1.07
C PRO B 136 110.34 -40.50 0.39
N LEU B 137 109.71 -41.66 0.58
CA LEU B 137 109.40 -42.23 1.87
C LEU B 137 110.69 -42.94 2.31
N ALA B 138 111.43 -42.31 3.25
CA ALA B 138 112.73 -42.76 3.73
C ALA B 138 112.70 -44.16 4.35
N PRO B 139 113.32 -45.18 3.71
CA PRO B 139 113.28 -46.54 4.26
C PRO B 139 114.14 -46.70 5.52
N SER B 140 113.52 -46.47 6.70
CA SER B 140 114.16 -46.59 8.00
C SER B 140 114.66 -48.02 8.23
N SER B 141 115.77 -48.16 8.97
CA SER B 141 116.40 -49.46 9.25
C SER B 141 115.90 -50.09 10.57
N LYS B 142 114.59 -49.91 10.85
CA LYS B 142 113.93 -50.46 12.05
C LYS B 142 113.82 -51.97 11.92
N SER B 143 113.04 -52.45 10.92
CA SER B 143 112.92 -53.87 10.62
C SER B 143 114.01 -54.17 9.59
N THR B 144 115.25 -54.25 10.09
CA THR B 144 116.50 -54.43 9.33
C THR B 144 116.75 -55.92 8.96
N SER B 145 115.71 -56.76 9.06
CA SER B 145 115.73 -58.18 8.66
C SER B 145 115.97 -58.24 7.15
N GLY B 146 116.77 -59.20 6.71
CA GLY B 146 117.17 -59.36 5.32
C GLY B 146 116.14 -59.80 4.30
N GLY B 147 114.87 -59.84 4.71
CA GLY B 147 113.77 -60.24 3.82
C GLY B 147 112.63 -59.26 3.71
N THR B 148 112.49 -58.37 4.72
CA THR B 148 111.41 -57.39 4.79
C THR B 148 111.87 -56.00 5.19
N ALA B 149 111.50 -55.01 4.37
CA ALA B 149 111.79 -53.59 4.56
C ALA B 149 110.87 -52.82 3.58
N ALA B 150 110.19 -51.76 4.03
CA ALA B 150 109.30 -50.97 3.19
C ALA B 150 110.01 -49.75 2.61
N LEU B 151 109.58 -49.34 1.42
CA LEU B 151 110.13 -48.24 0.64
C LEU B 151 109.00 -47.66 -0.19
N GLY B 152 108.93 -46.34 -0.28
CA GLY B 152 107.88 -45.71 -1.07
C GLY B 152 108.15 -44.29 -1.53
N CYS B 153 107.13 -43.73 -2.15
CA CYS B 153 107.12 -42.36 -2.64
C CYS B 153 105.84 -41.71 -2.16
N LEU B 154 105.80 -40.38 -2.14
CA LEU B 154 104.62 -39.65 -1.71
C LEU B 154 104.17 -38.69 -2.78
N VAL B 155 103.07 -39.03 -3.45
CA VAL B 155 102.51 -38.16 -4.48
C VAL B 155 101.60 -37.21 -3.72
N LYS B 156 102.17 -36.08 -3.31
CA LYS B 156 101.49 -35.07 -2.50
C LYS B 156 101.08 -33.84 -3.31
N ASP B 157 99.84 -33.37 -3.03
CA ASP B 157 99.17 -32.18 -3.54
C ASP B 157 99.10 -32.02 -5.09
N TYR B 158 98.23 -32.82 -5.74
CA TYR B 158 98.01 -32.70 -7.19
C TYR B 158 96.53 -32.48 -7.49
N PHE B 159 96.21 -32.05 -8.71
CA PHE B 159 94.83 -31.80 -9.14
C PHE B 159 94.75 -31.68 -10.67
N PRO B 160 93.78 -32.41 -11.33
CA PRO B 160 92.76 -33.31 -10.76
C PRO B 160 93.17 -34.79 -10.88
N GLU B 161 92.25 -35.73 -10.58
CA GLU B 161 92.50 -37.16 -10.73
C GLU B 161 92.63 -37.51 -12.23
N PRO B 162 93.48 -38.48 -12.66
CA PRO B 162 94.25 -39.45 -11.87
C PRO B 162 95.77 -39.26 -11.89
N VAL B 163 96.48 -40.22 -11.27
CA VAL B 163 97.95 -40.33 -11.21
C VAL B 163 98.34 -41.81 -11.41
N THR B 164 99.28 -42.08 -12.34
CA THR B 164 99.81 -43.41 -12.64
C THR B 164 101.22 -43.54 -12.07
N VAL B 165 101.42 -44.48 -11.13
CA VAL B 165 102.70 -44.74 -10.47
C VAL B 165 103.18 -46.16 -10.73
N SER B 166 104.44 -46.25 -11.21
CA SER B 166 105.19 -47.47 -11.50
C SER B 166 106.52 -47.41 -10.72
N TRP B 167 107.32 -48.48 -10.81
CA TRP B 167 108.61 -48.60 -10.14
C TRP B 167 109.61 -49.23 -11.07
N ASN B 168 110.74 -48.52 -11.28
CA ASN B 168 111.86 -48.87 -12.17
C ASN B 168 111.35 -49.15 -13.60
N SER B 169 110.46 -48.25 -14.09
CA SER B 169 109.76 -48.27 -15.38
C SER B 169 109.07 -49.62 -15.66
N GLY B 170 108.27 -50.08 -14.71
CA GLY B 170 107.51 -51.33 -14.78
C GLY B 170 108.31 -52.60 -14.57
N ALA B 171 109.30 -52.57 -13.67
CA ALA B 171 110.12 -53.76 -13.37
C ALA B 171 109.77 -54.35 -11.99
N LEU B 172 108.76 -53.77 -11.31
CA LEU B 172 108.30 -54.22 -9.99
C LEU B 172 106.81 -54.51 -9.90
N THR B 173 106.45 -55.63 -9.28
CA THR B 173 105.07 -56.05 -9.05
C THR B 173 104.89 -56.56 -7.63
N SER B 174 105.95 -57.15 -7.06
CA SER B 174 105.93 -57.71 -5.72
C SER B 174 106.06 -56.62 -4.64
N GLY B 175 105.01 -56.49 -3.81
CA GLY B 175 104.96 -55.53 -2.72
C GLY B 175 104.41 -54.17 -3.10
N VAL B 176 104.30 -53.89 -4.42
CA VAL B 176 103.80 -52.62 -4.94
C VAL B 176 102.29 -52.44 -4.61
N HIS B 177 102.02 -51.62 -3.59
CA HIS B 177 100.68 -51.23 -3.14
C HIS B 177 100.50 -49.76 -3.42
N THR B 178 99.76 -49.45 -4.50
CA THR B 178 99.49 -48.07 -4.89
C THR B 178 98.21 -47.66 -4.17
N PHE B 179 98.37 -46.88 -3.10
CA PHE B 179 97.25 -46.44 -2.28
C PHE B 179 96.33 -45.47 -2.99
N PRO B 180 95.01 -45.52 -2.71
CA PRO B 180 94.07 -44.61 -3.36
C PRO B 180 94.30 -43.13 -3.02
N ALA B 181 93.83 -42.26 -3.91
CA ALA B 181 93.94 -40.83 -3.78
C ALA B 181 93.06 -40.30 -2.67
N VAL B 182 93.58 -39.34 -1.90
CA VAL B 182 92.86 -38.70 -0.80
C VAL B 182 92.84 -37.20 -1.09
N LEU B 183 91.65 -36.61 -1.35
CA LEU B 183 91.57 -35.16 -1.54
C LEU B 183 91.61 -34.56 -0.14
N GLN B 184 92.75 -33.93 0.22
CA GLN B 184 92.97 -33.33 1.54
C GLN B 184 92.12 -32.06 1.78
N SER B 185 92.39 -31.34 2.87
CA SER B 185 91.71 -30.09 3.20
C SER B 185 92.02 -29.05 2.11
N SER B 186 90.95 -28.45 1.54
CA SER B 186 90.99 -27.44 0.48
C SER B 186 91.67 -27.94 -0.80
N GLY B 187 90.99 -28.84 -1.50
CA GLY B 187 91.48 -29.48 -2.72
C GLY B 187 92.77 -30.25 -2.52
N LEU B 188 93.47 -30.54 -3.64
CA LEU B 188 94.77 -31.22 -3.71
C LEU B 188 94.76 -32.68 -3.27
N TYR B 189 94.60 -33.61 -4.22
CA TYR B 189 94.68 -35.04 -3.90
C TYR B 189 96.11 -35.38 -3.52
N SER B 190 96.26 -36.28 -2.55
CA SER B 190 97.57 -36.75 -2.10
C SER B 190 97.49 -38.24 -1.79
N LEU B 191 98.39 -39.05 -2.38
CA LEU B 191 98.50 -40.49 -2.15
C LEU B 191 99.96 -40.89 -1.94
N SER B 192 100.19 -42.20 -1.81
CA SER B 192 101.51 -42.75 -1.63
C SER B 192 101.52 -44.18 -2.12
N SER B 193 102.60 -44.57 -2.78
CA SER B 193 102.79 -45.93 -3.26
C SER B 193 104.00 -46.52 -2.55
N VAL B 194 103.81 -47.71 -1.99
CA VAL B 194 104.84 -48.42 -1.23
C VAL B 194 105.22 -49.75 -1.92
N VAL B 195 106.42 -50.27 -1.57
CA VAL B 195 106.99 -51.52 -2.06
C VAL B 195 107.80 -52.20 -0.94
N THR B 196 107.65 -53.53 -0.80
CA THR B 196 108.39 -54.29 0.20
C THR B 196 109.56 -54.98 -0.47
N VAL B 197 110.77 -54.67 0.01
CA VAL B 197 112.06 -55.16 -0.49
C VAL B 197 112.91 -55.75 0.64
N PRO B 198 113.72 -56.80 0.37
CA PRO B 198 114.60 -57.33 1.42
C PRO B 198 115.69 -56.30 1.76
N SER B 199 116.39 -56.47 2.90
CA SER B 199 117.46 -55.56 3.33
C SER B 199 118.68 -55.62 2.41
N SER B 200 118.85 -56.73 1.69
CA SER B 200 119.94 -56.90 0.73
C SER B 200 119.77 -55.97 -0.49
N SER B 201 118.50 -55.72 -0.89
CA SER B 201 118.14 -54.87 -2.03
C SER B 201 118.33 -53.38 -1.74
N LEU B 202 118.49 -53.02 -0.43
CA LEU B 202 118.70 -51.66 0.07
C LEU B 202 119.94 -51.03 -0.55
N GLY B 203 121.10 -51.63 -0.30
CA GLY B 203 122.36 -51.12 -0.80
C GLY B 203 122.84 -51.68 -2.13
N THR B 204 121.96 -52.38 -2.89
CA THR B 204 122.33 -52.96 -4.20
C THR B 204 121.50 -52.38 -5.33
N GLN B 205 120.17 -52.36 -5.16
CA GLN B 205 119.27 -51.85 -6.18
C GLN B 205 118.85 -50.41 -5.95
N THR B 206 118.76 -49.67 -7.09
CA THR B 206 118.34 -48.28 -7.20
C THR B 206 116.83 -48.29 -7.38
N TYR B 207 116.11 -47.62 -6.48
CA TYR B 207 114.65 -47.55 -6.58
C TYR B 207 114.18 -46.16 -6.87
N ILE B 208 113.42 -46.06 -7.97
CA ILE B 208 112.81 -44.83 -8.48
C ILE B 208 111.32 -45.04 -8.77
N CYS B 209 110.51 -44.02 -8.51
CA CYS B 209 109.08 -44.13 -8.76
C CYS B 209 108.68 -43.37 -10.00
N ASN B 210 108.06 -44.10 -10.93
CA ASN B 210 107.62 -43.54 -12.19
C ASN B 210 106.22 -42.94 -12.09
N VAL B 211 106.16 -41.74 -11.49
CA VAL B 211 104.93 -41.00 -11.29
C VAL B 211 104.66 -40.01 -12.45
N ASN B 212 103.41 -39.99 -12.94
CA ASN B 212 102.98 -39.06 -13.99
C ASN B 212 101.58 -38.53 -13.76
N HIS B 213 101.40 -37.23 -13.99
CA HIS B 213 100.13 -36.56 -13.88
C HIS B 213 99.92 -35.82 -15.19
N LYS B 214 99.35 -36.54 -16.18
CA LYS B 214 99.09 -35.99 -17.52
C LYS B 214 98.17 -34.71 -17.49
N PRO B 215 97.17 -34.50 -16.58
CA PRO B 215 96.44 -33.22 -16.63
C PRO B 215 97.35 -32.00 -16.38
N SER B 216 98.53 -32.18 -15.77
CA SER B 216 99.47 -31.08 -15.56
C SER B 216 100.78 -31.31 -16.33
N ASN B 217 100.91 -32.48 -17.00
CA ASN B 217 102.08 -32.94 -17.77
C ASN B 217 103.36 -32.94 -16.93
N THR B 218 103.25 -33.38 -15.66
CA THR B 218 104.39 -33.44 -14.76
C THR B 218 104.87 -34.90 -14.59
N LYS B 219 105.93 -35.26 -15.32
CA LYS B 219 106.57 -36.58 -15.23
C LYS B 219 107.73 -36.41 -14.26
N VAL B 220 107.66 -37.11 -13.09
CA VAL B 220 108.68 -37.05 -12.02
C VAL B 220 109.27 -38.44 -11.75
N ASP B 221 110.59 -38.49 -11.49
CA ASP B 221 111.32 -39.71 -11.14
C ASP B 221 112.20 -39.38 -9.96
N LYS B 222 111.84 -39.93 -8.80
CA LYS B 222 112.52 -39.64 -7.54
C LYS B 222 113.31 -40.80 -7.00
N ARG B 223 114.58 -40.52 -6.64
CA ARG B 223 115.55 -41.44 -6.05
C ARG B 223 115.21 -41.68 -4.58
N VAL B 224 115.00 -42.97 -4.21
CA VAL B 224 114.65 -43.38 -2.84
C VAL B 224 115.77 -44.18 -2.17
N GLU B 225 116.35 -43.60 -1.11
CA GLU B 225 117.40 -44.20 -0.29
C GLU B 225 117.31 -43.74 1.18
N PRO B 226 117.68 -44.59 2.17
CA PRO B 226 117.60 -44.17 3.58
C PRO B 226 118.54 -43.01 3.91
N ILE C 1 -18.33 8.67 47.12
CA ILE C 1 -19.24 7.68 47.70
C ILE C 1 -20.50 8.34 48.33
N VAL C 2 -21.70 7.75 48.07
CA VAL C 2 -22.99 8.23 48.60
C VAL C 2 -23.87 7.06 49.06
N LEU C 3 -24.36 7.10 50.32
CA LEU C 3 -25.26 6.11 50.90
C LEU C 3 -26.65 6.72 51.02
N THR C 4 -27.64 6.12 50.35
CA THR C 4 -29.04 6.56 50.38
C THR C 4 -29.92 5.47 50.99
N GLN C 5 -30.51 5.76 52.14
CA GLN C 5 -31.37 4.82 52.83
C GLN C 5 -32.84 5.18 52.58
N SER C 6 -33.59 4.24 52.01
CA SER C 6 -35.00 4.42 51.69
C SER C 6 -35.85 3.32 52.35
N PRO C 7 -37.09 3.60 52.83
CA PRO C 7 -37.81 4.89 52.85
C PRO C 7 -37.37 5.83 53.99
N GLY C 8 -38.05 6.97 54.13
CA GLY C 8 -37.74 7.95 55.16
C GLY C 8 -38.27 7.52 56.52
N THR C 9 -39.56 7.11 56.56
CA THR C 9 -40.27 6.63 57.75
C THR C 9 -41.05 5.37 57.35
N LEU C 10 -40.95 4.32 58.18
CA LEU C 10 -41.64 3.05 57.94
C LEU C 10 -42.61 2.74 59.09
N SER C 11 -43.92 3.02 58.89
CA SER C 11 -44.97 2.77 59.88
C SER C 11 -45.61 1.43 59.60
N LEU C 12 -45.18 0.39 60.34
CA LEU C 12 -45.68 -0.97 60.19
C LEU C 12 -46.21 -1.60 61.46
N SER C 13 -47.20 -2.49 61.30
CA SER C 13 -47.85 -3.21 62.38
C SER C 13 -47.00 -4.35 62.93
N PRO C 14 -47.08 -4.68 64.25
CA PRO C 14 -46.27 -5.77 64.79
C PRO C 14 -46.66 -7.13 64.18
N GLY C 15 -45.66 -7.91 63.79
CA GLY C 15 -45.82 -9.21 63.13
C GLY C 15 -45.52 -9.13 61.65
N GLU C 16 -45.92 -7.99 61.02
CA GLU C 16 -45.70 -7.70 59.60
C GLU C 16 -44.22 -7.38 59.39
N THR C 17 -43.59 -8.03 58.39
CA THR C 17 -42.17 -7.89 58.05
C THR C 17 -41.84 -6.47 57.52
N ALA C 18 -40.70 -5.91 57.97
CA ALA C 18 -40.19 -4.60 57.59
C ALA C 18 -38.93 -4.77 56.71
N THR C 19 -38.86 -4.08 55.56
CA THR C 19 -37.72 -4.15 54.63
C THR C 19 -37.16 -2.74 54.40
N LEU C 20 -35.86 -2.55 54.72
CA LEU C 20 -35.15 -1.28 54.56
C LEU C 20 -34.11 -1.42 53.49
N SER C 21 -34.09 -0.50 52.53
CA SER C 21 -33.12 -0.53 51.45
C SER C 21 -32.05 0.53 51.72
N CYS C 22 -30.82 0.25 51.28
CA CYS C 22 -29.65 1.13 51.38
C CYS C 22 -28.85 0.99 50.10
N ARG C 23 -28.99 1.98 49.21
CA ARG C 23 -28.30 2.01 47.93
C ARG C 23 -27.00 2.81 48.03
N ALA C 24 -25.97 2.37 47.31
CA ALA C 24 -24.68 3.06 47.24
C ALA C 24 -24.50 3.61 45.84
N SER C 25 -23.92 4.82 45.72
CA SER C 25 -23.65 5.45 44.42
C SER C 25 -22.57 4.65 43.68
N GLN C 26 -21.51 4.28 44.41
CA GLN C 26 -20.39 3.48 43.92
C GLN C 26 -20.57 2.00 44.31
N SER C 27 -20.22 1.09 43.40
CA SER C 27 -20.28 -0.35 43.63
C SER C 27 -19.19 -0.74 44.62
N VAL C 28 -19.55 -1.60 45.58
CA VAL C 28 -18.63 -2.05 46.64
C VAL C 28 -19.00 -3.49 47.07
N SER C 29 -17.98 -4.26 47.51
CA SER C 29 -18.19 -5.60 48.06
C SER C 29 -18.68 -5.41 49.51
N SER C 30 -19.45 -6.41 50.00
CA SER C 30 -20.11 -6.49 51.32
C SER C 30 -19.19 -6.05 52.45
N SER C 31 -18.10 -6.82 52.69
CA SER C 31 -17.00 -6.74 53.65
C SER C 31 -17.20 -5.75 54.85
N TYR C 32 -17.31 -4.44 54.57
CA TYR C 32 -17.43 -3.32 55.53
C TYR C 32 -18.82 -3.15 56.11
N LEU C 33 -19.84 -3.08 55.23
CA LEU C 33 -21.25 -2.83 55.53
C LEU C 33 -21.80 -3.49 56.78
N ALA C 34 -22.46 -2.68 57.61
CA ALA C 34 -23.07 -3.07 58.86
C ALA C 34 -24.27 -2.17 59.18
N TRP C 35 -25.32 -2.81 59.70
CA TRP C 35 -26.56 -2.16 60.06
C TRP C 35 -26.58 -1.85 61.57
N TYR C 36 -27.26 -0.76 61.94
CA TYR C 36 -27.37 -0.32 63.32
C TYR C 36 -28.80 -0.09 63.79
N GLN C 37 -28.99 -0.08 65.12
CA GLN C 37 -30.30 0.13 65.74
C GLN C 37 -30.13 1.09 66.90
N GLN C 38 -30.68 2.31 66.77
CA GLN C 38 -30.60 3.29 67.83
C GLN C 38 -31.96 3.56 68.45
N LYS C 39 -32.23 2.90 69.58
CA LYS C 39 -33.47 3.04 70.33
C LYS C 39 -33.56 4.44 70.95
N PRO C 40 -34.78 5.03 71.09
CA PRO C 40 -34.88 6.43 71.60
C PRO C 40 -34.13 6.73 72.91
N GLY C 41 -33.22 7.69 72.83
CA GLY C 41 -32.39 8.12 73.96
C GLY C 41 -31.44 7.04 74.46
N GLN C 42 -30.80 6.34 73.53
CA GLN C 42 -29.87 5.24 73.81
C GLN C 42 -28.74 5.26 72.78
N ALA C 43 -27.70 4.46 73.03
CA ALA C 43 -26.54 4.31 72.16
C ALA C 43 -26.90 3.33 71.04
N PRO C 44 -26.45 3.58 69.79
CA PRO C 44 -26.77 2.61 68.72
C PRO C 44 -26.01 1.30 68.91
N ARG C 45 -26.64 0.20 68.48
CA ARG C 45 -26.02 -1.12 68.59
C ARG C 45 -25.86 -1.79 67.24
N LEU C 46 -24.82 -2.62 67.12
CA LEU C 46 -24.53 -3.34 65.89
C LEU C 46 -25.58 -4.40 65.66
N LEU C 47 -26.18 -4.41 64.47
CA LEU C 47 -27.20 -5.40 64.12
C LEU C 47 -26.57 -6.52 63.28
N ILE C 48 -25.99 -6.16 62.13
CA ILE C 48 -25.35 -7.06 61.17
C ILE C 48 -23.90 -6.59 60.95
N TYR C 49 -23.01 -7.53 60.58
CA TYR C 49 -21.60 -7.30 60.24
C TYR C 49 -21.28 -7.96 58.91
N GLY C 50 -20.66 -7.19 58.04
CA GLY C 50 -20.33 -7.63 56.69
C GLY C 50 -21.56 -7.85 55.84
N ALA C 51 -22.65 -7.06 56.09
CA ALA C 51 -23.96 -7.03 55.40
C ALA C 51 -24.76 -8.35 55.44
N SER C 52 -24.24 -9.45 56.04
CA SER C 52 -24.92 -10.76 56.10
C SER C 52 -25.10 -11.33 57.52
N GLY C 53 -23.99 -11.50 58.25
CA GLY C 53 -23.97 -12.09 59.58
C GLY C 53 -24.57 -11.26 60.69
N ARG C 54 -25.47 -11.86 61.48
CA ARG C 54 -26.13 -11.23 62.63
C ARG C 54 -25.14 -11.10 63.81
N ALA C 55 -25.07 -9.88 64.42
CA ALA C 55 -24.19 -9.53 65.55
C ALA C 55 -24.47 -10.32 66.84
N THR C 56 -23.60 -10.13 67.86
CA THR C 56 -23.65 -10.81 69.16
C THR C 56 -24.91 -10.40 69.94
N GLY C 57 -25.78 -11.38 70.21
CA GLY C 57 -27.03 -11.22 70.95
C GLY C 57 -28.20 -10.67 70.15
N ILE C 58 -28.09 -10.65 68.82
CA ILE C 58 -29.12 -10.13 67.92
C ILE C 58 -30.00 -11.27 67.39
N PRO C 59 -31.34 -11.15 67.49
CA PRO C 59 -32.21 -12.25 67.02
C PRO C 59 -32.11 -12.52 65.53
N ASP C 60 -32.55 -13.73 65.12
CA ASP C 60 -32.53 -14.19 63.73
C ASP C 60 -33.70 -13.66 62.90
N ARG C 61 -34.62 -12.88 63.51
CA ARG C 61 -35.72 -12.24 62.79
C ARG C 61 -35.15 -11.10 61.94
N PHE C 62 -34.03 -10.52 62.43
CA PHE C 62 -33.23 -9.49 61.79
C PHE C 62 -32.36 -10.24 60.80
N SER C 63 -32.48 -9.90 59.50
CA SER C 63 -31.70 -10.55 58.46
C SER C 63 -31.04 -9.56 57.50
N GLY C 64 -29.72 -9.67 57.39
CA GLY C 64 -28.90 -8.86 56.50
C GLY C 64 -28.79 -9.52 55.15
N SER C 65 -28.92 -8.72 54.08
CA SER C 65 -28.87 -9.17 52.69
C SER C 65 -28.38 -8.09 51.73
N GLY C 66 -28.00 -8.51 50.53
CA GLY C 66 -27.56 -7.61 49.47
C GLY C 66 -26.13 -7.82 49.01
N SER C 67 -25.85 -7.26 47.81
CA SER C 67 -24.57 -7.29 47.11
C SER C 67 -24.53 -6.15 46.06
N GLY C 68 -23.36 -5.49 45.94
CA GLY C 68 -23.13 -4.41 44.99
C GLY C 68 -23.50 -3.03 45.50
N THR C 69 -24.71 -2.55 45.09
CA THR C 69 -25.25 -1.24 45.49
C THR C 69 -26.43 -1.40 46.46
N ASP C 70 -27.42 -2.23 46.09
CA ASP C 70 -28.58 -2.46 46.94
C ASP C 70 -28.32 -3.50 48.02
N PHE C 71 -28.53 -3.07 49.28
CA PHE C 71 -28.38 -3.87 50.49
C PHE C 71 -29.62 -3.71 51.31
N THR C 72 -30.17 -4.82 51.79
CA THR C 72 -31.42 -4.83 52.51
C THR C 72 -31.33 -5.45 53.89
N LEU C 73 -32.06 -4.84 54.84
CA LEU C 73 -32.27 -5.31 56.20
C LEU C 73 -33.74 -5.68 56.28
N THR C 74 -34.02 -6.96 56.59
CA THR C 74 -35.36 -7.51 56.71
C THR C 74 -35.63 -7.96 58.15
N ILE C 75 -36.65 -7.35 58.79
CA ILE C 75 -37.09 -7.67 60.15
C ILE C 75 -38.48 -8.32 60.07
N SER C 76 -38.58 -9.65 60.28
CA SER C 76 -39.83 -10.40 60.16
C SER C 76 -40.87 -10.08 61.26
N ARG C 77 -40.99 -10.93 62.30
CA ARG C 77 -42.01 -10.80 63.32
C ARG C 77 -41.74 -9.64 64.29
N LEU C 78 -42.16 -8.45 63.86
CA LEU C 78 -42.02 -7.19 64.60
C LEU C 78 -42.80 -7.20 65.93
N GLU C 79 -42.34 -6.37 66.87
CA GLU C 79 -42.90 -6.19 68.23
C GLU C 79 -42.82 -4.69 68.57
N PRO C 80 -43.55 -4.18 69.61
CA PRO C 80 -43.47 -2.74 69.92
C PRO C 80 -42.10 -2.25 70.37
N GLU C 81 -41.25 -3.18 70.87
CA GLU C 81 -39.90 -2.94 71.37
C GLU C 81 -38.84 -2.94 70.28
N ASP C 82 -39.28 -2.98 69.00
CA ASP C 82 -38.41 -2.96 67.83
C ASP C 82 -38.42 -1.57 67.19
N PHE C 83 -39.03 -0.59 67.89
CA PHE C 83 -39.11 0.81 67.46
C PHE C 83 -37.75 1.48 67.66
N ALA C 84 -37.12 1.89 66.54
CA ALA C 84 -35.80 2.53 66.52
C ALA C 84 -35.46 3.19 65.18
N VAL C 85 -34.24 3.73 65.10
CA VAL C 85 -33.67 4.37 63.92
C VAL C 85 -32.60 3.43 63.42
N TYR C 86 -32.65 3.10 62.13
CA TYR C 86 -31.70 2.15 61.54
C TYR C 86 -30.76 2.88 60.59
N TYR C 87 -29.47 2.49 60.56
CA TYR C 87 -28.46 3.12 59.70
C TYR C 87 -27.54 2.09 59.05
N CYS C 88 -27.10 2.35 57.81
CA CYS C 88 -26.16 1.49 57.10
C CYS C 88 -24.85 2.24 57.00
N GLN C 89 -23.73 1.54 57.20
CA GLN C 89 -22.44 2.19 57.18
C GLN C 89 -21.36 1.41 56.50
N GLN C 90 -20.38 2.11 55.96
CA GLN C 90 -19.21 1.50 55.36
C GLN C 90 -18.15 2.54 55.06
N TYR C 91 -16.89 2.11 54.97
CA TYR C 91 -15.75 2.97 54.65
C TYR C 91 -15.67 3.13 53.13
N GLY C 92 -15.55 4.38 52.69
CA GLY C 92 -15.44 4.72 51.27
C GLY C 92 -14.60 5.95 51.04
N ARG C 93 -13.38 5.77 50.47
CA ARG C 93 -12.42 6.84 50.17
C ARG C 93 -12.14 7.72 51.39
N SER C 94 -11.47 7.10 52.41
CA SER C 94 -11.08 7.65 53.73
C SER C 94 -12.23 8.37 54.46
N GLY C 95 -12.97 7.59 55.25
CA GLY C 95 -14.13 8.06 56.01
C GLY C 95 -15.31 7.14 55.87
N TYR C 96 -15.78 6.59 57.00
CA TYR C 96 -16.91 5.67 57.08
C TYR C 96 -18.18 6.54 57.10
N THR C 97 -18.71 6.84 55.91
CA THR C 97 -19.93 7.63 55.78
C THR C 97 -21.10 6.75 56.20
N PHE C 98 -22.07 7.34 56.89
CA PHE C 98 -23.24 6.60 57.35
C PHE C 98 -24.47 6.92 56.51
N GLY C 99 -25.53 6.14 56.73
CA GLY C 99 -26.78 6.27 56.02
C GLY C 99 -27.64 7.39 56.52
N GLN C 100 -28.68 7.72 55.73
CA GLN C 100 -29.67 8.75 56.01
C GLN C 100 -30.45 8.40 57.28
N GLY C 101 -31.02 7.19 57.33
CA GLY C 101 -31.80 6.70 58.46
C GLY C 101 -33.29 6.58 58.22
N THR C 102 -33.90 5.54 58.80
CA THR C 102 -35.34 5.26 58.68
C THR C 102 -35.90 5.01 60.07
N LYS C 103 -36.84 5.86 60.51
CA LYS C 103 -37.49 5.66 61.80
C LYS C 103 -38.66 4.72 61.61
N LEU C 104 -38.57 3.53 62.24
CA LEU C 104 -39.58 2.51 62.13
C LEU C 104 -40.61 2.67 63.26
N GLU C 105 -41.84 3.07 62.90
CA GLU C 105 -42.95 3.29 63.82
C GLU C 105 -43.78 2.00 63.94
N ILE C 106 -43.86 1.43 65.16
CA ILE C 106 -44.63 0.21 65.44
C ILE C 106 -46.08 0.61 65.70
N LYS C 107 -46.96 0.22 64.79
CA LYS C 107 -48.38 0.55 64.86
C LYS C 107 -49.11 -0.18 65.96
N ARG C 108 -50.28 0.37 66.32
CA ARG C 108 -51.22 -0.10 67.33
C ARG C 108 -52.63 0.49 67.08
N THR C 109 -53.60 0.14 67.94
CA THR C 109 -54.97 0.65 67.86
C THR C 109 -54.97 2.16 68.11
N VAL C 110 -55.76 2.92 67.32
CA VAL C 110 -55.87 4.37 67.41
C VAL C 110 -56.35 4.75 68.83
N ALA C 111 -55.42 5.25 69.65
CA ALA C 111 -55.69 5.59 71.04
C ALA C 111 -55.99 7.08 71.24
N ALA C 112 -56.99 7.37 72.10
CA ALA C 112 -57.43 8.73 72.45
C ALA C 112 -56.51 9.36 73.51
N PRO C 113 -56.18 10.67 73.37
CA PRO C 113 -55.31 11.31 74.38
C PRO C 113 -56.02 11.70 75.67
N SER C 114 -55.31 11.55 76.81
CA SER C 114 -55.80 11.94 78.13
C SER C 114 -55.29 13.37 78.35
N VAL C 115 -56.13 14.37 78.01
CA VAL C 115 -55.78 15.80 78.05
C VAL C 115 -55.94 16.37 79.47
N PHE C 116 -54.89 17.05 79.97
CA PHE C 116 -54.83 17.72 81.28
C PHE C 116 -54.29 19.13 81.09
N ILE C 117 -54.86 20.14 81.76
CA ILE C 117 -54.37 21.51 81.65
C ILE C 117 -53.76 21.96 82.99
N PHE C 118 -52.67 22.75 82.92
CA PHE C 118 -51.97 23.27 84.09
C PHE C 118 -51.83 24.80 84.04
N PRO C 119 -52.33 25.52 85.07
CA PRO C 119 -52.18 26.99 85.09
C PRO C 119 -50.74 27.40 85.43
N PRO C 120 -50.32 28.68 85.27
CA PRO C 120 -48.94 29.05 85.66
C PRO C 120 -48.70 28.95 87.16
N SER C 121 -47.48 28.53 87.57
CA SER C 121 -47.11 28.37 88.99
C SER C 121 -47.11 29.71 89.75
N ASP C 122 -47.33 29.67 91.09
CA ASP C 122 -47.39 30.82 92.01
C ASP C 122 -46.09 31.64 92.00
N GLU C 123 -44.94 30.92 91.98
CA GLU C 123 -43.60 31.50 91.94
C GLU C 123 -43.38 32.23 90.62
N GLN C 124 -43.90 31.65 89.52
CA GLN C 124 -43.79 32.24 88.20
C GLN C 124 -44.62 33.51 88.09
N LEU C 125 -45.84 33.51 88.69
CA LEU C 125 -46.74 34.65 88.66
C LEU C 125 -46.17 35.90 89.35
N LYS C 126 -45.37 35.70 90.41
CA LYS C 126 -44.70 36.77 91.15
C LYS C 126 -43.51 37.34 90.36
N SER C 127 -42.89 36.52 89.47
CA SER C 127 -41.74 36.90 88.66
C SER C 127 -42.09 37.57 87.29
N GLY C 128 -43.34 38.00 87.13
CA GLY C 128 -43.82 38.68 85.93
C GLY C 128 -44.00 37.84 84.67
N THR C 129 -44.00 36.51 84.82
CA THR C 129 -44.18 35.58 83.70
C THR C 129 -45.35 34.66 84.01
N ALA C 130 -46.02 34.16 82.97
CA ALA C 130 -47.15 33.25 83.12
C ALA C 130 -47.13 32.23 81.99
N SER C 131 -46.89 30.95 82.34
CA SER C 131 -46.85 29.85 81.37
C SER C 131 -47.94 28.82 81.62
N VAL C 132 -48.84 28.67 80.64
CA VAL C 132 -49.93 27.69 80.70
C VAL C 132 -49.44 26.48 79.91
N VAL C 133 -49.43 25.32 80.57
CA VAL C 133 -48.97 24.07 79.99
C VAL C 133 -50.16 23.12 79.83
N CYS C 134 -50.34 22.60 78.60
CA CYS C 134 -51.38 21.64 78.27
C CYS C 134 -50.72 20.30 77.97
N LEU C 135 -51.03 19.30 78.80
CA LEU C 135 -50.52 17.95 78.71
C LEU C 135 -51.52 17.08 77.96
N LEU C 136 -51.01 16.27 77.04
CA LEU C 136 -51.80 15.34 76.24
C LEU C 136 -51.15 13.99 76.46
N ASN C 137 -51.66 13.20 77.40
CA ASN C 137 -51.04 11.93 77.74
C ASN C 137 -51.46 10.73 76.89
N ASN C 138 -50.46 9.84 76.61
CA ASN C 138 -50.42 8.55 75.90
C ASN C 138 -51.54 8.35 74.87
N PHE C 139 -51.21 8.59 73.58
CA PHE C 139 -52.13 8.50 72.45
C PHE C 139 -51.45 7.91 71.20
N TYR C 140 -52.25 7.60 70.16
CA TYR C 140 -51.75 7.10 68.89
C TYR C 140 -52.68 7.59 67.77
N PRO C 141 -52.18 8.07 66.60
CA PRO C 141 -50.78 8.24 66.19
C PRO C 141 -50.21 9.57 66.66
N ARG C 142 -48.93 9.85 66.34
CA ARG C 142 -48.25 11.09 66.71
C ARG C 142 -49.01 12.33 66.20
N GLU C 143 -49.64 12.21 65.01
CA GLU C 143 -50.40 13.24 64.31
C GLU C 143 -51.56 13.78 65.17
N ALA C 144 -51.29 14.87 65.93
CA ALA C 144 -52.26 15.55 66.80
C ALA C 144 -52.21 17.06 66.64
N LYS C 145 -53.40 17.69 66.63
CA LYS C 145 -53.61 19.14 66.45
C LYS C 145 -53.99 19.81 67.77
N VAL C 146 -53.18 20.81 68.21
CA VAL C 146 -53.42 21.58 69.46
C VAL C 146 -53.30 23.10 69.21
N GLN C 147 -54.26 23.87 69.76
CA GLN C 147 -54.34 25.31 69.64
C GLN C 147 -54.76 25.96 70.96
N TRP C 148 -54.32 27.20 71.22
CA TRP C 148 -54.67 27.90 72.47
C TRP C 148 -55.76 28.93 72.23
N LYS C 149 -56.73 29.03 73.15
CA LYS C 149 -57.81 30.02 73.03
C LYS C 149 -57.89 30.89 74.28
N VAL C 150 -57.51 32.17 74.13
CA VAL C 150 -57.48 33.19 75.19
C VAL C 150 -58.74 34.06 75.03
N ASP C 151 -59.77 33.78 75.88
CA ASP C 151 -61.10 34.43 75.89
C ASP C 151 -61.72 34.32 74.49
N ASN C 152 -61.61 33.09 73.91
CA ASN C 152 -62.05 32.68 72.58
C ASN C 152 -61.35 33.47 71.45
N ALA C 153 -60.00 33.46 71.47
CA ALA C 153 -59.11 34.11 70.51
C ALA C 153 -57.80 33.33 70.48
N LEU C 154 -57.38 32.83 69.30
CA LEU C 154 -56.15 32.05 69.17
C LEU C 154 -54.89 32.89 69.39
N GLN C 155 -53.92 32.32 70.17
CA GLN C 155 -52.64 32.95 70.50
C GLN C 155 -51.51 32.09 69.93
N SER C 156 -50.64 32.70 69.11
CA SER C 156 -49.51 32.03 68.47
C SER C 156 -48.22 32.84 68.63
N GLY C 157 -47.08 32.22 68.32
CA GLY C 157 -45.74 32.82 68.40
C GLY C 157 -45.08 32.76 69.76
N ASN C 158 -45.81 32.29 70.79
CA ASN C 158 -45.34 32.15 72.18
C ASN C 158 -45.40 30.70 72.66
N SER C 159 -46.44 29.97 72.23
CA SER C 159 -46.73 28.57 72.54
C SER C 159 -45.80 27.63 71.80
N GLN C 160 -44.99 26.87 72.56
CA GLN C 160 -44.04 25.91 71.99
C GLN C 160 -44.48 24.49 72.32
N GLU C 161 -44.62 23.64 71.29
CA GLU C 161 -45.04 22.25 71.46
C GLU C 161 -43.86 21.29 71.56
N SER C 162 -43.94 20.32 72.49
CA SER C 162 -42.93 19.28 72.73
C SER C 162 -43.57 17.90 72.66
N VAL C 163 -42.95 17.00 71.87
CA VAL C 163 -43.44 15.63 71.68
C VAL C 163 -42.36 14.60 71.98
N THR C 164 -42.73 13.59 72.77
CA THR C 164 -41.84 12.48 73.08
C THR C 164 -41.91 11.47 71.93
N GLU C 165 -40.93 10.56 71.86
CA GLU C 165 -40.97 9.51 70.86
C GLU C 165 -41.87 8.39 71.40
N GLN C 166 -42.19 7.43 70.53
CA GLN C 166 -43.05 6.30 70.85
C GLN C 166 -42.52 5.52 72.05
N ASP C 167 -43.29 5.55 73.16
CA ASP C 167 -42.94 4.83 74.38
C ASP C 167 -43.18 3.34 74.09
N SER C 168 -42.12 2.61 73.67
CA SER C 168 -42.15 1.18 73.29
C SER C 168 -42.80 0.22 74.35
N LYS C 169 -43.10 0.73 75.57
CA LYS C 169 -43.77 0.00 76.64
C LYS C 169 -45.27 -0.15 76.35
N ASP C 170 -45.86 0.79 75.59
CA ASP C 170 -47.27 0.76 75.21
C ASP C 170 -47.55 1.36 73.81
N SER C 171 -46.49 1.76 73.07
CA SER C 171 -46.46 2.37 71.73
C SER C 171 -47.32 3.64 71.63
N THR C 172 -47.15 4.57 72.59
CA THR C 172 -47.91 5.82 72.62
C THR C 172 -47.04 7.06 72.72
N TYR C 173 -47.49 8.12 72.04
CA TYR C 173 -46.87 9.43 72.02
C TYR C 173 -47.54 10.31 73.07
N SER C 174 -46.96 11.48 73.36
CA SER C 174 -47.51 12.45 74.32
C SER C 174 -47.07 13.83 73.90
N LEU C 175 -47.92 14.85 74.12
CA LEU C 175 -47.65 16.25 73.77
C LEU C 175 -47.74 17.17 74.98
N SER C 176 -46.91 18.22 74.98
CA SER C 176 -46.93 19.24 76.02
C SER C 176 -46.65 20.62 75.45
N SER C 177 -47.72 21.38 75.18
CA SER C 177 -47.62 22.74 74.65
C SER C 177 -47.47 23.74 75.82
N THR C 178 -46.64 24.80 75.66
CA THR C 178 -46.39 25.81 76.69
C THR C 178 -46.63 27.23 76.18
N LEU C 179 -47.79 27.81 76.54
CA LEU C 179 -48.14 29.17 76.17
C LEU C 179 -47.54 30.10 77.22
N THR C 180 -46.70 31.05 76.78
CA THR C 180 -46.06 31.99 77.69
C THR C 180 -46.54 33.42 77.44
N LEU C 181 -46.86 34.17 78.51
CA LEU C 181 -47.28 35.57 78.48
C LEU C 181 -46.75 36.30 79.72
N SER C 182 -46.89 37.63 79.78
CA SER C 182 -46.46 38.43 80.93
C SER C 182 -47.52 38.39 82.03
N LYS C 183 -47.23 39.02 83.17
CA LYS C 183 -48.15 39.12 84.31
C LYS C 183 -49.37 39.95 83.89
N ALA C 184 -49.16 41.08 83.19
CA ALA C 184 -50.21 41.98 82.70
C ALA C 184 -51.16 41.31 81.73
N ASP C 185 -50.63 40.43 80.87
CA ASP C 185 -51.42 39.69 79.89
C ASP C 185 -52.25 38.59 80.55
N TYR C 186 -51.77 38.08 81.71
CA TYR C 186 -52.48 37.05 82.46
C TYR C 186 -53.68 37.64 83.21
N GLU C 187 -53.52 38.90 83.69
CA GLU C 187 -54.56 39.60 84.44
C GLU C 187 -55.70 40.08 83.56
N LYS C 188 -55.38 40.53 82.32
CA LYS C 188 -56.34 41.10 81.37
C LYS C 188 -57.34 40.08 80.75
N HIS C 189 -57.08 38.77 80.90
CA HIS C 189 -58.00 37.74 80.40
C HIS C 189 -58.43 36.80 81.54
N LYS C 190 -59.59 36.12 81.42
CA LYS C 190 -60.05 35.26 82.50
C LYS C 190 -60.13 33.78 82.16
N VAL C 191 -60.66 33.40 80.98
CA VAL C 191 -60.75 31.98 80.61
C VAL C 191 -59.72 31.61 79.53
N TYR C 192 -58.84 30.64 79.87
CA TYR C 192 -57.78 30.13 78.98
C TYR C 192 -58.09 28.67 78.62
N ALA C 193 -58.28 28.40 77.31
CA ALA C 193 -58.63 27.10 76.77
C ALA C 193 -57.54 26.43 75.95
N CYS C 194 -57.57 25.10 75.94
CA CYS C 194 -56.64 24.25 75.21
C CYS C 194 -57.44 23.41 74.19
N GLU C 195 -57.49 23.86 72.92
CA GLU C 195 -58.18 23.18 71.82
C GLU C 195 -57.39 21.96 71.34
N VAL C 196 -57.97 20.76 71.49
CA VAL C 196 -57.34 19.49 71.11
C VAL C 196 -58.15 18.80 70.00
N THR C 197 -57.48 18.46 68.89
CA THR C 197 -58.07 17.77 67.75
C THR C 197 -57.20 16.57 67.39
N HIS C 198 -57.79 15.36 67.47
CA HIS C 198 -57.12 14.09 67.22
C HIS C 198 -58.10 13.07 66.60
N GLN C 199 -57.55 11.99 65.97
CA GLN C 199 -58.31 10.89 65.34
C GLN C 199 -58.99 10.00 66.39
N GLY C 200 -58.27 9.68 67.47
CA GLY C 200 -58.73 8.88 68.60
C GLY C 200 -59.93 9.47 69.29
N LEU C 201 -59.88 10.80 69.54
CA LEU C 201 -60.98 11.57 70.13
C LEU C 201 -61.69 12.35 69.03
N SER C 202 -62.71 11.71 68.42
CA SER C 202 -63.55 12.19 67.32
C SER C 202 -64.11 13.59 67.56
N SER C 203 -64.61 13.86 68.77
CA SER C 203 -65.12 15.17 69.17
C SER C 203 -63.92 16.04 69.62
N PRO C 204 -63.69 17.24 69.03
CA PRO C 204 -62.55 18.06 69.45
C PRO C 204 -62.80 18.65 70.84
N VAL C 205 -62.13 18.08 71.86
CA VAL C 205 -62.27 18.45 73.27
C VAL C 205 -61.49 19.74 73.57
N THR C 206 -62.11 20.66 74.33
CA THR C 206 -61.50 21.91 74.77
C THR C 206 -61.56 21.98 76.30
N LYS C 207 -60.42 21.73 76.94
CA LYS C 207 -60.32 21.77 78.38
C LYS C 207 -59.77 23.14 78.79
N SER C 208 -60.57 23.89 79.56
CA SER C 208 -60.24 25.24 79.98
C SER C 208 -60.26 25.45 81.49
N PHE C 209 -59.66 26.56 81.94
CA PHE C 209 -59.63 26.98 83.32
C PHE C 209 -59.92 28.47 83.43
N ASN C 210 -60.20 28.92 84.66
CA ASN C 210 -60.51 30.31 84.97
C ASN C 210 -59.40 30.93 85.83
N ARG C 211 -59.23 32.25 85.72
CA ARG C 211 -58.25 33.04 86.46
C ARG C 211 -58.33 32.78 87.98
N GLY C 212 -59.51 32.41 88.46
CA GLY C 212 -59.76 32.10 89.87
C GLY C 212 -59.56 30.64 90.24
N GLU C 213 -59.38 30.38 91.56
CA GLU C 213 -59.13 29.05 92.15
C GLU C 213 -60.32 28.53 92.96
N VAL D 1 -16.28 -3.74 76.42
CA VAL D 1 -17.63 -4.12 76.81
C VAL D 1 -18.41 -2.87 77.29
N GLN D 2 -17.81 -2.06 78.17
CA GLN D 2 -18.44 -0.83 78.67
C GLN D 2 -17.60 0.40 78.38
N LEU D 3 -18.24 1.40 77.78
CA LEU D 3 -17.60 2.65 77.36
C LEU D 3 -18.23 3.89 77.98
N GLN D 4 -17.39 4.89 78.29
CA GLN D 4 -17.75 6.16 78.93
C GLN D 4 -17.05 7.36 78.30
N GLU D 5 -17.84 8.34 77.85
CA GLU D 5 -17.33 9.58 77.26
C GLU D 5 -17.35 10.66 78.30
N SER D 6 -16.29 11.48 78.35
CA SER D 6 -16.22 12.60 79.30
C SER D 6 -15.54 13.83 78.70
N GLY D 7 -16.35 14.89 78.55
CA GLY D 7 -15.90 16.16 77.98
C GLY D 7 -16.79 17.34 78.37
N PRO D 8 -16.32 18.59 78.11
CA PRO D 8 -17.15 19.75 78.45
C PRO D 8 -18.44 19.81 77.63
N GLY D 9 -19.53 20.23 78.26
CA GLY D 9 -20.83 20.37 77.62
C GLY D 9 -20.88 21.54 76.67
N LEU D 10 -20.23 22.66 77.06
CA LEU D 10 -20.14 23.88 76.27
C LEU D 10 -18.70 24.31 76.07
N VAL D 11 -18.29 24.45 74.81
CA VAL D 11 -16.96 24.89 74.40
C VAL D 11 -17.13 26.13 73.51
N LYS D 12 -16.40 27.20 73.86
CA LYS D 12 -16.45 28.45 73.11
C LYS D 12 -15.87 28.26 71.69
N PRO D 13 -16.41 28.94 70.65
CA PRO D 13 -15.88 28.76 69.29
C PRO D 13 -14.44 29.23 69.16
N SER D 14 -13.76 28.76 68.10
CA SER D 14 -12.35 28.97 67.71
C SER D 14 -11.36 28.43 68.75
N GLN D 15 -11.84 27.58 69.66
CA GLN D 15 -11.03 26.99 70.71
C GLN D 15 -10.88 25.48 70.51
N THR D 16 -10.25 24.79 71.47
CA THR D 16 -10.03 23.35 71.32
C THR D 16 -10.95 22.53 72.21
N LEU D 17 -11.75 21.67 71.56
CA LEU D 17 -12.63 20.70 72.20
C LEU D 17 -11.79 19.45 72.47
N SER D 18 -12.02 18.84 73.64
CA SER D 18 -11.30 17.64 74.05
C SER D 18 -12.21 16.75 74.87
N LEU D 19 -12.30 15.49 74.46
CA LEU D 19 -13.08 14.45 75.12
C LEU D 19 -12.18 13.21 75.27
N THR D 20 -12.43 12.42 76.31
CA THR D 20 -11.71 11.17 76.56
C THR D 20 -12.69 10.02 76.86
N CYS D 21 -12.45 8.88 76.20
CA CYS D 21 -13.28 7.68 76.38
C CYS D 21 -12.60 6.66 77.28
N SER D 22 -13.40 5.99 78.13
CA SER D 22 -12.92 5.00 79.10
C SER D 22 -13.36 3.58 78.75
N VAL D 23 -12.42 2.63 78.79
CA VAL D 23 -12.73 1.21 78.52
C VAL D 23 -12.83 0.48 79.85
N SER D 24 -13.99 -0.14 80.12
CA SER D 24 -14.26 -0.86 81.37
C SER D 24 -13.95 -2.35 81.32
N GLY D 25 -14.20 -2.97 80.17
CA GLY D 25 -13.96 -4.39 79.98
C GLY D 25 -12.50 -4.73 79.77
N GLY D 26 -12.22 -5.34 78.63
CA GLY D 26 -10.87 -5.76 78.23
C GLY D 26 -9.95 -4.59 77.96
N SER D 27 -8.63 -4.80 78.09
CA SER D 27 -7.64 -3.76 77.81
C SER D 27 -7.56 -3.51 76.30
N ILE D 28 -7.12 -2.30 75.90
CA ILE D 28 -6.98 -1.79 74.52
C ILE D 28 -6.26 -2.77 73.58
N GLY D 29 -5.25 -3.48 74.09
CA GLY D 29 -4.50 -4.48 73.35
C GLY D 29 -5.39 -5.50 72.68
N GLY D 30 -5.29 -5.60 71.36
CA GLY D 30 -6.10 -6.54 70.58
C GLY D 30 -5.70 -6.73 69.13
N SER D 31 -5.12 -5.67 68.52
CA SER D 31 -4.66 -5.54 67.12
C SER D 31 -5.78 -5.54 66.10
N SER D 32 -6.79 -6.41 66.26
CA SER D 32 -7.95 -6.49 65.39
C SER D 32 -9.10 -5.73 66.09
N TYR D 33 -8.73 -4.86 67.07
CA TYR D 33 -9.61 -4.05 67.92
C TYR D 33 -9.18 -2.56 67.95
N TYR D 34 -9.79 -1.76 67.07
CA TYR D 34 -9.49 -0.32 66.99
C TYR D 34 -10.45 0.47 67.87
N TRP D 35 -10.17 1.79 68.07
CA TRP D 35 -10.97 2.66 68.94
C TRP D 35 -11.27 4.00 68.28
N SER D 36 -12.57 4.28 68.02
CA SER D 36 -13.03 5.48 67.31
C SER D 36 -13.93 6.47 68.10
N TRP D 37 -14.33 7.57 67.40
CA TRP D 37 -15.25 8.61 67.85
C TRP D 37 -16.21 8.89 66.68
N ILE D 38 -17.52 8.77 66.93
CA ILE D 38 -18.57 8.98 65.93
C ILE D 38 -19.53 10.06 66.45
N ARG D 39 -19.73 11.14 65.68
CA ARG D 39 -20.59 12.21 66.12
C ARG D 39 -21.92 12.26 65.35
N HIS D 40 -22.94 12.82 66.03
CA HIS D 40 -24.29 12.95 65.54
C HIS D 40 -24.79 14.35 65.81
N HIS D 41 -24.97 15.16 64.75
CA HIS D 41 -25.51 16.53 64.84
C HIS D 41 -26.95 16.42 65.32
N PRO D 42 -27.44 17.31 66.21
CA PRO D 42 -28.82 17.15 66.72
C PRO D 42 -29.88 17.00 65.64
N GLY D 43 -29.90 17.92 64.68
CA GLY D 43 -30.85 17.89 63.58
C GLY D 43 -30.27 17.35 62.29
N LYS D 44 -28.97 17.61 62.05
CA LYS D 44 -28.24 17.23 60.84
C LYS D 44 -27.72 15.75 60.89
N GLY D 45 -26.93 15.35 59.89
CA GLY D 45 -26.41 14.00 59.73
C GLY D 45 -25.48 13.44 60.80
N LEU D 46 -25.16 12.14 60.65
CA LEU D 46 -24.29 11.33 61.50
C LEU D 46 -23.03 10.94 60.70
N GLU D 47 -21.85 11.23 61.25
CA GLU D 47 -20.58 10.89 60.58
C GLU D 47 -19.50 10.44 61.55
N TRP D 48 -18.40 9.90 61.00
CA TRP D 48 -17.24 9.36 61.70
C TRP D 48 -16.07 10.36 61.75
N ILE D 49 -15.27 10.32 62.84
CA ILE D 49 -14.13 11.22 63.07
C ILE D 49 -12.76 10.58 62.79
N GLY D 50 -12.38 9.58 63.59
CA GLY D 50 -11.11 8.90 63.48
C GLY D 50 -10.85 7.84 64.55
N TYR D 51 -9.84 6.98 64.30
CA TYR D 51 -9.48 5.92 65.24
C TYR D 51 -8.02 5.98 65.70
N ILE D 52 -7.67 5.02 66.57
CA ILE D 52 -6.38 4.81 67.20
C ILE D 52 -6.28 3.32 67.63
N ASN D 53 -5.07 2.82 67.89
CA ASN D 53 -4.83 1.45 68.29
C ASN D 53 -4.02 1.39 69.60
N TYR D 54 -3.79 0.18 70.10
CA TYR D 54 -3.03 -0.12 71.31
C TYR D 54 -1.60 0.38 71.20
N ARG D 55 -1.03 0.35 69.96
CA ARG D 55 0.32 0.80 69.64
C ARG D 55 0.31 2.15 68.94
N GLY D 56 -0.86 2.77 68.89
CA GLY D 56 -1.07 4.10 68.35
C GLY D 56 -1.07 4.23 66.84
N ILE D 57 -2.01 3.56 66.17
CA ILE D 57 -2.13 3.70 64.71
C ILE D 57 -3.44 4.45 64.39
N THR D 58 -3.32 5.73 63.97
CA THR D 58 -4.46 6.60 63.67
C THR D 58 -4.59 6.95 62.21
N HIS D 59 -5.83 7.16 61.73
CA HIS D 59 -6.21 7.68 60.43
C HIS D 59 -7.65 8.14 60.54
N TYR D 60 -7.87 9.40 60.14
CA TYR D 60 -9.11 10.14 60.33
C TYR D 60 -9.92 10.38 59.07
N ASN D 61 -11.09 11.02 59.24
CA ASN D 61 -11.99 11.42 58.16
C ASN D 61 -11.32 12.51 57.32
N ALA D 62 -11.53 12.50 55.99
CA ALA D 62 -10.96 13.47 55.02
C ALA D 62 -11.21 14.97 55.37
N ALA D 63 -12.40 15.32 55.88
CA ALA D 63 -12.79 16.69 56.25
C ALA D 63 -12.28 17.07 57.65
N LEU D 64 -11.88 16.06 58.43
CA LEU D 64 -11.44 16.25 59.80
C LEU D 64 -9.95 16.10 60.05
N LYS D 65 -9.22 15.42 59.12
CA LYS D 65 -7.78 15.14 59.15
C LYS D 65 -6.94 16.42 59.34
N SER D 66 -7.42 17.54 58.80
CA SER D 66 -6.75 18.83 58.90
C SER D 66 -6.75 19.44 60.32
N ARG D 67 -7.76 19.12 61.17
CA ARG D 67 -7.83 19.71 62.51
C ARG D 67 -8.12 18.70 63.65
N VAL D 68 -8.01 17.39 63.36
CA VAL D 68 -8.24 16.35 64.38
C VAL D 68 -6.98 15.56 64.71
N SER D 69 -6.70 15.50 66.02
CA SER D 69 -5.64 14.72 66.65
C SER D 69 -6.33 13.86 67.69
N MET D 70 -5.75 12.71 67.99
CA MET D 70 -6.26 11.75 68.95
C MET D 70 -5.07 11.19 69.70
N SER D 71 -5.28 10.78 70.94
CA SER D 71 -4.19 10.20 71.71
C SER D 71 -4.70 8.87 72.27
N VAL D 72 -3.83 8.12 72.97
CA VAL D 72 -4.17 6.82 73.57
C VAL D 72 -3.13 6.44 74.62
N GLU D 73 -3.56 5.64 75.61
CA GLU D 73 -2.75 5.03 76.64
C GLU D 73 -3.40 3.77 77.14
N THR D 74 -2.66 2.66 76.99
CA THR D 74 -3.06 1.30 77.37
C THR D 74 -2.93 1.07 78.87
N SER D 75 -2.01 1.79 79.50
CA SER D 75 -1.66 1.69 80.92
C SER D 75 -2.75 2.19 81.88
N GLN D 76 -3.80 2.81 81.34
CA GLN D 76 -4.91 3.34 82.14
C GLN D 76 -6.29 3.09 81.49
N ASN D 77 -6.29 2.64 80.22
CA ASN D 77 -7.46 2.32 79.37
C ASN D 77 -8.28 3.57 78.99
N HIS D 78 -7.64 4.53 78.31
CA HIS D 78 -8.28 5.74 77.81
C HIS D 78 -7.71 6.16 76.46
N PHE D 79 -8.56 6.72 75.59
CA PHE D 79 -8.16 7.29 74.32
C PHE D 79 -8.79 8.67 74.16
N SER D 80 -8.06 9.62 73.51
CA SER D 80 -8.46 11.02 73.34
C SER D 80 -9.10 11.38 72.00
N LEU D 81 -9.55 12.64 71.90
CA LEU D 81 -10.14 13.27 70.74
C LEU D 81 -9.95 14.76 70.86
N GLN D 82 -9.21 15.34 69.91
CA GLN D 82 -8.88 16.77 69.91
C GLN D 82 -9.21 17.41 68.59
N LEU D 83 -10.18 18.33 68.60
CA LEU D 83 -10.63 19.09 67.43
C LEU D 83 -10.37 20.58 67.70
N THR D 84 -9.44 21.17 66.92
CA THR D 84 -8.98 22.57 67.00
C THR D 84 -9.92 23.48 66.20
N SER D 85 -10.00 24.78 66.56
CA SER D 85 -10.80 25.82 65.91
C SER D 85 -12.26 25.35 65.66
N VAL D 86 -12.95 25.07 66.77
CA VAL D 86 -14.34 24.59 66.72
C VAL D 86 -15.29 25.70 66.28
N THR D 87 -16.29 25.32 65.50
CA THR D 87 -17.30 26.23 64.95
C THR D 87 -18.67 25.77 65.45
N ALA D 88 -19.74 26.51 65.08
CA ALA D 88 -21.11 26.15 65.44
C ALA D 88 -21.55 24.90 64.69
N ALA D 89 -20.94 24.64 63.53
CA ALA D 89 -21.20 23.45 62.71
C ALA D 89 -20.49 22.21 63.25
N ASP D 90 -19.81 22.32 64.42
CA ASP D 90 -19.15 21.20 65.09
C ASP D 90 -19.96 20.76 66.32
N THR D 91 -21.20 21.29 66.44
CA THR D 91 -22.13 20.98 67.52
C THR D 91 -22.74 19.63 67.17
N ALA D 92 -22.40 18.61 67.95
CA ALA D 92 -22.92 17.25 67.76
C ALA D 92 -22.94 16.49 69.10
N VAL D 93 -23.22 15.18 69.05
CA VAL D 93 -23.21 14.33 70.23
C VAL D 93 -22.14 13.31 69.93
N TYR D 94 -21.01 13.40 70.65
CA TYR D 94 -19.81 12.57 70.48
C TYR D 94 -19.90 11.24 71.22
N TYR D 95 -20.01 10.15 70.43
CA TYR D 95 -20.09 8.76 70.89
C TYR D 95 -18.73 8.11 70.69
N CYS D 96 -18.31 7.27 71.62
CA CYS D 96 -17.05 6.53 71.47
C CYS D 96 -17.37 5.05 71.30
N ALA D 97 -16.73 4.43 70.32
CA ALA D 97 -16.97 3.03 70.03
C ALA D 97 -15.70 2.31 69.60
N ARG D 98 -15.67 1.00 69.83
CA ARG D 98 -14.57 0.15 69.43
C ARG D 98 -14.90 -0.38 68.06
N LEU D 99 -13.98 -0.21 67.11
CA LEU D 99 -14.19 -0.61 65.73
C LEU D 99 -14.30 -2.13 65.51
N THR D 100 -13.33 -2.96 65.99
CA THR D 100 -13.22 -4.43 65.76
C THR D 100 -13.02 -4.77 64.25
N SER D 101 -12.42 -5.93 63.94
CA SER D 101 -12.14 -6.32 62.54
C SER D 101 -12.16 -7.82 62.27
N ASP D 102 -11.58 -8.64 63.18
CA ASP D 102 -11.42 -10.11 63.17
C ASP D 102 -12.58 -10.89 62.52
N CYS D 103 -12.23 -11.93 61.75
CA CYS D 103 -13.12 -12.88 61.08
C CYS D 103 -12.32 -14.11 60.59
N SER D 104 -12.95 -14.94 59.72
CA SER D 104 -12.37 -16.12 59.10
C SER D 104 -13.28 -16.48 57.89
N GLY D 105 -12.70 -16.40 56.69
CA GLY D 105 -13.37 -16.64 55.42
C GLY D 105 -14.22 -15.51 54.86
N GLY D 106 -13.81 -14.27 55.09
CA GLY D 106 -14.53 -13.09 54.62
C GLY D 106 -15.35 -12.43 55.72
N ASN D 107 -16.04 -11.30 55.40
CA ASN D 107 -16.87 -10.49 56.33
C ASN D 107 -16.07 -9.98 57.52
N CYS D 108 -14.93 -9.37 57.23
CA CYS D 108 -14.07 -8.79 58.25
C CYS D 108 -14.40 -7.32 58.42
N TYR D 109 -13.44 -6.55 58.98
CA TYR D 109 -13.49 -5.09 59.15
C TYR D 109 -14.86 -4.60 59.65
N GLN D 110 -15.54 -5.49 60.37
CA GLN D 110 -16.86 -5.34 60.95
C GLN D 110 -16.92 -4.04 61.73
N ALA D 111 -17.99 -3.27 61.52
CA ALA D 111 -18.19 -1.99 62.17
C ALA D 111 -18.19 -2.00 63.69
N PHE D 112 -18.23 -0.79 64.28
CA PHE D 112 -18.26 -0.48 65.70
C PHE D 112 -19.12 -1.42 66.52
N ASP D 113 -18.43 -2.24 67.31
CA ASP D 113 -18.99 -3.29 68.14
C ASP D 113 -19.87 -2.82 69.30
N TYR D 114 -19.33 -2.02 70.25
CA TYR D 114 -20.14 -1.72 71.44
C TYR D 114 -20.79 -0.34 71.53
N TRP D 115 -20.02 0.78 71.49
CA TRP D 115 -20.53 2.17 71.64
C TRP D 115 -20.75 2.57 73.09
N GLY D 116 -20.73 3.89 73.34
CA GLY D 116 -20.98 4.50 74.65
C GLY D 116 -22.22 5.37 74.63
N GLN D 117 -22.56 6.02 75.78
CA GLN D 117 -23.76 6.86 75.92
C GLN D 117 -23.77 8.11 75.03
N GLY D 118 -22.58 8.63 74.73
CA GLY D 118 -22.41 9.81 73.90
C GLY D 118 -22.61 11.10 74.68
N SER D 119 -21.63 12.04 74.59
CA SER D 119 -21.69 13.34 75.27
C SER D 119 -22.10 14.44 74.30
N LEU D 120 -23.17 15.16 74.68
CA LEU D 120 -23.71 16.28 73.93
C LEU D 120 -22.75 17.45 74.08
N VAL D 121 -22.21 17.91 72.94
CA VAL D 121 -21.30 19.05 72.90
C VAL D 121 -21.96 20.17 72.13
N SER D 122 -22.16 21.30 72.80
CA SER D 122 -22.73 22.51 72.22
C SER D 122 -21.54 23.45 72.03
N VAL D 123 -21.43 24.04 70.83
CA VAL D 123 -20.35 24.97 70.51
C VAL D 123 -20.91 26.39 70.31
N SER D 124 -20.85 27.22 71.36
CA SER D 124 -21.36 28.59 71.37
C SER D 124 -20.63 29.44 72.39
N GLY D 125 -20.48 30.72 72.06
CA GLY D 125 -19.82 31.71 72.92
C GLY D 125 -20.75 32.35 73.93
N ALA D 126 -22.05 32.02 73.84
CA ALA D 126 -23.07 32.55 74.74
C ALA D 126 -22.88 32.03 76.17
N SER D 127 -23.24 32.89 77.16
CA SER D 127 -23.17 32.59 78.59
C SER D 127 -24.16 31.51 78.96
N THR D 128 -23.78 30.66 79.94
CA THR D 128 -24.65 29.59 80.42
C THR D 128 -25.80 30.21 81.23
N LYS D 129 -26.94 29.52 81.29
CA LYS D 129 -28.11 30.01 81.99
C LYS D 129 -28.66 28.93 82.93
N GLY D 130 -29.03 29.35 84.13
CA GLY D 130 -29.60 28.46 85.15
C GLY D 130 -31.10 28.24 84.91
N PRO D 131 -31.57 26.96 84.91
CA PRO D 131 -33.00 26.72 84.67
C PRO D 131 -33.86 27.02 85.88
N SER D 132 -34.93 27.79 85.67
CA SER D 132 -35.84 28.14 86.76
C SER D 132 -36.94 27.08 86.74
N VAL D 133 -36.90 26.11 87.71
CA VAL D 133 -37.88 25.01 87.78
C VAL D 133 -39.17 25.49 88.44
N PHE D 134 -40.31 25.36 87.73
CA PHE D 134 -41.63 25.73 88.23
C PHE D 134 -42.49 24.49 88.29
N PRO D 135 -43.01 24.16 89.50
CA PRO D 135 -43.83 22.96 89.63
C PRO D 135 -45.20 23.12 88.99
N LEU D 136 -45.61 22.10 88.24
CA LEU D 136 -46.92 22.01 87.61
C LEU D 136 -47.77 21.21 88.60
N ALA D 137 -48.42 21.92 89.51
CA ALA D 137 -49.27 21.38 90.57
C ALA D 137 -50.51 20.65 90.02
N PRO D 138 -50.89 19.47 90.61
CA PRO D 138 -52.09 18.78 90.15
C PRO D 138 -53.35 19.54 90.56
N SER D 139 -54.07 20.05 89.54
CA SER D 139 -55.29 20.82 89.72
C SER D 139 -56.52 19.90 89.62
N SER D 140 -57.72 20.46 89.90
CA SER D 140 -58.99 19.77 89.80
C SER D 140 -59.35 19.49 88.33
N LYS D 141 -58.95 20.40 87.40
CA LYS D 141 -59.15 20.27 85.96
C LYS D 141 -58.24 19.21 85.32
N SER D 142 -57.07 18.96 85.94
CA SER D 142 -56.08 17.97 85.53
C SER D 142 -56.36 16.59 86.20
N THR D 143 -57.64 16.33 86.54
CA THR D 143 -58.13 15.08 87.13
C THR D 143 -59.17 14.48 86.20
N SER D 144 -58.82 13.36 85.56
CA SER D 144 -59.67 12.64 84.62
C SER D 144 -59.99 11.26 85.18
N GLY D 145 -61.03 11.21 86.00
CA GLY D 145 -61.49 10.00 86.65
C GLY D 145 -60.68 9.64 87.87
N GLY D 146 -60.23 8.40 87.91
CA GLY D 146 -59.43 7.83 88.99
C GLY D 146 -57.95 8.19 88.98
N THR D 147 -57.44 8.61 87.80
CA THR D 147 -56.06 9.06 87.57
C THR D 147 -55.96 10.59 87.66
N ALA D 148 -54.76 11.09 87.96
CA ALA D 148 -54.42 12.51 88.01
C ALA D 148 -53.10 12.63 87.28
N ALA D 149 -52.56 13.86 87.21
CA ALA D 149 -51.30 14.18 86.53
C ALA D 149 -50.68 15.42 87.15
N LEU D 150 -49.34 15.43 87.21
CA LEU D 150 -48.53 16.53 87.74
C LEU D 150 -47.22 16.61 86.97
N GLY D 151 -46.42 17.63 87.24
CA GLY D 151 -45.13 17.80 86.56
C GLY D 151 -44.28 18.95 87.01
N CYS D 152 -43.21 19.18 86.25
CA CYS D 152 -42.22 20.25 86.45
C CYS D 152 -41.83 20.80 85.10
N LEU D 153 -41.81 22.14 84.96
CA LEU D 153 -41.39 22.83 83.75
C LEU D 153 -40.02 23.50 83.99
N VAL D 154 -38.97 22.92 83.39
CA VAL D 154 -37.59 23.37 83.43
C VAL D 154 -37.49 24.44 82.34
N LYS D 155 -37.76 25.68 82.74
CA LYS D 155 -37.80 26.84 81.87
C LYS D 155 -36.48 27.61 81.84
N ASP D 156 -36.17 28.14 80.65
CA ASP D 156 -35.04 28.99 80.29
C ASP D 156 -33.68 28.54 80.83
N TYR D 157 -33.03 27.65 80.08
CA TYR D 157 -31.67 27.16 80.37
C TYR D 157 -30.86 27.12 79.09
N PHE D 158 -29.53 27.02 79.22
CA PHE D 158 -28.59 26.93 78.11
C PHE D 158 -27.22 26.48 78.64
N PRO D 159 -26.56 25.47 78.03
CA PRO D 159 -26.96 24.68 76.86
C PRO D 159 -27.70 23.41 77.26
N GLU D 160 -27.97 22.55 76.29
CA GLU D 160 -28.65 21.29 76.52
C GLU D 160 -27.68 20.21 77.07
N PRO D 161 -28.10 19.27 77.97
CA PRO D 161 -29.46 19.00 78.46
C PRO D 161 -29.63 19.23 79.99
N VAL D 162 -30.77 18.74 80.50
CA VAL D 162 -31.14 18.70 81.92
C VAL D 162 -31.65 17.29 82.22
N THR D 163 -31.32 16.78 83.40
CA THR D 163 -31.75 15.45 83.82
C THR D 163 -32.81 15.58 84.89
N VAL D 164 -34.00 15.03 84.63
CA VAL D 164 -35.13 15.08 85.56
C VAL D 164 -35.38 13.69 86.15
N SER D 165 -35.12 13.53 87.45
CA SER D 165 -35.37 12.29 88.18
C SER D 165 -36.63 12.54 89.01
N TRP D 166 -37.44 11.52 89.25
CA TRP D 166 -38.67 11.69 90.01
C TRP D 166 -38.61 10.90 91.30
N ASN D 167 -38.76 11.61 92.44
CA ASN D 167 -38.66 11.05 93.81
C ASN D 167 -37.26 10.42 93.98
N SER D 168 -36.22 11.17 93.54
CA SER D 168 -34.80 10.80 93.53
C SER D 168 -34.50 9.56 92.66
N GLY D 169 -35.35 9.36 91.64
CA GLY D 169 -35.28 8.27 90.68
C GLY D 169 -36.05 7.02 91.11
N ALA D 170 -37.05 7.17 91.99
CA ALA D 170 -37.84 6.05 92.51
C ALA D 170 -38.91 5.66 91.50
N LEU D 171 -39.82 6.60 91.16
CA LEU D 171 -40.90 6.30 90.24
C LEU D 171 -40.57 6.64 88.81
N THR D 172 -40.49 5.60 87.99
CA THR D 172 -40.20 5.65 86.56
C THR D 172 -41.40 5.14 85.77
N SER D 173 -42.34 4.50 86.46
CA SER D 173 -43.56 3.96 85.85
C SER D 173 -44.59 5.08 85.69
N GLY D 174 -45.00 5.32 84.45
CA GLY D 174 -45.95 6.36 84.10
C GLY D 174 -45.32 7.73 84.13
N VAL D 175 -44.10 7.84 83.60
CA VAL D 175 -43.33 9.08 83.58
C VAL D 175 -43.02 9.45 82.14
N HIS D 176 -43.22 10.73 81.79
CA HIS D 176 -42.92 11.21 80.46
C HIS D 176 -42.13 12.53 80.50
N THR D 177 -40.79 12.41 80.39
CA THR D 177 -39.88 13.54 80.35
C THR D 177 -39.77 13.97 78.88
N PHE D 178 -40.38 15.11 78.57
CA PHE D 178 -40.44 15.69 77.22
C PHE D 178 -39.10 16.27 76.76
N PRO D 179 -38.79 16.19 75.44
CA PRO D 179 -37.53 16.76 74.96
C PRO D 179 -37.52 18.29 75.07
N ALA D 180 -36.32 18.87 75.00
CA ALA D 180 -36.10 20.31 75.08
C ALA D 180 -36.54 20.97 73.79
N VAL D 181 -37.33 22.05 73.92
CA VAL D 181 -37.83 22.81 72.77
C VAL D 181 -37.41 24.26 72.92
N LEU D 182 -36.71 24.81 71.91
CA LEU D 182 -36.27 26.21 71.89
C LEU D 182 -37.45 27.15 72.00
N GLN D 183 -37.37 28.08 72.95
CA GLN D 183 -38.40 29.03 73.28
C GLN D 183 -38.55 30.13 72.25
N SER D 184 -39.62 30.93 72.44
CA SER D 184 -39.98 32.13 71.70
C SER D 184 -38.76 33.09 71.81
N SER D 185 -38.20 33.22 73.05
CA SER D 185 -37.03 34.04 73.39
C SER D 185 -35.67 33.43 72.93
N GLY D 186 -35.69 32.17 72.47
CA GLY D 186 -34.52 31.45 71.97
C GLY D 186 -33.64 30.81 73.03
N LEU D 187 -34.27 30.19 74.03
CA LEU D 187 -33.65 29.46 75.15
C LEU D 187 -34.29 28.08 75.26
N TYR D 188 -33.60 27.10 75.85
CA TYR D 188 -34.17 25.76 75.98
C TYR D 188 -35.23 25.70 77.09
N SER D 189 -36.35 25.01 76.80
CA SER D 189 -37.45 24.78 77.71
C SER D 189 -37.85 23.29 77.70
N LEU D 190 -37.73 22.64 78.86
CA LEU D 190 -38.03 21.22 79.03
C LEU D 190 -39.24 21.03 79.92
N SER D 191 -40.16 20.16 79.49
CA SER D 191 -41.32 19.78 80.27
C SER D 191 -41.10 18.34 80.76
N SER D 192 -41.65 18.01 81.94
CA SER D 192 -41.54 16.66 82.49
C SER D 192 -42.72 16.41 83.40
N VAL D 193 -43.52 15.40 83.06
CA VAL D 193 -44.74 15.08 83.79
C VAL D 193 -44.74 13.65 84.33
N VAL D 194 -45.71 13.37 85.24
CA VAL D 194 -45.96 12.07 85.85
C VAL D 194 -47.44 11.94 86.21
N THR D 195 -48.03 10.77 85.91
CA THR D 195 -49.45 10.53 86.14
C THR D 195 -49.69 9.55 87.30
N VAL D 196 -49.86 10.10 88.51
CA VAL D 196 -50.19 9.32 89.71
C VAL D 196 -51.71 9.29 89.83
N PRO D 197 -52.36 8.24 90.37
CA PRO D 197 -53.83 8.30 90.47
C PRO D 197 -54.28 9.34 91.49
N SER D 198 -55.59 9.59 91.56
CA SER D 198 -56.22 10.52 92.49
C SER D 198 -56.30 9.90 93.90
N SER D 199 -55.97 8.61 94.03
CA SER D 199 -55.94 7.85 95.29
C SER D 199 -54.80 8.35 96.16
N SER D 200 -53.62 8.61 95.54
CA SER D 200 -52.41 9.10 96.18
C SER D 200 -52.29 10.63 96.16
N LEU D 201 -53.44 11.31 96.33
CA LEU D 201 -53.55 12.78 96.33
C LEU D 201 -52.56 13.49 97.28
N GLY D 202 -52.71 13.26 98.59
CA GLY D 202 -51.84 13.87 99.59
C GLY D 202 -51.02 12.90 100.41
N THR D 203 -50.53 11.82 99.77
CA THR D 203 -49.76 10.79 100.45
C THR D 203 -48.26 11.09 100.32
N GLN D 204 -47.58 10.46 99.33
CA GLN D 204 -46.16 10.58 99.07
C GLN D 204 -45.85 11.86 98.28
N THR D 205 -44.92 12.66 98.83
CA THR D 205 -44.46 13.94 98.29
C THR D 205 -43.73 13.72 96.96
N TYR D 206 -44.17 14.46 95.93
CA TYR D 206 -43.66 14.42 94.56
C TYR D 206 -42.64 15.55 94.36
N ILE D 207 -41.38 15.17 94.15
CA ILE D 207 -40.25 16.09 93.96
C ILE D 207 -39.52 15.75 92.67
N CYS D 208 -39.31 16.75 91.81
CA CYS D 208 -38.54 16.57 90.59
C CYS D 208 -37.10 16.94 90.89
N ASN D 209 -36.18 16.06 90.52
CA ASN D 209 -34.74 16.17 90.75
C ASN D 209 -34.06 16.65 89.47
N VAL D 210 -34.17 17.95 89.25
CA VAL D 210 -33.62 18.62 88.07
C VAL D 210 -32.14 18.92 88.27
N ASN D 211 -31.34 18.63 87.23
CA ASN D 211 -29.90 18.90 87.22
C ASN D 211 -29.40 19.44 85.89
N HIS D 212 -28.70 20.58 85.94
CA HIS D 212 -28.09 21.22 84.79
C HIS D 212 -26.59 21.29 85.05
N LYS D 213 -25.87 20.24 84.63
CA LYS D 213 -24.44 20.14 84.85
C LYS D 213 -23.60 21.29 84.23
N PRO D 214 -23.88 21.81 83.00
CA PRO D 214 -23.05 22.93 82.49
C PRO D 214 -23.11 24.22 83.31
N SER D 215 -24.18 24.42 84.10
CA SER D 215 -24.32 25.59 84.98
C SER D 215 -24.14 25.20 86.46
N ASN D 216 -24.12 23.88 86.74
CA ASN D 216 -24.02 23.20 88.04
C ASN D 216 -25.10 23.68 89.01
N THR D 217 -26.36 23.47 88.61
CA THR D 217 -27.56 23.83 89.38
C THR D 217 -28.37 22.57 89.67
N LYS D 218 -28.49 22.20 90.96
CA LYS D 218 -29.22 21.03 91.44
C LYS D 218 -30.41 21.49 92.26
N VAL D 219 -31.58 21.57 91.59
CA VAL D 219 -32.84 22.05 92.12
C VAL D 219 -33.80 20.87 92.38
N ASP D 220 -34.35 20.81 93.60
CA ASP D 220 -35.30 19.77 94.02
C ASP D 220 -36.66 20.41 94.40
N LYS D 221 -37.44 20.71 93.35
CA LYS D 221 -38.77 21.33 93.45
C LYS D 221 -39.86 20.35 93.81
N ARG D 222 -40.60 20.66 94.89
CA ARG D 222 -41.72 19.89 95.40
C ARG D 222 -43.00 20.35 94.69
N VAL D 223 -43.84 19.38 94.28
CA VAL D 223 -45.13 19.59 93.61
C VAL D 223 -46.26 19.20 94.60
N GLU D 224 -47.08 20.17 95.01
CA GLU D 224 -48.21 19.94 95.92
C GLU D 224 -49.52 20.54 95.31
N PRO D 225 -50.68 19.83 95.41
CA PRO D 225 -51.93 20.36 94.82
C PRO D 225 -52.45 21.63 95.49
N ASP E 1 10.66 1.00 71.69
CA ASP E 1 11.24 0.30 70.54
C ASP E 1 10.78 0.91 69.21
N LEU E 2 11.74 1.50 68.47
CA LEU E 2 11.54 2.01 67.12
C LEU E 2 11.94 0.85 66.22
N PRO E 3 10.95 0.22 65.52
CA PRO E 3 11.25 -0.98 64.71
C PRO E 3 12.62 -1.02 64.02
N LEU E 4 13.39 -2.08 64.34
CA LEU E 4 14.74 -2.36 63.83
C LEU E 4 14.77 -2.44 62.32
N LEU E 5 15.77 -1.79 61.72
CA LEU E 5 15.93 -1.78 60.29
C LEU E 5 17.31 -2.32 59.95
N CYS E 6 17.38 -3.13 58.90
CA CYS E 6 18.65 -3.68 58.47
C CYS E 6 18.80 -3.71 56.95
N THR E 7 19.94 -3.18 56.49
CA THR E 7 20.32 -3.12 55.09
C THR E 7 21.38 -4.20 54.88
N LEU E 8 21.25 -4.96 53.80
CA LEU E 8 22.23 -6.00 53.51
C LEU E 8 22.30 -6.14 52.02
N ASN E 9 23.54 -6.19 51.45
CA ASN E 9 23.77 -6.32 50.02
C ASN E 9 23.20 -5.06 49.29
N LYS E 10 21.92 -5.12 48.90
CA LYS E 10 21.17 -4.07 48.22
C LYS E 10 19.72 -4.58 48.28
N SER E 11 19.47 -5.76 47.67
CA SER E 11 18.20 -6.47 47.59
C SER E 11 17.68 -7.04 48.92
N HIS E 12 18.59 -7.44 49.83
CA HIS E 12 18.23 -8.00 51.12
C HIS E 12 17.91 -6.93 52.16
N LEU E 13 16.64 -6.47 52.16
CA LEU E 13 16.16 -5.42 53.04
C LEU E 13 15.33 -6.02 54.18
N TYR E 14 15.69 -5.66 55.42
CA TYR E 14 15.12 -6.23 56.63
C TYR E 14 14.57 -5.21 57.64
N ILE E 15 13.60 -5.70 58.45
CA ILE E 15 12.85 -4.96 59.46
C ILE E 15 12.30 -5.89 60.57
N LYS E 16 12.36 -5.47 61.85
CA LYS E 16 11.81 -6.24 62.98
C LYS E 16 11.11 -5.37 64.03
N GLY E 17 9.86 -5.71 64.32
CA GLY E 17 9.06 -5.05 65.33
C GLY E 17 8.44 -6.09 66.21
N GLY E 18 8.81 -6.08 67.48
CA GLY E 18 8.34 -7.04 68.47
C GLY E 18 8.87 -8.43 68.23
N ASN E 19 8.00 -9.34 67.75
CA ASN E 19 8.36 -10.73 67.48
C ASN E 19 8.47 -10.96 65.98
N ALA E 20 7.68 -10.23 65.22
CA ALA E 20 7.61 -10.27 63.76
C ALA E 20 8.87 -9.69 63.10
N SER E 21 9.31 -10.30 61.98
CA SER E 21 10.45 -9.86 61.16
C SER E 21 10.19 -10.11 59.67
N PHE E 22 10.25 -9.05 58.83
CA PHE E 22 9.95 -9.12 57.40
C PHE E 22 11.16 -8.92 56.46
N LYS E 23 11.00 -9.38 55.22
CA LYS E 23 11.99 -9.23 54.16
C LYS E 23 11.35 -8.44 53.04
N ILE E 24 11.91 -7.25 52.78
CA ILE E 24 11.45 -6.33 51.75
C ILE E 24 12.27 -6.56 50.46
N SER E 25 11.59 -7.07 49.42
CA SER E 25 12.19 -7.39 48.12
C SER E 25 11.41 -6.77 46.98
N PHE E 26 12.15 -6.18 46.03
CA PHE E 26 11.58 -5.55 44.84
C PHE E 26 11.95 -6.36 43.60
N ASP E 27 10.91 -6.87 42.91
CA ASP E 27 10.99 -7.65 41.67
C ASP E 27 9.67 -7.65 40.89
N ASP E 28 9.76 -7.94 39.58
CA ASP E 28 8.65 -7.98 38.61
C ASP E 28 7.76 -9.23 38.72
N ILE E 29 8.05 -10.12 39.71
CA ILE E 29 7.30 -11.36 39.95
C ILE E 29 5.97 -11.02 40.62
N ALA E 30 4.85 -11.66 40.20
CA ALA E 30 3.53 -11.39 40.78
C ALA E 30 3.01 -12.57 41.60
N VAL E 31 2.45 -12.28 42.80
CA VAL E 31 1.95 -13.28 43.77
C VAL E 31 0.47 -13.05 44.10
N LEU E 32 0.09 -11.78 44.36
CA LEU E 32 -1.29 -11.43 44.70
C LEU E 32 -2.00 -10.69 43.57
N LEU E 33 -3.31 -10.92 43.46
CA LEU E 33 -4.16 -10.32 42.42
C LEU E 33 -5.48 -9.78 43.00
N PRO E 34 -6.09 -8.74 42.38
CA PRO E 34 -7.34 -8.16 42.94
C PRO E 34 -8.52 -9.13 43.14
N GLU E 35 -9.05 -9.77 42.06
CA GLU E 35 -10.20 -10.68 42.19
C GLU E 35 -9.77 -12.09 42.65
N TYR E 36 -8.99 -12.12 43.75
CA TYR E 36 -8.45 -13.31 44.39
C TYR E 36 -8.17 -13.08 45.87
N ASP E 37 -7.54 -11.93 46.19
CA ASP E 37 -7.07 -11.55 47.52
C ASP E 37 -7.71 -10.27 48.11
N VAL E 38 -7.27 -9.89 49.32
CA VAL E 38 -7.77 -8.71 50.02
C VAL E 38 -7.03 -7.46 49.60
N ILE E 39 -7.81 -6.36 49.47
CA ILE E 39 -7.35 -5.03 49.09
C ILE E 39 -7.41 -4.12 50.31
N ILE E 40 -6.32 -3.37 50.54
CA ILE E 40 -6.07 -2.50 51.67
C ILE E 40 -6.15 -1.05 51.26
N GLN E 41 -7.10 -0.31 51.83
CA GLN E 41 -7.17 1.12 51.49
C GLN E 41 -6.60 1.98 52.62
N HIS E 42 -7.13 1.79 53.84
CA HIS E 42 -6.78 2.49 55.08
C HIS E 42 -6.14 1.45 56.00
N PRO E 43 -5.49 1.77 57.14
CA PRO E 43 -5.09 0.67 58.03
C PRO E 43 -6.36 0.06 58.65
N ALA E 44 -6.22 -1.15 59.24
CA ALA E 44 -7.28 -2.02 59.81
C ALA E 44 -7.66 -3.08 58.80
N ASP E 45 -7.28 -2.83 57.55
CA ASP E 45 -7.48 -3.75 56.46
C ASP E 45 -6.32 -4.72 56.59
N MET E 46 -5.20 -4.26 57.21
CA MET E 46 -3.99 -5.06 57.45
C MET E 46 -4.17 -6.06 58.59
N SER E 47 -5.25 -5.89 59.37
CA SER E 47 -5.63 -6.70 60.53
C SER E 47 -6.29 -8.02 60.12
N TRP E 48 -6.71 -8.13 58.86
CA TRP E 48 -7.32 -9.32 58.27
C TRP E 48 -6.25 -10.01 57.37
N CYS E 49 -4.98 -9.74 57.67
CA CYS E 49 -3.87 -10.29 56.92
C CYS E 49 -3.01 -11.20 57.74
N SER E 50 -2.99 -10.98 59.06
CA SER E 50 -2.27 -11.77 60.05
C SER E 50 -3.04 -11.78 61.38
N LYS E 51 -2.89 -12.88 62.13
CA LYS E 51 -3.54 -13.03 63.44
C LYS E 51 -2.61 -12.50 64.54
N SER E 52 -1.28 -12.48 64.28
CA SER E 52 -0.28 -11.95 65.22
C SER E 52 -0.41 -10.44 65.34
N ASP E 53 -0.24 -9.92 66.56
CA ASP E 53 -0.34 -8.49 66.87
C ASP E 53 0.84 -7.68 66.30
N ASP E 54 2.07 -8.24 66.35
CA ASP E 54 3.31 -7.62 65.85
C ASP E 54 3.41 -7.66 64.31
N GLN E 55 2.79 -8.68 63.68
CA GLN E 55 2.76 -8.83 62.23
C GLN E 55 1.83 -7.81 61.57
N ILE E 56 0.77 -7.38 62.28
CA ILE E 56 -0.19 -6.39 61.79
C ILE E 56 0.37 -4.98 61.93
N TRP E 57 0.80 -4.61 63.15
CA TRP E 57 1.36 -3.29 63.48
C TRP E 57 2.64 -2.99 62.67
N LEU E 58 3.57 -3.94 62.50
CA LEU E 58 4.82 -3.71 61.74
C LEU E 58 4.55 -3.36 60.27
N SER E 59 3.55 -3.99 59.65
CA SER E 59 3.12 -3.77 58.26
C SER E 59 2.47 -2.39 58.12
N GLN E 60 1.74 -1.94 59.17
CA GLN E 60 1.05 -0.64 59.23
C GLN E 60 2.03 0.49 59.53
N TRP E 61 3.08 0.18 60.35
CA TRP E 61 4.14 1.09 60.74
C TRP E 61 5.05 1.34 59.54
N PHE E 62 5.34 0.30 58.77
CA PHE E 62 6.18 0.43 57.58
C PHE E 62 5.52 1.27 56.48
N MET E 63 4.19 1.16 56.30
CA MET E 63 3.48 1.91 55.26
C MET E 63 3.26 3.39 55.64
N ASN E 64 3.20 3.68 56.96
CA ASN E 64 3.08 5.05 57.46
C ASN E 64 4.45 5.71 57.52
N ALA E 65 5.52 4.89 57.55
CA ALA E 65 6.89 5.39 57.58
C ALA E 65 7.34 5.83 56.19
N VAL E 66 6.96 5.07 55.13
CA VAL E 66 7.32 5.37 53.72
C VAL E 66 6.50 6.53 53.13
N GLY E 67 5.41 6.88 53.84
CA GLY E 67 4.51 7.95 53.48
C GLY E 67 3.40 7.49 52.55
N HIS E 68 2.71 6.39 52.91
CA HIS E 68 1.61 5.90 52.10
C HIS E 68 0.38 6.66 52.58
N ASP E 69 -0.10 7.60 51.72
CA ASP E 69 -1.28 8.42 51.93
C ASP E 69 -2.43 7.46 51.78
N TRP E 70 -3.13 7.15 52.87
CA TRP E 70 -4.25 6.22 52.86
C TRP E 70 -5.51 6.74 52.13
N TYR E 71 -5.50 8.02 51.73
CA TYR E 71 -6.62 8.62 51.00
C TYR E 71 -6.29 8.79 49.51
N LEU E 72 -5.10 9.36 49.21
CA LEU E 72 -4.65 9.66 47.84
C LEU E 72 -3.94 8.53 47.14
N ASP E 73 -2.96 7.90 47.81
CA ASP E 73 -2.18 6.80 47.24
C ASP E 73 -3.04 5.56 46.95
N PRO E 74 -2.78 4.88 45.81
CA PRO E 74 -3.60 3.72 45.44
C PRO E 74 -3.56 2.59 46.46
N PRO E 75 -4.64 1.80 46.59
CA PRO E 75 -4.64 0.67 47.53
C PRO E 75 -3.68 -0.42 47.07
N PHE E 76 -3.31 -1.30 47.98
CA PHE E 76 -2.39 -2.39 47.67
C PHE E 76 -2.93 -3.75 48.16
N LEU E 77 -2.30 -4.83 47.70
CA LEU E 77 -2.72 -6.19 47.97
C LEU E 77 -2.17 -6.83 49.23
N CYS E 78 -2.85 -7.91 49.65
CA CYS E 78 -2.53 -8.65 50.86
C CYS E 78 -3.09 -10.08 50.83
N ARG E 79 -2.42 -11.05 51.48
CA ARG E 79 -2.89 -12.45 51.48
C ARG E 79 -3.83 -12.74 52.65
N ASN E 80 -4.83 -13.62 52.39
CA ASN E 80 -5.84 -14.08 53.36
C ASN E 80 -5.19 -14.76 54.57
N ARG E 81 -5.86 -14.69 55.73
CA ARG E 81 -5.38 -15.30 56.96
C ARG E 81 -5.64 -16.79 56.92
N THR E 82 -6.79 -17.19 56.35
CA THR E 82 -7.21 -18.59 56.21
C THR E 82 -6.20 -19.38 55.37
N LYS E 83 -5.50 -18.68 54.46
CA LYS E 83 -4.46 -19.26 53.63
C LYS E 83 -3.26 -19.68 54.48
N THR E 84 -3.11 -21.01 54.66
CA THR E 84 -2.06 -21.73 55.41
C THR E 84 -0.66 -21.55 54.76
N GLU E 85 -0.64 -20.84 53.62
CA GLU E 85 0.50 -20.47 52.80
C GLU E 85 1.48 -19.62 53.61
N GLY E 86 0.90 -18.77 54.46
CA GLY E 86 1.60 -17.88 55.36
C GLY E 86 1.15 -16.45 55.24
N PHE E 87 2.15 -15.54 55.26
CA PHE E 87 1.94 -14.11 55.17
C PHE E 87 2.71 -13.47 54.03
N ILE E 88 2.09 -12.42 53.45
CA ILE E 88 2.56 -11.58 52.34
C ILE E 88 1.61 -10.39 52.09
N PHE E 89 2.23 -9.24 51.83
CA PHE E 89 1.55 -8.02 51.42
C PHE E 89 2.35 -7.44 50.26
N GLN E 90 1.64 -7.15 49.17
CA GLN E 90 2.21 -6.68 47.93
C GLN E 90 1.80 -5.24 47.68
N VAL E 91 2.77 -4.41 47.25
CA VAL E 91 2.53 -3.00 46.90
C VAL E 91 2.99 -2.78 45.43
N ASN E 92 2.10 -2.26 44.54
CA ASN E 92 2.52 -1.98 43.15
C ASN E 92 3.37 -0.77 43.17
N THR E 93 4.64 -0.96 42.87
CA THR E 93 5.65 0.09 42.86
C THR E 93 6.27 0.23 41.48
N SER E 94 5.45 0.13 40.42
CA SER E 94 5.91 0.28 39.04
C SER E 94 6.18 1.74 38.77
N LYS E 95 7.36 2.05 38.20
CA LYS E 95 7.82 3.42 37.93
C LYS E 95 7.36 3.97 36.55
N THR E 96 6.19 3.51 36.07
CA THR E 96 5.62 3.95 34.79
C THR E 96 4.09 4.15 34.86
N GLY E 97 3.58 4.94 33.93
CA GLY E 97 2.16 5.26 33.78
C GLY E 97 1.55 6.04 34.92
N ILE E 98 0.45 5.49 35.47
CA ILE E 98 -0.34 6.06 36.57
C ILE E 98 0.42 6.03 37.89
N ASN E 99 0.98 4.83 38.25
CA ASN E 99 1.78 4.52 39.43
C ASN E 99 3.15 5.20 39.43
N GLU E 100 3.48 6.00 38.38
CA GLU E 100 4.80 6.65 38.26
C GLU E 100 5.02 7.69 39.37
N ASN E 101 3.93 8.40 39.73
CA ASN E 101 3.87 9.38 40.82
C ASN E 101 4.13 8.72 42.16
N TYR E 102 3.47 7.57 42.43
CA TYR E 102 3.55 6.80 43.67
C TYR E 102 4.90 6.07 43.85
N ALA E 103 5.49 5.56 42.76
CA ALA E 103 6.76 4.84 42.84
C ALA E 103 7.94 5.76 43.13
N LYS E 104 7.90 7.03 42.67
CA LYS E 104 8.98 7.99 42.95
C LYS E 104 8.90 8.49 44.41
N LYS E 105 7.65 8.58 44.94
CA LYS E 105 7.34 8.94 46.32
C LYS E 105 7.74 7.76 47.24
N PHE E 106 7.55 6.52 46.74
CA PHE E 106 7.94 5.31 47.45
C PHE E 106 9.47 5.11 47.36
N LYS E 107 10.10 5.60 46.26
CA LYS E 107 11.54 5.53 46.01
C LYS E 107 12.30 6.41 46.98
N THR E 108 11.74 7.60 47.33
CA THR E 108 12.37 8.54 48.25
C THR E 108 12.22 8.05 49.70
N GLY E 109 11.17 7.26 49.98
CA GLY E 109 10.88 6.66 51.28
C GLY E 109 11.99 5.75 51.78
N MET E 110 12.40 4.77 50.95
CA MET E 110 13.48 3.82 51.26
C MET E 110 14.83 4.55 51.39
N HIS E 111 14.96 5.69 50.67
CA HIS E 111 16.14 6.54 50.71
C HIS E 111 16.22 7.33 52.05
N HIS E 112 15.13 7.35 52.85
CA HIS E 112 15.15 7.99 54.17
C HIS E 112 14.94 6.99 55.30
N LEU E 113 14.43 5.78 54.96
CA LEU E 113 14.21 4.69 55.91
C LEU E 113 15.45 3.84 56.10
N TYR E 114 15.97 3.26 55.01
CA TYR E 114 17.19 2.44 55.00
C TYR E 114 18.42 3.28 54.60
N ARG E 115 18.20 4.60 54.40
CA ARG E 115 19.15 5.65 54.03
C ARG E 115 19.66 5.55 52.61
N GLU E 116 19.92 4.33 52.12
CA GLU E 116 20.38 4.14 50.76
C GLU E 116 20.02 2.80 50.21
N TYR E 117 19.29 2.85 49.12
CA TYR E 117 18.91 1.67 48.37
C TYR E 117 18.81 1.97 46.88
N PRO E 118 19.90 1.71 46.10
CA PRO E 118 19.80 1.89 44.63
C PRO E 118 18.82 0.82 44.15
N ASP E 119 17.57 1.27 43.92
CA ASP E 119 16.34 0.54 43.58
C ASP E 119 16.49 -0.52 42.49
N SER E 120 16.02 -1.75 42.78
CA SER E 120 15.98 -2.90 41.85
C SER E 120 14.72 -2.83 40.95
N CYS E 121 13.97 -1.69 41.05
CA CYS E 121 12.81 -1.36 40.24
C CYS E 121 13.31 -0.57 39.03
N LEU E 122 12.88 -1.01 37.83
CA LEU E 122 13.27 -0.40 36.56
C LEU E 122 12.33 0.76 36.24
N ASP E 123 12.91 1.98 36.08
CA ASP E 123 12.15 3.19 35.76
C ASP E 123 11.60 3.08 34.34
N GLY E 124 10.31 2.77 34.24
CA GLY E 124 9.63 2.56 32.97
C GLY E 124 9.43 1.09 32.66
N LYS E 125 9.31 0.25 33.72
CA LYS E 125 9.08 -1.20 33.61
C LYS E 125 8.41 -1.70 34.91
N LEU E 126 7.67 -2.82 34.81
CA LEU E 126 6.95 -3.46 35.92
C LEU E 126 7.87 -3.90 37.08
N CYS E 127 7.50 -3.46 38.29
CA CYS E 127 8.17 -3.78 39.56
C CYS E 127 7.17 -3.81 40.70
N LEU E 128 7.25 -4.87 41.52
CA LEU E 128 6.35 -5.08 42.64
C LEU E 128 7.05 -5.28 43.97
N MET E 129 6.60 -4.51 44.98
CA MET E 129 7.11 -4.62 46.34
C MET E 129 6.44 -5.84 46.93
N LYS E 130 7.25 -6.71 47.51
CA LYS E 130 6.82 -7.95 48.14
C LYS E 130 7.50 -8.09 49.47
N ALA E 131 6.71 -8.22 50.54
CA ALA E 131 7.31 -8.42 51.85
C ALA E 131 6.83 -9.75 52.40
N GLN E 132 7.78 -10.68 52.65
CA GLN E 132 7.47 -11.99 53.26
C GLN E 132 8.15 -12.14 54.61
N PRO E 133 7.40 -12.57 55.66
CA PRO E 133 8.00 -12.72 56.98
C PRO E 133 9.14 -13.75 56.98
N THR E 134 10.32 -13.24 57.31
CA THR E 134 11.56 -13.99 57.35
C THR E 134 12.04 -14.10 58.80
N SER E 135 13.17 -14.78 58.97
CA SER E 135 13.83 -14.95 60.25
C SER E 135 14.76 -13.76 60.37
N TRP E 136 15.08 -13.35 61.60
CA TRP E 136 16.02 -12.24 61.76
C TRP E 136 17.42 -12.72 61.39
N PRO E 137 18.10 -12.07 60.41
CA PRO E 137 19.41 -12.57 59.98
C PRO E 137 20.50 -12.52 61.04
N LEU E 138 21.52 -13.37 60.86
CA LEU E 138 22.70 -13.54 61.71
C LEU E 138 23.54 -12.28 61.63
N GLN E 139 23.75 -11.80 60.40
CA GLN E 139 24.54 -10.61 60.06
C GLN E 139 23.92 -9.33 60.63
N CYS E 140 22.59 -9.20 60.57
CA CYS E 140 21.88 -8.05 61.07
C CYS E 140 21.92 -7.99 62.61
N PRO E 141 22.48 -6.90 63.18
CA PRO E 141 22.61 -6.81 64.64
C PRO E 141 21.30 -6.56 65.41
N LEU E 142 21.29 -6.94 66.72
CA LEU E 142 20.19 -6.79 67.68
C LEU E 142 18.89 -7.52 67.27
N ILE F 1 -9.15 -17.54 35.69
CA ILE F 1 -10.39 -16.93 35.19
C ILE F 1 -10.37 -16.74 33.67
N GLN F 2 -10.96 -17.74 32.98
CA GLN F 2 -11.22 -17.83 31.53
C GLN F 2 -9.98 -17.61 30.63
N MET F 3 -9.25 -18.72 30.33
CA MET F 3 -8.08 -18.69 29.46
C MET F 3 -8.53 -18.95 28.01
N THR F 4 -8.29 -17.97 27.12
CA THR F 4 -8.69 -18.00 25.71
C THR F 4 -7.48 -18.31 24.83
N GLN F 5 -7.45 -19.53 24.24
CA GLN F 5 -6.35 -19.97 23.39
C GLN F 5 -6.73 -20.01 21.91
N SER F 6 -5.86 -19.43 21.08
CA SER F 6 -5.95 -19.34 19.63
C SER F 6 -4.55 -19.53 18.99
N PRO F 7 -4.41 -20.25 17.84
CA PRO F 7 -5.47 -20.87 17.03
C PRO F 7 -5.92 -22.26 17.52
N SER F 8 -6.85 -22.87 16.79
CA SER F 8 -7.40 -24.19 17.09
C SER F 8 -6.35 -25.27 16.80
N THR F 9 -5.78 -25.23 15.57
CA THR F 9 -4.77 -26.13 15.06
C THR F 9 -3.80 -25.34 14.19
N LEU F 10 -2.52 -25.36 14.55
CA LEU F 10 -1.50 -24.65 13.78
C LEU F 10 -0.79 -25.63 12.87
N SER F 11 -0.96 -25.46 11.55
CA SER F 11 -0.38 -26.33 10.53
C SER F 11 0.88 -25.68 9.94
N ALA F 12 2.06 -26.11 10.43
CA ALA F 12 3.34 -25.57 9.97
C ALA F 12 4.43 -26.64 9.86
N SER F 13 5.40 -26.38 8.98
CA SER F 13 6.53 -27.28 8.73
C SER F 13 7.70 -26.99 9.66
N VAL F 14 8.63 -27.96 9.78
CA VAL F 14 9.85 -27.88 10.61
C VAL F 14 10.78 -26.78 10.06
N GLY F 15 11.19 -25.86 10.93
CA GLY F 15 12.06 -24.75 10.57
C GLY F 15 11.40 -23.38 10.69
N ASP F 16 10.06 -23.35 10.64
CA ASP F 16 9.23 -22.14 10.75
C ASP F 16 9.32 -21.50 12.15
N ARG F 17 9.01 -20.20 12.23
CA ARG F 17 8.99 -19.44 13.47
C ARG F 17 7.52 -19.43 13.90
N VAL F 18 7.07 -20.54 14.55
CA VAL F 18 5.68 -20.72 15.00
C VAL F 18 5.41 -20.08 16.36
N THR F 19 4.22 -19.50 16.52
CA THR F 19 3.86 -18.76 17.72
C THR F 19 2.35 -18.91 18.08
N ILE F 20 2.07 -19.24 19.35
CA ILE F 20 0.72 -19.43 19.88
C ILE F 20 0.37 -18.31 20.83
N THR F 21 -0.84 -17.79 20.69
CA THR F 21 -1.34 -16.70 21.53
C THR F 21 -2.22 -17.21 22.68
N CYS F 22 -2.45 -16.36 23.70
CA CYS F 22 -3.26 -16.63 24.90
C CYS F 22 -3.86 -15.35 25.45
N ARG F 23 -5.15 -15.42 25.84
CA ARG F 23 -5.87 -14.28 26.41
C ARG F 23 -6.38 -14.57 27.83
N ALA F 24 -6.66 -13.50 28.60
CA ALA F 24 -7.11 -13.55 29.99
C ALA F 24 -8.24 -12.57 30.27
N SER F 25 -9.25 -13.01 31.02
CA SER F 25 -10.39 -12.17 31.35
C SER F 25 -10.00 -11.03 32.29
N GLN F 26 -9.25 -11.34 33.36
CA GLN F 26 -8.77 -10.30 34.29
C GLN F 26 -7.35 -9.95 33.88
N SER F 27 -6.94 -8.71 34.18
CA SER F 27 -5.59 -8.24 33.91
C SER F 27 -4.59 -8.94 34.85
N ILE F 28 -4.02 -10.05 34.35
CA ILE F 28 -3.02 -10.90 35.02
C ILE F 28 -1.66 -10.55 34.40
N ASP F 29 -0.80 -9.89 35.20
CA ASP F 29 0.51 -9.44 34.71
C ASP F 29 1.56 -10.55 34.64
N ASN F 30 1.79 -11.26 35.77
CA ASN F 30 2.84 -12.26 35.82
C ASN F 30 2.47 -13.58 36.54
N TRP F 31 1.49 -14.28 35.95
CA TRP F 31 1.06 -15.58 36.42
C TRP F 31 0.43 -16.42 35.31
N LEU F 32 1.25 -17.23 34.60
CA LEU F 32 0.75 -18.23 33.64
C LEU F 32 1.88 -19.16 33.17
N ALA F 33 1.46 -20.30 32.59
CA ALA F 33 2.35 -21.33 32.08
C ALA F 33 1.84 -21.93 30.79
N TRP F 34 2.73 -22.66 30.13
CA TRP F 34 2.46 -23.37 28.90
C TRP F 34 2.83 -24.81 29.09
N TYR F 35 2.06 -25.71 28.47
CA TYR F 35 2.25 -27.16 28.57
C TYR F 35 2.45 -27.82 27.21
N GLN F 36 3.08 -29.01 27.20
CA GLN F 36 3.32 -29.79 26.00
C GLN F 36 2.84 -31.22 26.21
N GLN F 37 1.69 -31.55 25.61
CA GLN F 37 1.09 -32.85 25.77
C GLN F 37 1.09 -33.67 24.48
N LYS F 38 2.07 -34.59 24.36
CA LYS F 38 2.12 -35.53 23.24
C LYS F 38 1.04 -36.57 23.58
N PRO F 39 -0.01 -36.72 22.75
CA PRO F 39 -1.14 -37.61 23.13
C PRO F 39 -0.71 -39.04 23.47
N GLY F 40 -0.98 -39.45 24.71
CA GLY F 40 -0.60 -40.76 25.24
C GLY F 40 0.25 -40.64 26.50
N LYS F 41 0.63 -39.40 26.84
CA LYS F 41 1.40 -39.07 28.04
C LYS F 41 0.98 -37.70 28.59
N ALA F 42 1.03 -37.54 29.94
CA ALA F 42 0.69 -36.31 30.66
C ALA F 42 1.54 -35.12 30.18
N PRO F 43 0.97 -33.88 30.16
CA PRO F 43 1.74 -32.74 29.65
C PRO F 43 2.92 -32.41 30.53
N LYS F 44 3.95 -31.83 29.95
CA LYS F 44 5.17 -31.46 30.65
C LYS F 44 5.12 -29.95 30.80
N LEU F 45 5.59 -29.39 31.93
CA LEU F 45 5.62 -27.95 32.12
C LEU F 45 6.74 -27.37 31.26
N LEU F 46 6.40 -26.40 30.40
CA LEU F 46 7.39 -25.78 29.51
C LEU F 46 7.95 -24.53 30.13
N ILE F 47 7.10 -23.53 30.33
CA ILE F 47 7.52 -22.28 30.91
C ILE F 47 6.61 -21.96 32.06
N TYR F 48 7.07 -21.12 32.97
CA TYR F 48 6.31 -20.70 34.13
C TYR F 48 6.54 -19.22 34.38
N THR F 49 5.47 -18.50 34.78
CA THR F 49 5.36 -17.03 34.99
C THR F 49 5.71 -16.30 33.66
N ALA F 50 5.23 -16.85 32.52
CA ALA F 50 5.46 -16.39 31.14
C ALA F 50 6.94 -16.39 30.68
N SER F 51 7.73 -15.41 31.17
CA SER F 51 9.12 -15.15 30.80
C SER F 51 10.11 -16.31 31.00
N ARG F 52 9.96 -17.06 32.12
CA ARG F 52 10.89 -18.10 32.58
C ARG F 52 10.61 -19.50 32.10
N LEU F 53 11.67 -20.17 31.62
CA LEU F 53 11.62 -21.56 31.16
C LEU F 53 11.78 -22.52 32.35
N GLU F 54 11.28 -23.75 32.21
CA GLU F 54 11.41 -24.78 33.24
C GLU F 54 12.82 -25.37 33.13
N SER F 55 13.34 -25.91 34.25
CA SER F 55 14.68 -26.48 34.29
C SER F 55 14.76 -27.77 33.46
N GLY F 56 15.28 -27.63 32.24
CA GLY F 56 15.44 -28.74 31.31
C GLY F 56 14.40 -28.81 30.21
N VAL F 57 14.27 -27.69 29.47
CA VAL F 57 13.35 -27.51 28.35
C VAL F 57 14.08 -26.72 27.24
N PRO F 58 14.07 -27.21 25.98
CA PRO F 58 14.82 -26.53 24.90
C PRO F 58 14.63 -25.02 24.81
N SER F 59 15.71 -24.35 24.41
CA SER F 59 15.86 -22.90 24.27
C SER F 59 14.99 -22.28 23.16
N ARG F 60 14.51 -23.09 22.20
CA ARG F 60 13.68 -22.62 21.08
C ARG F 60 12.32 -22.10 21.54
N PHE F 61 11.83 -22.65 22.68
CA PHE F 61 10.56 -22.24 23.29
C PHE F 61 10.78 -20.92 24.01
N SER F 62 9.95 -19.93 23.69
CA SER F 62 10.05 -18.63 24.31
C SER F 62 8.68 -18.08 24.55
N GLY F 63 8.43 -17.73 25.80
CA GLY F 63 7.18 -17.15 26.23
C GLY F 63 7.38 -15.67 26.51
N SER F 64 6.47 -14.85 25.99
CA SER F 64 6.52 -13.40 26.14
C SER F 64 5.11 -12.84 26.32
N GLY F 65 4.97 -11.91 27.25
CA GLY F 65 3.68 -11.30 27.50
C GLY F 65 3.50 -10.90 28.95
N SER F 66 2.72 -9.83 29.14
CA SER F 66 2.33 -9.24 30.42
C SER F 66 1.07 -8.40 30.20
N GLY F 67 0.32 -8.17 31.26
CA GLY F 67 -0.94 -7.42 31.22
C GLY F 67 -2.13 -8.33 31.05
N THR F 68 -2.39 -8.79 29.81
CA THR F 68 -3.50 -9.70 29.51
C THR F 68 -3.17 -10.62 28.32
N GLU F 69 -2.24 -10.21 27.43
CA GLU F 69 -1.85 -10.99 26.26
C GLU F 69 -0.51 -11.70 26.42
N PHE F 70 -0.50 -13.02 26.19
CA PHE F 70 0.67 -13.90 26.30
C PHE F 70 0.89 -14.69 25.03
N THR F 71 2.16 -14.86 24.63
CA THR F 71 2.57 -15.57 23.42
C THR F 71 3.68 -16.58 23.68
N LEU F 72 3.56 -17.78 23.08
CA LEU F 72 4.57 -18.83 23.13
C LEU F 72 5.06 -19.11 21.73
N THR F 73 6.27 -18.67 21.47
CA THR F 73 6.92 -18.85 20.19
C THR F 73 7.97 -19.96 20.25
N ILE F 74 8.12 -20.70 19.14
CA ILE F 74 9.12 -21.73 18.93
C ILE F 74 9.89 -21.22 17.72
N SER F 75 11.13 -20.75 17.95
CA SER F 75 12.04 -20.18 16.95
C SER F 75 12.24 -21.10 15.72
N SER F 76 12.63 -22.37 15.92
CA SER F 76 12.80 -23.34 14.84
C SER F 76 12.47 -24.68 15.42
N LEU F 77 11.22 -25.08 15.25
CA LEU F 77 10.72 -26.31 15.83
C LEU F 77 11.35 -27.55 15.19
N GLN F 78 11.56 -28.56 16.04
CA GLN F 78 12.09 -29.89 15.76
C GLN F 78 10.91 -30.88 15.71
N PRO F 79 11.07 -32.12 15.16
CA PRO F 79 9.93 -33.07 15.13
C PRO F 79 9.40 -33.50 16.49
N ASP F 80 10.20 -33.33 17.55
CA ASP F 80 9.83 -33.70 18.91
C ASP F 80 9.04 -32.61 19.66
N ASP F 81 8.41 -31.67 18.93
CA ASP F 81 7.63 -30.53 19.46
C ASP F 81 6.16 -30.61 19.03
N PHE F 82 5.83 -31.56 18.13
CA PHE F 82 4.47 -31.70 17.63
C PHE F 82 3.57 -32.35 18.65
N ALA F 83 2.92 -31.50 19.45
CA ALA F 83 1.97 -31.88 20.50
C ALA F 83 0.92 -30.78 20.64
N THR F 84 0.06 -30.88 21.67
CA THR F 84 -0.92 -29.84 21.91
C THR F 84 -0.44 -28.98 23.09
N TYR F 85 -0.61 -27.67 22.95
CA TYR F 85 -0.19 -26.68 23.94
C TYR F 85 -1.38 -26.10 24.65
N TYR F 86 -1.16 -25.58 25.87
CA TYR F 86 -2.21 -25.02 26.72
C TYR F 86 -1.75 -23.77 27.48
N CYS F 87 -2.68 -23.10 28.16
CA CYS F 87 -2.40 -21.93 29.00
C CYS F 87 -2.49 -22.36 30.45
N GLN F 88 -2.29 -21.45 31.40
CA GLN F 88 -2.39 -21.87 32.78
C GLN F 88 -3.16 -20.90 33.64
N HIS F 89 -2.45 -20.08 34.43
CA HIS F 89 -2.97 -19.18 35.46
C HIS F 89 -3.77 -20.00 36.51
N ARG F 90 -5.07 -20.30 36.27
CA ARG F 90 -5.88 -21.13 37.14
C ARG F 90 -6.18 -22.46 36.44
N THR F 91 -7.15 -22.49 35.49
CA THR F 91 -7.46 -23.71 34.74
C THR F 91 -6.54 -23.74 33.48
N PHE F 92 -7.12 -23.92 32.27
CA PHE F 92 -6.35 -24.06 31.03
C PHE F 92 -6.99 -23.38 29.81
N GLY F 93 -6.26 -23.41 28.72
CA GLY F 93 -6.71 -22.93 27.43
C GLY F 93 -7.36 -24.07 26.69
N GLN F 94 -7.98 -23.72 25.56
CA GLN F 94 -8.70 -24.62 24.65
C GLN F 94 -7.83 -25.77 24.17
N GLY F 95 -6.61 -25.46 23.73
CA GLY F 95 -5.69 -26.45 23.19
C GLY F 95 -5.37 -26.14 21.74
N THR F 96 -4.07 -26.13 21.40
CA THR F 96 -3.58 -25.87 20.05
C THR F 96 -2.73 -27.05 19.57
N LYS F 97 -3.35 -27.92 18.76
CA LYS F 97 -2.68 -29.08 18.21
C LYS F 97 -1.79 -28.58 17.11
N VAL F 98 -0.46 -28.65 17.31
CA VAL F 98 0.51 -28.24 16.29
C VAL F 98 0.79 -29.42 15.39
N GLU F 99 0.39 -29.23 14.14
CA GLU F 99 0.50 -30.24 13.12
C GLU F 99 1.52 -29.81 12.10
N ILE F 100 1.91 -30.77 11.26
CA ILE F 100 2.91 -30.55 10.24
C ILE F 100 2.26 -30.03 8.94
N LYS F 101 3.11 -29.57 8.03
CA LYS F 101 2.72 -29.09 6.71
C LYS F 101 3.20 -30.12 5.71
N ARG F 102 2.28 -30.74 4.96
CA ARG F 102 2.60 -31.80 4.01
C ARG F 102 1.91 -31.57 2.67
N THR F 103 2.46 -32.24 1.63
CA THR F 103 1.93 -32.32 0.28
C THR F 103 0.61 -33.05 0.42
N VAL F 104 -0.44 -32.61 -0.28
CA VAL F 104 -1.75 -33.26 -0.23
C VAL F 104 -1.62 -34.74 -0.64
N ALA F 105 -2.26 -35.65 0.13
CA ALA F 105 -2.24 -37.08 -0.15
C ALA F 105 -3.65 -37.58 -0.39
N ALA F 106 -3.81 -38.45 -1.40
CA ALA F 106 -5.10 -39.04 -1.76
C ALA F 106 -5.38 -40.22 -0.84
N PRO F 107 -6.62 -40.37 -0.31
CA PRO F 107 -6.89 -41.52 0.57
C PRO F 107 -7.09 -42.81 -0.22
N SER F 108 -6.60 -43.94 0.33
CA SER F 108 -6.74 -45.26 -0.29
C SER F 108 -8.04 -45.89 0.28
N VAL F 109 -9.16 -45.65 -0.42
CA VAL F 109 -10.54 -46.05 -0.05
C VAL F 109 -10.77 -47.57 -0.26
N PHE F 110 -11.22 -48.24 0.81
CA PHE F 110 -11.52 -49.68 0.86
C PHE F 110 -12.81 -49.95 1.60
N ILE F 111 -13.76 -50.62 0.97
CA ILE F 111 -15.00 -50.96 1.66
C ILE F 111 -14.90 -52.41 2.18
N PHE F 112 -15.32 -52.65 3.44
CA PHE F 112 -15.30 -53.98 4.05
C PHE F 112 -16.72 -54.44 4.34
N PRO F 113 -17.13 -55.64 3.84
CA PRO F 113 -18.49 -56.12 4.14
C PRO F 113 -18.62 -56.60 5.57
N PRO F 114 -19.84 -56.72 6.13
CA PRO F 114 -19.96 -57.23 7.51
C PRO F 114 -19.54 -58.70 7.56
N SER F 115 -18.89 -59.12 8.64
CA SER F 115 -18.42 -60.51 8.77
C SER F 115 -19.59 -61.49 8.81
N ASP F 116 -19.37 -62.73 8.35
CA ASP F 116 -20.40 -63.79 8.31
C ASP F 116 -20.87 -64.15 9.73
N GLU F 117 -19.93 -64.12 10.70
CA GLU F 117 -20.16 -64.39 12.12
C GLU F 117 -20.98 -63.23 12.70
N GLN F 118 -20.76 -62.01 12.17
CA GLN F 118 -21.48 -60.80 12.58
C GLN F 118 -22.89 -60.79 12.02
N LEU F 119 -23.12 -61.41 10.86
CA LEU F 119 -24.42 -61.43 10.22
C LEU F 119 -25.40 -62.34 10.97
N LYS F 120 -24.90 -63.47 11.51
CA LYS F 120 -25.69 -64.43 12.26
C LYS F 120 -26.24 -63.88 13.59
N SER F 121 -25.49 -63.00 14.27
CA SER F 121 -25.91 -62.40 15.54
C SER F 121 -27.10 -61.44 15.43
N GLY F 122 -27.39 -60.93 14.23
CA GLY F 122 -28.50 -60.01 14.02
C GLY F 122 -28.13 -58.55 13.79
N THR F 123 -26.97 -58.13 14.30
CA THR F 123 -26.50 -56.76 14.11
C THR F 123 -25.27 -56.81 13.22
N ALA F 124 -25.42 -56.33 11.98
CA ALA F 124 -24.34 -56.34 11.01
C ALA F 124 -23.95 -54.92 10.59
N SER F 125 -22.72 -54.52 10.96
CA SER F 125 -22.14 -53.21 10.67
C SER F 125 -21.21 -53.27 9.46
N VAL F 126 -21.34 -52.28 8.56
CA VAL F 126 -20.54 -52.11 7.34
C VAL F 126 -19.38 -51.14 7.64
N VAL F 127 -18.13 -51.56 7.34
CA VAL F 127 -16.93 -50.77 7.61
C VAL F 127 -16.33 -50.22 6.30
N CYS F 128 -15.92 -48.94 6.30
CA CYS F 128 -15.25 -48.29 5.18
C CYS F 128 -13.96 -47.64 5.67
N LEU F 129 -12.85 -47.96 5.00
CA LEU F 129 -11.51 -47.45 5.25
C LEU F 129 -11.12 -46.44 4.19
N LEU F 130 -10.27 -45.47 4.57
CA LEU F 130 -9.62 -44.51 3.70
C LEU F 130 -8.29 -44.12 4.34
N ASN F 131 -7.28 -44.90 3.93
CA ASN F 131 -5.91 -44.90 4.41
C ASN F 131 -4.99 -43.79 3.84
N ASN F 132 -4.25 -43.16 4.76
CA ASN F 132 -3.18 -42.18 4.62
C ASN F 132 -3.43 -41.07 3.61
N PHE F 133 -4.07 -39.98 4.07
CA PHE F 133 -4.40 -38.77 3.32
C PHE F 133 -3.96 -37.60 4.20
N TYR F 134 -3.37 -36.49 3.66
CA TYR F 134 -2.92 -35.40 4.54
C TYR F 134 -4.06 -34.43 4.99
N PRO F 135 -4.79 -33.70 4.09
CA PRO F 135 -5.83 -32.79 4.59
C PRO F 135 -6.94 -33.51 5.36
N ARG F 136 -6.89 -33.34 6.71
CA ARG F 136 -7.80 -33.90 7.71
C ARG F 136 -9.29 -33.75 7.34
N GLU F 137 -9.65 -32.65 6.64
CA GLU F 137 -11.03 -32.39 6.20
C GLU F 137 -11.44 -33.33 5.07
N ALA F 138 -11.89 -34.52 5.46
CA ALA F 138 -12.34 -35.56 4.54
C ALA F 138 -13.66 -36.07 5.05
N LYS F 139 -14.70 -35.98 4.21
CA LYS F 139 -16.04 -36.40 4.59
C LYS F 139 -16.51 -37.67 3.89
N VAL F 140 -17.22 -38.52 4.62
CA VAL F 140 -17.72 -39.79 4.10
C VAL F 140 -19.24 -39.78 4.00
N GLN F 141 -19.76 -40.21 2.86
CA GLN F 141 -21.16 -40.30 2.55
C GLN F 141 -21.56 -41.75 2.29
N TRP F 142 -22.34 -42.33 3.20
CA TRP F 142 -22.81 -43.70 3.06
C TRP F 142 -23.98 -43.74 2.13
N LYS F 143 -23.85 -44.47 1.02
CA LYS F 143 -24.91 -44.58 0.04
C LYS F 143 -25.35 -46.03 -0.14
N VAL F 144 -26.51 -46.38 0.44
CA VAL F 144 -27.11 -47.72 0.35
C VAL F 144 -28.31 -47.54 -0.60
N ASP F 145 -28.10 -47.94 -1.89
CA ASP F 145 -29.03 -47.78 -3.01
C ASP F 145 -29.33 -46.26 -3.26
N ASN F 146 -28.33 -45.40 -2.90
CA ASN F 146 -28.23 -43.94 -3.01
C ASN F 146 -29.01 -43.13 -1.94
N ALA F 147 -28.60 -43.19 -0.63
CA ALA F 147 -29.14 -42.44 0.55
C ALA F 147 -28.80 -43.10 1.88
N LEU F 148 -28.44 -42.27 2.93
CA LEU F 148 -28.13 -42.67 4.30
C LEU F 148 -27.21 -41.73 5.07
N GLN F 149 -27.49 -41.60 6.38
CA GLN F 149 -26.75 -40.81 7.36
C GLN F 149 -26.94 -41.33 8.81
N SER F 150 -27.73 -42.43 8.98
CA SER F 150 -28.02 -43.05 10.28
C SER F 150 -26.81 -43.66 10.98
N GLY F 151 -26.20 -44.68 10.36
CA GLY F 151 -25.01 -45.36 10.87
C GLY F 151 -23.71 -44.61 10.61
N ASN F 152 -23.77 -43.58 9.72
CA ASN F 152 -22.66 -42.71 9.30
C ASN F 152 -22.10 -41.83 10.45
N SER F 153 -22.86 -41.67 11.57
CA SER F 153 -22.46 -40.87 12.75
C SER F 153 -21.31 -41.53 13.56
N GLN F 154 -20.83 -42.70 13.11
CA GLN F 154 -19.74 -43.41 13.76
C GLN F 154 -18.54 -43.54 12.83
N GLU F 155 -17.60 -42.57 12.94
CA GLU F 155 -16.33 -42.51 12.20
C GLU F 155 -15.19 -42.00 13.07
N SER F 156 -14.06 -42.69 13.05
CA SER F 156 -12.90 -42.34 13.86
C SER F 156 -11.65 -42.08 13.02
N VAL F 157 -10.67 -41.36 13.59
CA VAL F 157 -9.40 -41.01 12.97
C VAL F 157 -8.19 -41.20 13.85
N THR F 158 -7.12 -41.77 13.26
CA THR F 158 -5.82 -41.89 13.93
C THR F 158 -5.18 -40.52 13.80
N GLU F 159 -4.23 -40.21 14.68
CA GLU F 159 -3.53 -38.96 14.56
C GLU F 159 -2.41 -39.11 13.51
N GLN F 160 -1.83 -37.97 13.09
CA GLN F 160 -0.77 -37.89 12.09
C GLN F 160 0.28 -39.00 12.24
N ASP F 161 0.52 -39.76 11.15
CA ASP F 161 1.48 -40.86 11.06
C ASP F 161 2.92 -40.40 11.38
N SER F 162 3.77 -41.31 11.88
CA SER F 162 5.18 -41.01 12.19
C SER F 162 6.07 -40.91 10.93
N LYS F 163 5.81 -41.77 9.94
CA LYS F 163 6.56 -41.84 8.68
C LYS F 163 6.18 -40.78 7.65
N ASP F 164 4.94 -40.88 7.12
CA ASP F 164 4.39 -40.04 6.05
C ASP F 164 3.42 -38.95 6.53
N SER F 165 3.17 -38.88 7.85
CA SER F 165 2.34 -37.87 8.51
C SER F 165 0.97 -37.61 7.84
N THR F 166 0.21 -38.68 7.68
CA THR F 166 -1.11 -38.61 7.08
C THR F 166 -2.13 -39.23 8.00
N TYR F 167 -3.34 -38.71 7.93
CA TYR F 167 -4.47 -39.15 8.72
C TYR F 167 -5.11 -40.34 8.01
N SER F 168 -5.88 -41.12 8.76
CA SER F 168 -6.60 -42.29 8.27
C SER F 168 -7.96 -42.31 8.97
N LEU F 169 -9.01 -42.64 8.22
CA LEU F 169 -10.39 -42.64 8.69
C LEU F 169 -11.03 -44.02 8.56
N SER F 170 -11.90 -44.33 9.51
CA SER F 170 -12.69 -45.56 9.55
C SER F 170 -14.15 -45.21 9.82
N SER F 171 -14.95 -45.11 8.74
CA SER F 171 -16.37 -44.85 8.88
C SER F 171 -17.10 -46.18 9.00
N THR F 172 -17.91 -46.33 10.07
CA THR F 172 -18.65 -47.55 10.34
C THR F 172 -20.14 -47.34 10.34
N LEU F 173 -20.75 -47.85 9.29
CA LEU F 173 -22.17 -47.87 9.09
C LEU F 173 -22.70 -48.97 9.98
N THR F 174 -23.60 -48.62 10.89
CA THR F 174 -24.15 -49.64 11.76
C THR F 174 -25.62 -49.81 11.39
N LEU F 175 -26.05 -51.09 11.22
CA LEU F 175 -27.44 -51.46 10.89
C LEU F 175 -27.79 -52.91 11.32
N SER F 176 -29.09 -53.28 11.27
CA SER F 176 -29.55 -54.62 11.66
C SER F 176 -29.52 -55.56 10.45
N LYS F 177 -29.77 -56.86 10.70
CA LYS F 177 -29.84 -57.90 9.68
C LYS F 177 -31.12 -57.70 8.88
N ALA F 178 -32.16 -57.17 9.55
CA ALA F 178 -33.46 -56.84 8.99
C ALA F 178 -33.32 -55.76 7.91
N ASP F 179 -32.46 -54.74 8.17
CA ASP F 179 -32.17 -53.67 7.23
C ASP F 179 -31.14 -54.11 6.20
N TYR F 180 -30.31 -55.12 6.56
CA TYR F 180 -29.27 -55.62 5.67
C TYR F 180 -29.91 -56.45 4.55
N GLU F 181 -30.81 -57.34 4.92
CA GLU F 181 -31.51 -58.22 3.99
C GLU F 181 -32.74 -57.50 3.46
N LYS F 182 -32.54 -56.29 2.91
CA LYS F 182 -33.59 -55.41 2.41
C LYS F 182 -33.04 -54.48 1.32
N HIS F 183 -31.71 -54.33 1.27
CA HIS F 183 -31.02 -53.50 0.31
C HIS F 183 -29.97 -54.29 -0.50
N LYS F 184 -29.64 -53.84 -1.75
CA LYS F 184 -28.71 -54.50 -2.66
C LYS F 184 -27.28 -53.93 -2.67
N VAL F 185 -27.08 -52.70 -3.17
CA VAL F 185 -25.76 -52.09 -3.30
C VAL F 185 -25.39 -51.23 -2.09
N TYR F 186 -24.19 -51.50 -1.55
CA TYR F 186 -23.62 -50.81 -0.40
C TYR F 186 -22.41 -49.99 -0.90
N ALA F 187 -22.53 -48.66 -0.86
CA ALA F 187 -21.47 -47.77 -1.33
C ALA F 187 -20.91 -46.88 -0.23
N CYS F 188 -19.70 -46.38 -0.47
CA CYS F 188 -18.98 -45.49 0.43
C CYS F 188 -18.39 -44.36 -0.39
N GLU F 189 -19.17 -43.30 -0.53
CA GLU F 189 -18.78 -42.11 -1.28
C GLU F 189 -17.82 -41.26 -0.42
N VAL F 190 -16.57 -41.07 -0.92
CA VAL F 190 -15.51 -40.32 -0.24
C VAL F 190 -15.20 -38.98 -0.93
N THR F 191 -15.47 -37.86 -0.26
CA THR F 191 -15.19 -36.50 -0.75
C THR F 191 -13.91 -35.99 -0.09
N HIS F 192 -12.87 -35.72 -0.91
CA HIS F 192 -11.54 -35.23 -0.47
C HIS F 192 -10.86 -34.37 -1.56
N GLN F 193 -9.91 -33.53 -1.12
CA GLN F 193 -9.13 -32.62 -1.95
C GLN F 193 -8.17 -33.36 -2.90
N GLY F 194 -7.56 -34.44 -2.39
CA GLY F 194 -6.64 -35.28 -3.17
C GLY F 194 -7.34 -36.14 -4.20
N LEU F 195 -8.66 -36.02 -4.28
CA LEU F 195 -9.53 -36.74 -5.21
C LEU F 195 -10.21 -35.73 -6.16
N SER F 196 -9.80 -35.75 -7.44
CA SER F 196 -10.30 -34.90 -8.53
C SER F 196 -11.81 -35.16 -8.71
N SER F 197 -12.17 -36.45 -8.85
CA SER F 197 -13.53 -36.96 -8.96
C SER F 197 -13.77 -37.85 -7.71
N PRO F 198 -14.55 -37.39 -6.69
CA PRO F 198 -14.73 -38.22 -5.48
C PRO F 198 -15.07 -39.68 -5.77
N VAL F 199 -14.15 -40.57 -5.36
CA VAL F 199 -14.17 -42.03 -5.56
C VAL F 199 -15.18 -42.74 -4.63
N THR F 200 -15.82 -43.78 -5.18
CA THR F 200 -16.82 -44.63 -4.54
C THR F 200 -16.40 -46.10 -4.68
N LYS F 201 -16.23 -46.80 -3.54
CA LYS F 201 -15.88 -48.22 -3.46
C LYS F 201 -17.14 -48.96 -3.02
N SER F 202 -17.65 -49.90 -3.87
CA SER F 202 -18.91 -50.61 -3.61
C SER F 202 -18.93 -52.09 -3.88
N PHE F 203 -19.71 -52.81 -3.05
CA PHE F 203 -19.99 -54.23 -3.14
C PHE F 203 -21.51 -54.42 -3.15
N ASN F 204 -21.98 -55.66 -3.29
CA ASN F 204 -23.40 -55.97 -3.28
C ASN F 204 -23.78 -56.86 -2.07
N ARG F 205 -23.27 -58.10 -2.06
CA ARG F 205 -23.45 -59.14 -1.03
C ARG F 205 -22.61 -60.38 -1.40
N GLY F 206 -22.70 -60.78 -2.68
CA GLY F 206 -21.97 -61.91 -3.25
C GLY F 206 -21.73 -61.75 -4.75
N GLN G 1 14.24 -38.22 39.99
CA GLN G 1 13.94 -39.15 41.09
C GLN G 1 12.46 -39.11 41.49
N VAL G 2 11.80 -37.99 41.17
CA VAL G 2 10.39 -37.72 41.46
C VAL G 2 9.46 -38.65 40.68
N GLN G 3 8.63 -39.38 41.40
CA GLN G 3 7.65 -40.29 40.85
C GLN G 3 6.31 -40.06 41.53
N LEU G 4 5.21 -40.14 40.75
CA LEU G 4 3.84 -39.98 41.22
C LEU G 4 2.99 -41.08 40.60
N VAL G 5 2.53 -42.03 41.45
CA VAL G 5 1.76 -43.19 41.00
C VAL G 5 0.32 -43.16 41.51
N GLU G 6 -0.64 -43.66 40.69
CA GLU G 6 -2.08 -43.72 40.98
C GLU G 6 -2.49 -45.15 41.38
N SER G 7 -3.52 -45.30 42.23
CA SER G 7 -3.96 -46.63 42.70
C SER G 7 -4.78 -47.39 41.65
N GLY G 8 -5.95 -46.87 41.29
CA GLY G 8 -6.84 -47.47 40.31
C GLY G 8 -8.28 -47.01 40.44
N GLY G 9 -9.04 -47.24 39.40
CA GLY G 9 -10.45 -46.87 39.33
C GLY G 9 -10.90 -46.92 37.89
N GLY G 10 -11.96 -47.68 37.63
CA GLY G 10 -12.45 -47.85 36.27
C GLY G 10 -13.92 -47.54 36.15
N VAL G 11 -14.73 -48.60 35.92
CA VAL G 11 -16.17 -48.52 35.78
C VAL G 11 -16.84 -48.20 37.13
N VAL G 12 -17.87 -47.37 37.07
CA VAL G 12 -18.70 -46.95 38.19
C VAL G 12 -20.03 -46.43 37.65
N GLN G 13 -21.16 -46.90 38.23
CA GLN G 13 -22.49 -46.47 37.82
C GLN G 13 -22.69 -45.07 38.32
N PRO G 14 -23.39 -44.22 37.55
CA PRO G 14 -23.56 -42.83 37.99
C PRO G 14 -24.27 -42.70 39.36
N GLY G 15 -23.59 -42.05 40.30
CA GLY G 15 -24.09 -41.83 41.66
C GLY G 15 -23.27 -42.53 42.72
N ARG G 16 -22.73 -43.70 42.37
CA ARG G 16 -21.90 -44.51 43.26
C ARG G 16 -20.53 -43.85 43.45
N SER G 17 -20.06 -43.80 44.71
CA SER G 17 -18.76 -43.21 45.05
C SER G 17 -17.59 -44.09 44.62
N LEU G 18 -16.48 -43.46 44.22
CA LEU G 18 -15.22 -44.11 43.85
C LEU G 18 -14.09 -43.29 44.41
N ARG G 19 -13.13 -43.96 45.04
CA ARG G 19 -11.95 -43.30 45.60
C ARG G 19 -10.68 -43.75 44.87
N LEU G 20 -9.82 -42.77 44.56
CA LEU G 20 -8.55 -42.98 43.89
C LEU G 20 -7.48 -42.18 44.62
N SER G 21 -6.32 -42.81 44.83
CA SER G 21 -5.20 -42.19 45.53
C SER G 21 -3.97 -41.99 44.65
N CYS G 22 -3.00 -41.22 45.16
CA CYS G 22 -1.72 -40.93 44.51
C CYS G 22 -0.55 -41.05 45.48
N ALA G 23 0.22 -42.14 45.36
CA ALA G 23 1.39 -42.37 46.20
C ALA G 23 2.54 -41.56 45.62
N ALA G 24 3.31 -40.90 46.51
CA ALA G 24 4.41 -40.02 46.13
C ALA G 24 5.73 -40.48 46.72
N SER G 25 6.83 -40.23 45.96
CA SER G 25 8.22 -40.56 46.32
C SER G 25 9.24 -39.74 45.51
N GLY G 26 10.47 -39.70 46.01
CA GLY G 26 11.59 -39.01 45.37
C GLY G 26 11.74 -37.54 45.67
N PHE G 27 10.78 -36.96 46.42
CA PHE G 27 10.77 -35.53 46.80
C PHE G 27 10.17 -35.32 48.20
N THR G 28 10.37 -34.12 48.80
CA THR G 28 9.79 -33.79 50.09
C THR G 28 8.30 -33.55 49.86
N PHE G 29 7.50 -34.58 50.18
CA PHE G 29 6.06 -34.58 49.99
C PHE G 29 5.30 -33.60 50.87
N SER G 30 5.67 -33.48 52.15
CA SER G 30 4.97 -32.58 53.09
C SER G 30 5.13 -31.08 52.78
N SER G 31 6.07 -30.71 51.91
CA SER G 31 6.31 -29.31 51.55
C SER G 31 5.53 -28.88 50.30
N SER G 32 5.69 -29.60 49.18
CA SER G 32 4.99 -29.29 47.91
C SER G 32 3.54 -29.78 47.95
N ALA G 33 2.59 -28.87 47.76
CA ALA G 33 1.20 -29.29 47.78
C ALA G 33 0.76 -29.95 46.56
N MET G 34 -0.20 -30.83 46.78
CA MET G 34 -0.79 -31.67 45.77
C MET G 34 -2.08 -31.15 45.17
N HIS G 35 -2.21 -31.38 43.87
CA HIS G 35 -3.34 -31.04 42.99
C HIS G 35 -3.93 -32.35 42.48
N TRP G 36 -4.97 -32.23 41.65
CA TRP G 36 -5.63 -33.32 40.95
C TRP G 36 -6.11 -32.69 39.63
N VAL G 37 -5.91 -33.40 38.50
CA VAL G 37 -6.27 -32.89 37.17
C VAL G 37 -7.13 -33.91 36.36
N ARG G 38 -8.35 -33.47 36.03
CA ARG G 38 -9.33 -34.22 35.23
C ARG G 38 -8.96 -34.08 33.76
N GLN G 39 -8.96 -35.20 33.03
CA GLN G 39 -8.64 -35.19 31.59
C GLN G 39 -9.50 -36.15 30.76
N ALA G 40 -10.54 -35.60 30.13
CA ALA G 40 -11.38 -36.37 29.22
C ALA G 40 -10.73 -36.36 27.82
N PRO G 41 -10.93 -37.41 26.99
CA PRO G 41 -10.29 -37.41 25.64
C PRO G 41 -10.82 -36.31 24.69
N GLY G 42 -12.10 -35.95 24.87
CA GLY G 42 -12.79 -34.97 24.04
C GLY G 42 -12.80 -33.52 24.51
N LYS G 43 -11.84 -33.13 25.39
CA LYS G 43 -11.71 -31.75 25.88
C LYS G 43 -10.25 -31.36 26.23
N GLY G 44 -9.47 -32.35 26.63
CA GLY G 44 -8.09 -32.15 27.01
C GLY G 44 -7.98 -32.02 28.51
N LEU G 45 -7.33 -30.95 28.99
CA LEU G 45 -7.10 -30.78 30.42
C LEU G 45 -8.17 -29.96 31.15
N GLU G 46 -8.23 -30.13 32.51
CA GLU G 46 -9.13 -29.45 33.45
C GLU G 46 -8.64 -29.67 34.89
N TRP G 47 -8.51 -28.60 35.65
CA TRP G 47 -8.08 -28.73 37.04
C TRP G 47 -9.31 -29.14 37.89
N VAL G 48 -9.17 -30.01 38.92
CA VAL G 48 -10.38 -30.44 39.63
C VAL G 48 -10.41 -30.07 41.15
N ALA G 49 -9.25 -30.08 41.83
CA ALA G 49 -9.15 -29.77 43.27
C ALA G 49 -7.76 -29.36 43.74
N VAL G 50 -7.69 -28.74 44.94
CA VAL G 50 -6.41 -28.37 45.51
C VAL G 50 -6.41 -28.45 47.05
N ILE G 51 -5.26 -28.86 47.60
CA ILE G 51 -4.99 -28.97 49.04
C ILE G 51 -3.57 -28.49 49.30
N TRP G 52 -3.41 -27.53 50.21
CA TRP G 52 -2.08 -27.06 50.58
C TRP G 52 -1.45 -28.12 51.47
N SER G 53 -0.38 -28.79 51.00
CA SER G 53 0.27 -29.87 51.75
C SER G 53 0.78 -29.38 53.10
N ASP G 54 0.31 -30.06 54.15
CA ASP G 54 0.50 -29.89 55.59
C ASP G 54 -0.55 -28.91 56.16
N GLY G 55 -1.75 -29.46 56.31
CA GLY G 55 -2.90 -28.82 56.91
C GLY G 55 -3.73 -27.85 56.09
N SER G 56 -5.05 -28.10 56.11
CA SER G 56 -6.21 -27.35 55.59
C SER G 56 -6.30 -27.20 54.06
N ASN G 57 -7.44 -27.74 53.52
CA ASN G 57 -7.85 -27.67 52.12
C ASN G 57 -8.20 -26.24 51.81
N GLU G 58 -7.76 -25.77 50.65
CA GLU G 58 -8.07 -24.42 50.28
C GLU G 58 -9.31 -24.37 49.38
N ASN G 59 -9.27 -24.99 48.17
CA ASN G 59 -10.42 -24.99 47.25
C ASN G 59 -10.47 -26.23 46.33
N TYR G 60 -11.56 -26.34 45.56
CA TYR G 60 -11.85 -27.35 44.52
C TYR G 60 -12.33 -26.54 43.31
N ALA G 61 -12.50 -27.20 42.15
CA ALA G 61 -13.04 -26.54 40.97
C ALA G 61 -14.55 -26.63 41.07
N ASP G 62 -15.23 -25.46 40.98
CA ASP G 62 -16.69 -25.31 41.04
C ASP G 62 -17.42 -26.17 39.99
N SER G 63 -16.69 -26.67 38.96
CA SER G 63 -17.18 -27.51 37.86
C SER G 63 -17.90 -28.74 38.38
N VAL G 64 -17.56 -29.12 39.64
CA VAL G 64 -17.98 -30.35 40.31
C VAL G 64 -17.89 -30.25 41.88
N LYS G 65 -17.02 -29.36 42.42
CA LYS G 65 -16.69 -29.00 43.83
C LYS G 65 -17.42 -29.72 44.97
N GLY G 66 -18.74 -29.49 45.08
CA GLY G 66 -19.58 -30.02 46.15
C GLY G 66 -19.75 -31.52 46.25
N ARG G 67 -19.77 -32.22 45.10
CA ARG G 67 -20.01 -33.66 45.12
C ARG G 67 -18.74 -34.53 45.04
N PHE G 68 -17.84 -34.35 46.05
CA PHE G 68 -16.57 -35.07 46.30
C PHE G 68 -15.67 -34.33 47.29
N THR G 69 -14.76 -35.06 47.92
CA THR G 69 -13.83 -34.54 48.91
C THR G 69 -12.45 -35.04 48.59
N ILE G 70 -11.42 -34.30 49.03
CA ILE G 70 -10.04 -34.69 48.84
C ILE G 70 -9.33 -34.71 50.18
N SER G 71 -8.33 -35.58 50.33
CA SER G 71 -7.52 -35.69 51.53
C SER G 71 -6.07 -35.81 51.13
N ARG G 72 -5.19 -35.65 52.10
CA ARG G 72 -3.74 -35.77 51.94
C ARG G 72 -3.13 -36.20 53.28
N ASP G 73 -2.47 -37.37 53.26
CA ASP G 73 -1.83 -37.95 54.44
C ASP G 73 -0.32 -37.83 54.26
N ASN G 74 0.29 -36.99 55.09
CA ASN G 74 1.73 -36.72 55.02
C ASN G 74 2.56 -37.85 55.59
N SER G 75 1.98 -38.67 56.48
CA SER G 75 2.66 -39.80 57.09
C SER G 75 2.78 -40.98 56.12
N LYS G 76 1.68 -41.31 55.43
CA LYS G 76 1.64 -42.35 54.42
C LYS G 76 2.25 -41.87 53.09
N ASN G 77 2.37 -40.54 52.90
CA ASN G 77 2.93 -39.86 51.70
C ASN G 77 2.07 -40.10 50.46
N THR G 78 0.76 -40.27 50.68
CA THR G 78 -0.25 -40.46 49.65
C THR G 78 -1.24 -39.29 49.63
N LEU G 79 -1.98 -39.20 48.53
CA LEU G 79 -3.02 -38.20 48.29
C LEU G 79 -4.33 -38.96 48.11
N TYR G 80 -5.48 -38.30 48.26
CA TYR G 80 -6.76 -38.96 48.12
C TYR G 80 -7.78 -38.06 47.42
N LEU G 81 -8.67 -38.67 46.61
CA LEU G 81 -9.77 -37.99 45.93
C LEU G 81 -10.99 -38.89 45.94
N GLN G 82 -11.90 -38.63 46.89
CA GLN G 82 -13.11 -39.41 47.07
C GLN G 82 -14.26 -38.78 46.30
N MET G 83 -14.46 -39.27 45.06
CA MET G 83 -15.50 -38.83 44.14
C MET G 83 -16.84 -39.53 44.40
N SER G 84 -17.79 -38.82 45.04
CA SER G 84 -19.14 -39.33 45.35
C SER G 84 -20.25 -38.67 44.49
N SER G 85 -21.43 -39.32 44.36
CA SER G 85 -22.59 -38.85 43.56
C SER G 85 -22.14 -38.49 42.12
N LEU G 86 -21.41 -39.42 41.51
CA LEU G 86 -20.84 -39.24 40.18
C LEU G 86 -21.86 -39.06 39.09
N ARG G 87 -21.55 -38.20 38.13
CA ARG G 87 -22.38 -37.98 36.96
C ARG G 87 -21.65 -38.66 35.83
N ALA G 88 -22.34 -38.91 34.72
CA ALA G 88 -21.80 -39.58 33.54
C ALA G 88 -20.69 -38.79 32.81
N GLU G 89 -20.70 -37.44 32.92
CA GLU G 89 -19.74 -36.53 32.26
C GLU G 89 -18.34 -36.48 32.92
N ASP G 90 -18.12 -37.18 34.06
CA ASP G 90 -16.82 -37.29 34.73
C ASP G 90 -15.97 -38.43 34.14
N THR G 91 -16.34 -38.93 32.95
CA THR G 91 -15.61 -39.97 32.25
C THR G 91 -14.29 -39.32 31.80
N ALA G 92 -13.23 -39.46 32.64
CA ALA G 92 -11.93 -38.87 32.39
C ALA G 92 -10.76 -39.67 32.98
N VAL G 93 -9.54 -39.11 32.78
CA VAL G 93 -8.25 -39.63 33.25
C VAL G 93 -7.74 -38.65 34.33
N TYR G 94 -7.44 -39.18 35.52
CA TYR G 94 -7.06 -38.34 36.65
C TYR G 94 -5.57 -38.38 36.99
N TYR G 95 -4.89 -37.22 36.89
CA TYR G 95 -3.47 -37.08 37.22
C TYR G 95 -3.27 -36.41 38.58
N CYS G 96 -2.12 -36.68 39.19
CA CYS G 96 -1.75 -36.01 40.42
C CYS G 96 -0.48 -35.19 40.17
N ALA G 97 -0.50 -33.92 40.64
CA ALA G 97 0.59 -32.99 40.41
C ALA G 97 1.00 -32.17 41.63
N THR G 98 2.02 -31.33 41.47
CA THR G 98 2.67 -30.58 42.54
C THR G 98 2.87 -29.07 42.32
N ASP G 99 3.98 -28.64 42.89
CA ASP G 99 4.74 -27.42 42.90
C ASP G 99 4.07 -26.18 43.41
N LYS G 100 4.92 -25.42 44.11
CA LYS G 100 4.74 -24.13 44.77
C LYS G 100 6.07 -23.50 44.96
N THR G 101 6.13 -22.46 45.81
CA THR G 101 7.34 -21.72 46.20
C THR G 101 8.15 -21.38 44.93
N TYR G 102 7.61 -20.45 44.13
CA TYR G 102 8.22 -20.03 42.87
C TYR G 102 9.67 -19.59 43.09
N VAL G 103 10.62 -20.22 42.30
CA VAL G 103 12.08 -20.01 42.36
C VAL G 103 12.37 -18.53 42.09
N SER G 104 12.35 -17.81 43.20
CA SER G 104 12.49 -16.38 43.43
C SER G 104 12.50 -16.20 44.95
N GLY G 105 11.76 -17.08 45.64
CA GLY G 105 11.66 -17.11 47.09
C GLY G 105 10.27 -16.94 47.68
N TYR G 106 9.21 -17.15 46.88
CA TYR G 106 7.86 -17.00 47.42
C TYR G 106 7.27 -18.33 47.81
N THR G 107 5.98 -18.35 48.24
CA THR G 107 5.25 -19.55 48.68
C THR G 107 3.73 -19.25 48.68
N SER G 108 3.08 -19.32 47.48
CA SER G 108 1.65 -18.98 47.32
C SER G 108 0.92 -19.80 46.26
N THR G 109 0.36 -20.96 46.67
CA THR G 109 -0.41 -21.90 45.86
C THR G 109 -0.29 -21.65 44.36
N TRP G 110 0.90 -21.95 43.81
CA TRP G 110 1.22 -21.77 42.40
C TRP G 110 0.61 -22.92 41.60
N TYR G 111 -0.26 -22.58 40.63
CA TYR G 111 -0.99 -23.56 39.81
C TYR G 111 -0.12 -24.22 38.75
N TYR G 112 1.20 -24.10 38.96
CA TYR G 112 2.24 -24.66 38.11
C TYR G 112 2.49 -26.11 38.48
N PHE G 113 2.32 -26.98 37.48
CA PHE G 113 2.50 -28.41 37.67
C PHE G 113 3.75 -28.88 36.93
N ASN G 114 4.90 -28.94 37.64
CA ASN G 114 6.18 -29.38 37.08
C ASN G 114 6.31 -30.90 37.05
N TYR G 115 5.70 -31.60 38.04
CA TYR G 115 5.73 -33.07 38.15
C TYR G 115 4.33 -33.69 38.20
N TRP G 116 4.04 -34.56 37.21
CA TRP G 116 2.76 -35.22 36.98
C TRP G 116 2.76 -36.72 37.36
N GLY G 117 1.63 -37.38 37.14
CA GLY G 117 1.45 -38.80 37.39
C GLY G 117 1.39 -39.59 36.11
N GLN G 118 0.56 -40.65 36.12
CA GLN G 118 0.32 -41.54 34.97
C GLN G 118 -1.14 -41.48 34.54
N GLY G 119 -2.02 -41.28 35.52
CA GLY G 119 -3.46 -41.18 35.30
C GLY G 119 -4.16 -42.52 35.22
N THR G 120 -5.29 -42.63 35.93
CA THR G 120 -6.11 -43.83 35.89
C THR G 120 -7.44 -43.45 35.27
N LEU G 121 -7.79 -44.12 34.14
CA LEU G 121 -9.02 -43.91 33.40
C LEU G 121 -10.23 -44.39 34.21
N VAL G 122 -11.07 -43.43 34.61
CA VAL G 122 -12.30 -43.66 35.36
C VAL G 122 -13.50 -43.34 34.47
N THR G 123 -14.12 -44.40 33.94
CA THR G 123 -15.31 -44.30 33.09
C THR G 123 -16.55 -44.40 33.96
N VAL G 124 -17.41 -43.37 33.93
CA VAL G 124 -18.65 -43.33 34.72
C VAL G 124 -19.84 -43.65 33.83
N SER G 125 -20.29 -44.93 33.86
CA SER G 125 -21.42 -45.47 33.10
C SER G 125 -22.06 -46.67 33.81
N GLY G 126 -23.36 -46.85 33.65
CA GLY G 126 -24.09 -47.95 34.27
C GLY G 126 -23.78 -49.29 33.62
N ALA G 127 -23.33 -49.27 32.34
CA ALA G 127 -23.03 -50.47 31.55
C ALA G 127 -22.11 -51.49 32.26
N SER G 128 -22.44 -52.81 32.11
CA SER G 128 -21.75 -53.99 32.66
C SER G 128 -20.44 -54.28 31.90
N THR G 129 -19.40 -54.71 32.63
CA THR G 129 -18.09 -55.08 32.07
C THR G 129 -18.24 -56.37 31.28
N LYS G 130 -18.05 -56.29 29.95
CA LYS G 130 -18.17 -57.43 29.04
C LYS G 130 -16.98 -57.54 28.09
N GLY G 131 -16.79 -58.75 27.58
CA GLY G 131 -15.73 -59.08 26.65
C GLY G 131 -16.03 -58.67 25.22
N PRO G 132 -14.99 -58.38 24.41
CA PRO G 132 -15.23 -58.01 23.00
C PRO G 132 -15.47 -59.21 22.09
N SER G 133 -16.28 -58.99 21.05
CA SER G 133 -16.57 -59.98 20.00
C SER G 133 -15.79 -59.50 18.79
N VAL G 134 -14.84 -60.32 18.32
CA VAL G 134 -13.95 -59.99 17.21
C VAL G 134 -14.46 -60.60 15.90
N PHE G 135 -14.62 -59.75 14.87
CA PHE G 135 -15.06 -60.15 13.54
C PHE G 135 -14.03 -59.72 12.50
N PRO G 136 -13.60 -60.63 11.58
CA PRO G 136 -12.59 -60.23 10.59
C PRO G 136 -13.17 -59.38 9.47
N LEU G 137 -12.40 -58.35 9.09
CA LEU G 137 -12.70 -57.43 8.00
C LEU G 137 -12.22 -58.18 6.77
N ALA G 138 -13.19 -58.76 6.03
CA ALA G 138 -12.93 -59.59 4.86
C ALA G 138 -12.21 -58.80 3.77
N PRO G 139 -10.94 -59.15 3.44
CA PRO G 139 -10.19 -58.38 2.42
C PRO G 139 -10.78 -58.53 1.03
N SER G 140 -11.69 -57.59 0.72
CA SER G 140 -12.35 -57.55 -0.56
C SER G 140 -11.30 -57.38 -1.63
N SER G 141 -11.37 -58.24 -2.65
CA SER G 141 -10.42 -58.19 -3.75
C SER G 141 -11.00 -57.37 -4.92
N LYS G 142 -10.86 -56.05 -4.80
CA LYS G 142 -11.26 -55.01 -5.75
C LYS G 142 -9.96 -54.48 -6.30
N SER G 143 -9.10 -53.97 -5.38
CA SER G 143 -7.76 -53.49 -5.68
C SER G 143 -6.83 -54.72 -5.54
N THR G 144 -6.87 -55.60 -6.56
CA THR G 144 -6.14 -56.87 -6.66
C THR G 144 -4.68 -56.68 -7.17
N SER G 145 -4.18 -55.43 -7.13
CA SER G 145 -2.80 -55.08 -7.50
C SER G 145 -1.88 -55.76 -6.48
N GLY G 146 -0.75 -56.26 -6.97
CA GLY G 146 0.22 -57.01 -6.17
C GLY G 146 1.04 -56.27 -5.13
N GLY G 147 0.69 -55.02 -4.83
CA GLY G 147 1.39 -54.22 -3.83
C GLY G 147 0.51 -53.57 -2.79
N THR G 148 -0.82 -53.47 -3.08
CA THR G 148 -1.78 -52.82 -2.20
C THR G 148 -3.09 -53.59 -2.04
N ALA G 149 -3.43 -53.94 -0.78
CA ALA G 149 -4.67 -54.63 -0.37
C ALA G 149 -4.84 -54.42 1.14
N ALA G 150 -6.05 -54.04 1.60
CA ALA G 150 -6.32 -53.81 3.02
C ALA G 150 -6.91 -55.06 3.65
N LEU G 151 -6.61 -55.26 4.94
CA LEU G 151 -7.01 -56.39 5.76
C LEU G 151 -7.15 -55.90 7.20
N GLY G 152 -8.20 -56.32 7.89
CA GLY G 152 -8.38 -55.89 9.27
C GLY G 152 -9.22 -56.78 10.15
N CYS G 153 -9.41 -56.32 11.38
CA CYS G 153 -10.22 -56.95 12.42
C CYS G 153 -11.21 -55.92 12.96
N LEU G 154 -12.30 -56.38 13.58
CA LEU G 154 -13.28 -55.48 14.14
C LEU G 154 -13.47 -55.81 15.61
N VAL G 155 -12.94 -54.95 16.49
CA VAL G 155 -13.09 -55.13 17.93
C VAL G 155 -14.41 -54.46 18.25
N LYS G 156 -15.49 -55.26 18.24
CA LYS G 156 -16.84 -54.78 18.43
C LYS G 156 -17.42 -55.13 19.81
N ASP G 157 -18.11 -54.15 20.40
CA ASP G 157 -18.88 -54.17 21.65
C ASP G 157 -18.12 -54.66 22.89
N TYR G 158 -17.22 -53.83 23.44
CA TYR G 158 -16.50 -54.15 24.68
C TYR G 158 -16.69 -53.03 25.69
N PHE G 159 -16.37 -53.31 26.96
CA PHE G 159 -16.51 -52.35 28.05
C PHE G 159 -15.73 -52.81 29.28
N PRO G 160 -14.89 -51.93 29.88
CA PRO G 160 -14.62 -50.53 29.53
C PRO G 160 -13.31 -50.38 28.74
N GLU G 161 -12.84 -49.13 28.49
CA GLU G 161 -11.57 -48.87 27.82
C GLU G 161 -10.38 -49.34 28.70
N PRO G 162 -9.26 -49.86 28.17
CA PRO G 162 -8.83 -49.92 26.75
C PRO G 162 -8.76 -51.32 26.14
N VAL G 163 -8.26 -51.39 24.88
CA VAL G 163 -8.01 -52.61 24.10
C VAL G 163 -6.65 -52.46 23.37
N THR G 164 -5.77 -53.48 23.49
CA THR G 164 -4.46 -53.54 22.85
C THR G 164 -4.50 -54.52 21.67
N VAL G 165 -4.24 -54.04 20.44
CA VAL G 165 -4.26 -54.83 19.21
C VAL G 165 -2.90 -54.83 18.51
N SER G 166 -2.44 -56.04 18.16
CA SER G 166 -1.23 -56.34 17.42
C SER G 166 -1.58 -57.31 16.26
N TRP G 167 -0.58 -57.67 15.45
CA TRP G 167 -0.75 -58.55 14.29
C TRP G 167 0.41 -59.49 14.21
N ASN G 168 0.10 -60.79 14.17
CA ASN G 168 1.04 -61.92 14.12
C ASN G 168 2.02 -61.87 15.31
N SER G 169 1.47 -61.60 16.51
CA SER G 169 2.16 -61.46 17.80
C SER G 169 3.35 -60.47 17.72
N GLY G 170 3.07 -59.28 17.20
CA GLY G 170 4.05 -58.21 17.04
C GLY G 170 5.05 -58.39 15.93
N ALA G 171 4.63 -58.96 14.81
CA ALA G 171 5.52 -59.15 13.65
C ALA G 171 5.15 -58.18 12.51
N LEU G 172 4.21 -57.25 12.78
CA LEU G 172 3.76 -56.25 11.81
C LEU G 172 3.80 -54.81 12.32
N THR G 173 4.31 -53.91 11.47
CA THR G 173 4.39 -52.48 11.77
C THR G 173 3.94 -51.66 10.58
N SER G 174 4.18 -52.19 9.37
CA SER G 174 3.82 -51.50 8.15
C SER G 174 2.33 -51.63 7.83
N GLY G 175 1.66 -50.48 7.79
CA GLY G 175 0.25 -50.36 7.49
C GLY G 175 -0.66 -50.53 8.68
N VAL G 176 -0.08 -50.92 9.84
CA VAL G 176 -0.87 -51.13 11.06
C VAL G 176 -1.41 -49.82 11.61
N HIS G 177 -2.71 -49.58 11.37
CA HIS G 177 -3.50 -48.45 11.85
C HIS G 177 -4.57 -48.96 12.82
N THR G 178 -4.32 -48.80 14.13
CA THR G 178 -5.27 -49.21 15.17
C THR G 178 -6.13 -47.99 15.45
N PHE G 179 -7.37 -47.99 14.89
CA PHE G 179 -8.29 -46.86 15.00
C PHE G 179 -8.82 -46.64 16.41
N PRO G 180 -9.06 -45.37 16.81
CA PRO G 180 -9.54 -45.12 18.18
C PRO G 180 -10.92 -45.75 18.46
N ALA G 181 -11.19 -45.98 19.75
CA ALA G 181 -12.42 -46.58 20.23
C ALA G 181 -13.57 -45.61 20.06
N VAL G 182 -14.74 -46.15 19.68
CA VAL G 182 -15.95 -45.37 19.49
C VAL G 182 -17.00 -45.96 20.41
N LEU G 183 -17.47 -45.20 21.43
CA LEU G 183 -18.54 -45.73 22.28
C LEU G 183 -19.81 -45.53 21.46
N GLN G 184 -20.36 -46.65 20.96
CA GLN G 184 -21.55 -46.64 20.11
C GLN G 184 -22.84 -46.26 20.90
N SER G 185 -24.01 -46.39 20.26
CA SER G 185 -25.30 -46.09 20.88
C SER G 185 -25.54 -47.06 22.04
N SER G 186 -25.84 -46.50 23.22
CA SER G 186 -26.10 -47.20 24.48
C SER G 186 -24.91 -48.04 24.93
N GLY G 187 -23.86 -47.34 25.37
CA GLY G 187 -22.61 -47.93 25.85
C GLY G 187 -21.88 -48.76 24.81
N LEU G 188 -20.87 -49.52 25.27
CA LEU G 188 -20.03 -50.44 24.49
C LEU G 188 -19.18 -49.81 23.40
N TYR G 189 -17.86 -49.82 23.64
CA TYR G 189 -16.87 -49.32 22.72
C TYR G 189 -16.63 -50.35 21.61
N SER G 190 -16.44 -49.86 20.38
CA SER G 190 -16.18 -50.64 19.18
C SER G 190 -15.21 -49.89 18.29
N LEU G 191 -14.11 -50.55 17.92
CA LEU G 191 -13.08 -50.01 17.03
C LEU G 191 -12.72 -51.04 15.95
N SER G 192 -11.73 -50.69 15.12
CA SER G 192 -11.24 -51.56 14.07
C SER G 192 -9.77 -51.29 13.78
N SER G 193 -8.98 -52.35 13.63
CA SER G 193 -7.57 -52.22 13.31
C SER G 193 -7.36 -52.80 11.93
N VAL G 194 -6.69 -52.02 11.06
CA VAL G 194 -6.41 -52.38 9.67
C VAL G 194 -4.88 -52.47 9.41
N VAL G 195 -4.51 -53.17 8.31
CA VAL G 195 -3.13 -53.39 7.82
C VAL G 195 -3.13 -53.46 6.28
N THR G 196 -2.16 -52.78 5.63
CA THR G 196 -2.03 -52.80 4.18
C THR G 196 -0.96 -53.81 3.81
N VAL G 197 -1.35 -54.81 3.02
CA VAL G 197 -0.51 -55.92 2.54
C VAL G 197 -0.57 -56.08 1.03
N PRO G 198 0.53 -56.50 0.37
CA PRO G 198 0.47 -56.74 -1.08
C PRO G 198 -0.41 -57.95 -1.38
N SER G 199 -0.89 -58.11 -2.63
CA SER G 199 -1.72 -59.25 -3.04
C SER G 199 -0.99 -60.60 -2.97
N SER G 200 0.36 -60.58 -2.94
CA SER G 200 1.23 -61.76 -2.80
C SER G 200 1.03 -62.40 -1.43
N SER G 201 0.77 -61.54 -0.42
CA SER G 201 0.54 -61.94 0.97
C SER G 201 -0.83 -62.60 1.14
N LEU G 202 -1.77 -62.35 0.18
CA LEU G 202 -3.11 -62.92 0.16
C LEU G 202 -3.12 -64.27 -0.57
N GLY G 203 -2.45 -65.23 0.06
CA GLY G 203 -2.29 -66.61 -0.40
C GLY G 203 -1.02 -67.27 0.10
N THR G 204 -0.16 -66.52 0.84
CA THR G 204 1.10 -67.04 1.38
C THR G 204 1.16 -66.91 2.88
N GLN G 205 0.90 -65.69 3.39
CA GLN G 205 0.96 -65.41 4.81
C GLN G 205 -0.41 -65.47 5.50
N THR G 206 -0.41 -66.05 6.72
CA THR G 206 -1.55 -66.18 7.63
C THR G 206 -1.58 -64.92 8.49
N TYR G 207 -2.72 -64.25 8.49
CA TYR G 207 -2.90 -63.03 9.26
C TYR G 207 -3.89 -63.22 10.38
N ILE G 208 -3.42 -62.94 11.60
CA ILE G 208 -4.20 -63.02 12.83
C ILE G 208 -4.03 -61.74 13.66
N CYS G 209 -5.10 -61.31 14.33
CA CYS G 209 -5.02 -60.11 15.14
C CYS G 209 -4.97 -60.45 16.59
N ASN G 210 -3.98 -59.86 17.26
CA ASN G 210 -3.74 -60.10 18.67
C ASN G 210 -4.45 -59.06 19.53
N VAL G 211 -5.75 -59.29 19.70
CA VAL G 211 -6.61 -58.44 20.50
C VAL G 211 -6.76 -58.98 21.94
N ASN G 212 -6.65 -58.06 22.91
CA ASN G 212 -6.81 -58.33 24.35
C ASN G 212 -7.52 -57.20 25.10
N HIS G 213 -8.42 -57.59 25.98
CA HIS G 213 -9.17 -56.68 26.80
C HIS G 213 -8.98 -57.18 28.22
N LYS G 214 -7.90 -56.71 28.89
CA LYS G 214 -7.60 -57.13 30.28
C LYS G 214 -8.74 -56.79 31.30
N PRO G 215 -9.58 -55.71 31.21
CA PRO G 215 -10.67 -55.57 32.20
C PRO G 215 -11.68 -56.74 32.23
N SER G 216 -11.79 -57.53 31.13
CA SER G 216 -12.64 -58.72 31.01
C SER G 216 -11.84 -60.01 30.85
N ASN G 217 -10.50 -59.89 30.67
CA ASN G 217 -9.51 -60.97 30.48
C ASN G 217 -9.83 -61.83 29.23
N THR G 218 -10.27 -61.18 28.14
CA THR G 218 -10.63 -61.86 26.90
C THR G 218 -9.52 -61.70 25.85
N LYS G 219 -8.67 -62.74 25.72
CA LYS G 219 -7.62 -62.75 24.71
C LYS G 219 -8.18 -63.50 23.51
N VAL G 220 -8.31 -62.81 22.36
CA VAL G 220 -8.87 -63.36 21.12
C VAL G 220 -7.86 -63.27 19.99
N ASP G 221 -7.84 -64.30 19.13
CA ASP G 221 -6.98 -64.37 17.95
C ASP G 221 -7.84 -64.85 16.78
N LYS G 222 -8.10 -63.95 15.80
CA LYS G 222 -8.98 -64.24 14.68
C LYS G 222 -8.28 -64.35 13.35
N ARG G 223 -8.58 -65.43 12.62
CA ARG G 223 -8.06 -65.74 11.28
C ARG G 223 -8.76 -64.87 10.24
N VAL G 224 -7.96 -64.11 9.45
CA VAL G 224 -8.44 -63.20 8.41
C VAL G 224 -8.01 -63.64 6.99
N GLU G 225 -9.02 -63.99 6.17
CA GLU G 225 -8.87 -64.42 4.78
C GLU G 225 -10.09 -64.00 3.93
N PRO G 226 -9.92 -63.63 2.63
CA PRO G 226 -11.08 -63.24 1.83
C PRO G 226 -12.05 -64.39 1.63
N ILE H 1 -34.33 -1.05 -51.42
CA ILE H 1 -33.63 -1.50 -50.21
C ILE H 1 -32.33 -2.25 -50.54
N VAL H 2 -31.20 -1.80 -49.96
CA VAL H 2 -29.86 -2.42 -50.09
C VAL H 2 -29.03 -2.17 -48.81
N LEU H 3 -28.45 -3.27 -48.25
CA LEU H 3 -27.56 -3.27 -47.08
C LEU H 3 -26.15 -3.66 -47.55
N THR H 4 -25.15 -2.80 -47.31
CA THR H 4 -23.74 -3.05 -47.68
C THR H 4 -22.89 -3.21 -46.42
N GLN H 5 -22.33 -4.41 -46.23
CA GLN H 5 -21.49 -4.69 -45.07
C GLN H 5 -20.01 -4.61 -45.47
N SER H 6 -19.25 -3.73 -44.81
CA SER H 6 -17.83 -3.54 -45.09
C SER H 6 -17.00 -3.72 -43.81
N PRO H 7 -15.76 -4.26 -43.87
CA PRO H 7 -15.03 -4.78 -45.04
C PRO H 7 -15.47 -6.19 -45.45
N GLY H 8 -14.79 -6.77 -46.45
CA GLY H 8 -15.09 -8.10 -46.95
C GLY H 8 -14.58 -9.19 -46.02
N THR H 9 -13.30 -9.07 -45.61
CA THR H 9 -12.60 -9.99 -44.71
C THR H 9 -11.84 -9.17 -43.67
N LEU H 10 -11.98 -9.55 -42.40
CA LEU H 10 -11.32 -8.85 -41.30
C LEU H 10 -10.42 -9.82 -40.52
N SER H 11 -9.10 -9.79 -40.81
CA SER H 11 -8.09 -10.63 -40.16
C SER H 11 -7.43 -9.87 -39.04
N LEU H 12 -7.88 -10.13 -37.81
CA LEU H 12 -7.37 -9.45 -36.62
C LEU H 12 -6.90 -10.40 -35.54
N SER H 13 -5.92 -9.92 -34.76
CA SER H 13 -5.29 -10.64 -33.66
C SER H 13 -6.19 -10.69 -32.40
N PRO H 14 -6.15 -11.79 -31.61
CA PRO H 14 -7.00 -11.86 -30.40
C PRO H 14 -6.63 -10.80 -29.36
N GLY H 15 -7.64 -10.17 -28.80
CA GLY H 15 -7.48 -9.08 -27.85
C GLY H 15 -7.72 -7.73 -28.48
N GLU H 16 -7.32 -7.58 -29.78
CA GLU H 16 -7.50 -6.37 -30.61
C GLU H 16 -8.97 -6.25 -31.02
N THR H 17 -9.57 -5.06 -30.83
CA THR H 17 -10.98 -4.77 -31.14
C THR H 17 -11.28 -4.78 -32.65
N ALA H 18 -12.42 -5.39 -33.01
CA ALA H 18 -12.90 -5.53 -34.39
C ALA H 18 -14.14 -4.64 -34.59
N THR H 19 -14.17 -3.85 -35.67
CA THR H 19 -15.28 -2.94 -36.00
C THR H 19 -15.84 -3.26 -37.39
N LEU H 20 -17.12 -3.62 -37.44
CA LEU H 20 -17.82 -3.97 -38.68
C LEU H 20 -18.84 -2.89 -39.00
N SER H 21 -18.78 -2.34 -40.21
CA SER H 21 -19.73 -1.31 -40.63
C SER H 21 -20.78 -1.93 -41.52
N CYS H 22 -22.02 -1.40 -41.45
CA CYS H 22 -23.16 -1.82 -42.25
C CYS H 22 -23.94 -0.58 -42.62
N ARG H 23 -23.81 -0.16 -43.88
CA ARG H 23 -24.48 1.02 -44.42
C ARG H 23 -25.80 0.64 -45.10
N ALA H 24 -26.86 1.44 -44.86
CA ALA H 24 -28.17 1.25 -45.47
C ALA H 24 -28.33 2.23 -46.61
N SER H 25 -29.04 1.83 -47.69
CA SER H 25 -29.31 2.67 -48.86
C SER H 25 -30.32 3.76 -48.50
N GLN H 26 -31.45 3.35 -47.89
CA GLN H 26 -32.52 4.21 -47.43
C GLN H 26 -32.34 4.46 -45.94
N SER H 27 -32.60 5.70 -45.46
CA SER H 27 -32.48 6.07 -44.05
C SER H 27 -33.59 5.30 -43.34
N VAL H 28 -33.21 4.16 -42.75
CA VAL H 28 -34.13 3.23 -42.12
C VAL H 28 -34.37 3.51 -40.62
N SER H 29 -35.12 2.59 -39.97
CA SER H 29 -35.55 2.66 -38.57
C SER H 29 -34.71 1.84 -37.57
N SER H 30 -34.75 2.29 -36.31
CA SER H 30 -34.05 1.75 -35.12
C SER H 30 -34.64 0.43 -34.61
N SER H 31 -35.98 0.27 -34.76
CA SER H 31 -36.75 -0.88 -34.31
C SER H 31 -36.19 -2.22 -34.75
N TYR H 32 -36.20 -2.51 -36.06
CA TYR H 32 -35.68 -3.79 -36.57
C TYR H 32 -34.34 -3.68 -37.28
N LEU H 33 -33.32 -4.18 -36.60
CA LEU H 33 -31.93 -4.31 -37.04
C LEU H 33 -31.30 -5.32 -36.10
N ALA H 34 -30.76 -6.39 -36.67
CA ALA H 34 -30.17 -7.44 -35.87
C ALA H 34 -28.88 -7.90 -36.46
N TRP H 35 -27.94 -8.20 -35.57
CA TRP H 35 -26.62 -8.67 -35.95
C TRP H 35 -26.56 -10.16 -35.65
N TYR H 36 -25.89 -10.93 -36.52
CA TYR H 36 -25.78 -12.38 -36.40
C TYR H 36 -24.36 -12.92 -36.43
N GLN H 37 -24.20 -14.14 -35.90
CA GLN H 37 -22.91 -14.84 -35.82
C GLN H 37 -23.08 -16.27 -36.26
N GLN H 38 -22.51 -16.59 -37.42
CA GLN H 38 -22.59 -17.95 -37.92
C GLN H 38 -21.21 -18.60 -37.92
N LYS H 39 -20.98 -19.41 -36.88
CA LYS H 39 -19.73 -20.16 -36.70
C LYS H 39 -19.66 -21.29 -37.75
N PRO H 40 -18.46 -21.63 -38.25
CA PRO H 40 -18.36 -22.64 -39.34
C PRO H 40 -19.11 -23.96 -39.10
N GLY H 41 -20.00 -24.29 -40.04
CA GLY H 41 -20.82 -25.49 -40.00
C GLY H 41 -21.79 -25.52 -38.84
N GLN H 42 -22.44 -24.37 -38.56
CA GLN H 42 -23.39 -24.18 -37.47
C GLN H 42 -24.53 -23.24 -37.91
N ALA H 43 -25.62 -23.18 -37.11
CA ALA H 43 -26.77 -22.30 -37.32
C ALA H 43 -26.44 -20.88 -36.80
N PRO H 44 -26.82 -19.79 -37.52
CA PRO H 44 -26.50 -18.45 -37.02
C PRO H 44 -27.26 -18.13 -35.74
N ARG H 45 -26.65 -17.31 -34.90
CA ARG H 45 -27.28 -16.91 -33.64
C ARG H 45 -27.43 -15.41 -33.57
N LEU H 46 -28.45 -14.95 -32.84
CA LEU H 46 -28.71 -13.54 -32.64
C LEU H 46 -27.67 -12.94 -31.70
N LEU H 47 -27.02 -11.86 -32.14
CA LEU H 47 -26.01 -11.18 -31.34
C LEU H 47 -26.64 -9.95 -30.67
N ILE H 48 -27.17 -9.02 -31.50
CA ILE H 48 -27.80 -7.77 -31.11
C ILE H 48 -29.23 -7.73 -31.67
N TYR H 49 -30.12 -7.02 -30.97
CA TYR H 49 -31.51 -6.78 -31.34
C TYR H 49 -31.81 -5.28 -31.24
N GLY H 50 -32.44 -4.75 -32.28
CA GLY H 50 -32.76 -3.33 -32.40
C GLY H 50 -31.52 -2.45 -32.51
N ALA H 51 -30.43 -3.01 -33.10
CA ALA H 51 -29.10 -2.41 -33.35
C ALA H 51 -28.34 -1.93 -32.09
N SER H 52 -28.91 -2.06 -30.88
CA SER H 52 -28.29 -1.61 -29.63
C SER H 52 -28.14 -2.70 -28.54
N GLY H 53 -29.25 -3.34 -28.15
CA GLY H 53 -29.27 -4.35 -27.10
C GLY H 53 -28.68 -5.71 -27.44
N ARG H 54 -27.81 -6.23 -26.55
CA ARG H 54 -27.15 -7.53 -26.68
C ARG H 54 -28.14 -8.65 -26.36
N ALA H 55 -28.21 -9.68 -27.23
CA ALA H 55 -29.12 -10.82 -27.10
C ALA H 55 -28.86 -11.66 -25.84
N THR H 56 -29.77 -12.63 -25.56
CA THR H 56 -29.73 -13.52 -24.40
C THR H 56 -28.51 -14.47 -24.48
N GLY H 57 -27.67 -14.40 -23.45
CA GLY H 57 -26.45 -15.20 -23.32
C GLY H 57 -25.26 -14.72 -24.12
N ILE H 58 -25.35 -13.50 -24.70
CA ILE H 58 -24.29 -12.88 -25.52
C ILE H 58 -23.39 -11.96 -24.64
N PRO H 59 -22.04 -12.13 -24.68
CA PRO H 59 -21.16 -11.30 -23.82
C PRO H 59 -21.21 -9.81 -24.15
N ASP H 60 -20.80 -8.97 -23.17
CA ASP H 60 -20.83 -7.53 -23.32
C ASP H 60 -19.65 -6.96 -24.14
N ARG H 61 -18.71 -7.83 -24.60
CA ARG H 61 -17.60 -7.39 -25.46
C ARG H 61 -18.13 -7.04 -26.85
N PHE H 62 -19.24 -7.70 -27.22
CA PHE H 62 -20.02 -7.49 -28.44
C PHE H 62 -20.89 -6.28 -28.18
N SER H 63 -20.75 -5.23 -28.99
CA SER H 63 -21.54 -4.02 -28.80
C SER H 63 -22.15 -3.51 -30.09
N GLY H 64 -23.47 -3.36 -30.04
CA GLY H 64 -24.24 -2.82 -31.16
C GLY H 64 -24.32 -1.32 -31.04
N SER H 65 -24.13 -0.63 -32.17
CA SER H 65 -24.18 0.84 -32.27
C SER H 65 -24.63 1.31 -33.65
N GLY H 66 -25.01 2.59 -33.73
CA GLY H 66 -25.42 3.22 -34.97
C GLY H 66 -26.85 3.73 -34.99
N SER H 67 -27.09 4.66 -35.95
CA SER H 67 -28.37 5.34 -36.24
C SER H 67 -28.33 5.87 -37.68
N GLY H 68 -29.47 5.75 -38.38
CA GLY H 68 -29.66 6.22 -39.74
C GLY H 68 -29.27 5.23 -40.81
N THR H 69 -28.07 5.40 -41.39
CA THR H 69 -27.51 4.52 -42.43
C THR H 69 -26.36 3.70 -41.88
N ASP H 70 -25.40 4.35 -41.21
CA ASP H 70 -24.27 3.63 -40.67
C ASP H 70 -24.57 3.00 -39.33
N PHE H 71 -24.37 1.68 -39.26
CA PHE H 71 -24.55 0.84 -38.08
C PHE H 71 -23.29 0.02 -37.89
N THR H 72 -22.76 0.02 -36.66
CA THR H 72 -21.50 -0.63 -36.32
C THR H 72 -21.63 -1.67 -35.20
N LEU H 73 -20.93 -2.81 -35.41
CA LEU H 73 -20.77 -3.92 -34.47
C LEU H 73 -19.30 -3.93 -34.06
N THR H 74 -19.07 -3.67 -32.76
CA THR H 74 -17.74 -3.60 -32.16
C THR H 74 -17.53 -4.77 -31.18
N ILE H 75 -16.50 -5.60 -31.47
CA ILE H 75 -16.13 -6.73 -30.62
C ILE H 75 -14.75 -6.41 -30.04
N SER H 76 -14.69 -6.09 -28.72
CA SER H 76 -13.45 -5.70 -28.05
C SER H 76 -12.42 -6.86 -27.91
N ARG H 77 -12.35 -7.52 -26.72
CA ARG H 77 -11.35 -8.54 -26.41
C ARG H 77 -11.62 -9.88 -27.12
N LEU H 78 -11.14 -9.95 -28.37
CA LEU H 78 -11.25 -11.11 -29.26
C LEU H 78 -10.50 -12.31 -28.74
N GLU H 79 -10.96 -13.50 -29.12
CA GLU H 79 -10.42 -14.81 -28.75
C GLU H 79 -10.47 -15.72 -30.01
N PRO H 80 -9.75 -16.88 -30.07
CA PRO H 80 -9.81 -17.71 -31.29
C PRO H 80 -11.18 -18.32 -31.59
N GLU H 81 -12.06 -18.40 -30.56
CA GLU H 81 -13.42 -18.94 -30.63
C GLU H 81 -14.47 -17.91 -31.07
N ASP H 82 -14.02 -16.73 -31.52
CA ASP H 82 -14.87 -15.64 -32.00
C ASP H 82 -14.80 -15.56 -33.53
N PHE H 83 -14.21 -16.61 -34.16
CA PHE H 83 -14.09 -16.75 -35.62
C PHE H 83 -15.44 -17.17 -36.22
N ALA H 84 -16.06 -16.28 -37.02
CA ALA H 84 -17.36 -16.51 -37.67
C ALA H 84 -17.66 -15.51 -38.78
N VAL H 85 -18.86 -15.63 -39.34
CA VAL H 85 -19.39 -14.77 -40.39
C VAL H 85 -20.43 -13.91 -39.71
N TYR H 86 -20.36 -12.59 -39.95
CA TYR H 86 -21.29 -11.65 -39.31
C TYR H 86 -22.22 -11.02 -40.34
N TYR H 87 -23.52 -10.90 -40.01
CA TYR H 87 -24.52 -10.32 -40.91
C TYR H 87 -25.39 -9.31 -40.20
N CYS H 88 -25.80 -8.26 -40.93
CA CYS H 88 -26.71 -7.22 -40.47
C CYS H 88 -28.00 -7.36 -41.25
N GLN H 89 -29.14 -7.18 -40.60
CA GLN H 89 -30.40 -7.36 -41.31
C GLN H 89 -31.43 -6.32 -40.92
N GLN H 90 -32.62 -6.43 -41.53
CA GLN H 90 -33.83 -5.65 -41.28
C GLN H 90 -34.83 -5.70 -42.45
N TYR H 91 -36.05 -5.29 -42.17
CA TYR H 91 -37.15 -5.26 -43.11
C TYR H 91 -37.27 -3.82 -43.60
N GLY H 92 -37.12 -3.63 -44.90
CA GLY H 92 -37.21 -2.34 -45.55
C GLY H 92 -37.62 -2.53 -46.99
N ARG H 93 -38.52 -1.65 -47.50
CA ARG H 93 -39.09 -1.69 -48.86
C ARG H 93 -39.80 -3.06 -49.13
N SER H 94 -40.30 -3.67 -48.03
CA SER H 94 -41.01 -4.94 -47.88
C SER H 94 -40.20 -6.17 -48.38
N GLY H 95 -39.64 -6.85 -47.38
CA GLY H 95 -38.78 -8.02 -47.48
C GLY H 95 -37.65 -7.89 -46.47
N TYR H 96 -37.42 -8.95 -45.69
CA TYR H 96 -36.34 -8.95 -44.70
C TYR H 96 -34.97 -9.15 -45.40
N THR H 97 -34.34 -8.07 -45.93
CA THR H 97 -33.02 -8.14 -46.59
C THR H 97 -31.90 -8.27 -45.54
N PHE H 98 -30.89 -9.08 -45.87
CA PHE H 98 -29.73 -9.34 -45.03
C PHE H 98 -28.48 -8.73 -45.67
N GLY H 99 -27.40 -8.72 -44.90
CA GLY H 99 -26.13 -8.14 -45.31
C GLY H 99 -25.27 -9.05 -46.15
N GLN H 100 -24.20 -8.46 -46.67
CA GLN H 100 -23.18 -9.13 -47.49
C GLN H 100 -22.45 -10.19 -46.64
N GLY H 101 -21.90 -9.75 -45.52
CA GLY H 101 -21.15 -10.61 -44.60
C GLY H 101 -19.67 -10.34 -44.57
N THR H 102 -19.05 -10.46 -43.37
CA THR H 102 -17.62 -10.27 -43.13
C THR H 102 -17.09 -11.47 -42.35
N LYS H 103 -16.15 -12.21 -42.96
CA LYS H 103 -15.53 -13.35 -42.29
C LYS H 103 -14.36 -12.86 -41.46
N LEU H 104 -14.50 -12.99 -40.15
CA LEU H 104 -13.49 -12.53 -39.20
C LEU H 104 -12.45 -13.62 -38.94
N GLU H 105 -11.21 -13.42 -39.45
CA GLU H 105 -10.13 -14.38 -39.28
C GLU H 105 -9.33 -14.04 -38.00
N ILE H 106 -9.31 -14.95 -37.00
CA ILE H 106 -8.55 -14.73 -35.77
C ILE H 106 -7.09 -15.12 -36.02
N LYS H 107 -6.20 -14.13 -35.96
CA LYS H 107 -4.77 -14.31 -36.23
C LYS H 107 -4.05 -15.07 -35.15
N ARG H 108 -2.89 -15.62 -35.53
CA ARG H 108 -1.96 -16.39 -34.69
C ARG H 108 -0.57 -16.37 -35.34
N THR H 109 0.42 -17.04 -34.70
CA THR H 109 1.78 -17.15 -35.22
C THR H 109 1.74 -18.01 -36.49
N VAL H 110 2.50 -17.59 -37.52
CA VAL H 110 2.59 -18.27 -38.82
C VAL H 110 3.13 -19.69 -38.59
N ALA H 111 2.22 -20.67 -38.69
CA ALA H 111 2.49 -22.09 -38.44
C ALA H 111 2.76 -22.89 -39.72
N ALA H 112 3.74 -23.81 -39.62
CA ALA H 112 4.18 -24.68 -40.71
C ALA H 112 3.25 -25.89 -40.91
N PRO H 113 2.94 -26.24 -42.17
CA PRO H 113 2.06 -27.41 -42.39
C PRO H 113 2.74 -28.77 -42.22
N SER H 114 2.00 -29.75 -41.69
CA SER H 114 2.45 -31.13 -41.52
C SER H 114 1.95 -31.86 -42.77
N VAL H 115 2.82 -31.95 -43.81
CA VAL H 115 2.49 -32.54 -45.12
C VAL H 115 2.60 -34.07 -45.14
N PHE H 116 1.54 -34.75 -45.58
CA PHE H 116 1.45 -36.22 -45.71
C PHE H 116 0.91 -36.54 -47.08
N ILE H 117 1.46 -37.55 -47.77
CA ILE H 117 0.98 -37.98 -49.10
C ILE H 117 0.30 -39.38 -49.01
N PHE H 118 -0.78 -39.60 -49.78
CA PHE H 118 -1.52 -40.85 -49.80
C PHE H 118 -1.65 -41.41 -51.23
N PRO H 119 -1.14 -42.64 -51.48
CA PRO H 119 -1.27 -43.23 -52.83
C PRO H 119 -2.72 -43.68 -53.08
N PRO H 120 -3.11 -44.03 -54.33
CA PRO H 120 -4.49 -44.52 -54.54
C PRO H 120 -4.76 -45.86 -53.88
N SER H 121 -5.99 -46.07 -53.34
CA SER H 121 -6.38 -47.31 -52.65
C SER H 121 -6.41 -48.53 -53.60
N ASP H 122 -6.22 -49.75 -53.04
CA ASP H 122 -6.19 -51.04 -53.76
C ASP H 122 -7.47 -51.33 -54.53
N GLU H 123 -8.63 -51.00 -53.91
CA GLU H 123 -9.98 -51.16 -54.47
C GLU H 123 -10.17 -50.22 -55.65
N GLN H 124 -9.62 -49.00 -55.55
CA GLN H 124 -9.68 -48.00 -56.61
C GLN H 124 -8.82 -48.42 -57.80
N LEU H 125 -7.63 -49.00 -57.55
CA LEU H 125 -6.71 -49.41 -58.61
C LEU H 125 -7.30 -50.51 -59.50
N LYS H 126 -8.13 -51.39 -58.92
CA LYS H 126 -8.83 -52.47 -59.62
C LYS H 126 -9.99 -51.94 -60.47
N SER H 127 -10.59 -50.81 -60.08
CA SER H 127 -11.72 -50.20 -60.78
C SER H 127 -11.32 -49.20 -61.91
N GLY H 128 -10.06 -49.25 -62.33
CA GLY H 128 -9.54 -48.41 -63.40
C GLY H 128 -9.36 -46.93 -63.10
N THR H 129 -9.36 -46.54 -61.81
CA THR H 129 -9.17 -45.14 -61.38
C THR H 129 -8.01 -45.08 -60.40
N ALA H 130 -7.31 -43.95 -60.34
CA ALA H 130 -6.18 -43.77 -59.44
C ALA H 130 -6.16 -42.32 -58.94
N SER H 131 -6.40 -42.14 -57.62
CA SER H 131 -6.43 -40.84 -56.97
C SER H 131 -5.36 -40.69 -55.89
N VAL H 132 -4.44 -39.75 -56.12
CA VAL H 132 -3.37 -39.45 -55.19
C VAL H 132 -3.84 -38.24 -54.39
N VAL H 133 -3.90 -38.39 -53.07
CA VAL H 133 -4.36 -37.34 -52.16
C VAL H 133 -3.19 -36.84 -51.31
N CYS H 134 -2.97 -35.52 -51.32
CA CYS H 134 -1.93 -34.85 -50.55
C CYS H 134 -2.58 -34.03 -49.44
N LEU H 135 -2.29 -34.42 -48.20
CA LEU H 135 -2.81 -33.78 -47.00
C LEU H 135 -1.77 -32.79 -46.48
N LEU H 136 -2.24 -31.61 -46.05
CA LEU H 136 -1.42 -30.53 -45.50
C LEU H 136 -2.09 -30.14 -44.19
N ASN H 137 -1.70 -30.80 -43.09
CA ASN H 137 -2.33 -30.60 -41.79
C ASN H 137 -1.86 -29.39 -41.00
N ASN H 138 -2.84 -28.79 -40.29
CA ASN H 138 -2.86 -27.64 -39.36
C ASN H 138 -1.71 -26.63 -39.54
N PHE H 139 -2.00 -25.53 -40.26
CA PHE H 139 -1.06 -24.45 -40.59
C PHE H 139 -1.75 -23.07 -40.63
N TYR H 140 -0.96 -22.00 -40.54
CA TYR H 140 -1.49 -20.64 -40.62
C TYR H 140 -0.52 -19.82 -41.43
N PRO H 141 -0.97 -18.93 -42.34
CA PRO H 141 -2.35 -18.59 -42.72
C PRO H 141 -2.89 -19.53 -43.79
N ARG H 142 -4.14 -19.32 -44.24
CA ARG H 142 -4.80 -20.13 -45.26
C ARG H 142 -4.03 -20.16 -46.59
N GLU H 143 -3.43 -19.03 -46.96
CA GLU H 143 -2.66 -18.81 -48.17
C GLU H 143 -1.50 -19.81 -48.32
N ALA H 144 -1.78 -20.94 -49.03
CA ALA H 144 -0.80 -22.00 -49.29
C ALA H 144 -0.80 -22.45 -50.75
N LYS H 145 0.40 -22.68 -51.31
CA LYS H 145 0.63 -23.08 -52.70
C LYS H 145 0.97 -24.57 -52.82
N VAL H 146 0.17 -25.33 -53.60
CA VAL H 146 0.39 -26.78 -53.84
C VAL H 146 0.26 -27.15 -55.34
N GLN H 147 1.23 -27.94 -55.84
CA GLN H 147 1.32 -28.40 -57.22
C GLN H 147 1.69 -29.89 -57.28
N TRP H 148 1.25 -30.61 -58.34
CA TRP H 148 1.56 -32.03 -58.51
C TRP H 148 2.68 -32.24 -59.53
N LYS H 149 3.62 -33.16 -59.25
CA LYS H 149 4.72 -33.48 -60.17
C LYS H 149 4.76 -34.98 -60.48
N VAL H 150 4.40 -35.33 -61.73
CA VAL H 150 4.35 -36.70 -62.24
C VAL H 150 5.62 -36.93 -63.08
N ASP H 151 6.63 -37.60 -62.47
CA ASP H 151 7.95 -37.89 -63.06
C ASP H 151 8.60 -36.56 -63.50
N ASN H 152 8.51 -35.55 -62.61
CA ASN H 152 8.99 -34.16 -62.75
C ASN H 152 8.31 -33.42 -63.94
N ALA H 153 6.97 -33.38 -63.92
CA ALA H 153 6.12 -32.73 -64.91
C ALA H 153 4.80 -32.39 -64.23
N LEU H 154 4.40 -31.10 -64.24
CA LEU H 154 3.17 -30.65 -63.59
C LEU H 154 1.91 -31.15 -64.29
N GLN H 155 0.94 -31.63 -63.48
CA GLN H 155 -0.35 -32.14 -63.94
C GLN H 155 -1.46 -31.27 -63.38
N SER H 156 -2.31 -30.73 -64.28
CA SER H 156 -3.44 -29.87 -63.95
C SER H 156 -4.73 -30.32 -64.67
N GLY H 157 -5.86 -29.77 -64.24
CA GLY H 157 -7.19 -30.05 -64.80
C GLY H 157 -7.89 -31.26 -64.21
N ASN H 158 -7.19 -32.04 -63.35
CA ASN H 158 -7.70 -33.25 -62.69
C ASN H 158 -7.66 -33.13 -61.18
N SER H 159 -6.62 -32.41 -60.66
CA SER H 159 -6.36 -32.14 -59.25
C SER H 159 -7.26 -31.07 -58.65
N GLN H 160 -8.11 -31.48 -57.69
CA GLN H 160 -9.05 -30.58 -57.00
C GLN H 160 -8.66 -30.42 -55.53
N GLU H 161 -8.49 -29.15 -55.11
CA GLU H 161 -8.11 -28.76 -53.75
C GLU H 161 -9.34 -28.45 -52.89
N SER H 162 -9.31 -28.89 -51.63
CA SER H 162 -10.34 -28.69 -50.60
C SER H 162 -9.69 -28.11 -49.34
N VAL H 163 -10.26 -27.04 -48.80
CA VAL H 163 -9.75 -26.39 -47.60
C VAL H 163 -10.84 -26.24 -46.54
N THR H 164 -10.51 -26.60 -45.30
CA THR H 164 -11.42 -26.45 -44.16
C THR H 164 -11.31 -25.01 -43.66
N GLU H 165 -12.29 -24.55 -42.88
CA GLU H 165 -12.22 -23.23 -42.30
C GLU H 165 -11.33 -23.28 -41.07
N GLN H 166 -10.98 -22.12 -40.51
CA GLN H 166 -10.10 -22.00 -39.34
C GLN H 166 -10.65 -22.80 -38.15
N ASP H 167 -9.90 -23.83 -37.73
CA ASP H 167 -10.29 -24.66 -36.59
C ASP H 167 -10.09 -23.82 -35.34
N SER H 168 -11.17 -23.20 -34.83
CA SER H 168 -11.16 -22.29 -33.68
C SER H 168 -10.49 -22.88 -32.39
N LYS H 169 -10.19 -24.19 -32.37
CA LYS H 169 -9.52 -24.88 -31.26
C LYS H 169 -8.01 -24.53 -31.20
N ASP H 170 -7.40 -24.23 -32.36
CA ASP H 170 -5.98 -23.87 -32.46
C ASP H 170 -5.67 -22.79 -33.55
N SER H 171 -6.72 -22.26 -34.21
CA SER H 171 -6.69 -21.25 -35.30
C SER H 171 -5.87 -21.69 -36.52
N THR H 172 -6.07 -22.94 -36.99
CA THR H 172 -5.32 -23.47 -38.14
C THR H 172 -6.20 -24.03 -39.26
N TYR H 173 -5.71 -23.88 -40.51
CA TYR H 173 -6.36 -24.36 -41.75
C TYR H 173 -5.74 -25.71 -42.16
N SER H 174 -6.37 -26.42 -43.10
CA SER H 174 -5.90 -27.70 -43.59
C SER H 174 -6.28 -27.86 -45.05
N LEU H 175 -5.43 -28.53 -45.83
CA LEU H 175 -5.64 -28.74 -47.27
C LEU H 175 -5.61 -30.21 -47.68
N SER H 176 -6.32 -30.53 -48.77
CA SER H 176 -6.39 -31.85 -49.38
C SER H 176 -6.59 -31.74 -50.88
N SER H 177 -5.50 -31.90 -51.63
CA SER H 177 -5.55 -31.90 -53.09
C SER H 177 -5.75 -33.35 -53.56
N THR H 178 -6.57 -33.58 -54.59
CA THR H 178 -6.84 -34.92 -55.10
C THR H 178 -6.56 -35.02 -56.60
N LEU H 179 -5.40 -35.58 -56.96
CA LEU H 179 -5.02 -35.79 -58.35
C LEU H 179 -5.66 -37.09 -58.81
N THR H 180 -6.48 -37.04 -59.87
CA THR H 180 -7.14 -38.24 -60.41
C THR H 180 -6.60 -38.59 -61.81
N LEU H 181 -6.30 -39.87 -62.05
CA LEU H 181 -5.84 -40.40 -63.35
C LEU H 181 -6.40 -41.80 -63.55
N SER H 182 -6.30 -42.35 -64.77
CA SER H 182 -6.77 -43.71 -65.06
C SER H 182 -5.72 -44.74 -64.59
N LYS H 183 -6.03 -46.05 -64.72
CA LYS H 183 -5.13 -47.16 -64.36
C LYS H 183 -3.90 -47.15 -65.29
N ALA H 184 -4.10 -46.93 -66.61
CA ALA H 184 -3.05 -46.86 -67.62
C ALA H 184 -2.06 -45.72 -67.36
N ASP H 185 -2.59 -44.57 -66.87
CA ASP H 185 -1.79 -43.39 -66.52
C ASP H 185 -0.98 -43.59 -65.22
N TYR H 186 -1.50 -44.44 -64.32
CA TYR H 186 -0.83 -44.77 -63.07
C TYR H 186 0.37 -45.70 -63.32
N GLU H 187 0.22 -46.64 -64.28
CA GLU H 187 1.24 -47.62 -64.65
C GLU H 187 2.40 -47.00 -65.40
N LYS H 188 2.12 -46.04 -66.31
CA LYS H 188 3.13 -45.41 -67.17
C LYS H 188 4.13 -44.49 -66.43
N HIS H 189 3.84 -44.07 -65.20
CA HIS H 189 4.78 -43.25 -64.42
C HIS H 189 5.16 -43.95 -63.12
N LYS H 190 6.32 -43.61 -62.52
CA LYS H 190 6.74 -44.29 -61.30
C LYS H 190 6.82 -43.41 -60.05
N VAL H 191 7.35 -42.16 -60.13
CA VAL H 191 7.45 -41.27 -58.96
C VAL H 191 6.45 -40.09 -59.06
N TYR H 192 5.55 -40.02 -58.06
CA TYR H 192 4.52 -38.98 -57.94
C TYR H 192 4.80 -38.08 -56.73
N ALA H 193 5.07 -36.80 -57.01
CA ALA H 193 5.41 -35.79 -56.01
C ALA H 193 4.34 -34.76 -55.74
N CYS H 194 4.36 -34.22 -54.51
CA CYS H 194 3.47 -33.19 -54.02
C CYS H 194 4.31 -31.95 -53.62
N GLU H 195 4.39 -30.95 -54.53
CA GLU H 195 5.12 -29.69 -54.31
C GLU H 195 4.34 -28.77 -53.40
N VAL H 196 4.89 -28.48 -52.21
CA VAL H 196 4.26 -27.63 -51.19
C VAL H 196 5.08 -26.35 -50.97
N THR H 197 4.43 -25.17 -51.09
CA THR H 197 5.05 -23.86 -50.87
C THR H 197 4.18 -23.06 -49.92
N HIS H 198 4.76 -22.67 -48.76
CA HIS H 198 4.09 -21.93 -47.69
C HIS H 198 5.07 -20.99 -46.95
N GLN H 199 4.54 -19.96 -46.24
CA GLN H 199 5.33 -18.98 -45.47
C GLN H 199 5.95 -19.62 -44.24
N GLY H 200 5.19 -20.48 -43.56
CA GLY H 200 5.60 -21.23 -42.38
C GLY H 200 6.79 -22.13 -42.64
N LEU H 201 6.75 -22.88 -43.76
CA LEU H 201 7.85 -23.74 -44.18
C LEU H 201 8.62 -23.06 -45.29
N SER H 202 9.64 -22.28 -44.90
CA SER H 202 10.52 -21.48 -45.74
C SER H 202 11.08 -22.26 -46.93
N SER H 203 11.54 -23.49 -46.70
CA SER H 203 12.05 -24.34 -47.76
C SER H 203 10.86 -25.06 -48.43
N PRO H 204 10.68 -24.97 -49.77
CA PRO H 204 9.55 -25.68 -50.41
C PRO H 204 9.77 -27.21 -50.40
N VAL H 205 9.05 -27.91 -49.50
CA VAL H 205 9.14 -29.35 -49.30
C VAL H 205 8.34 -30.10 -50.36
N THR H 206 8.94 -31.16 -50.95
CA THR H 206 8.31 -32.02 -51.96
C THR H 206 8.31 -33.43 -51.42
N LYS H 207 7.14 -33.88 -50.98
CA LYS H 207 6.99 -35.23 -50.46
C LYS H 207 6.45 -36.12 -51.57
N SER H 208 7.24 -37.13 -51.96
CA SER H 208 6.92 -38.07 -53.04
C SER H 208 6.90 -39.54 -52.64
N PHE H 209 6.28 -40.37 -53.49
CA PHE H 209 6.19 -41.82 -53.35
C PHE H 209 6.51 -42.53 -54.67
N ASN H 210 6.77 -43.84 -54.60
CA ASN H 210 7.10 -44.65 -55.76
C ASN H 210 5.98 -45.67 -56.03
N ARG H 211 5.86 -46.09 -57.30
CA ARG H 211 4.86 -47.06 -57.77
C ARG H 211 4.85 -48.39 -56.96
N GLY H 212 6.00 -48.72 -56.36
CA GLY H 212 6.18 -49.92 -55.55
C GLY H 212 5.88 -49.76 -54.06
N GLU H 213 5.59 -50.90 -53.38
CA GLU H 213 5.26 -51.00 -51.94
C GLU H 213 6.34 -51.76 -51.16
N VAL I 1 -35.45 -23.95 -26.45
CA VAL I 1 -36.35 -23.81 -27.59
C VAL I 1 -35.60 -24.18 -28.90
N GLN I 2 -35.47 -25.49 -29.15
CA GLN I 2 -34.77 -26.01 -30.32
C GLN I 2 -35.64 -26.07 -31.56
N LEU I 3 -35.00 -26.07 -32.73
CA LEU I 3 -35.69 -26.17 -34.02
C LEU I 3 -35.07 -27.23 -34.91
N GLN I 4 -35.91 -28.10 -35.47
CA GLN I 4 -35.52 -29.22 -36.33
C GLN I 4 -36.17 -29.13 -37.70
N GLU I 5 -35.35 -29.28 -38.74
CA GLU I 5 -35.81 -29.26 -40.13
C GLU I 5 -35.86 -30.66 -40.71
N SER I 6 -36.95 -30.98 -41.42
CA SER I 6 -37.15 -32.28 -42.03
C SER I 6 -37.79 -32.16 -43.41
N GLY I 7 -37.04 -32.57 -44.42
CA GLY I 7 -37.49 -32.53 -45.80
C GLY I 7 -36.55 -33.22 -46.77
N PRO I 8 -36.97 -33.35 -48.07
CA PRO I 8 -36.11 -34.03 -49.04
C PRO I 8 -34.81 -33.29 -49.36
N GLY I 9 -33.76 -34.08 -49.53
CA GLY I 9 -32.42 -33.59 -49.86
C GLY I 9 -32.37 -33.16 -51.31
N LEU I 10 -33.02 -33.94 -52.18
CA LEU I 10 -33.09 -33.68 -53.61
C LEU I 10 -34.55 -33.63 -54.09
N VAL I 11 -34.89 -32.49 -54.73
CA VAL I 11 -36.20 -32.20 -55.31
C VAL I 11 -36.02 -31.87 -56.81
N LYS I 12 -36.72 -32.62 -57.69
CA LYS I 12 -36.64 -32.41 -59.14
C LYS I 12 -37.17 -31.03 -59.51
N PRO I 13 -36.60 -30.35 -60.54
CA PRO I 13 -37.10 -29.01 -60.92
C PRO I 13 -38.55 -29.00 -61.42
N SER I 14 -39.18 -27.81 -61.42
CA SER I 14 -40.58 -27.49 -61.78
C SER I 14 -41.61 -28.22 -60.88
N GLN I 15 -41.14 -28.75 -59.73
CA GLN I 15 -41.96 -29.47 -58.76
C GLN I 15 -42.11 -28.68 -57.45
N THR I 16 -42.56 -29.34 -56.37
CA THR I 16 -42.75 -28.64 -55.11
C THR I 16 -41.84 -29.13 -54.02
N LEU I 17 -41.14 -28.19 -53.42
CA LEU I 17 -40.30 -28.43 -52.26
C LEU I 17 -41.14 -28.17 -51.04
N SER I 18 -41.06 -29.09 -50.07
CA SER I 18 -41.78 -29.01 -48.81
C SER I 18 -40.90 -29.43 -47.66
N LEU I 19 -40.81 -28.56 -46.64
CA LEU I 19 -40.04 -28.79 -45.41
C LEU I 19 -40.92 -28.38 -44.23
N THR I 20 -40.80 -29.13 -43.13
CA THR I 20 -41.53 -28.84 -41.91
C THR I 20 -40.57 -28.69 -40.73
N CYS I 21 -40.78 -27.63 -39.95
CA CYS I 21 -39.95 -27.34 -38.77
C CYS I 21 -40.66 -27.67 -37.47
N SER I 22 -39.91 -28.27 -36.53
CA SER I 22 -40.38 -28.76 -35.23
C SER I 22 -39.93 -27.92 -34.05
N VAL I 23 -40.85 -27.61 -33.12
CA VAL I 23 -40.47 -26.92 -31.87
C VAL I 23 -40.08 -27.99 -30.86
N SER I 24 -39.36 -27.62 -29.79
CA SER I 24 -38.90 -28.62 -28.82
C SER I 24 -39.05 -28.17 -27.37
N GLY I 25 -38.38 -27.08 -27.00
CA GLY I 25 -38.38 -26.56 -25.64
C GLY I 25 -39.41 -25.46 -25.37
N GLY I 26 -40.64 -25.69 -25.81
CA GLY I 26 -41.73 -24.74 -25.62
C GLY I 26 -42.59 -24.68 -26.84
N SER I 27 -43.89 -24.99 -26.68
CA SER I 27 -44.91 -25.01 -27.73
C SER I 27 -45.14 -23.64 -28.33
N ILE I 28 -45.82 -23.57 -29.51
CA ILE I 28 -46.13 -22.33 -30.22
C ILE I 28 -46.87 -21.35 -29.31
N GLY I 29 -46.11 -20.44 -28.71
CA GLY I 29 -46.62 -19.44 -27.80
C GLY I 29 -47.40 -18.39 -28.57
N GLY I 30 -48.62 -18.13 -28.12
CA GLY I 30 -49.51 -17.16 -28.73
C GLY I 30 -48.94 -15.76 -28.70
N SER I 31 -49.12 -15.00 -29.81
CA SER I 31 -48.66 -13.61 -30.01
C SER I 31 -47.13 -13.45 -29.89
N SER I 32 -46.61 -12.30 -30.36
CA SER I 32 -45.20 -11.90 -30.27
C SER I 32 -44.18 -13.03 -30.62
N TYR I 33 -44.59 -14.03 -31.44
CA TYR I 33 -43.80 -15.19 -31.84
C TYR I 33 -44.21 -15.59 -33.24
N TYR I 34 -43.41 -15.22 -34.23
CA TYR I 34 -43.73 -15.56 -35.62
C TYR I 34 -42.71 -16.54 -36.11
N TRP I 35 -43.14 -17.60 -36.80
CA TRP I 35 -42.29 -18.70 -37.23
C TRP I 35 -41.94 -18.60 -38.71
N SER I 36 -40.64 -18.46 -39.02
CA SER I 36 -40.16 -18.26 -40.37
C SER I 36 -39.32 -19.36 -40.98
N TRP I 37 -38.89 -19.09 -42.24
CA TRP I 37 -37.99 -19.89 -43.07
C TRP I 37 -37.02 -18.95 -43.76
N ILE I 38 -35.70 -19.16 -43.52
CA ILE I 38 -34.62 -18.34 -44.08
C ILE I 38 -33.67 -19.30 -44.82
N ARG I 39 -33.27 -18.92 -46.04
CA ARG I 39 -32.43 -19.77 -46.86
C ARG I 39 -31.06 -19.13 -47.24
N HIS I 40 -30.03 -19.99 -47.34
CA HIS I 40 -28.67 -19.60 -47.67
C HIS I 40 -28.33 -20.20 -49.03
N HIS I 41 -28.31 -19.34 -50.04
CA HIS I 41 -28.01 -19.62 -51.45
C HIS I 41 -26.47 -19.86 -51.65
N PRO I 42 -25.98 -20.58 -52.72
CA PRO I 42 -24.52 -20.80 -52.85
C PRO I 42 -23.67 -19.52 -52.93
N GLY I 43 -22.95 -19.23 -51.85
CA GLY I 43 -22.10 -18.05 -51.77
C GLY I 43 -22.79 -16.80 -51.27
N LYS I 44 -23.99 -16.47 -51.83
CA LYS I 44 -24.81 -15.30 -51.47
C LYS I 44 -25.31 -15.34 -50.01
N GLY I 45 -25.70 -14.17 -49.48
CA GLY I 45 -26.23 -14.03 -48.13
C GLY I 45 -27.54 -14.74 -47.86
N LEU I 46 -28.11 -14.49 -46.68
CA LEU I 46 -29.38 -15.06 -46.22
C LEU I 46 -30.54 -14.33 -46.85
N GLU I 47 -31.52 -15.08 -47.29
CA GLU I 47 -32.71 -14.53 -47.90
C GLU I 47 -33.90 -15.07 -47.14
N TRP I 48 -34.76 -14.17 -46.63
CA TRP I 48 -35.93 -14.57 -45.86
C TRP I 48 -37.11 -14.89 -46.77
N ILE I 49 -37.90 -15.90 -46.41
CA ILE I 49 -39.05 -16.35 -47.19
C ILE I 49 -40.35 -15.79 -46.64
N GLY I 50 -40.83 -16.35 -45.53
CA GLY I 50 -42.07 -15.94 -44.90
C GLY I 50 -42.31 -16.55 -43.55
N TYR I 51 -43.31 -16.00 -42.81
CA TYR I 51 -43.68 -16.48 -41.50
C TYR I 51 -45.14 -16.90 -41.38
N ILE I 52 -45.50 -17.40 -40.19
CA ILE I 52 -46.83 -17.86 -39.78
C ILE I 52 -46.98 -17.67 -38.26
N ASN I 53 -48.21 -17.47 -37.79
CA ASN I 53 -48.47 -17.25 -36.38
C ASN I 53 -49.17 -18.47 -35.77
N TYR I 54 -49.55 -18.36 -34.50
CA TYR I 54 -50.25 -19.38 -33.74
C TYR I 54 -51.63 -19.66 -34.32
N ARG I 55 -52.29 -18.62 -34.87
CA ARG I 55 -53.62 -18.71 -35.48
C ARG I 55 -53.49 -18.88 -36.98
N GLY I 56 -52.29 -18.56 -37.50
CA GLY I 56 -51.99 -18.69 -38.90
C GLY I 56 -52.01 -17.36 -39.63
N ILE I 57 -51.09 -16.47 -39.26
CA ILE I 57 -50.98 -15.14 -39.87
C ILE I 57 -49.67 -15.08 -40.64
N THR I 58 -49.77 -15.03 -41.99
CA THR I 58 -48.65 -15.04 -42.93
C THR I 58 -48.33 -13.73 -43.63
N HIS I 59 -47.05 -13.56 -43.96
CA HIS I 59 -46.50 -12.45 -44.72
C HIS I 59 -45.25 -13.00 -45.38
N TYR I 60 -45.09 -12.82 -46.70
CA TYR I 60 -43.90 -13.38 -47.37
C TYR I 60 -43.05 -12.34 -48.08
N ASN I 61 -41.91 -12.79 -48.62
CA ASN I 61 -40.99 -11.98 -49.39
C ASN I 61 -41.63 -11.61 -50.73
N ALA I 62 -41.41 -10.37 -51.20
CA ALA I 62 -41.96 -9.84 -52.46
C ALA I 62 -41.74 -10.75 -53.71
N ALA I 63 -40.55 -11.35 -53.84
CA ALA I 63 -40.21 -12.22 -54.97
C ALA I 63 -40.71 -13.66 -54.77
N LEU I 64 -41.07 -14.00 -53.53
CA LEU I 64 -41.49 -15.34 -53.16
C LEU I 64 -42.99 -15.50 -52.91
N LYS I 65 -43.72 -14.39 -52.66
CA LYS I 65 -45.17 -14.31 -52.38
C LYS I 65 -45.97 -14.98 -53.47
N SER I 66 -45.50 -14.88 -54.72
CA SER I 66 -46.14 -15.49 -55.86
C SER I 66 -46.18 -17.01 -55.82
N ARG I 67 -45.10 -17.70 -55.31
CA ARG I 67 -45.06 -19.17 -55.28
C ARG I 67 -44.83 -19.81 -53.90
N VAL I 68 -44.91 -19.01 -52.82
CA VAL I 68 -44.71 -19.56 -51.48
C VAL I 68 -45.98 -19.53 -50.64
N SER I 69 -46.31 -20.72 -50.12
CA SER I 69 -47.40 -21.00 -49.19
C SER I 69 -46.76 -21.61 -47.95
N MET I 70 -47.40 -21.42 -46.79
CA MET I 70 -46.96 -21.92 -45.51
C MET I 70 -48.13 -22.42 -44.71
N SER I 71 -47.92 -23.45 -43.91
CA SER I 71 -48.99 -23.95 -43.08
C SER I 71 -48.47 -24.02 -41.67
N VAL I 72 -49.35 -24.30 -40.72
CA VAL I 72 -49.04 -24.43 -39.30
C VAL I 72 -50.09 -25.32 -38.65
N GLU I 73 -49.69 -26.06 -37.62
CA GLU I 73 -50.58 -26.89 -36.81
C GLU I 73 -50.11 -26.71 -35.38
N THR I 74 -50.98 -26.15 -34.54
CA THR I 74 -50.65 -25.90 -33.15
C THR I 74 -50.84 -27.17 -32.29
N SER I 75 -51.64 -28.14 -32.79
CA SER I 75 -51.92 -29.42 -32.13
C SER I 75 -50.64 -30.23 -31.86
N GLN I 76 -49.81 -30.45 -32.90
CA GLN I 76 -48.56 -31.23 -32.80
C GLN I 76 -47.34 -30.37 -32.63
N ASN I 77 -47.50 -29.05 -32.84
CA ASN I 77 -46.49 -28.00 -32.75
C ASN I 77 -45.37 -28.14 -33.80
N HIS I 78 -45.78 -27.86 -35.05
CA HIS I 78 -44.97 -27.87 -36.28
C HIS I 78 -45.57 -26.88 -37.27
N PHE I 79 -44.73 -26.32 -38.14
CA PHE I 79 -45.09 -25.38 -39.22
C PHE I 79 -44.38 -25.78 -40.50
N SER I 80 -45.10 -25.66 -41.65
CA SER I 80 -44.58 -26.09 -42.95
C SER I 80 -44.33 -24.97 -43.94
N LEU I 81 -43.42 -25.20 -44.89
CA LEU I 81 -43.05 -24.29 -45.98
C LEU I 81 -43.24 -24.98 -47.35
N GLN I 82 -43.95 -24.33 -48.28
CA GLN I 82 -44.24 -24.85 -49.62
C GLN I 82 -43.86 -23.87 -50.72
N LEU I 83 -42.89 -24.28 -51.59
CA LEU I 83 -42.38 -23.53 -52.73
C LEU I 83 -42.64 -24.35 -54.01
N THR I 84 -43.44 -23.80 -54.95
CA THR I 84 -43.79 -24.48 -56.20
C THR I 84 -42.98 -23.99 -57.39
N SER I 85 -42.90 -24.82 -58.45
CA SER I 85 -42.19 -24.58 -59.70
C SER I 85 -40.73 -24.22 -59.43
N VAL I 86 -40.06 -25.12 -58.70
CA VAL I 86 -38.68 -25.01 -58.25
C VAL I 86 -37.72 -24.96 -59.42
N THR I 87 -36.64 -24.21 -59.23
CA THR I 87 -35.60 -24.01 -60.24
C THR I 87 -34.26 -24.34 -59.58
N ALA I 88 -33.17 -24.32 -60.35
CA ALA I 88 -31.82 -24.54 -59.84
C ALA I 88 -31.40 -23.33 -58.97
N ALA I 89 -32.03 -22.15 -59.21
CA ALA I 89 -31.76 -20.93 -58.44
C ALA I 89 -32.41 -20.96 -57.07
N ASP I 90 -33.24 -21.99 -56.81
CA ASP I 90 -33.91 -22.26 -55.54
C ASP I 90 -33.12 -23.25 -54.69
N THR I 91 -31.86 -23.57 -55.11
CA THR I 91 -30.91 -24.41 -54.39
C THR I 91 -30.34 -23.54 -53.28
N ALA I 92 -30.59 -23.93 -52.02
CA ALA I 92 -30.16 -23.22 -50.82
C ALA I 92 -30.17 -24.15 -49.60
N VAL I 93 -29.84 -23.61 -48.41
CA VAL I 93 -29.88 -24.35 -47.15
C VAL I 93 -30.93 -23.65 -46.34
N TYR I 94 -32.05 -24.32 -46.12
CA TYR I 94 -33.20 -23.80 -45.42
C TYR I 94 -33.13 -23.98 -43.91
N TYR I 95 -33.14 -22.85 -43.20
CA TYR I 95 -33.09 -22.75 -41.75
C TYR I 95 -34.46 -22.28 -41.29
N CYS I 96 -34.92 -22.76 -40.14
CA CYS I 96 -36.18 -22.28 -39.58
C CYS I 96 -35.90 -21.50 -38.31
N ALA I 97 -36.59 -20.37 -38.15
CA ALA I 97 -36.37 -19.50 -37.01
C ALA I 97 -37.67 -18.91 -36.43
N ARG I 98 -37.56 -18.20 -35.29
CA ARG I 98 -38.68 -17.50 -34.63
C ARG I 98 -38.36 -16.01 -34.53
N LEU I 99 -39.27 -15.18 -35.05
CA LEU I 99 -39.16 -13.73 -35.11
C LEU I 99 -39.09 -13.06 -33.76
N THR I 100 -40.23 -13.03 -33.03
CA THR I 100 -40.47 -12.38 -31.74
C THR I 100 -40.33 -10.83 -31.86
N SER I 101 -41.23 -10.10 -31.19
CA SER I 101 -41.21 -8.63 -31.22
C SER I 101 -41.35 -7.98 -29.82
N ASP I 102 -41.77 -8.75 -28.78
CA ASP I 102 -41.95 -8.27 -27.41
C ASP I 102 -40.63 -7.83 -26.78
N CYS I 103 -40.64 -6.64 -26.17
CA CYS I 103 -39.45 -6.07 -25.52
C CYS I 103 -39.78 -5.37 -24.18
N SER I 104 -38.85 -4.50 -23.73
CA SER I 104 -38.94 -3.69 -22.52
C SER I 104 -38.15 -2.38 -22.75
N GLY I 105 -38.87 -1.26 -22.76
CA GLY I 105 -38.31 0.07 -22.96
C GLY I 105 -38.47 0.63 -24.37
N GLY I 106 -38.14 -0.19 -25.36
CA GLY I 106 -38.16 0.15 -26.78
C GLY I 106 -37.32 -0.82 -27.60
N ASN I 107 -37.06 -0.47 -28.89
CA ASN I 107 -36.31 -1.29 -29.87
C ASN I 107 -36.97 -2.68 -29.89
N CYS I 108 -38.32 -2.67 -29.88
CA CYS I 108 -39.13 -3.85 -29.74
C CYS I 108 -38.97 -4.87 -30.85
N TYR I 109 -39.55 -4.60 -32.03
CA TYR I 109 -39.55 -5.50 -33.20
C TYR I 109 -38.13 -5.88 -33.59
N GLN I 110 -37.66 -6.94 -32.99
CA GLN I 110 -36.33 -7.44 -33.25
C GLN I 110 -36.45 -8.46 -34.37
N ALA I 111 -35.52 -9.42 -34.39
CA ALA I 111 -35.50 -10.46 -35.40
C ALA I 111 -35.28 -11.86 -34.83
N PHE I 112 -35.17 -12.84 -35.73
CA PHE I 112 -34.97 -14.27 -35.49
C PHE I 112 -33.95 -14.51 -34.40
N ASP I 113 -34.40 -15.03 -33.25
CA ASP I 113 -33.54 -15.29 -32.09
C ASP I 113 -33.11 -16.74 -32.00
N TYR I 114 -34.08 -17.67 -32.04
CA TYR I 114 -33.82 -19.10 -32.00
C TYR I 114 -33.90 -19.66 -33.39
N TRP I 115 -32.89 -20.47 -33.76
CA TRP I 115 -32.74 -21.07 -35.10
C TRP I 115 -32.66 -22.59 -35.07
N GLY I 116 -32.76 -23.18 -36.27
CA GLY I 116 -32.61 -24.62 -36.50
C GLY I 116 -31.31 -24.92 -37.22
N GLN I 117 -30.85 -26.20 -37.21
CA GLN I 117 -29.59 -26.62 -37.87
C GLN I 117 -29.54 -26.30 -39.36
N GLY I 118 -30.68 -26.50 -40.01
CA GLY I 118 -30.83 -26.29 -41.44
C GLY I 118 -30.74 -27.60 -42.19
N SER I 119 -31.41 -27.67 -43.34
CA SER I 119 -31.39 -28.84 -44.21
C SER I 119 -31.09 -28.43 -45.65
N LEU I 120 -29.94 -28.91 -46.11
CA LEU I 120 -29.45 -28.66 -47.45
C LEU I 120 -30.46 -29.21 -48.46
N VAL I 121 -30.95 -28.32 -49.34
CA VAL I 121 -31.87 -28.66 -50.40
C VAL I 121 -31.20 -28.39 -51.75
N SER I 122 -30.99 -29.45 -52.54
CA SER I 122 -30.42 -29.42 -53.88
C SER I 122 -31.59 -29.59 -54.84
N VAL I 123 -31.67 -28.73 -55.85
CA VAL I 123 -32.73 -28.78 -56.86
C VAL I 123 -32.13 -29.13 -58.22
N SER I 124 -32.19 -30.44 -58.58
CA SER I 124 -31.68 -30.98 -59.85
C SER I 124 -32.44 -32.24 -60.28
N GLY I 125 -32.59 -32.41 -61.60
CA GLY I 125 -33.26 -33.54 -62.21
C GLY I 125 -32.38 -34.76 -62.39
N ALA I 126 -31.09 -34.62 -62.05
CA ALA I 126 -30.11 -35.68 -62.14
C ALA I 126 -30.36 -36.78 -61.10
N SER I 127 -30.06 -38.03 -61.50
CA SER I 127 -30.18 -39.22 -60.66
C SER I 127 -29.15 -39.18 -59.55
N THR I 128 -29.49 -39.77 -58.40
CA THR I 128 -28.60 -39.83 -57.24
C THR I 128 -27.47 -40.83 -57.51
N LYS I 129 -26.34 -40.63 -56.82
CA LYS I 129 -25.16 -41.45 -56.99
C LYS I 129 -24.64 -41.89 -55.63
N GLY I 130 -24.24 -43.16 -55.56
CA GLY I 130 -23.69 -43.76 -54.35
C GLY I 130 -22.21 -43.45 -54.24
N PRO I 131 -21.75 -42.96 -53.08
CA PRO I 131 -20.31 -42.64 -52.93
C PRO I 131 -19.44 -43.89 -52.72
N SER I 132 -18.37 -44.01 -53.51
CA SER I 132 -17.47 -45.16 -53.39
C SER I 132 -16.37 -44.74 -52.43
N VAL I 133 -16.43 -45.25 -51.18
CA VAL I 133 -15.46 -44.89 -50.13
C VAL I 133 -14.16 -45.69 -50.30
N PHE I 134 -13.04 -44.97 -50.44
CA PHE I 134 -11.73 -45.58 -50.56
C PHE I 134 -10.88 -45.17 -49.39
N PRO I 135 -10.35 -46.16 -48.63
CA PRO I 135 -9.53 -45.83 -47.46
C PRO I 135 -8.15 -45.31 -47.83
N LEU I 136 -7.74 -44.21 -47.19
CA LEU I 136 -6.42 -43.61 -47.34
C LEU I 136 -5.58 -44.21 -46.21
N ALA I 137 -4.89 -45.32 -46.52
CA ALA I 137 -4.06 -46.10 -45.61
C ALA I 137 -2.84 -45.33 -45.13
N PRO I 138 -2.51 -45.40 -43.83
CA PRO I 138 -1.32 -44.70 -43.33
C PRO I 138 -0.07 -45.39 -43.87
N SER I 139 0.70 -44.66 -44.68
CA SER I 139 1.93 -45.14 -45.31
C SER I 139 3.15 -44.69 -44.50
N SER I 140 4.34 -45.19 -44.88
CA SER I 140 5.61 -44.82 -44.25
C SER I 140 5.96 -43.36 -44.58
N LYS I 141 5.57 -42.88 -45.81
CA LYS I 141 5.80 -41.49 -46.25
C LYS I 141 4.85 -40.51 -45.56
N SER I 142 3.69 -41.00 -45.09
CA SER I 142 2.70 -40.20 -44.35
C SER I 142 2.98 -40.27 -42.82
N THR I 143 4.26 -40.46 -42.44
CA THR I 143 4.73 -40.48 -41.06
C THR I 143 5.75 -39.37 -40.87
N SER I 144 5.37 -38.35 -40.09
CA SER I 144 6.21 -37.20 -39.81
C SER I 144 6.54 -37.14 -38.31
N GLY I 145 7.60 -37.84 -37.93
CA GLY I 145 8.07 -37.93 -36.56
C GLY I 145 7.26 -38.93 -35.77
N GLY I 146 6.78 -38.47 -34.61
CA GLY I 146 5.98 -39.26 -33.67
C GLY I 146 4.52 -39.40 -34.03
N THR I 147 4.01 -38.49 -34.87
CA THR I 147 2.64 -38.49 -35.37
C THR I 147 2.55 -39.18 -36.73
N ALA I 148 1.36 -39.64 -37.09
CA ALA I 148 1.02 -40.25 -38.37
C ALA I 148 -0.33 -39.64 -38.78
N ALA I 149 -0.84 -40.05 -39.95
CA ALA I 149 -2.09 -39.58 -40.53
C ALA I 149 -2.70 -40.63 -41.44
N LEU I 150 -4.04 -40.70 -41.44
CA LEU I 150 -4.85 -41.61 -42.23
C LEU I 150 -6.17 -40.92 -42.62
N GLY I 151 -6.95 -41.56 -43.48
CA GLY I 151 -8.23 -41.01 -43.90
C GLY I 151 -9.08 -41.87 -44.80
N CYS I 152 -10.14 -41.26 -45.33
CA CYS I 152 -11.11 -41.86 -46.24
C CYS I 152 -11.48 -40.82 -47.28
N LEU I 153 -11.51 -41.22 -48.56
CA LEU I 153 -11.91 -40.34 -49.66
C LEU I 153 -13.27 -40.82 -50.20
N VAL I 154 -14.32 -40.03 -49.91
CA VAL I 154 -15.70 -40.24 -50.32
C VAL I 154 -15.79 -39.67 -51.71
N LYS I 155 -15.51 -40.51 -52.69
CA LYS I 155 -15.47 -40.16 -54.10
C LYS I 155 -16.79 -40.43 -54.81
N ASP I 156 -17.11 -39.55 -55.78
CA ASP I 156 -18.24 -39.53 -56.71
C ASP I 156 -19.62 -39.81 -56.10
N TYR I 157 -20.24 -38.77 -55.55
CA TYR I 157 -21.58 -38.86 -54.99
C TYR I 157 -22.39 -37.66 -55.42
N PHE I 158 -23.73 -37.74 -55.31
CA PHE I 158 -24.68 -36.68 -55.66
C PHE I 158 -26.05 -36.99 -55.04
N PRO I 159 -26.72 -36.02 -54.35
CA PRO I 159 -26.31 -34.64 -54.08
C PRO I 159 -25.59 -34.51 -52.74
N GLU I 160 -25.31 -33.28 -52.33
CA GLU I 160 -24.62 -33.05 -51.08
C GLU I 160 -25.61 -33.13 -49.89
N PRO I 161 -25.20 -33.60 -48.69
CA PRO I 161 -23.83 -33.98 -48.26
C PRO I 161 -23.69 -35.46 -47.87
N VAL I 162 -22.53 -35.76 -47.22
CA VAL I 162 -22.18 -37.04 -46.61
C VAL I 162 -21.69 -36.79 -45.19
N THR I 163 -22.05 -37.68 -44.28
CA THR I 163 -21.66 -37.57 -42.87
C THR I 163 -20.57 -38.58 -42.57
N VAL I 164 -19.40 -38.12 -42.16
CA VAL I 164 -18.29 -39.02 -41.85
C VAL I 164 -18.07 -39.03 -40.35
N SER I 165 -18.33 -40.18 -39.69
CA SER I 165 -18.07 -40.37 -38.26
C SER I 165 -16.81 -41.21 -38.16
N TRP I 166 -16.02 -41.04 -37.08
CA TRP I 166 -14.79 -41.82 -36.94
C TRP I 166 -14.86 -42.70 -35.73
N ASN I 167 -14.71 -44.03 -35.97
CA ASN I 167 -14.81 -45.08 -34.95
C ASN I 167 -16.20 -44.99 -34.31
N SER I 168 -17.23 -44.86 -35.18
CA SER I 168 -18.66 -44.70 -34.86
C SER I 168 -18.97 -43.41 -34.05
N GLY I 169 -18.10 -42.40 -34.24
CA GLY I 169 -18.17 -41.11 -33.58
C GLY I 169 -17.42 -41.04 -32.26
N ALA I 170 -16.42 -41.93 -32.08
CA ALA I 170 -15.64 -41.97 -30.85
C ALA I 170 -14.58 -40.88 -30.88
N LEU I 171 -13.66 -40.95 -31.85
CA LEU I 171 -12.58 -39.97 -31.91
C LEU I 171 -12.91 -38.78 -32.77
N THR I 172 -12.99 -37.64 -32.11
CA THR I 172 -13.27 -36.33 -32.70
C THR I 172 -12.07 -35.40 -32.52
N SER I 173 -11.12 -35.81 -31.68
CA SER I 173 -9.90 -35.03 -31.41
C SER I 173 -8.87 -35.34 -32.48
N GLY I 174 -8.43 -34.29 -33.18
CA GLY I 174 -7.47 -34.38 -34.27
C GLY I 174 -8.08 -34.96 -35.53
N VAL I 175 -9.31 -34.50 -35.85
CA VAL I 175 -10.11 -34.93 -36.99
C VAL I 175 -10.43 -33.72 -37.89
N HIS I 176 -10.22 -33.88 -39.21
CA HIS I 176 -10.50 -32.83 -40.18
C HIS I 176 -11.26 -33.38 -41.38
N THR I 177 -12.60 -33.22 -41.36
CA THR I 177 -13.50 -33.64 -42.43
C THR I 177 -13.63 -32.47 -43.39
N PHE I 178 -12.97 -32.60 -44.53
CA PHE I 178 -12.91 -31.57 -45.58
C PHE I 178 -14.23 -31.37 -46.30
N PRO I 179 -14.53 -30.12 -46.73
CA PRO I 179 -15.77 -29.89 -47.48
C PRO I 179 -15.77 -30.59 -48.85
N ALA I 180 -16.97 -30.76 -49.44
CA ALA I 180 -17.16 -31.38 -50.74
C ALA I 180 -16.70 -30.45 -51.84
N VAL I 181 -15.91 -30.99 -52.78
CA VAL I 181 -15.39 -30.23 -53.91
C VAL I 181 -15.82 -30.94 -55.18
N LEU I 182 -16.49 -30.20 -56.09
CA LEU I 182 -16.94 -30.73 -57.37
C LEU I 182 -15.75 -31.20 -58.20
N GLN I 183 -15.83 -32.43 -58.71
CA GLN I 183 -14.83 -33.13 -59.50
C GLN I 183 -14.68 -32.64 -60.90
N SER I 184 -13.61 -33.14 -61.55
CA SER I 184 -13.25 -32.93 -62.93
C SER I 184 -14.48 -33.37 -63.76
N SER I 185 -15.07 -34.52 -63.38
CA SER I 185 -16.27 -35.13 -63.99
C SER I 185 -17.60 -34.45 -63.63
N GLY I 186 -17.55 -33.53 -62.66
CA GLY I 186 -18.71 -32.78 -62.21
C GLY I 186 -19.58 -33.49 -61.19
N LEU I 187 -18.95 -34.22 -60.24
CA LEU I 187 -19.58 -34.95 -59.13
C LEU I 187 -18.95 -34.51 -57.81
N TYR I 188 -19.64 -34.67 -56.68
CA TYR I 188 -19.07 -34.28 -55.38
C TYR I 188 -18.03 -35.30 -54.88
N SER I 189 -16.89 -34.77 -54.38
CA SER I 189 -15.80 -35.57 -53.81
C SER I 189 -15.40 -34.99 -52.44
N LEU I 190 -15.54 -35.81 -51.38
CA LEU I 190 -15.24 -35.40 -50.02
C LEU I 190 -14.02 -36.15 -49.50
N SER I 191 -13.13 -35.42 -48.85
CA SER I 191 -11.97 -36.02 -48.19
C SER I 191 -12.21 -35.90 -46.69
N SER I 192 -11.70 -36.85 -45.90
CA SER I 192 -11.82 -36.80 -44.44
C SER I 192 -10.65 -37.55 -43.85
N VAL I 193 -9.88 -36.84 -43.02
CA VAL I 193 -8.67 -37.39 -42.41
C VAL I 193 -8.69 -37.35 -40.88
N VAL I 194 -7.71 -38.06 -40.28
CA VAL I 194 -7.46 -38.14 -38.84
C VAL I 194 -5.96 -38.42 -38.57
N THR I 195 -5.37 -37.67 -37.62
CA THR I 195 -3.96 -37.78 -37.30
C THR I 195 -3.71 -38.48 -35.97
N VAL I 196 -3.56 -39.82 -36.00
CA VAL I 196 -3.25 -40.61 -34.82
C VAL I 196 -1.73 -40.68 -34.75
N PRO I 197 -1.08 -40.77 -33.57
CA PRO I 197 0.38 -40.87 -33.58
C PRO I 197 0.81 -42.23 -34.15
N SER I 198 2.13 -42.38 -34.37
CA SER I 198 2.76 -43.61 -34.88
C SER I 198 2.78 -44.67 -33.77
N SER I 199 2.59 -44.21 -32.52
CA SER I 199 2.52 -45.00 -31.30
C SER I 199 1.28 -45.89 -31.30
N SER I 200 0.15 -45.45 -31.88
CA SER I 200 -1.08 -46.26 -31.89
C SER I 200 -1.14 -47.20 -33.09
N LEU I 201 -0.84 -46.68 -34.30
CA LEU I 201 -0.82 -47.38 -35.60
C LEU I 201 -1.58 -48.73 -35.69
N GLY I 202 -0.97 -49.81 -35.20
CA GLY I 202 -1.54 -51.16 -35.26
C GLY I 202 -2.32 -51.64 -34.05
N THR I 203 -2.90 -50.69 -33.26
CA THR I 203 -3.70 -51.04 -32.07
C THR I 203 -5.18 -51.05 -32.40
N GLN I 204 -5.87 -49.91 -32.18
CA GLN I 204 -7.29 -49.72 -32.41
C GLN I 204 -7.59 -49.50 -33.90
N THR I 205 -8.52 -50.32 -34.41
CA THR I 205 -8.97 -50.32 -35.80
C THR I 205 -9.69 -49.02 -36.14
N TYR I 206 -9.25 -48.38 -37.22
CA TYR I 206 -9.75 -47.11 -37.73
C TYR I 206 -10.77 -47.33 -38.85
N ILE I 207 -12.03 -46.99 -38.58
CA ILE I 207 -13.16 -47.16 -39.49
C ILE I 207 -13.91 -45.83 -39.66
N CYS I 208 -14.10 -45.41 -40.92
CA CYS I 208 -14.86 -44.22 -41.25
C CYS I 208 -16.29 -44.66 -41.49
N ASN I 209 -17.22 -43.98 -40.82
CA ASN I 209 -18.66 -44.22 -40.84
C ASN I 209 -19.34 -43.21 -41.78
N VAL I 210 -19.23 -43.50 -43.07
CA VAL I 210 -19.77 -42.68 -44.16
C VAL I 210 -21.24 -43.00 -44.38
N ASN I 211 -22.06 -41.94 -44.54
CA ASN I 211 -23.49 -42.07 -44.78
C ASN I 211 -23.98 -41.03 -45.77
N HIS I 212 -24.69 -41.51 -46.80
CA HIS I 212 -25.28 -40.68 -47.84
C HIS I 212 -26.76 -40.95 -47.83
N LYS I 213 -27.50 -40.18 -47.01
CA LYS I 213 -28.94 -40.34 -46.85
C LYS I 213 -29.75 -40.19 -48.16
N PRO I 214 -29.46 -39.23 -49.11
CA PRO I 214 -30.26 -39.18 -50.35
C PRO I 214 -30.21 -40.43 -51.24
N SER I 215 -29.13 -41.24 -51.12
CA SER I 215 -28.95 -42.50 -51.84
C SER I 215 -29.16 -43.74 -50.94
N ASN I 216 -29.21 -43.50 -49.62
CA ASN I 216 -29.34 -44.47 -48.51
C ASN I 216 -28.25 -45.54 -48.58
N THR I 217 -26.99 -45.09 -48.49
CA THR I 217 -25.82 -45.94 -48.54
C THR I 217 -25.02 -45.72 -47.24
N LYS I 218 -24.89 -46.76 -46.41
CA LYS I 218 -24.18 -46.71 -45.12
C LYS I 218 -22.97 -47.64 -45.23
N VAL I 219 -21.80 -47.05 -45.54
CA VAL I 219 -20.52 -47.73 -45.76
C VAL I 219 -19.57 -47.53 -44.59
N ASP I 220 -19.05 -48.64 -44.06
CA ASP I 220 -18.10 -48.63 -42.95
C ASP I 220 -16.75 -49.21 -43.39
N LYS I 221 -15.95 -48.36 -44.05
CA LYS I 221 -14.62 -48.69 -44.57
C LYS I 221 -13.52 -48.63 -43.51
N ARG I 222 -12.80 -49.76 -43.37
CA ARG I 222 -11.69 -49.92 -42.43
C ARG I 222 -10.40 -49.47 -43.11
N VAL I 223 -9.58 -48.71 -42.37
CA VAL I 223 -8.28 -48.19 -42.81
C VAL I 223 -7.17 -48.95 -42.07
N GLU I 224 -6.33 -49.70 -42.82
CA GLU I 224 -5.21 -50.47 -42.28
C GLU I 224 -3.90 -50.15 -43.07
N PRO I 225 -2.73 -49.97 -42.38
CA PRO I 225 -1.48 -49.63 -43.09
C PRO I 225 -0.99 -50.72 -44.03
N LEU J 2 -64.83 -18.22 -35.87
CA LEU J 2 -64.65 -17.04 -36.71
C LEU J 2 -65.03 -15.75 -35.98
N PRO J 3 -64.16 -14.69 -36.02
CA PRO J 3 -64.48 -13.45 -35.31
C PRO J 3 -65.85 -12.85 -35.64
N LEU J 4 -66.61 -12.57 -34.58
CA LEU J 4 -67.95 -12.01 -34.60
C LEU J 4 -67.92 -10.58 -35.11
N LEU J 5 -68.96 -10.20 -35.85
CA LEU J 5 -69.11 -8.85 -36.40
C LEU J 5 -70.49 -8.31 -36.08
N CYS J 6 -70.60 -6.98 -35.88
CA CYS J 6 -71.85 -6.34 -35.55
C CYS J 6 -72.16 -5.08 -36.38
N THR J 7 -73.46 -4.94 -36.66
CA THR J 7 -74.08 -3.88 -37.45
C THR J 7 -74.99 -3.07 -36.51
N LEU J 8 -74.56 -1.87 -36.15
CA LEU J 8 -75.42 -1.03 -35.32
C LEU J 8 -75.46 0.33 -35.95
N ASN J 9 -76.66 0.93 -36.01
CA ASN J 9 -76.91 2.22 -36.63
C ASN J 9 -76.35 2.20 -38.07
N LYS J 10 -75.31 3.00 -38.35
CA LYS J 10 -74.62 3.11 -39.64
C LYS J 10 -73.16 3.54 -39.43
N SER J 11 -72.89 4.17 -38.27
CA SER J 11 -71.58 4.68 -37.83
C SER J 11 -71.01 3.98 -36.56
N HIS J 12 -71.71 2.93 -36.07
CA HIS J 12 -71.34 2.15 -34.89
C HIS J 12 -71.08 0.68 -35.25
N LEU J 13 -69.88 0.44 -35.77
CA LEU J 13 -69.47 -0.87 -36.23
C LEU J 13 -68.66 -1.56 -35.14
N TYR J 14 -68.88 -2.87 -34.98
CA TYR J 14 -68.26 -3.66 -33.92
C TYR J 14 -67.67 -4.99 -34.39
N ILE J 15 -66.70 -5.52 -33.60
CA ILE J 15 -65.96 -6.75 -33.85
C ILE J 15 -65.47 -7.41 -32.54
N LYS J 16 -65.53 -8.75 -32.46
CA LYS J 16 -65.07 -9.51 -31.29
C LYS J 16 -64.40 -10.83 -31.67
N GLY J 17 -63.16 -10.96 -31.24
CA GLY J 17 -62.34 -12.16 -31.41
C GLY J 17 -61.76 -12.55 -30.08
N GLY J 18 -62.17 -13.71 -29.59
CA GLY J 18 -61.72 -14.24 -28.30
C GLY J 18 -62.28 -13.46 -27.13
N ASN J 19 -61.44 -12.65 -26.48
CA ASN J 19 -61.82 -11.84 -25.32
C ASN J 19 -61.95 -10.38 -25.73
N ALA J 20 -61.11 -9.96 -26.69
CA ALA J 20 -61.07 -8.59 -27.22
C ALA J 20 -62.30 -8.22 -28.05
N SER J 21 -62.79 -6.97 -27.86
CA SER J 21 -63.92 -6.39 -28.60
C SER J 21 -63.64 -4.93 -28.93
N PHE J 22 -63.63 -4.59 -30.25
CA PHE J 22 -63.29 -3.26 -30.73
C PHE J 22 -64.48 -2.48 -31.29
N LYS J 23 -64.25 -1.18 -31.55
CA LYS J 23 -65.22 -0.25 -32.10
C LYS J 23 -64.58 0.47 -33.28
N ILE J 24 -65.07 0.16 -34.48
CA ILE J 24 -64.59 0.72 -35.74
C ILE J 24 -65.40 1.97 -36.09
N SER J 25 -64.75 3.14 -36.02
CA SER J 25 -65.33 4.44 -36.29
C SER J 25 -64.57 5.18 -37.38
N PHE J 26 -65.30 5.92 -38.22
CA PHE J 26 -64.75 6.74 -39.31
C PHE J 26 -65.11 8.20 -39.03
N ASP J 27 -64.09 9.06 -38.99
CA ASP J 27 -64.20 10.49 -38.68
C ASP J 27 -62.97 11.25 -39.13
N ASP J 28 -63.10 12.58 -39.26
CA ASP J 28 -62.02 13.47 -39.66
C ASP J 28 -61.11 13.82 -38.48
N ILE J 29 -61.42 13.27 -37.29
CA ILE J 29 -60.68 13.46 -36.06
C ILE J 29 -59.32 12.72 -36.16
N ALA J 30 -58.22 13.34 -35.67
CA ALA J 30 -56.88 12.76 -35.71
C ALA J 30 -56.36 12.45 -34.30
N VAL J 31 -55.81 11.23 -34.12
CA VAL J 31 -55.30 10.75 -32.83
C VAL J 31 -53.83 10.35 -32.90
N LEU J 32 -53.46 9.59 -33.95
CA LEU J 32 -52.08 9.14 -34.11
C LEU J 32 -51.32 9.90 -35.18
N LEU J 33 -50.01 10.02 -34.97
CA LEU J 33 -49.12 10.75 -35.87
C LEU J 33 -47.75 10.06 -36.10
N PRO J 34 -47.05 10.36 -37.22
CA PRO J 34 -45.77 9.68 -37.51
C PRO J 34 -44.71 9.84 -36.42
N GLU J 35 -44.17 11.07 -36.22
CA GLU J 35 -43.12 11.39 -35.23
C GLU J 35 -43.68 11.51 -33.81
N TYR J 36 -44.42 10.46 -33.40
CA TYR J 36 -45.08 10.31 -32.10
C TYR J 36 -45.35 8.83 -31.80
N ASP J 37 -45.85 8.08 -32.80
CA ASP J 37 -46.28 6.68 -32.68
C ASP J 37 -45.57 5.68 -33.62
N VAL J 38 -46.03 4.41 -33.61
CA VAL J 38 -45.45 3.32 -34.39
C VAL J 38 -46.17 3.13 -35.74
N ILE J 39 -45.37 2.80 -36.80
CA ILE J 39 -45.85 2.59 -38.17
C ILE J 39 -45.85 1.09 -38.52
N ILE J 40 -47.05 0.58 -38.84
CA ILE J 40 -47.36 -0.81 -39.13
C ILE J 40 -47.61 -1.00 -40.62
N GLN J 41 -46.89 -1.94 -41.20
CA GLN J 41 -46.90 -2.30 -42.61
C GLN J 41 -46.57 -3.79 -42.72
N HIS J 42 -46.37 -4.41 -41.55
CA HIS J 42 -45.91 -5.77 -41.36
C HIS J 42 -46.75 -6.40 -40.22
N PRO J 43 -47.48 -7.51 -40.48
CA PRO J 43 -48.34 -8.11 -39.42
C PRO J 43 -47.66 -8.39 -38.07
N ALA J 44 -46.34 -8.68 -38.09
CA ALA J 44 -45.56 -9.00 -36.90
C ALA J 44 -45.18 -7.77 -36.00
N ASP J 45 -45.90 -6.66 -36.19
CA ASP J 45 -45.69 -5.43 -35.43
C ASP J 45 -46.76 -5.22 -34.33
N MET J 46 -47.67 -6.20 -34.21
CA MET J 46 -48.66 -6.17 -33.14
C MET J 46 -48.06 -6.98 -31.96
N SER J 47 -47.08 -6.37 -31.30
CA SER J 47 -46.38 -6.90 -30.14
C SER J 47 -46.07 -5.74 -29.22
N TRP J 48 -45.72 -4.56 -29.79
CA TRP J 48 -45.51 -3.32 -29.03
C TRP J 48 -46.78 -2.45 -29.17
N CYS J 49 -47.82 -3.02 -29.78
CA CYS J 49 -49.10 -2.36 -29.92
C CYS J 49 -50.04 -2.77 -28.80
N SER J 50 -49.97 -4.07 -28.43
CA SER J 50 -50.73 -4.72 -27.36
C SER J 50 -49.98 -5.96 -26.81
N LYS J 51 -50.30 -6.33 -25.55
CA LYS J 51 -49.73 -7.48 -24.86
C LYS J 51 -50.67 -8.66 -24.99
N SER J 52 -52.01 -8.40 -24.97
CA SER J 52 -53.05 -9.43 -25.10
C SER J 52 -52.96 -10.13 -26.46
N ASP J 53 -53.15 -11.46 -26.46
CA ASP J 53 -53.09 -12.32 -27.64
C ASP J 53 -54.29 -12.11 -28.58
N ASP J 54 -55.50 -11.86 -28.01
CA ASP J 54 -56.73 -11.61 -28.78
C ASP J 54 -56.76 -10.21 -29.35
N GLN J 55 -56.18 -9.23 -28.65
CA GLN J 55 -56.12 -7.85 -29.10
C GLN J 55 -55.24 -7.67 -30.33
N ILE J 56 -54.18 -8.49 -30.43
CA ILE J 56 -53.22 -8.43 -31.52
C ILE J 56 -53.78 -9.15 -32.76
N TRP J 57 -54.25 -10.41 -32.59
CA TRP J 57 -54.78 -11.29 -33.62
C TRP J 57 -56.04 -10.72 -34.30
N LEU J 58 -56.93 -10.07 -33.52
CA LEU J 58 -58.15 -9.46 -34.08
C LEU J 58 -57.82 -8.29 -34.99
N SER J 59 -56.80 -7.48 -34.62
CA SER J 59 -56.35 -6.33 -35.41
C SER J 59 -55.68 -6.79 -36.69
N GLN J 60 -54.95 -7.92 -36.65
CA GLN J 60 -54.28 -8.50 -37.82
C GLN J 60 -55.31 -9.17 -38.74
N TRP J 61 -56.35 -9.82 -38.13
CA TRP J 61 -57.41 -10.52 -38.85
C TRP J 61 -58.30 -9.53 -39.59
N PHE J 62 -58.59 -8.38 -38.97
CA PHE J 62 -59.42 -7.34 -39.56
C PHE J 62 -58.75 -6.69 -40.77
N MET J 63 -57.43 -6.46 -40.70
CA MET J 63 -56.70 -5.83 -41.81
C MET J 63 -56.50 -6.77 -43.00
N ASN J 64 -56.39 -8.07 -42.73
CA ASN J 64 -56.30 -9.09 -43.77
C ASN J 64 -57.67 -9.41 -44.37
N ALA J 65 -58.75 -9.11 -43.63
CA ALA J 65 -60.12 -9.33 -44.09
C ALA J 65 -60.57 -8.24 -45.06
N VAL J 66 -60.19 -6.99 -44.78
CA VAL J 66 -60.54 -5.82 -45.62
C VAL J 66 -59.71 -5.75 -46.90
N GLY J 67 -58.61 -6.51 -46.90
CA GLY J 67 -57.66 -6.62 -48.00
C GLY J 67 -56.58 -5.58 -47.94
N HIS J 68 -55.87 -5.47 -46.79
CA HIS J 68 -54.77 -4.52 -46.67
C HIS J 68 -53.57 -5.27 -47.19
N ASP J 69 -53.07 -4.82 -48.37
CA ASP J 69 -51.88 -5.35 -49.02
C ASP J 69 -50.73 -4.82 -48.16
N TRP J 70 -50.05 -5.69 -47.42
CA TRP J 70 -48.94 -5.28 -46.52
C TRP J 70 -47.69 -4.81 -47.29
N TYR J 71 -47.67 -5.02 -48.62
CA TYR J 71 -46.57 -4.62 -49.47
C TYR J 71 -46.87 -3.32 -50.24
N LEU J 72 -48.04 -3.26 -50.91
CA LEU J 72 -48.45 -2.14 -51.75
C LEU J 72 -49.16 -1.02 -51.02
N ASP J 73 -50.18 -1.33 -50.22
CA ASP J 73 -50.97 -0.35 -49.46
C ASP J 73 -50.15 0.40 -48.42
N PRO J 74 -50.41 1.72 -48.25
CA PRO J 74 -49.61 2.53 -47.30
C PRO J 74 -49.68 2.03 -45.86
N PRO J 75 -48.61 2.26 -45.05
CA PRO J 75 -48.65 1.82 -43.65
C PRO J 75 -49.65 2.61 -42.83
N PHE J 76 -50.03 2.05 -41.71
CA PHE J 76 -50.97 2.67 -40.80
C PHE J 76 -50.32 2.87 -39.42
N LEU J 77 -50.89 3.75 -38.62
CA LEU J 77 -50.36 4.08 -37.31
C LEU J 77 -50.91 3.22 -36.19
N CYS J 78 -50.15 3.11 -35.10
CA CYS J 78 -50.54 2.34 -33.91
C CYS J 78 -49.95 2.93 -32.60
N ARG J 79 -50.64 2.74 -31.44
CA ARG J 79 -50.17 3.27 -30.14
C ARG J 79 -49.18 2.29 -29.49
N ASN J 80 -48.48 2.75 -28.43
CA ASN J 80 -47.49 1.96 -27.69
C ASN J 80 -48.15 1.02 -26.66
N ARG J 81 -47.39 -0.02 -26.29
CA ARG J 81 -47.75 -1.08 -25.37
C ARG J 81 -47.57 -0.62 -23.95
N THR J 82 -46.49 0.15 -23.71
CA THR J 82 -46.13 0.70 -22.41
C THR J 82 -46.89 2.01 -22.14
N LYS J 83 -47.98 2.24 -22.91
CA LYS J 83 -48.85 3.40 -22.77
C LYS J 83 -50.22 3.01 -22.23
N THR J 84 -50.53 3.59 -21.05
CA THR J 84 -51.76 3.48 -20.25
C THR J 84 -52.91 4.29 -20.85
N GLU J 85 -52.60 5.15 -21.86
CA GLU J 85 -53.59 5.94 -22.61
C GLU J 85 -54.65 4.99 -23.17
N GLY J 86 -54.22 3.80 -23.55
CA GLY J 86 -55.07 2.73 -24.07
C GLY J 86 -54.54 2.11 -25.33
N PHE J 87 -55.41 1.36 -26.00
CA PHE J 87 -55.09 0.74 -27.27
C PHE J 87 -55.90 1.39 -28.38
N ILE J 88 -55.26 1.55 -29.54
CA ILE J 88 -55.82 2.16 -30.73
C ILE J 88 -54.88 1.92 -31.90
N PHE J 89 -55.46 1.78 -33.08
CA PHE J 89 -54.73 1.67 -34.33
C PHE J 89 -55.53 2.48 -35.34
N GLN J 90 -54.86 3.40 -36.03
CA GLN J 90 -55.48 4.33 -36.94
C GLN J 90 -55.09 4.02 -38.40
N VAL J 91 -56.09 3.94 -39.30
CA VAL J 91 -55.88 3.69 -40.72
C VAL J 91 -56.31 4.93 -41.56
N ASN J 92 -55.36 5.51 -42.35
CA ASN J 92 -55.66 6.66 -43.19
C ASN J 92 -56.53 6.23 -44.38
N THR J 93 -57.85 6.54 -44.31
CA THR J 93 -58.83 6.19 -45.35
C THR J 93 -59.47 7.49 -45.96
N SER J 94 -58.62 8.49 -46.34
CA SER J 94 -59.12 9.71 -46.96
C SER J 94 -59.60 9.42 -48.37
N LYS J 95 -60.62 10.14 -48.83
CA LYS J 95 -61.17 9.89 -50.14
C LYS J 95 -60.61 10.84 -51.22
N THR J 96 -59.30 11.13 -51.12
CA THR J 96 -58.58 12.04 -52.01
C THR J 96 -57.07 11.72 -52.08
N GLY J 97 -56.36 12.56 -52.85
CA GLY J 97 -54.93 12.50 -53.10
C GLY J 97 -54.49 11.15 -53.64
N ILE J 98 -53.42 10.63 -53.07
CA ILE J 98 -52.83 9.35 -53.43
C ILE J 98 -53.59 8.25 -52.63
N ASN J 99 -54.19 8.63 -51.49
CA ASN J 99 -54.99 7.74 -50.62
C ASN J 99 -56.40 7.49 -51.18
N GLU J 100 -56.72 8.08 -52.34
CA GLU J 100 -58.00 7.90 -53.03
C GLU J 100 -58.14 6.42 -53.52
N ASN J 101 -57.02 5.83 -54.01
CA ASN J 101 -56.95 4.42 -54.48
C ASN J 101 -57.21 3.47 -53.34
N TYR J 102 -56.57 3.69 -52.19
CA TYR J 102 -56.67 2.87 -51.00
C TYR J 102 -58.02 2.99 -50.29
N ALA J 103 -58.62 4.19 -50.24
CA ALA J 103 -59.91 4.40 -49.58
C ALA J 103 -61.07 3.73 -50.29
N LYS J 104 -61.04 3.65 -51.64
CA LYS J 104 -62.12 2.99 -52.40
C LYS J 104 -62.03 1.46 -52.27
N LYS J 105 -60.79 0.95 -52.11
CA LYS J 105 -60.49 -0.45 -51.88
C LYS J 105 -60.90 -0.81 -50.44
N PHE J 106 -60.68 0.13 -49.51
CA PHE J 106 -61.08 -0.01 -48.10
C PHE J 106 -62.59 0.15 -47.97
N LYS J 107 -63.22 0.96 -48.88
CA LYS J 107 -64.66 1.23 -48.92
C LYS J 107 -65.42 -0.02 -49.34
N THR J 108 -64.86 -0.82 -50.28
CA THR J 108 -65.47 -2.05 -50.79
C THR J 108 -65.28 -3.20 -49.78
N GLY J 109 -64.16 -3.21 -49.03
CA GLY J 109 -63.90 -4.19 -47.99
C GLY J 109 -64.98 -4.14 -46.92
N MET J 110 -65.52 -2.92 -46.66
CA MET J 110 -66.58 -2.62 -45.69
C MET J 110 -67.99 -2.81 -46.30
N HIS J 111 -68.05 -3.00 -47.63
CA HIS J 111 -69.28 -3.22 -48.39
C HIS J 111 -69.49 -4.73 -48.66
N HIS J 112 -68.72 -5.57 -47.96
CA HIS J 112 -68.82 -7.03 -48.08
C HIS J 112 -68.62 -7.73 -46.72
N LEU J 113 -67.86 -7.07 -45.83
CA LEU J 113 -67.58 -7.57 -44.49
C LEU J 113 -68.58 -7.01 -43.49
N TYR J 114 -68.98 -5.75 -43.68
CA TYR J 114 -69.93 -5.04 -42.82
C TYR J 114 -71.14 -4.54 -43.59
N ARG J 115 -71.77 -5.45 -44.33
CA ARG J 115 -72.97 -5.20 -45.10
C ARG J 115 -72.85 -3.94 -45.96
N GLU J 116 -73.69 -2.90 -45.71
CA GLU J 116 -73.71 -1.65 -46.48
C GLU J 116 -74.41 -0.54 -45.67
N TYR J 117 -73.59 0.32 -45.07
CA TYR J 117 -74.02 1.43 -44.22
C TYR J 117 -72.87 2.39 -43.89
N PRO J 118 -71.60 2.19 -44.39
CA PRO J 118 -70.50 3.11 -44.03
C PRO J 118 -70.81 4.57 -44.30
N ASP J 119 -70.34 5.43 -43.40
CA ASP J 119 -70.55 6.87 -43.46
C ASP J 119 -69.40 7.62 -42.74
N SER J 120 -69.67 8.87 -42.32
CA SER J 120 -68.77 9.82 -41.59
C SER J 120 -67.44 10.17 -42.34
N CYS J 121 -67.32 9.57 -43.53
CA CYS J 121 -66.24 9.65 -44.53
C CYS J 121 -66.81 10.45 -45.74
N LEU J 122 -66.08 11.48 -46.26
CA LEU J 122 -66.50 12.36 -47.36
C LEU J 122 -65.59 12.22 -48.58
N ASP J 123 -66.18 11.90 -49.76
CA ASP J 123 -65.44 11.70 -51.01
C ASP J 123 -64.84 13.01 -51.51
N GLY J 124 -63.56 13.16 -51.19
CA GLY J 124 -62.75 14.34 -51.52
C GLY J 124 -62.58 15.27 -50.35
N LYS J 125 -62.39 14.70 -49.15
CA LYS J 125 -62.22 15.46 -47.92
C LYS J 125 -61.13 14.80 -47.05
N LEU J 126 -61.40 14.55 -45.77
CA LEU J 126 -60.47 13.95 -44.80
C LEU J 126 -61.27 12.97 -43.96
N CYS J 127 -60.72 11.75 -43.76
CA CYS J 127 -61.31 10.66 -42.99
C CYS J 127 -60.21 9.76 -42.43
N LEU J 128 -60.34 9.32 -41.16
CA LEU J 128 -59.38 8.45 -40.47
C LEU J 128 -60.06 7.33 -39.71
N MET J 129 -59.86 6.09 -40.20
CA MET J 129 -60.39 4.89 -39.56
C MET J 129 -59.70 4.77 -38.21
N LYS J 130 -60.50 4.40 -37.19
CA LYS J 130 -60.07 4.23 -35.80
C LYS J 130 -60.75 3.02 -35.18
N ALA J 131 -60.00 2.24 -34.39
CA ALA J 131 -60.50 1.06 -33.67
C ALA J 131 -60.02 1.06 -32.22
N GLN J 132 -60.97 1.09 -31.27
CA GLN J 132 -60.73 1.18 -29.82
C GLN J 132 -61.39 0.02 -29.05
N PRO J 133 -60.70 -0.64 -28.08
CA PRO J 133 -61.34 -1.74 -27.33
C PRO J 133 -62.50 -1.31 -26.44
N THR J 134 -63.70 -1.59 -26.91
CA THR J 134 -64.96 -1.27 -26.25
C THR J 134 -65.57 -2.53 -25.61
N SER J 135 -66.69 -2.34 -24.90
CA SER J 135 -67.47 -3.41 -24.30
C SER J 135 -68.30 -4.02 -25.41
N TRP J 136 -68.66 -5.32 -25.30
CA TRP J 136 -69.54 -5.93 -26.31
C TRP J 136 -70.95 -5.40 -26.06
N PRO J 137 -71.58 -4.75 -27.06
CA PRO J 137 -72.91 -4.13 -26.83
C PRO J 137 -73.99 -5.15 -26.53
N LEU J 138 -75.04 -4.69 -25.85
CA LEU J 138 -76.23 -5.44 -25.45
C LEU J 138 -77.03 -5.81 -26.68
N GLN J 139 -77.21 -4.83 -27.59
CA GLN J 139 -77.94 -4.94 -28.86
C GLN J 139 -77.29 -5.95 -29.80
N CYS J 140 -75.95 -5.96 -29.86
CA CYS J 140 -75.17 -6.88 -30.68
C CYS J 140 -75.31 -8.30 -30.15
N PRO J 141 -75.88 -9.24 -30.93
CA PRO J 141 -76.03 -10.62 -30.43
C PRO J 141 -74.70 -11.37 -30.36
N LEU J 142 -74.66 -12.41 -29.48
CA LEU J 142 -73.56 -13.34 -29.23
C LEU J 142 -72.22 -12.66 -28.86
N ILE K 1 -44.18 20.01 -32.80
CA ILE K 1 -42.96 20.15 -33.60
C ILE K 1 -42.87 21.52 -34.27
N GLN K 2 -42.24 22.47 -33.55
CA GLN K 2 -41.95 23.86 -33.97
C GLN K 2 -43.15 24.62 -34.54
N MET K 3 -43.88 25.34 -33.68
CA MET K 3 -45.05 26.14 -34.08
C MET K 3 -44.61 27.56 -34.45
N THR K 4 -44.78 27.94 -35.72
CA THR K 4 -44.38 29.24 -36.26
C THR K 4 -45.57 30.18 -36.34
N GLN K 5 -45.57 31.21 -35.46
CA GLN K 5 -46.65 32.19 -35.39
C GLN K 5 -46.27 33.52 -36.00
N SER K 6 -47.19 34.06 -36.81
CA SER K 6 -47.09 35.34 -37.50
C SER K 6 -48.48 36.00 -37.54
N PRO K 7 -48.61 37.35 -37.34
CA PRO K 7 -47.54 38.35 -37.14
C PRO K 7 -47.04 38.44 -35.71
N SER K 8 -46.10 39.37 -35.47
CA SER K 8 -45.50 39.61 -34.15
C SER K 8 -46.46 40.35 -33.23
N THR K 9 -46.95 41.52 -33.69
CA THR K 9 -47.90 42.40 -33.02
C THR K 9 -48.86 42.91 -34.07
N LEU K 10 -50.15 42.54 -33.95
CA LEU K 10 -51.19 42.93 -34.89
C LEU K 10 -51.89 44.22 -34.44
N SER K 11 -51.87 45.25 -35.29
CA SER K 11 -52.50 46.53 -34.96
C SER K 11 -53.78 46.67 -35.79
N ALA K 12 -54.95 46.55 -35.13
CA ALA K 12 -56.25 46.68 -35.78
C ALA K 12 -57.33 47.27 -34.86
N SER K 13 -58.25 48.04 -35.46
CA SER K 13 -59.36 48.69 -34.76
C SER K 13 -60.58 47.77 -34.68
N VAL K 14 -61.49 48.08 -33.74
CA VAL K 14 -62.73 47.34 -33.47
C VAL K 14 -63.68 47.40 -34.68
N GLY K 15 -64.06 46.22 -35.17
CA GLY K 15 -64.93 46.07 -36.32
C GLY K 15 -64.29 45.34 -37.49
N ASP K 16 -62.94 45.34 -37.52
CA ASP K 16 -62.10 44.72 -38.56
C ASP K 16 -62.20 43.19 -38.55
N ARG K 17 -61.91 42.58 -39.70
CA ARG K 17 -61.92 41.13 -39.91
C ARG K 17 -60.46 40.68 -39.76
N VAL K 18 -60.01 40.62 -38.51
CA VAL K 18 -58.63 40.27 -38.15
C VAL K 18 -58.38 38.76 -38.18
N THR K 19 -57.21 38.36 -38.65
CA THR K 19 -56.86 36.95 -38.83
C THR K 19 -55.37 36.66 -38.53
N ILE K 20 -55.10 35.61 -37.72
CA ILE K 20 -53.77 35.18 -37.28
C ILE K 20 -53.42 33.83 -37.90
N THR K 21 -52.20 33.72 -38.44
CA THR K 21 -51.72 32.50 -39.09
C THR K 21 -50.83 31.67 -38.16
N CYS K 22 -50.61 30.41 -38.54
CA CYS K 22 -49.80 29.45 -37.80
C CYS K 22 -49.22 28.40 -38.74
N ARG K 23 -47.93 28.07 -38.53
CA ARG K 23 -47.21 27.07 -39.33
C ARG K 23 -46.71 25.88 -38.48
N ALA K 24 -46.47 24.72 -39.14
CA ALA K 24 -46.00 23.49 -38.49
C ALA K 24 -44.88 22.83 -39.30
N SER K 25 -43.84 22.35 -38.60
CA SER K 25 -42.68 21.69 -39.24
C SER K 25 -43.08 20.35 -39.87
N GLN K 26 -43.83 19.51 -39.13
CA GLN K 26 -44.35 18.23 -39.64
C GLN K 26 -45.81 18.44 -40.07
N SER K 27 -46.28 17.69 -41.09
CA SER K 27 -47.65 17.74 -41.61
C SER K 27 -48.66 17.20 -40.58
N ILE K 28 -49.31 18.13 -39.86
CA ILE K 28 -50.28 17.88 -38.80
C ILE K 28 -51.71 18.12 -39.29
N ASP K 29 -52.52 17.06 -39.22
CA ASP K 29 -53.90 17.05 -39.69
C ASP K 29 -54.79 17.95 -38.85
N ASN K 30 -55.22 17.46 -37.67
CA ASN K 30 -56.12 18.19 -36.78
C ASN K 30 -55.68 18.23 -35.34
N TRP K 31 -54.39 18.45 -35.13
CA TRP K 31 -53.93 18.54 -33.77
C TRP K 31 -53.45 19.94 -33.46
N LEU K 32 -54.39 20.90 -33.24
CA LEU K 32 -54.05 22.29 -32.92
C LEU K 32 -55.01 23.01 -32.01
N ALA K 33 -54.49 23.98 -31.23
CA ALA K 33 -55.24 24.79 -30.28
C ALA K 33 -54.82 26.25 -30.27
N TRP K 34 -55.78 27.14 -30.03
CA TRP K 34 -55.52 28.57 -29.93
C TRP K 34 -55.82 29.05 -28.51
N TYR K 35 -55.03 30.01 -28.03
CA TYR K 35 -55.19 30.55 -26.68
C TYR K 35 -55.40 32.05 -26.65
N GLN K 36 -56.02 32.56 -25.56
CA GLN K 36 -56.27 33.98 -25.34
C GLN K 36 -55.79 34.38 -23.95
N GLN K 37 -54.66 35.08 -23.89
CA GLN K 37 -54.07 35.47 -22.64
C GLN K 37 -54.05 36.99 -22.44
N LYS K 38 -54.99 37.48 -21.64
CA LYS K 38 -55.02 38.89 -21.28
C LYS K 38 -53.94 39.02 -20.21
N PRO K 39 -52.90 39.83 -20.43
CA PRO K 39 -51.80 39.89 -19.45
C PRO K 39 -52.26 40.20 -18.03
N GLY K 40 -52.00 39.27 -17.12
CA GLY K 40 -52.42 39.36 -15.73
C GLY K 40 -53.25 38.15 -15.32
N LYS K 41 -53.56 37.28 -16.30
CA LYS K 41 -54.30 36.03 -16.11
C LYS K 41 -53.87 34.96 -17.13
N ALA K 42 -53.88 33.68 -16.70
CA ALA K 42 -53.55 32.49 -17.49
C ALA K 42 -54.39 32.46 -18.76
N PRO K 43 -53.85 31.93 -19.87
CA PRO K 43 -54.63 31.91 -21.11
C PRO K 43 -55.84 31.00 -21.02
N LYS K 44 -56.85 31.27 -21.84
CA LYS K 44 -58.08 30.49 -21.88
C LYS K 44 -58.05 29.71 -23.20
N LEU K 45 -58.54 28.45 -23.22
CA LEU K 45 -58.59 27.66 -24.45
C LEU K 45 -59.69 28.19 -25.34
N LEU K 46 -59.36 28.55 -26.57
CA LEU K 46 -60.35 29.12 -27.48
C LEU K 46 -60.99 28.05 -28.34
N ILE K 47 -60.17 27.39 -29.15
CA ILE K 47 -60.61 26.38 -30.08
C ILE K 47 -59.66 25.19 -30.00
N TYR K 48 -60.22 24.00 -30.15
CA TYR K 48 -59.45 22.76 -30.13
C TYR K 48 -59.62 21.99 -31.43
N THR K 49 -58.54 21.30 -31.85
CA THR K 49 -58.44 20.49 -33.06
C THR K 49 -58.73 21.30 -34.33
N ALA K 50 -58.18 22.53 -34.37
CA ALA K 50 -58.23 23.52 -35.44
C ALA K 50 -59.62 24.05 -35.88
N SER K 51 -60.71 23.28 -35.70
CA SER K 51 -62.04 23.67 -36.22
C SER K 51 -63.14 23.88 -35.19
N ARG K 52 -63.14 23.04 -34.14
CA ARG K 52 -64.13 22.99 -33.08
C ARG K 52 -63.83 23.93 -31.92
N LEU K 53 -64.73 24.89 -31.68
CA LEU K 53 -64.60 25.87 -30.59
C LEU K 53 -64.83 25.24 -29.22
N GLU K 54 -64.22 25.82 -28.18
CA GLU K 54 -64.38 25.33 -26.81
C GLU K 54 -65.77 25.70 -26.31
N SER K 55 -66.31 24.90 -25.38
CA SER K 55 -67.64 25.13 -24.81
C SER K 55 -67.67 26.42 -23.99
N GLY K 56 -68.15 27.48 -24.63
CA GLY K 56 -68.27 28.79 -24.02
C GLY K 56 -67.19 29.75 -24.45
N VAL K 57 -67.12 30.01 -25.77
CA VAL K 57 -66.20 30.95 -26.40
C VAL K 57 -66.94 31.67 -27.54
N PRO K 58 -66.90 33.02 -27.60
CA PRO K 58 -67.67 33.73 -28.64
C PRO K 58 -67.54 33.20 -30.07
N SER K 59 -68.64 33.31 -30.82
CA SER K 59 -68.86 32.87 -32.22
C SER K 59 -68.01 33.60 -33.25
N ARG K 60 -67.52 34.82 -32.93
CA ARG K 60 -66.68 35.61 -33.83
C ARG K 60 -65.32 34.94 -34.11
N PHE K 61 -64.84 34.12 -33.15
CA PHE K 61 -63.59 33.36 -33.28
C PHE K 61 -63.82 32.15 -34.18
N SER K 62 -63.01 32.00 -35.22
CA SER K 62 -63.11 30.91 -36.17
C SER K 62 -61.73 30.43 -36.57
N GLY K 63 -61.49 29.17 -36.29
CA GLY K 63 -60.24 28.54 -36.65
C GLY K 63 -60.48 27.69 -37.87
N SER K 64 -59.58 27.76 -38.87
CA SER K 64 -59.63 27.02 -40.13
C SER K 64 -58.23 26.60 -40.58
N GLY K 65 -58.12 25.38 -41.08
CA GLY K 65 -56.84 24.88 -41.55
C GLY K 65 -56.65 23.40 -41.31
N SER K 66 -55.88 22.77 -42.21
CA SER K 66 -55.51 21.35 -42.24
C SER K 66 -54.22 21.18 -43.08
N GLY K 67 -53.46 20.13 -42.80
CA GLY K 67 -52.20 19.84 -43.47
C GLY K 67 -51.00 20.38 -42.71
N THR K 68 -50.72 21.69 -42.86
CA THR K 68 -49.61 22.36 -42.15
C THR K 68 -49.94 23.82 -41.82
N GLU K 69 -50.86 24.44 -42.57
CA GLU K 69 -51.26 25.83 -42.35
C GLU K 69 -52.60 25.99 -41.65
N PHE K 70 -52.59 26.77 -40.55
CA PHE K 70 -53.75 27.04 -39.68
C PHE K 70 -53.95 28.51 -39.48
N THR K 71 -55.22 28.95 -39.48
CA THR K 71 -55.65 30.35 -39.34
C THR K 71 -56.75 30.55 -38.29
N LEU K 72 -56.61 31.60 -37.48
CA LEU K 72 -57.60 32.02 -36.49
C LEU K 72 -58.07 33.41 -36.83
N THR K 73 -59.30 33.49 -37.34
CA THR K 73 -59.93 34.75 -37.70
C THR K 73 -60.98 35.18 -36.67
N ILE K 74 -61.09 36.50 -36.44
CA ILE K 74 -62.08 37.16 -35.58
C ILE K 74 -62.87 38.05 -36.55
N SER K 75 -64.12 37.65 -36.85
CA SER K 75 -65.04 38.33 -37.76
C SER K 75 -65.21 39.83 -37.45
N SER K 76 -65.62 40.17 -36.22
CA SER K 76 -65.77 41.57 -35.79
C SER K 76 -65.42 41.61 -34.33
N LEU K 77 -64.15 41.88 -34.06
CA LEU K 77 -63.63 41.88 -32.70
C LEU K 77 -64.22 42.99 -31.83
N GLN K 78 -64.43 42.65 -30.56
CA GLN K 78 -64.95 43.49 -29.49
C GLN K 78 -63.75 43.94 -28.62
N PRO K 79 -63.90 44.95 -27.71
CA PRO K 79 -62.76 45.33 -26.86
C PRO K 79 -62.26 44.26 -25.89
N ASP K 80 -63.07 43.24 -25.62
CA ASP K 80 -62.68 42.15 -24.73
C ASP K 80 -61.93 41.00 -25.43
N ASP K 81 -61.28 41.28 -26.58
CA ASP K 81 -60.52 40.32 -27.40
C ASP K 81 -59.05 40.74 -27.50
N PHE K 82 -58.74 41.93 -26.97
CA PHE K 82 -57.37 42.43 -27.01
C PHE K 82 -56.52 41.70 -26.00
N ALA K 83 -55.81 40.71 -26.53
CA ALA K 83 -54.90 39.86 -25.76
C ALA K 83 -53.90 39.21 -26.71
N THR K 84 -52.95 38.44 -26.16
CA THR K 84 -51.98 37.75 -27.00
C THR K 84 -52.57 36.38 -27.31
N TYR K 85 -52.41 35.96 -28.57
CA TYR K 85 -52.93 34.68 -29.06
C TYR K 85 -51.79 33.75 -29.38
N TYR K 86 -51.83 32.57 -28.78
CA TYR K 86 -50.80 31.57 -28.98
C TYR K 86 -51.36 30.40 -29.74
N CYS K 87 -50.57 29.90 -30.71
CA CYS K 87 -50.91 28.72 -31.50
C CYS K 87 -50.12 27.55 -30.95
N GLN K 88 -50.83 26.48 -30.52
CA GLN K 88 -50.23 25.34 -29.83
C GLN K 88 -50.68 23.96 -30.34
N HIS K 89 -49.72 23.09 -30.65
CA HIS K 89 -49.98 21.71 -31.06
C HIS K 89 -49.43 20.80 -29.96
N ARG K 90 -48.11 20.84 -29.75
CA ARG K 90 -47.44 20.13 -28.69
C ARG K 90 -47.10 21.28 -27.78
N THR K 91 -46.16 22.12 -28.23
CA THR K 91 -45.74 23.34 -27.55
C THR K 91 -46.37 24.53 -28.34
N PHE K 92 -46.34 25.73 -27.73
CA PHE K 92 -46.90 26.99 -28.25
C PHE K 92 -46.08 27.63 -29.38
N GLY K 93 -46.58 28.78 -29.86
CA GLY K 93 -45.95 29.60 -30.89
C GLY K 93 -45.31 30.82 -30.27
N GLN K 94 -44.98 31.81 -31.09
CA GLN K 94 -44.35 33.04 -30.62
C GLN K 94 -45.37 33.93 -29.89
N GLY K 95 -46.61 33.94 -30.39
CA GLY K 95 -47.68 34.75 -29.83
C GLY K 95 -47.87 36.04 -30.60
N THR K 96 -49.15 36.32 -30.96
CA THR K 96 -49.59 37.52 -31.70
C THR K 96 -50.25 38.51 -30.72
N LYS K 97 -49.51 39.57 -30.38
CA LYS K 97 -49.96 40.62 -29.48
C LYS K 97 -50.89 41.52 -30.29
N VAL K 98 -52.23 41.43 -30.05
CA VAL K 98 -53.20 42.26 -30.79
C VAL K 98 -53.50 43.57 -30.04
N GLU K 99 -53.13 44.66 -30.70
CA GLU K 99 -53.29 46.03 -30.23
C GLU K 99 -54.46 46.65 -30.97
N ILE K 100 -54.68 47.94 -30.73
CA ILE K 100 -55.77 48.71 -31.30
C ILE K 100 -55.22 49.86 -32.15
N LYS K 101 -55.79 50.06 -33.34
CA LYS K 101 -55.43 51.17 -34.20
C LYS K 101 -56.04 52.40 -33.55
N ARG K 102 -55.32 53.52 -33.64
CA ARG K 102 -55.74 54.79 -33.07
C ARG K 102 -54.97 55.96 -33.71
N THR K 103 -55.37 57.18 -33.34
CA THR K 103 -54.78 58.46 -33.74
C THR K 103 -53.42 58.59 -33.04
N VAL K 104 -52.38 59.00 -33.80
CA VAL K 104 -51.03 59.23 -33.27
C VAL K 104 -51.11 60.24 -32.12
N ALA K 105 -50.47 59.92 -30.99
CA ALA K 105 -50.44 60.76 -29.80
C ALA K 105 -49.00 61.14 -29.44
N ALA K 106 -48.78 62.43 -29.10
CA ALA K 106 -47.49 62.99 -28.73
C ALA K 106 -47.21 62.67 -27.26
N PRO K 107 -45.99 62.21 -26.92
CA PRO K 107 -45.70 61.93 -25.51
C PRO K 107 -45.48 63.19 -24.68
N SER K 108 -45.91 63.16 -23.42
CA SER K 108 -45.77 64.27 -22.48
C SER K 108 -44.45 64.05 -21.72
N VAL K 109 -43.34 64.52 -22.31
CA VAL K 109 -41.96 64.36 -21.81
C VAL K 109 -41.65 65.23 -20.59
N PHE K 110 -41.38 64.63 -19.40
CA PHE K 110 -41.01 65.35 -18.18
C PHE K 110 -39.85 64.66 -17.48
N ILE K 111 -38.73 65.39 -17.30
CA ILE K 111 -37.52 64.87 -16.66
C ILE K 111 -37.56 65.06 -15.12
N PHE K 112 -37.09 64.07 -14.36
CA PHE K 112 -37.06 64.09 -12.91
C PHE K 112 -35.63 64.00 -12.38
N PRO K 113 -35.22 64.95 -11.50
CA PRO K 113 -33.86 64.87 -10.95
C PRO K 113 -33.74 63.74 -9.92
N PRO K 114 -32.53 63.21 -9.61
CA PRO K 114 -32.44 62.16 -8.57
C PRO K 114 -32.81 62.74 -7.21
N SER K 115 -33.51 61.95 -6.35
CA SER K 115 -33.94 62.41 -5.02
C SER K 115 -32.74 62.79 -4.14
N ASP K 116 -32.95 63.71 -3.18
CA ASP K 116 -31.93 64.20 -2.25
C ASP K 116 -31.44 63.06 -1.33
N GLU K 117 -32.37 62.16 -0.92
CA GLU K 117 -32.13 60.97 -0.10
C GLU K 117 -31.31 59.98 -0.91
N GLN K 118 -31.55 59.93 -2.23
CA GLN K 118 -30.84 59.05 -3.16
C GLN K 118 -29.42 59.53 -3.43
N LEU K 119 -29.19 60.84 -3.36
CA LEU K 119 -27.89 61.43 -3.63
C LEU K 119 -26.91 61.13 -2.49
N LYS K 120 -27.41 61.14 -1.25
CA LYS K 120 -26.60 60.87 -0.07
C LYS K 120 -26.10 59.42 0.01
N SER K 121 -26.86 58.47 -0.54
CA SER K 121 -26.48 57.04 -0.52
C SER K 121 -25.29 56.67 -1.43
N GLY K 122 -24.96 57.53 -2.40
CA GLY K 122 -23.86 57.26 -3.33
C GLY K 122 -24.27 56.87 -4.73
N THR K 123 -25.44 56.23 -4.88
CA THR K 123 -25.98 55.83 -6.18
C THR K 123 -27.21 56.68 -6.50
N ALA K 124 -27.07 57.61 -7.47
CA ALA K 124 -28.14 58.52 -7.90
C ALA K 124 -28.53 58.30 -9.35
N SER K 125 -29.75 57.80 -9.54
CA SER K 125 -30.34 57.53 -10.85
C SER K 125 -31.25 58.69 -11.27
N VAL K 126 -31.16 59.09 -12.55
CA VAL K 126 -31.96 60.15 -13.16
C VAL K 126 -33.11 59.50 -13.94
N VAL K 127 -34.34 59.98 -13.67
CA VAL K 127 -35.57 59.45 -14.27
C VAL K 127 -36.13 60.41 -15.32
N CYS K 128 -36.62 59.84 -16.44
CA CYS K 128 -37.27 60.58 -17.51
C CYS K 128 -38.59 59.91 -17.86
N LEU K 129 -39.65 60.72 -17.90
CA LEU K 129 -40.99 60.26 -18.23
C LEU K 129 -41.40 60.79 -19.60
N LEU K 130 -42.23 60.01 -20.29
CA LEU K 130 -42.90 60.36 -21.52
C LEU K 130 -44.23 59.61 -21.57
N ASN K 131 -45.25 60.28 -21.02
CA ASN K 131 -46.60 59.76 -20.85
C ASN K 131 -47.48 59.93 -22.05
N ASN K 132 -48.36 58.96 -22.23
CA ASN K 132 -49.44 58.80 -23.21
C ASN K 132 -49.08 59.19 -24.65
N PHE K 133 -48.68 58.19 -25.41
CA PHE K 133 -48.31 58.27 -26.81
C PHE K 133 -48.79 56.97 -27.47
N TYR K 134 -49.31 57.11 -28.69
CA TYR K 134 -49.86 55.96 -29.39
C TYR K 134 -48.80 55.06 -30.12
N PRO K 135 -47.95 55.52 -31.06
CA PRO K 135 -47.07 54.57 -31.78
C PRO K 135 -45.98 54.13 -30.82
N ARG K 136 -46.01 52.84 -30.44
CA ARG K 136 -45.12 52.16 -29.50
C ARG K 136 -43.61 52.40 -29.77
N GLU K 137 -43.20 52.58 -31.05
CA GLU K 137 -41.79 52.79 -31.44
C GLU K 137 -41.34 54.22 -31.07
N ALA K 138 -40.91 54.38 -29.81
CA ALA K 138 -40.43 55.64 -29.27
C ALA K 138 -39.11 55.39 -28.59
N LYS K 139 -38.06 56.07 -29.05
CA LYS K 139 -36.71 55.89 -28.52
C LYS K 139 -36.24 57.09 -27.69
N VAL K 140 -35.53 56.77 -26.58
CA VAL K 140 -35.01 57.76 -25.65
C VAL K 140 -33.49 57.79 -25.70
N GLN K 141 -32.94 59.00 -25.84
CA GLN K 141 -31.53 59.26 -25.93
C GLN K 141 -31.07 60.11 -24.76
N TRP K 142 -30.29 59.52 -23.86
CA TRP K 142 -29.77 60.24 -22.72
C TRP K 142 -28.59 61.06 -23.14
N LYS K 143 -28.68 62.37 -22.92
CA LYS K 143 -27.62 63.30 -23.28
C LYS K 143 -27.14 64.08 -22.05
N VAL K 144 -25.99 63.68 -21.51
CA VAL K 144 -25.35 64.33 -20.36
C VAL K 144 -24.14 65.05 -20.92
N ASP K 145 -24.31 66.38 -21.10
CA ASP K 145 -23.36 67.28 -21.74
C ASP K 145 -23.10 66.84 -23.20
N ASN K 146 -24.12 66.16 -23.80
CA ASN K 146 -24.24 65.65 -25.18
C ASN K 146 -23.49 64.32 -25.51
N ALA K 147 -23.92 63.17 -24.90
CA ALA K 147 -23.44 61.76 -25.09
C ALA K 147 -23.80 60.92 -23.88
N LEU K 148 -24.19 59.61 -24.07
CA LEU K 148 -24.52 58.60 -23.04
C LEU K 148 -25.43 57.46 -23.55
N GLN K 149 -25.15 56.22 -23.12
CA GLN K 149 -25.90 55.01 -23.49
C GLN K 149 -25.79 53.89 -22.41
N SER K 150 -25.03 54.19 -21.32
CA SER K 150 -24.76 53.30 -20.17
C SER K 150 -25.95 52.96 -19.33
N GLY K 151 -26.51 53.95 -18.66
CA GLY K 151 -27.68 53.81 -17.81
C GLY K 151 -29.00 53.76 -18.58
N ASN K 152 -28.95 54.14 -19.88
CA ASN K 152 -30.07 54.19 -20.83
C ASN K 152 -30.71 52.80 -21.09
N SER K 153 -29.98 51.70 -20.78
CA SER K 153 -30.44 50.32 -20.95
C SER K 153 -31.58 49.91 -20.00
N GLN K 154 -32.02 50.84 -19.15
CA GLN K 154 -33.09 50.59 -18.20
C GLN K 154 -34.27 51.53 -18.47
N GLU K 155 -35.25 51.03 -19.24
CA GLU K 155 -36.50 51.71 -19.60
C GLU K 155 -37.66 50.71 -19.65
N SER K 156 -38.80 51.06 -19.01
CA SER K 156 -40.02 50.23 -18.92
C SER K 156 -41.18 50.87 -19.61
N VAL K 157 -42.17 50.05 -20.00
CA VAL K 157 -43.39 50.52 -20.67
C VAL K 157 -44.65 49.83 -20.11
N THR K 158 -45.69 50.63 -19.73
CA THR K 158 -47.00 50.11 -19.30
C THR K 158 -47.73 49.63 -20.56
N GLU K 159 -48.66 48.69 -20.43
CA GLU K 159 -49.40 48.26 -21.59
C GLU K 159 -50.45 49.31 -21.94
N GLN K 160 -51.03 49.19 -23.14
CA GLN K 160 -52.06 50.09 -23.64
C GLN K 160 -53.09 50.47 -22.55
N ASP K 161 -53.36 51.79 -22.41
CA ASP K 161 -54.32 52.36 -21.47
C ASP K 161 -55.76 51.88 -21.77
N SER K 162 -56.62 51.82 -20.74
CA SER K 162 -58.02 51.41 -20.91
C SER K 162 -58.89 52.53 -21.51
N LYS K 163 -58.61 53.80 -21.14
CA LYS K 163 -59.35 54.99 -21.59
C LYS K 163 -58.95 55.50 -22.99
N ASP K 164 -57.69 55.97 -23.15
CA ASP K 164 -57.17 56.60 -24.37
C ASP K 164 -56.23 55.72 -25.21
N SER K 165 -56.02 54.46 -24.78
CA SER K 165 -55.21 53.45 -25.47
C SER K 165 -53.83 53.96 -25.94
N THR K 166 -53.07 54.48 -24.96
CA THR K 166 -51.73 55.00 -25.22
C THR K 166 -50.73 54.35 -24.28
N TYR K 167 -49.52 54.12 -24.81
CA TYR K 167 -48.40 53.52 -24.12
C TYR K 167 -47.70 54.65 -23.35
N SER K 168 -46.89 54.29 -22.35
CA SER K 168 -46.16 55.24 -21.52
C SER K 168 -44.78 54.64 -21.22
N LEU K 169 -43.74 55.48 -21.20
CA LEU K 169 -42.35 55.06 -21.01
C LEU K 169 -41.66 55.80 -19.86
N SER K 170 -40.79 55.06 -19.16
CA SER K 170 -39.99 55.55 -18.03
C SER K 170 -38.54 55.13 -18.23
N SER K 171 -37.72 56.03 -18.77
CA SER K 171 -36.31 55.73 -18.97
C SER K 171 -35.52 56.22 -17.76
N THR K 172 -34.70 55.31 -17.18
CA THR K 172 -33.92 55.60 -15.97
C THR K 172 -32.43 55.44 -16.20
N LEU K 173 -31.76 56.58 -16.32
CA LEU K 173 -30.31 56.61 -16.45
C LEU K 173 -29.74 56.36 -15.05
N THR K 174 -28.99 55.28 -14.88
CA THR K 174 -28.41 54.97 -13.57
C THR K 174 -26.93 55.30 -13.59
N LEU K 175 -26.44 56.00 -12.55
CA LEU K 175 -25.03 56.42 -12.40
C LEU K 175 -24.68 56.64 -10.92
N SER K 176 -23.38 56.83 -10.61
CA SER K 176 -22.91 57.05 -9.24
C SER K 176 -22.92 58.55 -8.89
N LYS K 177 -22.68 58.86 -7.59
CA LYS K 177 -22.57 60.22 -7.07
C LYS K 177 -21.28 60.83 -7.60
N ALA K 178 -20.24 59.99 -7.83
CA ALA K 178 -18.94 60.35 -8.39
C ALA K 178 -19.11 60.86 -9.85
N ASP K 179 -19.98 60.20 -10.64
CA ASP K 179 -20.29 60.57 -12.03
C ASP K 179 -21.27 61.73 -12.08
N TYR K 180 -22.08 61.86 -11.02
CA TYR K 180 -23.03 62.94 -10.84
C TYR K 180 -22.24 64.15 -10.39
N GLU K 181 -22.61 65.32 -10.87
CA GLU K 181 -21.98 66.63 -10.62
C GLU K 181 -20.68 66.80 -11.37
N LYS K 182 -20.01 65.67 -11.76
CA LYS K 182 -18.80 65.64 -12.57
C LYS K 182 -19.21 66.15 -13.94
N HIS K 183 -20.53 66.20 -14.14
CA HIS K 183 -21.28 66.70 -15.28
C HIS K 183 -22.31 67.78 -14.85
N LYS K 184 -22.61 68.75 -15.76
CA LYS K 184 -23.48 69.90 -15.51
C LYS K 184 -24.93 69.73 -15.99
N VAL K 185 -25.17 69.65 -17.33
CA VAL K 185 -26.50 69.55 -17.93
C VAL K 185 -26.93 68.08 -18.18
N TYR K 186 -28.14 67.75 -17.67
CA TYR K 186 -28.77 66.43 -17.79
C TYR K 186 -29.99 66.54 -18.71
N ALA K 187 -29.88 65.95 -19.91
CA ALA K 187 -30.94 65.99 -20.92
C ALA K 187 -31.52 64.63 -21.21
N CYS K 188 -32.76 64.65 -21.72
CA CYS K 188 -33.54 63.48 -22.13
C CYS K 188 -34.14 63.75 -23.52
N GLU K 189 -33.37 63.36 -24.55
CA GLU K 189 -33.76 63.52 -25.94
C GLU K 189 -34.76 62.42 -26.32
N VAL K 190 -36.00 62.82 -26.68
CA VAL K 190 -37.07 61.88 -27.04
C VAL K 190 -37.38 61.96 -28.53
N THR K 191 -37.20 60.85 -29.24
CA THR K 191 -37.49 60.73 -30.67
C THR K 191 -38.78 59.95 -30.87
N HIS K 192 -39.81 60.62 -31.45
CA HIS K 192 -41.13 60.06 -31.71
C HIS K 192 -41.81 60.70 -32.91
N GLN K 193 -42.77 59.97 -33.51
CA GLN K 193 -43.52 60.38 -34.68
C GLN K 193 -44.46 61.56 -34.41
N GLY K 194 -45.04 61.58 -33.20
CA GLY K 194 -45.94 62.63 -32.73
C GLY K 194 -45.24 63.94 -32.40
N LEU K 195 -43.91 63.96 -32.58
CA LEU K 195 -43.06 65.09 -32.34
C LEU K 195 -42.39 65.47 -33.65
N SER K 196 -42.76 66.65 -34.20
CA SER K 196 -42.23 67.18 -35.47
C SER K 196 -40.73 67.43 -35.32
N SER K 197 -40.34 68.09 -34.23
CA SER K 197 -38.97 68.36 -33.85
C SER K 197 -38.74 67.63 -32.49
N PRO K 198 -37.97 66.51 -32.44
CA PRO K 198 -37.80 65.77 -31.18
C PRO K 198 -37.44 66.64 -29.99
N VAL K 199 -38.36 66.69 -29.01
CA VAL K 199 -38.29 67.51 -27.82
C VAL K 199 -37.29 66.96 -26.79
N THR K 200 -36.58 67.89 -26.12
CA THR K 200 -35.58 67.64 -25.08
C THR K 200 -35.98 68.42 -23.81
N LYS K 201 -36.14 67.71 -22.69
CA LYS K 201 -36.48 68.28 -21.37
C LYS K 201 -35.22 68.19 -20.52
N SER K 202 -34.69 69.35 -20.05
CA SER K 202 -33.43 69.37 -19.30
C SER K 202 -33.39 70.24 -18.05
N PHE K 203 -32.56 69.80 -17.09
CA PHE K 203 -32.22 70.47 -15.83
C PHE K 203 -30.68 70.49 -15.70
N ASN K 204 -30.15 71.17 -14.65
CA ASN K 204 -28.71 71.28 -14.41
C ASN K 204 -28.32 70.66 -13.07
N ARG K 205 -28.59 71.37 -11.97
CA ARG K 205 -28.34 70.99 -10.57
C ARG K 205 -29.28 71.77 -9.62
N GLY K 206 -29.50 73.06 -9.92
CA GLY K 206 -30.38 73.96 -9.19
C GLY K 206 -30.87 75.12 -10.04
N GLN L 1 -67.29 24.73 -11.86
CA GLN L 1 -66.99 24.17 -10.54
C GLN L 1 -65.51 23.78 -10.41
N VAL L 2 -64.86 23.57 -11.55
CA VAL L 2 -63.46 23.18 -11.67
C VAL L 2 -62.51 24.28 -11.17
N GLN L 3 -61.67 23.93 -10.20
CA GLN L 3 -60.68 24.83 -9.60
C GLN L 3 -59.34 24.11 -9.50
N LEU L 4 -58.26 24.86 -9.75
CA LEU L 4 -56.87 24.39 -9.70
C LEU L 4 -56.03 25.42 -8.97
N VAL L 5 -55.58 25.05 -7.77
CA VAL L 5 -54.80 25.93 -6.91
C VAL L 5 -53.36 25.46 -6.74
N GLU L 6 -52.43 26.41 -6.64
CA GLU L 6 -50.99 26.17 -6.46
C GLU L 6 -50.56 26.40 -5.01
N SER L 7 -49.53 25.65 -4.55
CA SER L 7 -49.02 25.75 -3.18
C SER L 7 -48.20 27.02 -2.94
N GLY L 8 -47.06 27.13 -3.61
CA GLY L 8 -46.17 28.27 -3.47
C GLY L 8 -44.73 27.96 -3.78
N GLY L 9 -43.93 29.01 -3.91
CA GLY L 9 -42.51 28.96 -4.23
C GLY L 9 -42.09 30.29 -4.82
N GLY L 10 -41.04 30.87 -4.25
CA GLY L 10 -40.55 32.17 -4.70
C GLY L 10 -39.08 32.15 -5.02
N VAL L 11 -38.28 32.79 -4.15
CA VAL L 11 -36.83 32.88 -4.27
C VAL L 11 -36.18 31.52 -3.97
N VAL L 12 -35.14 31.20 -4.75
CA VAL L 12 -34.33 30.00 -4.67
C VAL L 12 -32.99 30.26 -5.40
N GLN L 13 -31.87 29.91 -4.76
CA GLN L 13 -30.57 30.07 -5.37
C GLN L 13 -30.42 29.01 -6.46
N PRO L 14 -29.76 29.32 -7.60
CA PRO L 14 -29.63 28.31 -8.67
C PRO L 14 -28.91 27.03 -8.22
N GLY L 15 -29.60 25.89 -8.35
CA GLY L 15 -29.09 24.58 -7.96
C GLY L 15 -29.89 23.93 -6.85
N ARG L 16 -30.37 24.74 -5.90
CA ARG L 16 -31.18 24.28 -4.78
C ARG L 16 -32.57 23.85 -5.28
N SER L 17 -33.04 22.70 -4.79
CA SER L 17 -34.36 22.14 -5.16
C SER L 17 -35.51 22.92 -4.51
N LEU L 18 -36.64 22.99 -5.22
CA LEU L 18 -37.89 23.62 -4.79
C LEU L 18 -39.01 22.73 -5.29
N ARG L 19 -39.94 22.39 -4.39
CA ARG L 19 -41.09 21.59 -4.76
C ARG L 19 -42.39 22.39 -4.60
N LEU L 20 -43.17 22.39 -5.69
CA LEU L 20 -44.46 23.05 -5.83
C LEU L 20 -45.56 22.03 -6.12
N SER L 21 -46.75 22.30 -5.58
CA SER L 21 -47.91 21.42 -5.74
C SER L 21 -49.10 22.12 -6.37
N CYS L 22 -50.03 21.32 -6.92
CA CYS L 22 -51.29 21.79 -7.50
C CYS L 22 -52.47 20.96 -6.98
N ALA L 23 -53.25 21.54 -6.05
CA ALA L 23 -54.43 20.88 -5.49
C ALA L 23 -55.58 21.06 -6.45
N ALA L 24 -56.34 19.98 -6.66
CA ALA L 24 -57.45 19.96 -7.60
C ALA L 24 -58.77 19.64 -6.93
N SER L 25 -59.86 20.23 -7.47
CA SER L 25 -61.23 20.04 -7.00
C SER L 25 -62.26 20.40 -8.09
N GLY L 26 -63.50 19.98 -7.89
CA GLY L 26 -64.63 20.25 -8.77
C GLY L 26 -64.80 19.32 -9.95
N PHE L 27 -63.86 18.39 -10.16
CA PHE L 27 -63.88 17.43 -11.26
C PHE L 27 -63.26 16.08 -10.82
N THR L 28 -63.48 15.00 -11.61
CA THR L 28 -62.89 13.69 -11.30
C THR L 28 -61.43 13.79 -11.68
N PHE L 29 -60.58 13.93 -10.66
CA PHE L 29 -59.15 14.12 -10.79
C PHE L 29 -58.38 12.91 -11.30
N SER L 30 -58.73 11.69 -10.82
CA SER L 30 -58.08 10.44 -11.22
C SER L 30 -58.32 10.05 -12.68
N SER L 31 -59.32 10.67 -13.35
CA SER L 31 -59.65 10.36 -14.74
C SER L 31 -58.93 11.29 -15.74
N SER L 32 -59.02 12.62 -15.56
CA SER L 32 -58.40 13.58 -16.46
C SER L 32 -56.90 13.72 -16.23
N ALA L 33 -56.14 13.66 -17.32
CA ALA L 33 -54.69 13.78 -17.33
C ALA L 33 -54.31 15.18 -16.93
N MET L 34 -53.12 15.33 -16.32
CA MET L 34 -52.67 16.64 -15.86
C MET L 34 -51.34 17.11 -16.47
N HIS L 35 -51.15 18.45 -16.58
CA HIS L 35 -49.93 19.09 -17.14
C HIS L 35 -49.40 20.20 -16.26
N TRP L 36 -48.25 20.76 -16.68
CA TRP L 36 -47.59 21.89 -16.05
C TRP L 36 -47.03 22.83 -17.11
N VAL L 37 -47.21 24.17 -16.92
CA VAL L 37 -46.81 25.17 -17.91
C VAL L 37 -45.95 26.31 -17.29
N ARG L 38 -44.72 26.48 -17.86
CA ARG L 38 -43.75 27.52 -17.51
C ARG L 38 -44.09 28.81 -18.25
N GLN L 39 -44.07 29.93 -17.52
CA GLN L 39 -44.39 31.23 -18.12
C GLN L 39 -43.54 32.36 -17.60
N ALA L 40 -42.51 32.71 -18.35
CA ALA L 40 -41.69 33.86 -18.00
C ALA L 40 -42.37 35.13 -18.55
N PRO L 41 -42.18 36.33 -17.92
CA PRO L 41 -42.83 37.55 -18.45
C PRO L 41 -42.31 38.01 -19.82
N GLY L 42 -41.04 37.71 -20.10
CA GLY L 42 -40.34 38.09 -21.33
C GLY L 42 -40.29 37.07 -22.45
N LYS L 43 -41.25 36.12 -22.47
CA LYS L 43 -41.37 35.10 -23.54
C LYS L 43 -42.84 34.63 -23.76
N GLY L 44 -43.62 34.65 -22.69
CA GLY L 44 -45.00 34.23 -22.70
C GLY L 44 -45.11 32.80 -22.22
N LEU L 45 -45.74 31.93 -23.02
CA LEU L 45 -45.99 30.54 -22.65
C LEU L 45 -44.92 29.53 -23.09
N GLU L 46 -44.84 28.41 -22.34
CA GLU L 46 -43.96 27.27 -22.59
C GLU L 46 -44.45 26.06 -21.81
N TRP L 47 -44.59 24.92 -22.50
CA TRP L 47 -45.00 23.69 -21.85
C TRP L 47 -43.76 23.09 -21.14
N VAL L 48 -43.93 22.50 -19.93
CA VAL L 48 -42.76 21.99 -19.22
C VAL L 48 -42.79 20.46 -18.98
N ALA L 49 -43.98 19.85 -18.74
CA ALA L 49 -44.16 18.42 -18.47
C ALA L 49 -45.61 17.95 -18.59
N VAL L 50 -45.77 16.61 -18.69
CA VAL L 50 -47.05 15.89 -18.77
C VAL L 50 -46.96 14.57 -18.01
N ILE L 51 -48.03 14.25 -17.30
CA ILE L 51 -48.23 13.00 -16.55
C ILE L 51 -49.61 12.47 -16.92
N TRP L 52 -49.70 11.17 -17.24
CA TRP L 52 -51.00 10.58 -17.54
C TRP L 52 -51.69 10.35 -16.20
N SER L 53 -53.03 10.42 -16.21
CA SER L 53 -53.86 10.21 -15.04
C SER L 53 -53.77 8.77 -14.54
N ASP L 54 -53.78 8.59 -13.19
CA ASP L 54 -53.67 7.31 -12.49
C ASP L 54 -52.35 6.60 -12.85
N GLY L 55 -51.24 7.20 -12.41
CA GLY L 55 -49.89 6.69 -12.64
C GLY L 55 -49.35 6.82 -14.05
N SER L 56 -48.28 6.03 -14.34
CA SER L 56 -47.53 5.92 -15.60
C SER L 56 -47.06 7.29 -16.12
N ASN L 57 -45.99 7.81 -15.49
CA ASN L 57 -45.35 9.10 -15.79
C ASN L 57 -44.99 9.18 -17.26
N GLU L 58 -45.42 10.25 -17.90
CA GLU L 58 -45.16 10.44 -19.32
C GLU L 58 -43.89 11.27 -19.55
N ASN L 59 -43.85 12.05 -20.63
CA ASN L 59 -42.71 12.87 -21.02
C ASN L 59 -42.73 14.30 -20.42
N TYR L 60 -41.62 14.99 -20.54
CA TYR L 60 -41.42 16.36 -20.09
C TYR L 60 -40.93 17.10 -21.34
N ALA L 61 -40.66 18.40 -21.21
CA ALA L 61 -40.10 19.20 -22.29
C ALA L 61 -38.58 19.15 -22.19
N ASP L 62 -37.90 18.79 -23.31
CA ASP L 62 -36.43 18.69 -23.44
C ASP L 62 -35.66 19.98 -23.01
N SER L 63 -36.40 21.11 -22.85
CA SER L 63 -35.93 22.43 -22.43
C SER L 63 -35.26 22.40 -21.06
N VAL L 64 -35.66 21.40 -20.26
CA VAL L 64 -35.25 21.18 -18.87
C VAL L 64 -35.23 19.65 -18.49
N LYS L 65 -36.19 18.87 -19.03
CA LYS L 65 -36.46 17.42 -18.94
C LYS L 65 -35.70 16.62 -17.86
N GLY L 66 -34.43 16.32 -18.13
CA GLY L 66 -33.62 15.45 -17.30
C GLY L 66 -33.08 15.93 -15.98
N ARG L 67 -33.66 16.99 -15.38
CA ARG L 67 -33.14 17.44 -14.09
C ARG L 67 -34.25 17.73 -13.06
N PHE L 68 -35.47 17.22 -13.30
CA PHE L 68 -36.62 17.42 -12.43
C PHE L 68 -37.68 16.32 -12.69
N THR L 69 -38.64 16.15 -11.76
CA THR L 69 -39.71 15.13 -11.86
C THR L 69 -41.09 15.69 -11.53
N ILE L 70 -42.16 15.00 -11.97
CA ILE L 70 -43.55 15.37 -11.70
C ILE L 70 -44.29 14.22 -11.03
N SER L 71 -44.56 14.38 -9.72
CA SER L 71 -45.26 13.38 -8.93
C SER L 71 -46.77 13.58 -9.03
N ARG L 72 -47.55 12.54 -8.75
CA ARG L 72 -49.01 12.56 -8.79
C ARG L 72 -49.55 11.72 -7.64
N ASP L 73 -50.53 12.26 -6.91
CA ASP L 73 -51.19 11.56 -5.82
C ASP L 73 -52.68 11.68 -6.03
N ASN L 74 -53.32 10.56 -6.38
CA ASN L 74 -54.75 10.52 -6.67
C ASN L 74 -55.62 10.46 -5.43
N SER L 75 -55.05 10.01 -4.28
CA SER L 75 -55.76 9.97 -2.99
C SER L 75 -55.87 11.38 -2.39
N LYS L 76 -54.76 12.15 -2.38
CA LYS L 76 -54.72 13.53 -1.88
C LYS L 76 -55.32 14.52 -2.91
N ASN L 77 -55.44 14.09 -4.19
CA ASN L 77 -55.97 14.86 -5.33
C ASN L 77 -55.09 16.08 -5.67
N THR L 78 -53.78 15.95 -5.44
CA THR L 78 -52.77 16.96 -5.74
C THR L 78 -51.80 16.43 -6.79
N LEU L 79 -51.05 17.36 -7.37
CA LEU L 79 -50.02 17.13 -8.37
C LEU L 79 -48.75 17.84 -7.87
N TYR L 80 -47.58 17.42 -8.34
CA TYR L 80 -46.32 17.97 -7.88
C TYR L 80 -45.36 18.18 -9.03
N LEU L 81 -44.31 18.96 -8.77
CA LEU L 81 -43.22 19.24 -9.70
C LEU L 81 -41.97 19.47 -8.85
N GLN L 82 -41.22 18.39 -8.62
CA GLN L 82 -39.98 18.35 -7.85
C GLN L 82 -38.89 18.94 -8.74
N MET L 83 -38.71 20.26 -8.61
CA MET L 83 -37.77 21.03 -9.41
C MET L 83 -36.40 21.16 -8.73
N SER L 84 -35.44 20.30 -9.10
CA SER L 84 -34.07 20.29 -8.55
C SER L 84 -33.03 20.81 -9.56
N SER L 85 -31.78 21.11 -9.07
CA SER L 85 -30.64 21.61 -9.86
C SER L 85 -31.05 22.80 -10.76
N LEU L 86 -31.60 23.85 -10.15
CA LEU L 86 -32.11 25.02 -10.84
C LEU L 86 -31.04 25.86 -11.52
N ARG L 87 -31.44 26.47 -12.64
CA ARG L 87 -30.67 27.40 -13.44
C ARG L 87 -31.41 28.72 -13.33
N ALA L 88 -30.71 29.84 -13.55
CA ALA L 88 -31.25 31.20 -13.43
C ALA L 88 -32.35 31.53 -14.45
N GLU L 89 -32.35 30.85 -15.63
CA GLU L 89 -33.33 31.09 -16.71
C GLU L 89 -34.73 30.51 -16.46
N ASP L 90 -34.91 29.71 -15.38
CA ASP L 90 -36.21 29.15 -15.00
C ASP L 90 -37.08 30.15 -14.23
N THR L 91 -36.70 31.45 -14.25
CA THR L 91 -37.42 32.54 -13.61
C THR L 91 -38.74 32.71 -14.37
N ALA L 92 -39.79 32.02 -13.86
CA ALA L 92 -41.11 31.98 -14.47
C ALA L 92 -42.28 31.76 -13.48
N VAL L 93 -43.50 31.72 -14.05
CA VAL L 93 -44.78 31.51 -13.36
C VAL L 93 -45.28 30.15 -13.80
N TYR L 94 -45.59 29.30 -12.84
CA TYR L 94 -45.95 27.93 -13.13
C TYR L 94 -47.42 27.60 -12.93
N TYR L 95 -48.12 27.19 -14.02
CA TYR L 95 -49.54 26.80 -13.95
C TYR L 95 -49.73 25.29 -13.99
N CYS L 96 -50.94 24.86 -13.63
CA CYS L 96 -51.32 23.47 -13.75
C CYS L 96 -52.59 23.40 -14.57
N ALA L 97 -52.65 22.44 -15.51
CA ALA L 97 -53.78 22.26 -16.43
C ALA L 97 -54.29 20.82 -16.58
N THR L 98 -55.43 20.69 -17.28
CA THR L 98 -56.21 19.46 -17.52
C THR L 98 -56.60 19.37 -19.01
N ASP L 99 -56.95 18.14 -19.50
CA ASP L 99 -57.30 17.84 -20.91
C ASP L 99 -58.06 16.51 -21.09
N LYS L 100 -57.53 15.59 -21.94
CA LYS L 100 -57.98 14.23 -22.25
C LYS L 100 -59.35 14.17 -22.97
N THR L 101 -59.77 12.94 -23.39
CA THR L 101 -61.04 12.57 -24.05
C THR L 101 -61.32 13.47 -25.27
N TYR L 102 -62.60 13.92 -25.48
CA TYR L 102 -62.94 14.72 -26.67
C TYR L 102 -64.41 15.25 -26.89
N VAL L 103 -65.45 14.67 -26.25
CA VAL L 103 -66.88 15.00 -26.54
C VAL L 103 -67.15 14.48 -27.99
N SER L 104 -66.41 13.40 -28.30
CA SER L 104 -66.33 12.54 -29.49
C SER L 104 -65.35 11.38 -29.11
N GLY L 105 -65.22 11.21 -27.78
CA GLY L 105 -64.47 10.19 -27.03
C GLY L 105 -63.21 9.55 -27.53
N TYR L 106 -62.05 10.08 -27.10
CA TYR L 106 -60.72 9.50 -27.36
C TYR L 106 -59.87 9.49 -26.10
N THR L 107 -58.77 8.74 -26.11
CA THR L 107 -57.99 8.59 -24.89
C THR L 107 -56.49 8.89 -25.06
N SER L 108 -56.08 9.70 -26.06
CA SER L 108 -54.66 10.04 -26.24
C SER L 108 -54.23 11.15 -25.25
N THR L 109 -52.94 11.56 -25.30
CA THR L 109 -52.28 12.61 -24.51
C THR L 109 -53.06 13.91 -24.63
N TRP L 110 -53.31 14.37 -25.89
CA TRP L 110 -54.14 15.52 -26.23
C TRP L 110 -53.75 16.82 -25.50
N TYR L 111 -52.59 17.46 -25.83
CA TYR L 111 -52.17 18.70 -25.17
C TYR L 111 -53.08 19.89 -25.52
N TYR L 112 -54.22 19.98 -24.80
CA TYR L 112 -55.29 20.98 -24.94
C TYR L 112 -55.79 21.39 -23.54
N PHE L 113 -55.22 22.45 -23.01
CA PHE L 113 -55.52 22.98 -21.67
C PHE L 113 -56.79 23.82 -21.59
N ASN L 114 -57.94 23.16 -21.29
CA ASN L 114 -59.25 23.81 -21.12
C ASN L 114 -59.40 24.48 -19.75
N TYR L 115 -58.80 23.90 -18.71
CA TYR L 115 -58.85 24.40 -17.33
C TYR L 115 -57.47 24.65 -16.76
N TRP L 116 -57.21 25.91 -16.36
CA TRP L 116 -55.92 26.39 -15.84
C TRP L 116 -55.91 26.67 -14.33
N GLY L 117 -54.75 27.05 -13.82
CA GLY L 117 -54.56 27.40 -12.42
C GLY L 117 -54.49 28.90 -12.22
N GLN L 118 -53.59 29.34 -11.31
CA GLN L 118 -53.35 30.75 -10.98
C GLN L 118 -51.89 31.13 -11.22
N GLY L 119 -50.99 30.16 -11.01
CA GLY L 119 -49.56 30.32 -11.18
C GLY L 119 -48.88 30.94 -9.98
N THR L 120 -47.74 30.35 -9.57
CA THR L 120 -46.92 30.87 -8.47
C THR L 120 -45.58 31.27 -9.07
N LEU L 121 -45.25 32.56 -8.92
CA LEU L 121 -44.01 33.17 -9.42
C LEU L 121 -42.81 32.61 -8.64
N VAL L 122 -41.99 31.84 -9.34
CA VAL L 122 -40.75 31.24 -8.83
C VAL L 122 -39.57 31.93 -9.51
N THR L 123 -38.92 32.83 -8.75
CA THR L 123 -37.72 33.56 -9.20
C THR L 123 -36.48 32.78 -8.77
N VAL L 124 -35.66 32.35 -9.73
CA VAL L 124 -34.44 31.59 -9.45
C VAL L 124 -33.23 32.53 -9.51
N SER L 125 -32.79 33.03 -8.34
CA SER L 125 -31.64 33.92 -8.16
C SER L 125 -31.01 33.77 -6.77
N GLY L 126 -29.69 33.95 -6.71
CA GLY L 126 -28.95 33.84 -5.46
C GLY L 126 -29.18 35.02 -4.54
N ALA L 127 -29.60 36.18 -5.11
CA ALA L 127 -29.82 37.42 -4.37
C ALA L 127 -30.71 37.28 -3.14
N SER L 128 -30.34 38.01 -2.07
CA SER L 128 -30.99 38.08 -0.76
C SER L 128 -32.29 38.88 -0.81
N THR L 129 -33.32 38.43 -0.06
CA THR L 129 -34.63 39.07 0.05
C THR L 129 -34.45 40.34 0.85
N LYS L 130 -34.61 41.48 0.19
CA LYS L 130 -34.47 42.78 0.84
C LYS L 130 -35.61 43.72 0.48
N GLY L 131 -35.82 44.70 1.36
CA GLY L 131 -36.85 45.71 1.24
C GLY L 131 -36.55 46.81 0.25
N PRO L 132 -37.61 47.43 -0.34
CA PRO L 132 -37.37 48.54 -1.27
C PRO L 132 -37.11 49.88 -0.60
N SER L 133 -36.30 50.72 -1.26
CA SER L 133 -35.97 52.07 -0.82
C SER L 133 -36.75 53.00 -1.75
N VAL L 134 -37.69 53.78 -1.18
CA VAL L 134 -38.58 54.67 -1.92
C VAL L 134 -38.08 56.11 -1.94
N PHE L 135 -37.96 56.67 -3.16
CA PHE L 135 -37.49 58.03 -3.38
C PHE L 135 -38.52 58.81 -4.20
N PRO L 136 -38.90 60.04 -3.79
CA PRO L 136 -39.90 60.78 -4.54
C PRO L 136 -39.35 61.43 -5.79
N LEU L 137 -40.13 61.36 -6.87
CA LEU L 137 -39.81 61.96 -8.15
C LEU L 137 -40.24 63.41 -8.00
N ALA L 138 -39.25 64.30 -7.84
CA ALA L 138 -39.44 65.73 -7.61
C ALA L 138 -40.18 66.41 -8.75
N PRO L 139 -41.44 66.87 -8.51
CA PRO L 139 -42.20 67.52 -9.59
C PRO L 139 -41.66 68.91 -9.96
N SER L 140 -40.73 68.95 -10.94
CA SER L 140 -40.11 70.18 -11.45
C SER L 140 -41.16 71.11 -12.06
N SER L 141 -40.95 72.42 -11.91
CA SER L 141 -41.87 73.44 -12.40
C SER L 141 -41.56 73.91 -13.85
N LYS L 142 -41.12 72.97 -14.72
CA LYS L 142 -40.81 73.23 -16.14
C LYS L 142 -42.12 73.49 -16.89
N SER L 143 -43.01 72.50 -16.94
CA SER L 143 -44.33 72.63 -17.56
C SER L 143 -45.26 73.07 -16.43
N THR L 144 -45.16 74.37 -16.07
CA THR L 144 -45.87 75.03 -14.97
C THR L 144 -47.31 75.46 -15.35
N SER L 145 -47.85 74.90 -16.47
CA SER L 145 -49.22 75.13 -16.93
C SER L 145 -50.17 74.55 -15.87
N GLY L 146 -51.28 75.25 -15.63
CA GLY L 146 -52.26 74.89 -14.61
C GLY L 146 -53.10 73.64 -14.80
N GLY L 147 -52.79 72.84 -15.81
CA GLY L 147 -53.53 71.61 -16.08
C GLY L 147 -52.68 70.36 -16.22
N THR L 148 -51.36 70.54 -16.44
CA THR L 148 -50.45 69.41 -16.65
C THR L 148 -49.14 69.55 -15.89
N ALA L 149 -48.83 68.55 -15.05
CA ALA L 149 -47.60 68.45 -14.27
C ALA L 149 -47.46 66.99 -13.81
N ALA L 150 -46.25 66.39 -13.90
CA ALA L 150 -46.03 65.01 -13.47
C ALA L 150 -45.44 64.95 -12.06
N LEU L 151 -45.76 63.87 -11.36
CA LEU L 151 -45.38 63.59 -9.98
C LEU L 151 -45.30 62.09 -9.84
N GLY L 152 -44.28 61.62 -9.12
CA GLY L 152 -44.15 60.19 -8.93
C GLY L 152 -43.29 59.74 -7.77
N CYS L 153 -43.13 58.43 -7.68
CA CYS L 153 -42.32 57.76 -6.69
C CYS L 153 -41.39 56.81 -7.41
N LEU L 154 -40.29 56.42 -6.75
CA LEU L 154 -39.32 55.49 -7.31
C LEU L 154 -39.13 54.31 -6.37
N VAL L 155 -39.69 53.15 -6.74
CA VAL L 155 -39.55 51.91 -5.97
C VAL L 155 -38.25 51.30 -6.47
N LYS L 156 -37.15 51.67 -5.83
CA LYS L 156 -35.80 51.27 -6.19
C LYS L 156 -35.22 50.19 -5.28
N ASP L 157 -34.57 49.21 -5.92
CA ASP L 157 -33.82 48.10 -5.35
C ASP L 157 -34.60 47.21 -4.35
N TYR L 158 -35.50 46.37 -4.87
CA TYR L 158 -36.22 45.41 -4.03
C TYR L 158 -36.04 44.00 -4.57
N PHE L 159 -36.34 42.97 -3.76
CA PHE L 159 -36.18 41.57 -4.14
C PHE L 159 -36.96 40.65 -3.22
N PRO L 160 -37.83 39.74 -3.76
CA PRO L 160 -38.13 39.49 -5.18
C PRO L 160 -39.45 40.13 -5.63
N GLU L 161 -39.92 39.85 -6.85
CA GLU L 161 -41.21 40.33 -7.35
C GLU L 161 -42.39 39.74 -6.52
N PRO L 162 -43.51 40.44 -6.30
CA PRO L 162 -43.93 41.72 -6.88
C PRO L 162 -43.98 42.89 -5.87
N VAL L 163 -44.49 44.05 -6.35
CA VAL L 163 -44.72 45.28 -5.58
C VAL L 163 -46.08 45.89 -6.01
N THR L 164 -46.91 46.26 -5.02
CA THR L 164 -48.23 46.90 -5.20
C THR L 164 -48.13 48.39 -4.83
N VAL L 165 -48.42 49.29 -5.79
CA VAL L 165 -48.36 50.74 -5.58
C VAL L 165 -49.72 51.41 -5.82
N SER L 166 -50.17 52.18 -4.83
CA SER L 166 -51.40 52.97 -4.83
C SER L 166 -51.01 54.45 -4.55
N TRP L 167 -52.01 55.34 -4.56
CA TRP L 167 -51.85 56.79 -4.33
C TRP L 167 -52.98 57.29 -3.45
N ASN L 168 -52.62 57.91 -2.32
CA ASN L 168 -53.51 58.46 -1.28
C ASN L 168 -54.53 57.41 -0.82
N SER L 169 -54.00 56.19 -0.57
CA SER L 169 -54.70 54.95 -0.18
C SER L 169 -55.90 54.63 -1.10
N GLY L 170 -55.62 54.57 -2.40
CA GLY L 170 -56.62 54.26 -3.43
C GLY L 170 -57.60 55.37 -3.75
N ALA L 171 -57.14 56.65 -3.73
CA ALA L 171 -57.99 57.81 -4.05
C ALA L 171 -57.63 58.46 -5.41
N LEU L 172 -56.71 57.83 -6.19
CA LEU L 172 -56.27 58.31 -7.50
C LEU L 172 -56.36 57.27 -8.61
N THR L 173 -56.90 57.69 -9.77
CA THR L 173 -57.03 56.83 -10.94
C THR L 173 -56.56 57.55 -12.20
N SER L 174 -56.76 58.87 -12.23
CA SER L 174 -56.39 59.69 -13.38
C SER L 174 -54.87 59.96 -13.44
N GLY L 175 -54.24 59.49 -14.51
CA GLY L 175 -52.81 59.68 -14.74
C GLY L 175 -51.91 58.66 -14.08
N VAL L 176 -52.47 57.79 -13.19
CA VAL L 176 -51.72 56.75 -12.48
C VAL L 176 -51.19 55.67 -13.43
N HIS L 177 -49.89 55.75 -13.74
CA HIS L 177 -49.17 54.80 -14.59
C HIS L 177 -48.11 54.12 -13.76
N THR L 178 -48.38 52.88 -13.35
CA THR L 178 -47.45 52.09 -12.55
C THR L 178 -46.58 51.33 -13.52
N PHE L 179 -45.32 51.77 -13.70
CA PHE L 179 -44.39 51.15 -14.65
C PHE L 179 -43.93 49.79 -14.20
N PRO L 180 -43.73 48.85 -15.17
CA PRO L 180 -43.30 47.49 -14.78
C PRO L 180 -41.92 47.44 -14.15
N ALA L 181 -41.66 46.34 -13.43
CA ALA L 181 -40.40 46.09 -12.74
C ALA L 181 -39.26 45.86 -13.71
N VAL L 182 -38.08 46.40 -13.37
CA VAL L 182 -36.86 46.24 -14.17
C VAL L 182 -35.82 45.62 -13.24
N LEU L 183 -35.34 44.41 -13.55
CA LEU L 183 -34.26 43.84 -12.73
C LEU L 183 -33.00 44.49 -13.26
N GLN L 184 -32.45 45.43 -12.48
CA GLN L 184 -31.25 46.19 -12.85
C GLN L 184 -29.96 45.31 -12.84
N SER L 185 -28.78 45.96 -12.94
CA SER L 185 -27.47 45.29 -12.92
C SER L 185 -27.26 44.60 -11.56
N SER L 186 -26.97 43.28 -11.60
CA SER L 186 -26.75 42.41 -10.45
C SER L 186 -27.95 42.38 -9.52
N GLY L 187 -29.00 41.69 -9.97
CA GLY L 187 -30.27 41.53 -9.24
C GLY L 187 -30.98 42.83 -8.95
N LEU L 188 -31.95 42.78 -8.02
CA LEU L 188 -32.75 43.90 -7.53
C LEU L 188 -33.62 44.59 -8.59
N TYR L 189 -34.93 44.38 -8.47
CA TYR L 189 -35.91 45.02 -9.32
C TYR L 189 -36.12 46.44 -8.85
N SER L 190 -36.32 47.36 -9.80
CA SER L 190 -36.56 48.78 -9.57
C SER L 190 -37.59 49.27 -10.59
N LEU L 191 -38.69 49.86 -10.09
CA LEU L 191 -39.71 50.45 -10.94
C LEU L 191 -40.05 51.87 -10.47
N SER L 192 -41.05 52.47 -11.10
CA SER L 192 -41.51 53.80 -10.77
C SER L 192 -42.99 53.94 -11.09
N SER L 193 -43.70 54.71 -10.26
CA SER L 193 -45.11 55.00 -10.45
C SER L 193 -45.28 56.51 -10.56
N VAL L 194 -45.96 56.95 -11.63
CA VAL L 194 -46.20 58.34 -11.94
C VAL L 194 -47.72 58.67 -12.00
N VAL L 195 -48.04 59.97 -11.84
CA VAL L 195 -49.37 60.55 -11.86
C VAL L 195 -49.32 61.99 -12.43
N THR L 196 -50.28 62.34 -13.30
CA THR L 196 -50.35 63.67 -13.90
C THR L 196 -51.40 64.47 -13.15
N VAL L 197 -50.97 65.61 -12.59
CA VAL L 197 -51.78 66.52 -11.79
C VAL L 197 -51.68 67.97 -12.30
N PRO L 198 -52.77 68.77 -12.22
CA PRO L 198 -52.66 70.18 -12.63
C PRO L 198 -51.76 70.94 -11.66
N SER L 199 -51.25 72.13 -12.06
CA SER L 199 -50.39 72.97 -11.22
C SER L 199 -51.11 73.51 -9.99
N SER L 200 -52.44 73.61 -10.07
CA SER L 200 -53.29 74.07 -8.98
C SER L 200 -53.27 73.07 -7.80
N SER L 201 -53.23 71.75 -8.09
CA SER L 201 -53.16 70.67 -7.12
C SER L 201 -51.82 70.61 -6.37
N LEU L 202 -50.83 71.39 -6.85
CA LEU L 202 -49.50 71.51 -6.24
C LEU L 202 -49.60 72.57 -5.14
N GLY L 203 -50.09 72.14 -4.00
CA GLY L 203 -50.29 72.97 -2.82
C GLY L 203 -51.55 72.65 -2.05
N THR L 204 -52.66 72.42 -2.77
CA THR L 204 -53.99 72.10 -2.19
C THR L 204 -54.15 70.59 -1.89
N GLN L 205 -53.24 69.75 -2.42
CA GLN L 205 -53.29 68.32 -2.23
C GLN L 205 -51.95 67.69 -1.91
N THR L 206 -51.92 66.91 -0.82
CA THR L 206 -50.77 66.16 -0.34
C THR L 206 -50.74 64.84 -1.12
N TYR L 207 -49.61 64.52 -1.74
CA TYR L 207 -49.47 63.28 -2.50
C TYR L 207 -48.48 62.33 -1.88
N ILE L 208 -48.95 61.11 -1.59
CA ILE L 208 -48.17 60.02 -1.00
C ILE L 208 -48.39 58.73 -1.80
N CYS L 209 -47.37 57.88 -1.86
CA CYS L 209 -47.48 56.63 -2.60
C CYS L 209 -47.54 55.46 -1.63
N ASN L 210 -48.56 54.61 -1.79
CA ASN L 210 -48.82 53.46 -0.94
C ASN L 210 -48.13 52.18 -1.43
N VAL L 211 -46.80 52.21 -1.46
CA VAL L 211 -45.98 51.08 -1.88
C VAL L 211 -45.89 50.01 -0.79
N ASN L 212 -45.97 48.73 -1.19
CA ASN L 212 -45.79 47.58 -0.31
C ASN L 212 -45.09 46.43 -1.00
N HIS L 213 -44.20 45.78 -0.26
CA HIS L 213 -43.45 44.63 -0.72
C HIS L 213 -43.63 43.57 0.36
N LYS L 214 -44.71 42.77 0.24
CA LYS L 214 -45.03 41.69 1.18
C LYS L 214 -43.92 40.61 1.31
N PRO L 215 -43.10 40.23 0.28
CA PRO L 215 -42.03 39.25 0.56
C PRO L 215 -41.02 39.72 1.63
N SER L 216 -40.89 41.05 1.84
CA SER L 216 -40.02 41.67 2.87
C SER L 216 -40.82 42.41 3.96
N ASN L 217 -42.16 42.50 3.79
CA ASN L 217 -43.14 43.17 4.67
C ASN L 217 -42.80 44.65 4.91
N THR L 218 -42.32 45.35 3.86
CA THR L 218 -41.91 46.76 3.95
C THR L 218 -43.01 47.67 3.36
N LYS L 219 -43.85 48.25 4.24
CA LYS L 219 -44.89 49.19 3.86
C LYS L 219 -44.30 50.57 4.01
N VAL L 220 -44.18 51.31 2.90
CA VAL L 220 -43.60 52.66 2.85
C VAL L 220 -44.61 53.65 2.29
N ASP L 221 -44.62 54.87 2.86
CA ASP L 221 -45.46 55.99 2.43
C ASP L 221 -44.59 57.24 2.40
N LYS L 222 -44.32 57.73 1.19
CA LYS L 222 -43.43 58.85 0.95
C LYS L 222 -44.12 60.10 0.44
N ARG L 223 -43.80 61.23 1.10
CA ARG L 223 -44.28 62.58 0.81
C ARG L 223 -43.60 63.14 -0.44
N VAL L 224 -44.41 63.50 -1.45
CA VAL L 224 -43.91 64.05 -2.71
C VAL L 224 -44.28 65.52 -2.90
N GLU L 225 -43.25 66.39 -2.91
CA GLU L 225 -43.39 67.84 -3.12
C GLU L 225 -42.17 68.40 -3.90
N PRO L 226 -42.34 69.46 -4.75
CA PRO L 226 -41.18 70.02 -5.47
C PRO L 226 -40.11 70.66 -4.55
N ILE M 1 2.07 63.20 -7.91
CA ILE M 1 0.90 62.33 -7.80
C ILE M 1 -0.32 63.09 -7.21
N VAL M 2 -1.53 62.75 -7.70
CA VAL M 2 -2.80 63.33 -7.27
C VAL M 2 -3.74 62.20 -6.82
N LEU M 3 -4.25 62.30 -5.58
CA LEU M 3 -5.20 61.33 -5.04
C LEU M 3 -6.59 61.95 -4.93
N THR M 4 -7.57 61.36 -5.62
CA THR M 4 -8.95 61.82 -5.59
C THR M 4 -9.85 60.74 -4.99
N GLN M 5 -10.45 61.05 -3.84
CA GLN M 5 -11.33 60.11 -3.17
C GLN M 5 -12.79 60.46 -3.42
N SER M 6 -13.55 59.50 -3.97
CA SER M 6 -14.96 59.68 -4.30
C SER M 6 -15.83 58.59 -3.62
N PRO M 7 -17.08 58.89 -3.17
CA PRO M 7 -17.78 60.19 -3.18
C PRO M 7 -17.35 61.14 -2.07
N GLY M 8 -18.03 62.28 -1.94
CA GLY M 8 -17.74 63.28 -0.92
C GLY M 8 -18.28 62.89 0.45
N THR M 9 -19.57 62.47 0.49
CA THR M 9 -20.30 62.00 1.67
C THR M 9 -21.06 60.72 1.31
N LEU M 10 -20.95 59.68 2.16
CA LEU M 10 -21.62 58.41 1.94
C LEU M 10 -22.56 58.09 3.11
N SER M 11 -23.88 58.35 2.92
CA SER M 11 -24.93 58.12 3.91
C SER M 11 -25.58 56.77 3.66
N LEU M 12 -25.14 55.76 4.40
CA LEU M 12 -25.66 54.41 4.25
C LEU M 12 -26.19 53.82 5.54
N SER M 13 -27.17 52.91 5.39
CA SER M 13 -27.84 52.21 6.48
C SER M 13 -26.96 51.08 7.06
N PRO M 14 -27.06 50.77 8.38
CA PRO M 14 -26.24 49.68 8.95
C PRO M 14 -26.63 48.32 8.39
N GLY M 15 -25.62 47.53 8.01
CA GLY M 15 -25.81 46.22 7.39
C GLY M 15 -25.50 46.26 5.90
N GLU M 16 -25.89 47.37 5.23
CA GLU M 16 -25.65 47.63 3.80
C GLU M 16 -24.17 47.94 3.60
N THR M 17 -23.53 47.27 2.62
CA THR M 17 -22.10 47.43 2.28
C THR M 17 -21.78 48.83 1.72
N ALA M 18 -20.64 49.40 2.14
CA ALA M 18 -20.12 50.71 1.72
C ALA M 18 -18.86 50.54 0.85
N THR M 19 -18.80 51.21 -0.30
CA THR M 19 -17.66 51.14 -1.24
C THR M 19 -17.13 52.55 -1.50
N LEU M 20 -15.85 52.76 -1.18
CA LEU M 20 -15.16 54.05 -1.35
C LEU M 20 -14.10 53.87 -2.41
N SER M 21 -14.08 54.78 -3.38
CA SER M 21 -13.09 54.72 -4.45
C SER M 21 -12.04 55.78 -4.20
N CYS M 22 -10.80 55.49 -4.68
CA CYS M 22 -9.64 56.36 -4.55
C CYS M 22 -8.82 56.21 -5.83
N ARG M 23 -8.93 57.20 -6.71
CA ARG M 23 -8.22 57.22 -7.98
C ARG M 23 -6.94 58.04 -7.89
N ALA M 24 -5.88 57.59 -8.58
CA ALA M 24 -4.59 58.26 -8.65
C ALA M 24 -4.39 58.76 -10.07
N SER M 25 -3.78 59.95 -10.21
CA SER M 25 -3.50 60.55 -11.52
C SER M 25 -2.41 59.73 -12.22
N GLN M 26 -1.33 59.44 -11.48
CA GLN M 26 -0.19 58.65 -11.92
C GLN M 26 -0.36 57.22 -11.42
N SER M 27 0.02 56.21 -12.23
CA SER M 27 -0.07 54.79 -11.85
C SER M 27 0.73 54.56 -10.58
N VAL M 28 0.01 54.14 -9.54
CA VAL M 28 0.51 53.90 -8.20
C VAL M 28 1.33 52.63 -8.09
N SER M 29 2.33 52.63 -7.17
CA SER M 29 3.25 51.52 -6.89
C SER M 29 2.65 50.39 -6.00
N SER M 30 1.30 50.33 -5.91
CA SER M 30 0.45 49.35 -5.18
C SER M 30 0.72 49.24 -3.68
N SER M 31 1.93 48.79 -3.31
CA SER M 31 2.40 48.55 -1.95
C SER M 31 2.39 49.76 -1.01
N TYR M 32 2.37 50.98 -1.57
CA TYR M 32 2.39 52.21 -0.78
C TYR M 32 1.06 52.57 -0.14
N LEU M 33 -0.08 52.23 -0.79
CA LEU M 33 -1.42 52.57 -0.33
C LEU M 33 -1.75 51.98 1.04
N ALA M 34 -2.45 52.77 1.87
CA ALA M 34 -2.87 52.44 3.21
C ALA M 34 -4.10 53.28 3.51
N TRP M 35 -5.19 52.61 3.87
CA TRP M 35 -6.45 53.26 4.17
C TRP M 35 -6.51 53.61 5.64
N TYR M 36 -7.22 54.68 6.00
CA TYR M 36 -7.32 55.13 7.39
C TYR M 36 -8.75 55.36 7.86
N GLN M 37 -8.95 55.36 9.21
CA GLN M 37 -10.25 55.60 9.86
C GLN M 37 -10.10 56.59 10.99
N GLN M 38 -10.63 57.81 10.82
CA GLN M 38 -10.58 58.84 11.83
C GLN M 38 -11.96 59.12 12.41
N LYS M 39 -12.22 58.52 13.58
CA LYS M 39 -13.48 58.68 14.32
C LYS M 39 -13.57 60.13 14.88
N PRO M 40 -14.77 60.73 14.95
CA PRO M 40 -14.87 62.14 15.40
C PRO M 40 -14.12 62.49 16.69
N GLY M 41 -13.19 63.42 16.56
CA GLY M 41 -12.36 63.89 17.68
C GLY M 41 -11.46 62.83 18.26
N GLN M 42 -10.79 62.06 17.37
CA GLN M 42 -9.89 60.98 17.73
C GLN M 42 -8.73 60.94 16.73
N ALA M 43 -7.70 60.14 17.03
CA ALA M 43 -6.54 59.93 16.17
C ALA M 43 -6.88 58.92 15.06
N PRO M 44 -6.42 59.13 13.81
CA PRO M 44 -6.73 58.15 12.76
C PRO M 44 -5.99 56.85 12.98
N ARG M 45 -6.62 55.75 12.59
CA ARG M 45 -6.02 54.43 12.73
C ARG M 45 -5.85 53.74 11.39
N LEU M 46 -4.81 52.90 11.29
CA LEU M 46 -4.51 52.14 10.08
C LEU M 46 -5.58 51.08 9.87
N LEU M 47 -6.18 51.06 8.69
CA LEU M 47 -7.20 50.06 8.35
C LEU M 47 -6.58 48.93 7.52
N ILE M 48 -6.01 49.29 6.36
CA ILE M 48 -5.37 48.38 5.39
C ILE M 48 -3.93 48.86 5.22
N TYR M 49 -3.04 47.94 4.89
CA TYR M 49 -1.64 48.21 4.57
C TYR M 49 -1.35 47.56 3.24
N GLY M 50 -0.64 48.26 2.35
CA GLY M 50 -0.34 47.77 1.01
C GLY M 50 -1.55 47.50 0.14
N ALA M 51 -2.66 48.25 0.37
CA ALA M 51 -3.97 48.25 -0.32
C ALA M 51 -4.77 46.92 -0.24
N SER M 52 -4.23 45.85 0.38
CA SER M 52 -4.90 44.54 0.47
C SER M 52 -5.10 43.99 1.89
N GLY M 53 -4.01 43.85 2.63
CA GLY M 53 -3.99 43.27 3.98
C GLY M 53 -4.57 44.15 5.07
N ARG M 54 -5.46 43.55 5.86
CA ARG M 54 -6.12 44.20 7.00
C ARG M 54 -5.14 44.37 8.18
N ALA M 55 -5.06 45.59 8.76
CA ALA M 55 -4.17 45.96 9.87
C ALA M 55 -4.47 45.22 11.18
N THR M 56 -3.60 45.43 12.19
CA THR M 56 -3.65 44.81 13.52
C THR M 56 -4.91 45.25 14.26
N GLY M 57 -5.77 44.27 14.58
CA GLY M 57 -7.01 44.46 15.30
C GLY M 57 -8.18 45.00 14.50
N ILE M 58 -8.07 44.97 13.16
CA ILE M 58 -9.12 45.46 12.25
C ILE M 58 -10.01 44.29 11.76
N PRO M 59 -11.36 44.42 11.85
CA PRO M 59 -12.25 43.31 11.43
C PRO M 59 -12.15 42.98 9.94
N ASP M 60 -12.58 41.76 9.57
CA ASP M 60 -12.54 41.27 8.19
C ASP M 60 -13.69 41.80 7.31
N ARG M 61 -14.60 42.62 7.90
CA ARG M 61 -15.69 43.26 7.14
C ARG M 61 -15.11 44.38 6.30
N PHE M 62 -13.99 44.95 6.78
CA PHE M 62 -13.20 45.96 6.09
C PHE M 62 -12.33 45.17 5.13
N SER M 63 -12.42 45.49 3.83
CA SER M 63 -11.63 44.82 2.80
C SER M 63 -10.99 45.80 1.82
N GLY M 64 -9.66 45.71 1.73
CA GLY M 64 -8.88 46.54 0.82
C GLY M 64 -8.78 45.85 -0.52
N SER M 65 -8.93 46.62 -1.62
CA SER M 65 -8.88 46.13 -2.99
C SER M 65 -8.39 47.19 -3.99
N GLY M 66 -8.05 46.75 -5.19
CA GLY M 66 -7.62 47.63 -6.27
C GLY M 66 -6.20 47.40 -6.74
N SER M 67 -5.93 47.94 -7.95
CA SER M 67 -4.64 47.87 -8.65
C SER M 67 -4.57 48.99 -9.70
N GLY M 68 -3.39 49.62 -9.81
CA GLY M 68 -3.12 50.68 -10.78
C GLY M 68 -3.48 52.07 -10.29
N THR M 69 -4.66 52.57 -10.73
CA THR M 69 -5.18 53.89 -10.35
C THR M 69 -6.37 53.76 -9.41
N ASP M 70 -7.35 52.91 -9.78
CA ASP M 70 -8.53 52.71 -8.93
C ASP M 70 -8.30 51.70 -7.81
N PHE M 71 -8.50 52.16 -6.57
CA PHE M 71 -8.36 51.40 -5.33
C PHE M 71 -9.62 51.58 -4.52
N THR M 72 -10.19 50.48 -4.03
CA THR M 72 -11.46 50.48 -3.32
C THR M 72 -11.36 49.89 -1.93
N LEU M 73 -12.09 50.52 -1.01
CA LEU M 73 -12.29 50.10 0.36
C LEU M 73 -13.76 49.68 0.45
N THR M 74 -13.99 48.41 0.83
CA THR M 74 -15.34 47.85 0.95
C THR M 74 -15.60 47.43 2.41
N ILE M 75 -16.62 48.04 3.03
CA ILE M 75 -17.03 47.73 4.41
C ILE M 75 -18.41 47.08 4.32
N SER M 76 -18.50 45.76 4.60
CA SER M 76 -19.75 45.00 4.49
C SER M 76 -20.80 45.34 5.56
N ARG M 77 -20.90 44.52 6.62
CA ARG M 77 -21.94 44.66 7.63
C ARG M 77 -21.67 45.83 8.57
N LEU M 78 -22.10 47.03 8.12
CA LEU M 78 -21.97 48.31 8.82
C LEU M 78 -22.76 48.33 10.12
N GLU M 79 -22.31 49.17 11.04
CA GLU M 79 -22.87 49.38 12.37
C GLU M 79 -22.82 50.88 12.70
N PRO M 80 -23.57 51.41 13.71
CA PRO M 80 -23.50 52.86 13.99
C PRO M 80 -22.13 53.35 14.48
N GLU M 81 -21.29 52.42 14.97
CA GLU M 81 -19.94 52.69 15.49
C GLU M 81 -18.86 52.67 14.40
N ASP M 82 -19.28 52.60 13.11
CA ASP M 82 -18.40 52.60 11.95
C ASP M 82 -18.43 53.98 11.27
N PHE M 83 -19.03 54.97 11.95
CA PHE M 83 -19.11 56.36 11.49
C PHE M 83 -17.75 57.03 11.68
N ALA M 84 -17.09 57.39 10.55
CA ALA M 84 -15.78 58.03 10.53
C ALA M 84 -15.44 58.67 9.18
N VAL M 85 -14.23 59.25 9.11
CA VAL M 85 -13.69 59.86 7.91
C VAL M 85 -12.64 58.89 7.43
N TYR M 86 -12.69 58.55 6.14
CA TYR M 86 -11.78 57.57 5.54
C TYR M 86 -10.83 58.26 4.55
N TYR M 87 -9.53 57.91 4.61
CA TYR M 87 -8.50 58.49 3.76
C TYR M 87 -7.61 57.43 3.14
N CYS M 88 -7.18 57.69 1.90
CA CYS M 88 -6.24 56.84 1.18
C CYS M 88 -4.94 57.60 1.06
N GLN M 89 -3.81 56.93 1.26
CA GLN M 89 -2.53 57.63 1.22
C GLN M 89 -1.53 57.02 0.23
N GLN M 90 -0.57 57.84 -0.23
CA GLN M 90 0.49 57.43 -1.17
C GLN M 90 1.71 58.31 -1.01
N TYR M 91 2.80 57.92 -1.70
CA TYR M 91 4.03 58.69 -1.79
C TYR M 91 4.25 58.89 -3.28
N GLY M 92 4.39 60.14 -3.70
CA GLY M 92 4.59 60.46 -5.10
C GLY M 92 5.29 61.79 -5.27
N ARG M 93 6.21 61.86 -6.25
CA ARG M 93 7.06 63.01 -6.54
C ARG M 93 7.72 63.51 -5.23
N SER M 94 8.23 62.55 -4.43
CA SER M 94 8.89 62.70 -3.13
C SER M 94 8.08 63.54 -2.10
N GLY M 95 7.05 62.90 -1.55
CA GLY M 95 6.14 63.44 -0.55
C GLY M 95 4.95 62.52 -0.32
N TYR M 96 4.49 62.37 0.94
CA TYR M 96 3.34 61.53 1.29
C TYR M 96 2.00 62.28 1.23
N THR M 97 1.38 62.36 0.02
CA THR M 97 0.07 63.00 -0.17
C THR M 97 -1.04 62.08 0.30
N PHE M 98 -2.06 62.67 0.91
CA PHE M 98 -3.22 61.96 1.41
C PHE M 98 -4.45 62.30 0.56
N GLY M 99 -5.51 61.53 0.78
CA GLY M 99 -6.76 61.65 0.05
C GLY M 99 -7.64 62.80 0.53
N GLN M 100 -8.67 63.08 -0.26
CA GLN M 100 -9.68 64.11 -0.01
C GLN M 100 -10.46 63.78 1.27
N GLY M 101 -11.03 62.57 1.33
CA GLY M 101 -11.81 62.10 2.47
C GLY M 101 -13.29 61.97 2.21
N THR M 102 -13.91 60.93 2.78
CA THR M 102 -15.33 60.66 2.65
C THR M 102 -15.92 60.43 4.04
N LYS M 103 -16.85 61.29 4.48
CA LYS M 103 -17.50 61.10 5.77
C LYS M 103 -18.68 60.18 5.60
N LEU M 104 -18.57 58.99 6.23
CA LEU M 104 -19.60 57.96 6.15
C LEU M 104 -20.63 58.13 7.26
N GLU M 105 -21.86 58.54 6.89
CA GLU M 105 -22.98 58.78 7.78
C GLU M 105 -23.80 57.48 7.94
N ILE M 106 -23.87 56.95 9.17
CA ILE M 106 -24.63 55.73 9.44
C ILE M 106 -26.09 56.13 9.66
N LYS M 107 -26.96 55.70 8.74
CA LYS M 107 -28.37 56.03 8.77
C LYS M 107 -29.16 55.34 9.88
N ARG M 108 -30.33 55.91 10.18
CA ARG M 108 -31.30 55.45 11.19
C ARG M 108 -32.69 56.06 10.87
N THR M 109 -33.70 55.75 11.72
CA THR M 109 -35.06 56.29 11.59
C THR M 109 -35.00 57.79 11.84
N VAL M 110 -35.75 58.57 11.02
CA VAL M 110 -35.82 60.03 11.10
C VAL M 110 -36.34 60.42 12.50
N ALA M 111 -35.41 60.91 13.33
CA ALA M 111 -35.68 61.27 14.73
C ALA M 111 -35.96 62.76 14.93
N ALA M 112 -36.98 63.04 15.74
CA ALA M 112 -37.42 64.37 16.12
C ALA M 112 -36.52 64.98 17.20
N PRO M 113 -36.19 66.29 17.08
CA PRO M 113 -35.34 66.93 18.10
C PRO M 113 -36.05 67.32 19.40
N SER M 114 -35.35 67.15 20.53
CA SER M 114 -35.83 67.51 21.87
C SER M 114 -35.34 68.95 22.10
N VAL M 115 -36.16 69.93 21.74
CA VAL M 115 -35.82 71.36 21.81
C VAL M 115 -35.99 71.92 23.24
N PHE M 116 -34.94 72.58 23.76
CA PHE M 116 -34.90 73.23 25.08
C PHE M 116 -34.36 74.63 24.91
N ILE M 117 -34.95 75.65 25.56
CA ILE M 117 -34.44 77.02 25.46
C ILE M 117 -33.84 77.47 26.80
N PHE M 118 -32.74 78.24 26.75
CA PHE M 118 -32.04 78.76 27.92
C PHE M 118 -31.90 80.30 27.91
N PRO M 119 -32.45 81.00 28.93
CA PRO M 119 -32.31 82.47 28.98
C PRO M 119 -30.86 82.86 29.36
N PRO M 120 -30.44 84.14 29.22
CA PRO M 120 -29.09 84.51 29.64
C PRO M 120 -28.87 84.40 31.15
N SER M 121 -27.67 83.97 31.58
CA SER M 121 -27.31 83.80 32.99
C SER M 121 -27.33 85.13 33.75
N ASP M 122 -27.54 85.07 35.09
CA ASP M 122 -27.60 86.22 36.01
C ASP M 122 -26.30 87.01 36.01
N GLU M 123 -25.16 86.31 35.97
CA GLU M 123 -23.81 86.88 35.95
C GLU M 123 -23.59 87.63 34.64
N GLN M 124 -24.10 87.07 33.53
CA GLN M 124 -23.96 87.68 32.21
C GLN M 124 -24.79 88.95 32.11
N LEU M 125 -26.01 88.95 32.67
CA LEU M 125 -26.92 90.10 32.64
C LEU M 125 -26.36 91.34 33.35
N LYS M 126 -25.57 91.14 34.42
CA LYS M 126 -24.91 92.21 35.18
C LYS M 126 -23.71 92.78 34.40
N SER M 127 -23.07 91.96 33.52
CA SER M 127 -21.90 92.35 32.72
C SER M 127 -22.24 93.01 31.36
N GLY M 128 -23.48 93.45 31.21
CA GLY M 128 -23.96 94.13 30.00
C GLY M 128 -24.10 93.29 28.75
N THR M 129 -24.11 91.95 28.89
CA THR M 129 -24.28 91.01 27.77
C THR M 129 -25.46 90.10 28.05
N ALA M 130 -26.14 89.63 27.01
CA ALA M 130 -27.29 88.74 27.12
C ALA M 130 -27.26 87.74 25.97
N SER M 131 -27.02 86.46 26.30
CA SER M 131 -26.96 85.36 25.33
C SER M 131 -28.05 84.33 25.56
N VAL M 132 -28.94 84.18 24.57
CA VAL M 132 -30.01 83.20 24.63
C VAL M 132 -29.52 82.00 23.84
N VAL M 133 -29.51 80.84 24.49
CA VAL M 133 -29.04 79.59 23.90
C VAL M 133 -30.21 78.63 23.73
N CYS M 134 -30.40 78.16 22.49
CA CYS M 134 -31.43 77.20 22.11
C CYS M 134 -30.76 75.86 21.80
N LEU M 135 -31.06 74.85 22.62
CA LEU M 135 -30.54 73.50 22.51
C LEU M 135 -31.55 72.62 21.75
N LEU M 136 -31.05 71.85 20.78
CA LEU M 136 -31.86 70.93 19.96
C LEU M 136 -31.19 69.60 20.17
N ASN M 137 -31.69 68.82 21.11
CA ASN M 137 -31.05 67.55 21.44
C ASN M 137 -31.47 66.34 20.60
N ASN M 138 -30.48 65.47 20.32
CA ASN M 138 -30.45 64.18 19.61
C ASN M 138 -31.58 63.97 18.58
N PHE M 139 -31.24 64.22 17.30
CA PHE M 139 -32.15 64.13 16.14
C PHE M 139 -31.48 63.58 14.88
N TYR M 140 -32.28 63.26 13.87
CA TYR M 140 -31.79 62.76 12.60
C TYR M 140 -32.70 63.27 11.50
N PRO M 141 -32.19 63.75 10.34
CA PRO M 141 -30.78 63.89 9.93
C PRO M 141 -30.19 65.21 10.42
N ARG M 142 -28.92 65.49 10.07
CA ARG M 142 -28.23 66.72 10.47
C ARG M 142 -28.94 67.98 9.95
N GLU M 143 -29.55 67.85 8.77
CA GLU M 143 -30.28 68.91 8.07
C GLU M 143 -31.44 69.44 8.94
N ALA M 144 -31.17 70.51 9.71
CA ALA M 144 -32.16 71.17 10.58
C ALA M 144 -32.12 72.69 10.44
N LYS M 145 -33.31 73.32 10.42
CA LYS M 145 -33.51 74.76 10.25
C LYS M 145 -33.91 75.44 11.57
N VAL M 146 -33.14 76.47 12.00
CA VAL M 146 -33.41 77.26 13.21
C VAL M 146 -33.29 78.77 13.00
N GLN M 147 -34.23 79.52 13.59
CA GLN M 147 -34.29 80.97 13.49
C GLN M 147 -34.72 81.59 14.81
N TRP M 148 -34.27 82.82 15.09
CA TRP M 148 -34.64 83.52 16.33
C TRP M 148 -35.72 84.54 16.07
N LYS M 149 -36.68 84.66 17.00
CA LYS M 149 -37.79 85.62 16.94
C LYS M 149 -37.86 86.47 18.22
N VAL M 150 -37.49 87.76 18.09
CA VAL M 150 -37.48 88.77 19.16
C VAL M 150 -38.74 89.64 18.99
N ASP M 151 -39.79 89.34 19.81
CA ASP M 151 -41.12 90.00 19.80
C ASP M 151 -41.72 89.90 18.39
N ASN M 152 -41.62 88.69 17.80
CA ASN M 152 -42.06 88.30 16.45
C ASN M 152 -41.34 89.11 15.35
N ALA M 153 -40.00 89.09 15.38
CA ALA M 153 -39.08 89.74 14.44
C ALA M 153 -37.76 88.99 14.40
N LEU M 154 -37.34 88.52 13.21
CA LEU M 154 -36.11 87.75 13.00
C LEU M 154 -34.87 88.54 13.31
N GLN M 155 -33.93 87.93 14.05
CA GLN M 155 -32.67 88.58 14.40
C GLN M 155 -31.51 87.75 13.83
N SER M 156 -30.62 88.41 13.05
CA SER M 156 -29.47 87.75 12.46
C SER M 156 -28.19 88.56 12.65
N GLY M 157 -27.05 87.93 12.35
CA GLY M 157 -25.71 88.53 12.44
C GLY M 157 -25.06 88.43 13.81
N ASN M 158 -25.82 87.94 14.81
CA ASN M 158 -25.36 87.79 16.19
C ASN M 158 -25.43 86.33 16.64
N SER M 159 -26.47 85.62 16.17
CA SER M 159 -26.74 84.21 16.46
C SER M 159 -25.79 83.27 15.73
N GLN M 160 -25.00 82.51 16.51
CA GLN M 160 -24.04 81.54 15.97
C GLN M 160 -24.47 80.10 16.32
N GLU M 161 -24.61 79.26 15.27
CA GLU M 161 -25.01 77.87 15.43
C GLU M 161 -23.79 76.94 15.49
N SER M 162 -23.88 75.90 16.34
CA SER M 162 -22.88 74.85 16.56
C SER M 162 -23.54 73.48 16.47
N VAL M 163 -22.94 72.58 15.70
CA VAL M 163 -23.47 71.25 15.52
C VAL M 163 -22.41 70.19 15.81
N THR M 164 -22.78 69.19 16.61
CA THR M 164 -21.90 68.08 16.92
C THR M 164 -21.94 67.06 15.77
N GLU M 165 -20.96 66.15 15.72
CA GLU M 165 -20.98 65.10 14.72
C GLU M 165 -21.86 63.97 15.24
N GLN M 166 -22.18 63.00 14.38
CA GLN M 166 -23.05 61.88 14.70
C GLN M 166 -22.58 61.08 15.92
N ASP M 167 -23.32 61.18 17.04
CA ASP M 167 -23.00 60.46 18.28
C ASP M 167 -23.23 58.99 18.00
N SER M 168 -22.16 58.26 17.64
CA SER M 168 -22.18 56.84 17.28
C SER M 168 -22.86 55.91 18.32
N LYS M 169 -23.20 56.42 19.52
CA LYS M 169 -23.90 55.68 20.59
C LYS M 169 -25.40 55.50 20.25
N ASP M 170 -25.97 56.44 19.46
CA ASP M 170 -27.38 56.42 19.02
C ASP M 170 -27.62 57.01 17.60
N SER M 171 -26.53 57.38 16.89
CA SER M 171 -26.47 57.98 15.55
C SER M 171 -27.32 59.25 15.40
N THR M 172 -27.18 60.18 16.36
CA THR M 172 -27.95 61.42 16.35
C THR M 172 -27.08 62.66 16.46
N TYR M 173 -27.53 63.75 15.81
CA TYR M 173 -26.90 65.05 15.81
C TYR M 173 -27.57 65.95 16.86
N SER M 174 -26.93 67.07 17.19
CA SER M 174 -27.44 68.02 18.15
C SER M 174 -27.00 69.41 17.74
N LEU M 175 -27.87 70.41 17.99
CA LEU M 175 -27.63 71.81 17.65
C LEU M 175 -27.64 72.71 18.90
N SER M 176 -26.99 73.89 18.82
CA SER M 176 -26.94 74.91 19.87
C SER M 176 -26.71 76.30 19.26
N SER M 177 -27.79 77.04 19.05
CA SER M 177 -27.68 78.40 18.51
C SER M 177 -27.54 79.38 19.67
N THR M 178 -26.66 80.39 19.54
CA THR M 178 -26.42 81.37 20.60
C THR M 178 -26.70 82.82 20.11
N LEU M 179 -27.87 83.37 20.48
CA LEU M 179 -28.22 84.74 20.13
C LEU M 179 -27.62 85.67 21.18
N THR M 180 -26.78 86.62 20.77
CA THR M 180 -26.13 87.55 21.70
C THR M 180 -26.62 88.97 21.44
N LEU M 181 -26.95 89.70 22.52
CA LEU M 181 -27.39 91.10 22.52
C LEU M 181 -26.88 91.82 23.78
N SER M 182 -26.98 93.16 23.83
CA SER M 182 -26.56 93.94 25.00
C SER M 182 -27.63 93.89 26.08
N LYS M 183 -27.34 94.48 27.24
CA LYS M 183 -28.28 94.58 28.36
C LYS M 183 -29.49 95.42 27.95
N ALA M 184 -29.26 96.57 27.27
CA ALA M 184 -30.30 97.48 26.79
C ALA M 184 -31.26 96.83 25.80
N ASP M 185 -30.71 95.95 24.94
CA ASP M 185 -31.49 95.21 23.94
C ASP M 185 -32.31 94.11 24.60
N TYR M 186 -31.83 93.59 25.74
CA TYR M 186 -32.54 92.55 26.49
C TYR M 186 -33.76 93.13 27.23
N GLU M 187 -33.62 94.38 27.73
CA GLU M 187 -34.67 95.09 28.45
C GLU M 187 -35.81 95.57 27.55
N LYS M 188 -35.47 96.06 26.32
CA LYS M 188 -36.44 96.62 25.37
C LYS M 188 -37.43 95.60 24.75
N HIS M 189 -37.16 94.29 24.85
CA HIS M 189 -38.05 93.25 24.34
C HIS M 189 -38.51 92.31 25.49
N LYS M 190 -39.66 91.64 25.33
CA LYS M 190 -40.14 90.78 26.41
C LYS M 190 -40.22 89.29 26.05
N VAL M 191 -40.70 88.91 24.85
CA VAL M 191 -40.79 87.49 24.47
C VAL M 191 -39.73 87.11 23.41
N TYR M 192 -38.87 86.12 23.75
CA TYR M 192 -37.81 85.63 22.87
C TYR M 192 -38.09 84.18 22.50
N ALA M 193 -38.30 83.95 21.20
CA ALA M 193 -38.64 82.66 20.60
C ALA M 193 -37.54 82.01 19.79
N CYS M 194 -37.58 80.67 19.75
CA CYS M 194 -36.66 79.84 19.00
C CYS M 194 -37.45 79.01 17.98
N GLU M 195 -37.46 79.46 16.71
CA GLU M 195 -38.15 78.78 15.61
C GLU M 195 -37.34 77.59 15.11
N VAL M 196 -37.92 76.38 15.25
CA VAL M 196 -37.29 75.10 14.86
C VAL M 196 -38.09 74.43 13.73
N THR M 197 -37.42 74.09 12.64
CA THR M 197 -38.01 73.42 11.49
C THR M 197 -37.15 72.23 11.14
N HIS M 198 -37.74 71.03 11.18
CA HIS M 198 -37.06 69.76 10.93
C HIS M 198 -38.03 68.74 10.31
N GLN M 199 -37.47 67.68 9.67
CA GLN M 199 -38.24 66.61 9.03
C GLN M 199 -38.94 65.72 10.07
N GLY M 200 -38.22 65.38 11.14
CA GLY M 200 -38.72 64.56 12.25
C GLY M 200 -39.93 65.17 12.92
N LEU M 201 -39.87 66.48 13.18
CA LEU M 201 -40.98 67.21 13.76
C LEU M 201 -41.66 68.00 12.65
N SER M 202 -42.68 67.37 12.05
CA SER M 202 -43.52 67.87 10.94
C SER M 202 -44.07 69.27 11.18
N SER M 203 -44.59 69.53 12.40
CA SER M 203 -45.10 70.84 12.79
C SER M 203 -43.92 71.70 13.28
N PRO M 204 -43.67 72.90 12.69
CA PRO M 204 -42.53 73.72 13.16
C PRO M 204 -42.81 74.28 14.55
N VAL M 205 -42.13 73.70 15.56
CA VAL M 205 -42.28 74.04 16.99
C VAL M 205 -41.49 75.31 17.31
N THR M 206 -42.11 76.23 18.07
CA THR M 206 -41.49 77.48 18.52
C THR M 206 -41.56 77.55 20.05
N LYS M 207 -40.43 77.30 20.70
CA LYS M 207 -40.35 77.34 22.15
C LYS M 207 -39.82 78.71 22.55
N SER M 208 -40.64 79.45 23.32
CA SER M 208 -40.31 80.80 23.76
C SER M 208 -40.36 81.00 25.27
N PHE M 209 -39.75 82.11 25.73
CA PHE M 209 -39.74 82.51 27.13
C PHE M 209 -40.02 83.99 27.28
N ASN M 210 -40.32 84.40 28.51
CA ASN M 210 -40.64 85.79 28.82
C ASN M 210 -39.56 86.39 29.71
N ARG M 211 -39.40 87.73 29.61
CA ARG M 211 -38.43 88.52 30.37
C ARG M 211 -38.55 88.28 31.90
N GLY M 212 -39.75 87.92 32.35
CA GLY M 212 -40.03 87.61 33.76
C GLY M 212 -39.80 86.16 34.15
N GLU M 213 -39.64 85.93 35.48
CA GLU M 213 -39.39 84.61 36.11
C GLU M 213 -40.58 84.09 36.92
N ILE N 1 33.55 -43.35 2.00
CA ILE N 1 33.86 -42.00 1.51
C ILE N 1 32.75 -40.99 1.90
N VAL N 2 33.15 -39.79 2.41
CA VAL N 2 32.24 -38.71 2.86
C VAL N 2 32.82 -37.32 2.50
N LEU N 3 32.01 -36.44 1.85
CA LEU N 3 32.38 -35.06 1.51
C LEU N 3 31.65 -34.09 2.45
N THR N 4 32.41 -33.23 3.14
CA THR N 4 31.89 -32.22 4.05
C THR N 4 32.35 -30.85 3.60
N GLN N 5 31.40 -29.99 3.22
CA GLN N 5 31.70 -28.64 2.78
C GLN N 5 31.40 -27.64 3.89
N SER N 6 32.42 -26.86 4.29
CA SER N 6 32.30 -25.85 5.36
C SER N 6 32.73 -24.44 4.87
N PRO N 7 32.12 -23.32 5.32
CA PRO N 7 30.99 -23.20 6.26
C PRO N 7 29.60 -23.47 5.63
N GLY N 8 28.52 -23.28 6.40
CA GLY N 8 27.16 -23.49 5.94
C GLY N 8 26.69 -22.38 5.02
N THR N 9 26.94 -21.13 5.43
CA THR N 9 26.58 -19.91 4.72
C THR N 9 27.73 -18.91 4.86
N LEU N 10 28.14 -18.31 3.74
CA LEU N 10 29.23 -17.34 3.72
C LEU N 10 28.73 -15.96 3.24
N SER N 11 28.43 -15.04 4.18
CA SER N 11 27.96 -13.68 3.85
C SER N 11 29.14 -12.74 3.83
N LEU N 12 29.61 -12.42 2.61
CA LEU N 12 30.77 -11.55 2.41
C LEU N 12 30.51 -10.39 1.50
N SER N 13 31.27 -9.31 1.71
CA SER N 13 31.21 -8.06 0.97
C SER N 13 31.93 -8.15 -0.40
N PRO N 14 31.43 -7.48 -1.47
CA PRO N 14 32.10 -7.56 -2.78
C PRO N 14 33.50 -6.95 -2.74
N GLY N 15 34.44 -7.64 -3.37
CA GLY N 15 35.85 -7.27 -3.38
C GLY N 15 36.65 -8.11 -2.41
N GLU N 16 36.04 -8.43 -1.24
CA GLU N 16 36.64 -9.27 -0.20
C GLU N 16 36.66 -10.72 -0.69
N THR N 17 37.81 -11.41 -0.53
CA THR N 17 38.00 -12.80 -0.96
C THR N 17 37.19 -13.80 -0.13
N ALA N 18 36.64 -14.83 -0.79
CA ALA N 18 35.85 -15.89 -0.16
C ALA N 18 36.60 -17.21 -0.27
N THR N 19 36.70 -17.96 0.84
CA THR N 19 37.37 -19.26 0.89
C THR N 19 36.40 -20.32 1.38
N LEU N 20 36.25 -21.38 0.59
CA LEU N 20 35.36 -22.50 0.87
C LEU N 20 36.18 -23.74 1.03
N SER N 21 35.98 -24.47 2.14
CA SER N 21 36.70 -25.71 2.40
C SER N 21 35.79 -26.90 2.07
N CYS N 22 36.41 -28.00 1.64
CA CYS N 22 35.74 -29.25 1.32
C CYS N 22 36.69 -30.37 1.77
N ARG N 23 36.35 -31.01 2.91
CA ARG N 23 37.10 -32.12 3.51
C ARG N 23 36.48 -33.49 3.13
N ALA N 24 37.37 -34.46 2.85
CA ALA N 24 36.99 -35.83 2.51
C ALA N 24 37.36 -36.73 3.68
N SER N 25 36.55 -37.77 3.93
CA SER N 25 36.81 -38.72 5.01
C SER N 25 37.98 -39.62 4.60
N GLN N 26 37.92 -40.20 3.39
CA GLN N 26 38.99 -41.04 2.83
C GLN N 26 39.89 -40.15 1.95
N SER N 27 41.22 -40.37 2.02
CA SER N 27 42.20 -39.63 1.24
C SER N 27 42.02 -39.84 -0.26
N VAL N 28 41.58 -38.76 -0.94
CA VAL N 28 41.32 -38.71 -2.38
C VAL N 28 42.59 -38.26 -3.11
N SER N 29 43.06 -39.08 -4.08
CA SER N 29 44.24 -38.79 -4.92
C SER N 29 43.81 -37.86 -6.08
N SER N 30 43.09 -36.77 -5.71
CA SER N 30 42.51 -35.68 -6.51
C SER N 30 41.81 -36.16 -7.80
N SER N 31 41.87 -35.33 -8.87
CA SER N 31 41.36 -35.49 -10.24
C SER N 31 39.86 -35.62 -10.35
N TYR N 32 39.19 -36.35 -9.42
CA TYR N 32 37.72 -36.52 -9.46
C TYR N 32 36.97 -35.31 -8.90
N LEU N 33 37.61 -34.60 -7.95
CA LEU N 33 37.07 -33.38 -7.35
C LEU N 33 36.95 -32.26 -8.36
N ALA N 34 35.77 -31.64 -8.40
CA ALA N 34 35.45 -30.55 -9.29
C ALA N 34 34.40 -29.66 -8.64
N TRP N 35 34.62 -28.35 -8.71
CA TRP N 35 33.73 -27.36 -8.14
C TRP N 35 32.60 -26.93 -9.06
N TYR N 36 31.44 -26.57 -8.46
CA TYR N 36 30.25 -26.17 -9.18
C TYR N 36 29.64 -24.86 -8.68
N GLN N 37 28.90 -24.17 -9.57
CA GLN N 37 28.23 -22.90 -9.26
C GLN N 37 26.80 -22.94 -9.75
N GLN N 38 25.84 -22.92 -8.81
CA GLN N 38 24.44 -22.94 -9.17
C GLN N 38 23.79 -21.64 -8.75
N LYS N 39 23.61 -20.72 -9.71
CA LYS N 39 22.94 -19.42 -9.50
C LYS N 39 21.40 -19.63 -9.27
N PRO N 40 20.70 -18.78 -8.48
CA PRO N 40 19.28 -19.04 -8.19
C PRO N 40 18.37 -19.27 -9.40
N GLY N 41 17.71 -20.41 -9.40
CA GLY N 41 16.78 -20.84 -10.45
C GLY N 41 17.44 -21.09 -11.79
N GLN N 42 18.63 -21.72 -11.75
CA GLN N 42 19.47 -22.01 -12.92
C GLN N 42 20.15 -23.38 -12.79
N ALA N 43 20.77 -23.87 -13.89
CA ALA N 43 21.52 -25.12 -13.95
C ALA N 43 22.97 -24.91 -13.43
N PRO N 44 23.52 -25.86 -12.62
CA PRO N 44 24.89 -25.66 -12.11
C PRO N 44 25.89 -25.76 -13.25
N ARG N 45 26.98 -25.00 -13.13
CA ARG N 45 28.04 -25.00 -14.12
C ARG N 45 29.38 -25.38 -13.47
N LEU N 46 30.26 -25.99 -14.27
CA LEU N 46 31.59 -26.40 -13.84
C LEU N 46 32.48 -25.17 -13.60
N LEU N 47 33.06 -25.09 -12.40
CA LEU N 47 33.94 -23.99 -12.01
C LEU N 47 35.38 -24.42 -12.22
N ILE N 48 35.82 -25.45 -11.47
CA ILE N 48 37.17 -26.00 -11.49
C ILE N 48 37.08 -27.49 -11.78
N TYR N 49 37.99 -28.01 -12.64
CA TYR N 49 38.12 -29.42 -13.00
C TYR N 49 39.45 -29.97 -12.48
N GLY N 50 39.40 -31.17 -11.91
CA GLY N 50 40.56 -31.86 -11.32
C GLY N 50 41.15 -31.11 -10.16
N ALA N 51 40.29 -30.35 -9.44
CA ALA N 51 40.56 -29.54 -8.24
C ALA N 51 41.57 -28.37 -8.46
N SER N 52 42.15 -28.22 -9.67
CA SER N 52 43.13 -27.17 -9.93
C SER N 52 42.75 -26.23 -11.08
N GLY N 53 42.53 -26.78 -12.27
CA GLY N 53 42.23 -26.01 -13.47
C GLY N 53 40.85 -25.40 -13.57
N ARG N 54 40.81 -24.09 -13.86
CA ARG N 54 39.58 -23.31 -14.08
C ARG N 54 38.93 -23.72 -15.40
N ALA N 55 37.60 -24.00 -15.38
CA ALA N 55 36.83 -24.47 -16.53
C ALA N 55 36.71 -23.45 -17.68
N THR N 56 36.03 -23.86 -18.78
CA THR N 56 35.83 -23.06 -19.99
C THR N 56 34.89 -21.88 -19.71
N GLY N 57 35.41 -20.68 -19.94
CA GLY N 57 34.71 -19.41 -19.73
C GLY N 57 34.63 -18.96 -18.29
N ILE N 58 35.35 -19.63 -17.38
CA ILE N 58 35.37 -19.31 -15.94
C ILE N 58 36.55 -18.35 -15.62
N PRO N 59 36.28 -17.21 -14.95
CA PRO N 59 37.37 -16.25 -14.64
C PRO N 59 38.47 -16.79 -13.73
N ASP N 60 39.62 -16.12 -13.74
CA ASP N 60 40.79 -16.52 -12.95
C ASP N 60 40.75 -16.00 -11.50
N ARG N 61 39.68 -15.30 -11.09
CA ARG N 61 39.48 -14.88 -9.70
C ARG N 61 39.10 -16.12 -8.89
N PHE N 62 38.43 -17.06 -9.58
CA PHE N 62 38.05 -18.38 -9.11
C PHE N 62 39.30 -19.21 -9.21
N SER N 63 39.76 -19.73 -8.07
CA SER N 63 40.96 -20.54 -8.05
C SER N 63 40.78 -21.80 -7.21
N GLY N 64 40.94 -22.94 -7.87
CA GLY N 64 40.86 -24.26 -7.25
C GLY N 64 42.20 -24.65 -6.64
N SER N 65 42.19 -25.20 -5.42
CA SER N 65 43.39 -25.63 -4.70
C SER N 65 43.13 -26.80 -3.75
N GLY N 66 44.20 -27.44 -3.28
CA GLY N 66 44.12 -28.56 -2.36
C GLY N 66 44.69 -29.87 -2.84
N SER N 67 45.00 -30.76 -1.88
CA SER N 67 45.55 -32.11 -2.04
C SER N 67 45.23 -32.94 -0.78
N GLY N 68 44.87 -34.20 -0.99
CA GLY N 68 44.54 -35.14 0.08
C GLY N 68 43.08 -35.09 0.48
N THR N 69 42.80 -34.46 1.66
CA THR N 69 41.44 -34.30 2.22
C THR N 69 40.94 -32.89 2.04
N ASP N 70 41.73 -31.90 2.50
CA ASP N 70 41.30 -30.52 2.38
C ASP N 70 41.52 -29.97 1.00
N PHE N 71 40.43 -29.48 0.41
CA PHE N 71 40.41 -28.86 -0.90
C PHE N 71 39.69 -27.54 -0.76
N THR N 72 40.31 -26.45 -1.25
CA THR N 72 39.80 -25.10 -1.09
C THR N 72 39.53 -24.36 -2.41
N LEU N 73 38.33 -23.79 -2.49
CA LEU N 73 37.96 -22.91 -3.57
C LEU N 73 38.13 -21.52 -3.01
N THR N 74 38.77 -20.65 -3.81
CA THR N 74 39.06 -19.25 -3.46
C THR N 74 38.56 -18.29 -4.58
N ILE N 75 37.64 -17.38 -4.22
CA ILE N 75 37.10 -16.35 -5.11
C ILE N 75 37.54 -15.00 -4.57
N SER N 76 38.50 -14.35 -5.27
CA SER N 76 39.05 -13.06 -4.82
C SER N 76 38.07 -11.87 -4.91
N ARG N 77 38.13 -11.09 -6.00
CA ARG N 77 37.34 -9.87 -6.17
C ARG N 77 35.88 -10.18 -6.49
N LEU N 78 35.10 -10.38 -5.41
CA LEU N 78 33.66 -10.69 -5.46
C LEU N 78 32.85 -9.54 -6.03
N GLU N 79 31.70 -9.89 -6.59
CA GLU N 79 30.75 -8.97 -7.21
C GLU N 79 29.32 -9.42 -6.82
N PRO N 80 28.26 -8.57 -6.94
CA PRO N 80 26.92 -9.04 -6.56
C PRO N 80 26.37 -10.20 -7.40
N GLU N 81 26.89 -10.38 -8.64
CA GLU N 81 26.50 -11.44 -9.59
C GLU N 81 27.24 -12.78 -9.33
N ASP N 82 28.00 -12.86 -8.23
CA ASP N 82 28.75 -14.04 -7.80
C ASP N 82 28.00 -14.77 -6.68
N PHE N 83 26.72 -14.40 -6.45
CA PHE N 83 25.85 -15.02 -5.46
C PHE N 83 25.32 -16.32 -6.03
N ALA N 84 25.70 -17.45 -5.41
CA ALA N 84 25.30 -18.79 -5.82
C ALA N 84 25.56 -19.82 -4.73
N VAL N 85 25.23 -21.07 -5.04
CA VAL N 85 25.44 -22.22 -4.17
C VAL N 85 26.63 -22.95 -4.77
N TYR N 86 27.61 -23.30 -3.93
CA TYR N 86 28.85 -23.95 -4.37
C TYR N 86 28.94 -25.39 -3.87
N TYR N 87 29.31 -26.32 -4.77
CA TYR N 87 29.43 -27.74 -4.46
C TYR N 87 30.74 -28.33 -4.93
N CYS N 88 31.26 -29.32 -4.19
CA CYS N 88 32.46 -30.10 -4.49
C CYS N 88 32.04 -31.56 -4.71
N GLN N 89 32.54 -32.22 -5.76
CA GLN N 89 32.09 -33.58 -6.04
C GLN N 89 33.20 -34.62 -6.00
N GLN N 90 32.86 -35.92 -5.94
CA GLN N 90 33.87 -36.98 -5.90
C GLN N 90 33.29 -38.35 -6.24
N TYR N 91 34.06 -39.20 -6.93
CA TYR N 91 33.69 -40.59 -7.19
C TYR N 91 34.44 -41.41 -6.17
N GLY N 92 33.71 -42.19 -5.38
CA GLY N 92 34.30 -43.02 -4.34
C GLY N 92 33.36 -44.13 -3.94
N ARG N 93 33.88 -45.37 -3.88
CA ARG N 93 33.13 -46.58 -3.54
C ARG N 93 31.81 -46.71 -4.38
N SER N 94 31.94 -46.53 -5.72
CA SER N 94 30.88 -46.56 -6.76
C SER N 94 29.72 -45.59 -6.45
N GLY N 95 29.91 -44.34 -6.86
CA GLY N 95 28.95 -43.27 -6.64
C GLY N 95 29.60 -41.90 -6.64
N TYR N 96 29.14 -41.03 -7.54
CA TYR N 96 29.63 -39.67 -7.65
C TYR N 96 28.94 -38.85 -6.55
N THR N 97 29.43 -38.94 -5.29
CA THR N 97 28.86 -38.21 -4.14
C THR N 97 29.23 -36.75 -4.26
N PHE N 98 28.28 -35.89 -3.92
CA PHE N 98 28.48 -34.45 -3.98
C PHE N 98 28.57 -33.87 -2.59
N GLY N 99 28.90 -32.59 -2.52
CA GLY N 99 29.07 -31.87 -1.26
C GLY N 99 27.78 -31.34 -0.68
N GLN N 100 27.89 -30.84 0.56
CA GLN N 100 26.80 -30.24 1.34
C GLN N 100 26.28 -28.97 0.65
N GLY N 101 27.16 -27.99 0.45
CA GLY N 101 26.84 -26.71 -0.18
C GLY N 101 26.98 -25.51 0.74
N THR N 102 27.50 -24.41 0.19
CA THR N 102 27.67 -23.14 0.92
C THR N 102 27.04 -22.04 0.09
N LYS N 103 25.97 -21.41 0.60
CA LYS N 103 25.31 -20.30 -0.07
C LYS N 103 26.03 -19.02 0.26
N LEU N 104 26.65 -18.44 -0.77
CA LEU N 104 27.45 -17.24 -0.63
C LEU N 104 26.58 -15.99 -0.80
N GLU N 105 26.33 -15.28 0.31
CA GLU N 105 25.53 -14.05 0.35
C GLU N 105 26.42 -12.82 0.09
N ILE N 106 26.18 -12.11 -1.03
CA ILE N 106 26.93 -10.90 -1.37
C ILE N 106 26.32 -9.73 -0.60
N LYS N 107 27.09 -9.15 0.32
CA LYS N 107 26.66 -8.04 1.16
C LYS N 107 26.56 -6.71 0.43
N ARG N 108 25.78 -5.80 1.04
CA ARG N 108 25.50 -4.45 0.57
C ARG N 108 25.04 -3.60 1.75
N THR N 109 24.80 -2.30 1.50
CA THR N 109 24.31 -1.35 2.50
C THR N 109 22.91 -1.78 2.95
N VAL N 110 22.65 -1.73 4.28
CA VAL N 110 21.39 -2.10 4.91
C VAL N 110 20.26 -1.23 4.32
N ALA N 111 19.46 -1.86 3.43
CA ALA N 111 18.35 -1.24 2.72
C ALA N 111 16.99 -1.46 3.38
N ALA N 112 16.15 -0.42 3.34
CA ALA N 112 14.81 -0.39 3.92
C ALA N 112 13.77 -1.01 2.97
N PRO N 113 12.82 -1.83 3.48
CA PRO N 113 11.80 -2.42 2.60
C PRO N 113 10.69 -1.47 2.18
N SER N 114 10.22 -1.61 0.93
CA SER N 114 9.12 -0.83 0.37
C SER N 114 7.88 -1.71 0.59
N VAL N 115 7.18 -1.49 1.72
CA VAL N 115 6.03 -2.30 2.13
C VAL N 115 4.72 -1.82 1.49
N PHE N 116 3.99 -2.75 0.86
CA PHE N 116 2.70 -2.48 0.21
C PHE N 116 1.73 -3.56 0.67
N ILE N 117 0.44 -3.23 0.87
CA ILE N 117 -0.59 -4.20 1.30
C ILE N 117 -1.68 -4.38 0.21
N PHE N 118 -2.14 -5.62 0.03
CA PHE N 118 -3.16 -5.96 -0.96
C PHE N 118 -4.35 -6.64 -0.31
N PRO N 119 -5.57 -6.07 -0.46
CA PRO N 119 -6.76 -6.73 0.11
C PRO N 119 -7.16 -7.95 -0.73
N PRO N 120 -8.06 -8.84 -0.26
CA PRO N 120 -8.47 -9.99 -1.08
C PRO N 120 -9.24 -9.56 -2.33
N SER N 121 -9.01 -10.26 -3.46
CA SER N 121 -9.66 -10.00 -4.76
C SER N 121 -11.18 -10.21 -4.71
N ASP N 122 -11.90 -9.52 -5.60
CA ASP N 122 -13.37 -9.58 -5.75
C ASP N 122 -13.85 -10.99 -6.03
N GLU N 123 -13.10 -11.75 -6.88
CA GLU N 123 -13.39 -13.14 -7.29
C GLU N 123 -13.22 -14.09 -6.12
N GLN N 124 -12.24 -13.82 -5.27
CA GLN N 124 -11.97 -14.64 -4.10
C GLN N 124 -13.05 -14.42 -3.06
N LEU N 125 -13.51 -13.16 -2.86
CA LEU N 125 -14.54 -12.81 -1.88
C LEU N 125 -15.89 -13.48 -2.16
N LYS N 126 -16.21 -13.72 -3.44
CA LYS N 126 -17.43 -14.40 -3.89
C LYS N 126 -17.33 -15.92 -3.68
N SER N 127 -16.08 -16.46 -3.64
CA SER N 127 -15.83 -17.90 -3.47
C SER N 127 -15.68 -18.37 -2.00
N GLY N 128 -16.05 -17.50 -1.05
CA GLY N 128 -16.02 -17.80 0.39
C GLY N 128 -14.64 -17.88 0.99
N THR N 129 -13.63 -17.28 0.36
CA THR N 129 -12.24 -17.22 0.84
C THR N 129 -11.76 -15.77 0.79
N ALA N 130 -10.82 -15.42 1.66
CA ALA N 130 -10.28 -14.07 1.72
C ALA N 130 -8.80 -14.14 2.09
N SER N 131 -7.93 -13.71 1.16
CA SER N 131 -6.49 -13.71 1.36
C SER N 131 -5.88 -12.30 1.26
N VAL N 132 -5.33 -11.82 2.39
CA VAL N 132 -4.69 -10.52 2.45
C VAL N 132 -3.20 -10.77 2.24
N VAL N 133 -2.60 -10.09 1.24
CA VAL N 133 -1.20 -10.29 0.89
C VAL N 133 -0.40 -9.03 1.20
N CYS N 134 0.67 -9.20 1.99
CA CYS N 134 1.56 -8.12 2.35
C CYS N 134 2.85 -8.27 1.59
N LEU N 135 3.11 -7.33 0.66
CA LEU N 135 4.32 -7.29 -0.16
C LEU N 135 5.38 -6.45 0.51
N LEU N 136 6.61 -6.97 0.57
CA LEU N 136 7.76 -6.28 1.14
C LEU N 136 8.80 -6.28 0.05
N ASN N 137 8.97 -5.13 -0.61
CA ASN N 137 9.85 -5.04 -1.76
C ASN N 137 11.25 -4.58 -1.43
N ASN N 138 12.23 -5.22 -2.10
CA ASN N 138 13.68 -5.04 -2.13
C ASN N 138 14.29 -4.31 -0.93
N PHE N 139 14.67 -5.13 0.06
CA PHE N 139 15.34 -4.74 1.30
C PHE N 139 16.64 -5.56 1.44
N TYR N 140 17.41 -5.31 2.52
CA TYR N 140 18.62 -6.03 2.88
C TYR N 140 18.88 -5.88 4.41
N PRO N 141 19.20 -6.96 5.17
CA PRO N 141 19.37 -8.37 4.76
C PRO N 141 18.05 -9.14 4.84
N ARG N 142 18.05 -10.44 4.44
CA ARG N 142 16.87 -11.33 4.45
C ARG N 142 16.10 -11.29 5.80
N GLU N 143 16.83 -11.26 6.93
CA GLU N 143 16.33 -11.26 8.30
C GLU N 143 15.31 -10.15 8.55
N ALA N 144 14.02 -10.46 8.31
CA ALA N 144 12.91 -9.52 8.52
C ALA N 144 11.75 -10.15 9.30
N LYS N 145 11.17 -9.34 10.20
CA LYS N 145 10.08 -9.74 11.08
C LYS N 145 8.74 -9.17 10.60
N VAL N 146 7.75 -10.04 10.32
CA VAL N 146 6.41 -9.64 9.89
C VAL N 146 5.30 -10.40 10.63
N GLN N 147 4.26 -9.65 11.02
CA GLN N 147 3.11 -10.18 11.77
C GLN N 147 1.81 -9.56 11.29
N TRP N 148 0.68 -10.27 11.45
CA TRP N 148 -0.63 -9.77 11.04
C TRP N 148 -1.44 -9.32 12.23
N LYS N 149 -2.17 -8.20 12.08
CA LYS N 149 -3.02 -7.67 13.13
C LYS N 149 -4.46 -7.49 12.62
N VAL N 150 -5.39 -8.28 13.17
CA VAL N 150 -6.82 -8.28 12.83
C VAL N 150 -7.57 -7.57 13.98
N ASP N 151 -7.88 -6.26 13.78
CA ASP N 151 -8.53 -5.36 14.74
C ASP N 151 -7.73 -5.33 16.04
N ASN N 152 -6.39 -5.20 15.91
CA ASN N 152 -5.37 -5.20 16.95
C ASN N 152 -5.34 -6.53 17.75
N ALA N 153 -5.18 -7.65 17.01
CA ALA N 153 -5.09 -9.02 17.54
C ALA N 153 -4.32 -9.87 16.53
N LEU N 154 -3.20 -10.48 16.97
CA LEU N 154 -2.35 -11.30 16.10
C LEU N 154 -3.06 -12.58 15.64
N GLN N 155 -2.92 -12.90 14.34
CA GLN N 155 -3.50 -14.08 13.70
C GLN N 155 -2.37 -14.93 13.14
N SER N 156 -2.31 -16.19 13.58
CA SER N 156 -1.31 -17.16 13.15
C SER N 156 -1.97 -18.49 12.76
N GLY N 157 -1.20 -19.36 12.11
CA GLY N 157 -1.66 -20.67 11.65
C GLY N 157 -2.27 -20.71 10.27
N ASN N 158 -2.42 -19.53 9.64
CA ASN N 158 -3.03 -19.32 8.31
C ASN N 158 -2.11 -18.56 7.35
N SER N 159 -1.39 -17.56 7.90
CA SER N 159 -0.43 -16.69 7.22
C SER N 159 0.86 -17.41 6.82
N GLN N 160 1.11 -17.53 5.50
CA GLN N 160 2.28 -18.20 4.96
C GLN N 160 3.23 -17.22 4.26
N GLU N 161 4.49 -17.17 4.74
CA GLU N 161 5.55 -16.29 4.22
C GLU N 161 6.34 -16.94 3.09
N SER N 162 6.64 -16.14 2.05
CA SER N 162 7.42 -16.51 0.87
C SER N 162 8.55 -15.51 0.64
N VAL N 163 9.79 -16.01 0.57
CA VAL N 163 10.97 -15.20 0.36
C VAL N 163 11.75 -15.63 -0.89
N THR N 164 12.12 -14.64 -1.73
CA THR N 164 12.91 -14.89 -2.93
C THR N 164 14.37 -14.90 -2.52
N GLU N 165 15.25 -15.43 -3.38
CA GLU N 165 16.67 -15.42 -3.10
C GLU N 165 17.23 -14.06 -3.51
N GLN N 166 18.52 -13.80 -3.19
CA GLN N 166 19.12 -12.50 -3.49
C GLN N 166 19.14 -12.16 -4.97
N ASP N 167 18.35 -11.13 -5.34
CA ASP N 167 18.28 -10.63 -6.72
C ASP N 167 19.64 -9.97 -7.00
N SER N 168 20.56 -10.75 -7.61
CA SER N 168 21.94 -10.35 -7.92
C SER N 168 22.07 -9.05 -8.75
N LYS N 169 20.96 -8.53 -9.28
CA LYS N 169 20.92 -7.27 -10.03
C LYS N 169 21.09 -6.05 -9.09
N ASP N 170 20.64 -6.18 -7.81
CA ASP N 170 20.73 -5.12 -6.80
C ASP N 170 21.03 -5.61 -5.35
N SER N 171 21.23 -6.94 -5.17
CA SER N 171 21.51 -7.65 -3.90
C SER N 171 20.43 -7.44 -2.83
N THR N 172 19.15 -7.59 -3.22
CA THR N 172 18.03 -7.41 -2.31
C THR N 172 17.07 -8.60 -2.33
N TYR N 173 16.39 -8.84 -1.19
CA TYR N 173 15.40 -9.91 -0.98
C TYR N 173 14.00 -9.32 -1.04
N SER N 174 12.97 -10.15 -0.86
CA SER N 174 11.58 -9.73 -0.88
C SER N 174 10.70 -10.73 -0.13
N LEU N 175 9.59 -10.26 0.48
CA LEU N 175 8.66 -11.11 1.23
C LEU N 175 7.20 -10.95 0.80
N SER N 176 6.39 -12.00 1.07
CA SER N 176 4.97 -12.05 0.82
C SER N 176 4.29 -13.02 1.76
N SER N 177 3.64 -12.48 2.79
CA SER N 177 2.86 -13.28 3.71
C SER N 177 1.41 -13.24 3.26
N THR N 178 0.75 -14.41 3.18
CA THR N 178 -0.63 -14.51 2.72
C THR N 178 -1.53 -14.96 3.86
N LEU N 179 -2.25 -14.01 4.46
CA LEU N 179 -3.19 -14.33 5.53
C LEU N 179 -4.49 -14.79 4.89
N THR N 180 -4.90 -16.04 5.15
CA THR N 180 -6.12 -16.61 4.60
C THR N 180 -7.21 -16.80 5.68
N LEU N 181 -8.44 -16.35 5.40
CA LEU N 181 -9.61 -16.49 6.26
C LEU N 181 -10.86 -16.74 5.41
N SER N 182 -11.99 -17.10 6.04
CA SER N 182 -13.24 -17.34 5.33
C SER N 182 -13.95 -16.01 5.02
N LYS N 183 -15.10 -16.08 4.32
CA LYS N 183 -15.90 -14.90 3.99
C LYS N 183 -16.48 -14.27 5.25
N ALA N 184 -17.04 -15.10 6.17
CA ALA N 184 -17.61 -14.67 7.45
C ALA N 184 -16.59 -14.00 8.35
N ASP N 185 -15.34 -14.49 8.33
CA ASP N 185 -14.23 -13.95 9.11
C ASP N 185 -13.79 -12.59 8.56
N TYR N 186 -13.93 -12.37 7.24
CA TYR N 186 -13.59 -11.10 6.62
C TYR N 186 -14.62 -10.02 6.95
N GLU N 187 -15.89 -10.40 7.06
CA GLU N 187 -17.00 -9.50 7.38
C GLU N 187 -16.98 -9.07 8.84
N LYS N 188 -16.66 -9.99 9.78
CA LYS N 188 -16.67 -9.74 11.23
C LYS N 188 -15.60 -8.75 11.73
N HIS N 189 -14.58 -8.44 10.93
CA HIS N 189 -13.55 -7.47 11.31
C HIS N 189 -13.48 -6.35 10.29
N LYS N 190 -12.94 -5.17 10.66
CA LYS N 190 -12.90 -4.05 9.72
C LYS N 190 -11.50 -3.53 9.35
N VAL N 191 -10.56 -3.43 10.30
CA VAL N 191 -9.20 -2.96 9.99
C VAL N 191 -8.17 -4.11 10.08
N TYR N 192 -7.48 -4.37 8.94
CA TYR N 192 -6.45 -5.42 8.83
C TYR N 192 -5.07 -4.79 8.59
N ALA N 193 -4.15 -5.02 9.55
CA ALA N 193 -2.81 -4.47 9.57
C ALA N 193 -1.70 -5.46 9.31
N CYS N 194 -0.61 -4.94 8.76
CA CYS N 194 0.62 -5.68 8.47
C CYS N 194 1.78 -5.06 9.25
N GLU N 195 2.15 -5.70 10.38
CA GLU N 195 3.24 -5.26 11.25
C GLU N 195 4.59 -5.67 10.68
N VAL N 196 5.43 -4.67 10.33
CA VAL N 196 6.75 -4.88 9.72
C VAL N 196 7.86 -4.38 10.65
N THR N 197 8.85 -5.23 10.94
CA THR N 197 10.01 -4.92 11.77
C THR N 197 11.27 -5.39 11.04
N HIS N 198 12.16 -4.44 10.76
CA HIS N 198 13.40 -4.64 10.01
C HIS N 198 14.51 -3.67 10.50
N GLN N 199 15.79 -4.00 10.20
CA GLN N 199 16.94 -3.17 10.59
C GLN N 199 17.00 -1.85 9.80
N GLY N 200 16.73 -1.94 8.50
CA GLY N 200 16.70 -0.81 7.55
C GLY N 200 15.68 0.24 7.91
N LEU N 201 14.45 -0.21 8.25
CA LEU N 201 13.39 0.67 8.74
C LEU N 201 13.32 0.56 10.26
N SER N 202 14.09 1.44 10.94
CA SER N 202 14.23 1.55 12.40
C SER N 202 12.89 1.63 13.13
N SER N 203 11.95 2.42 12.59
CA SER N 203 10.61 2.54 13.14
C SER N 203 9.75 1.40 12.61
N PRO N 204 9.14 0.56 13.50
CA PRO N 204 8.30 -0.55 12.99
C PRO N 204 7.04 0.00 12.35
N VAL N 205 7.00 0.01 10.99
CA VAL N 205 5.89 0.53 10.19
C VAL N 205 4.73 -0.48 10.14
N THR N 206 3.49 -0.01 10.39
CA THR N 206 2.29 -0.84 10.32
C THR N 206 1.38 -0.24 9.26
N LYS N 207 1.31 -0.93 8.12
CA LYS N 207 0.47 -0.50 6.99
C LYS N 207 -0.82 -1.31 7.02
N SER N 208 -1.94 -0.61 7.18
CA SER N 208 -3.28 -1.23 7.28
C SER N 208 -4.27 -0.74 6.22
N PHE N 209 -5.43 -1.40 6.16
CA PHE N 209 -6.53 -1.07 5.28
C PHE N 209 -7.88 -1.28 5.98
N ASN N 210 -8.95 -0.72 5.41
CA ASN N 210 -10.30 -0.85 5.98
C ASN N 210 -11.20 -1.68 5.06
N ARG N 211 -12.23 -2.31 5.63
CA ARG N 211 -13.19 -3.17 4.94
C ARG N 211 -13.89 -2.42 3.81
N VAL O 1 26.88 -25.91 -27.04
CA VAL O 1 26.40 -27.20 -26.54
C VAL O 1 25.28 -26.98 -25.51
N GLN O 2 24.10 -27.60 -25.73
CA GLN O 2 22.90 -27.48 -24.87
C GLN O 2 22.27 -28.82 -24.54
N LEU O 3 21.49 -28.87 -23.43
CA LEU O 3 20.75 -30.05 -22.97
C LEU O 3 19.33 -29.70 -22.53
N GLN O 4 18.37 -30.56 -22.91
CA GLN O 4 16.95 -30.39 -22.61
C GLN O 4 16.35 -31.62 -21.96
N GLU O 5 15.59 -31.41 -20.90
CA GLU O 5 14.95 -32.48 -20.15
C GLU O 5 13.44 -32.50 -20.43
N SER O 6 12.89 -33.70 -20.69
CA SER O 6 11.47 -33.88 -20.99
C SER O 6 10.90 -35.16 -20.39
N GLY O 7 9.93 -34.98 -19.51
CA GLY O 7 9.24 -36.09 -18.85
C GLY O 7 8.04 -35.64 -18.03
N PRO O 8 7.29 -36.61 -17.46
CA PRO O 8 6.10 -36.24 -16.67
C PRO O 8 6.42 -35.47 -15.39
N GLY O 9 5.59 -34.49 -15.10
CA GLY O 9 5.72 -33.65 -13.92
C GLY O 9 5.30 -34.40 -12.68
N LEU O 10 4.24 -35.21 -12.82
CA LEU O 10 3.70 -36.03 -11.76
C LEU O 10 3.60 -37.49 -12.19
N VAL O 11 4.24 -38.35 -11.38
CA VAL O 11 4.26 -39.80 -11.54
C VAL O 11 3.76 -40.44 -10.24
N LYS O 12 2.73 -41.30 -10.36
CA LYS O 12 2.14 -41.99 -9.22
C LYS O 12 3.16 -42.95 -8.58
N PRO O 13 3.14 -43.15 -7.23
CA PRO O 13 4.11 -44.07 -6.59
C PRO O 13 3.96 -45.53 -7.03
N SER O 14 5.03 -46.32 -6.81
CA SER O 14 5.23 -47.75 -7.15
C SER O 14 5.17 -48.01 -8.69
N GLN O 15 5.31 -46.93 -9.50
CA GLN O 15 5.30 -47.00 -10.97
C GLN O 15 6.68 -46.65 -11.56
N THR O 16 6.75 -46.39 -12.87
CA THR O 16 8.03 -46.09 -13.51
C THR O 16 8.13 -44.65 -13.97
N LEU O 17 9.19 -43.98 -13.53
CA LEU O 17 9.50 -42.64 -13.99
C LEU O 17 10.47 -42.77 -15.13
N SER O 18 10.22 -42.00 -16.20
CA SER O 18 11.03 -41.98 -17.40
C SER O 18 11.21 -40.57 -17.92
N LEU O 19 12.48 -40.17 -18.11
CA LEU O 19 12.86 -38.88 -18.67
C LEU O 19 13.88 -39.10 -19.77
N THR O 20 13.83 -38.23 -20.81
CA THR O 20 14.76 -38.29 -21.93
C THR O 20 15.45 -36.92 -22.14
N CYS O 21 16.79 -36.97 -22.27
CA CYS O 21 17.62 -35.78 -22.48
C CYS O 21 18.04 -35.59 -23.92
N SER O 22 17.92 -34.35 -24.42
CA SER O 22 18.21 -33.97 -25.81
C SER O 22 19.57 -33.30 -25.96
N VAL O 23 20.47 -33.93 -26.72
CA VAL O 23 21.81 -33.39 -26.97
C VAL O 23 21.72 -32.41 -28.13
N SER O 24 22.17 -31.17 -27.90
CA SER O 24 22.20 -30.10 -28.88
C SER O 24 23.63 -29.56 -28.98
N GLY O 25 24.16 -29.56 -30.20
CA GLY O 25 25.52 -29.10 -30.50
C GLY O 25 26.39 -30.11 -31.22
N GLY O 26 26.38 -31.36 -30.75
CA GLY O 26 27.17 -32.42 -31.34
C GLY O 26 26.54 -33.79 -31.26
N SER O 27 27.16 -34.79 -31.91
CA SER O 27 26.65 -36.17 -31.87
C SER O 27 26.95 -36.80 -30.51
N ILE O 28 26.14 -37.81 -30.10
CA ILE O 28 26.25 -38.52 -28.83
C ILE O 28 27.59 -39.25 -28.67
N GLY O 29 28.31 -38.84 -27.63
CA GLY O 29 29.59 -39.37 -27.20
C GLY O 29 30.74 -39.46 -28.19
N GLY O 30 31.83 -40.05 -27.70
CA GLY O 30 33.07 -40.28 -28.41
C GLY O 30 34.13 -40.62 -27.40
N SER O 31 35.39 -40.29 -27.72
CA SER O 31 36.52 -40.53 -26.82
C SER O 31 36.36 -39.62 -25.59
N SER O 32 36.18 -40.26 -24.42
CA SER O 32 36.06 -39.62 -23.10
C SER O 32 34.77 -38.77 -22.97
N TYR O 33 33.62 -39.30 -23.42
CA TYR O 33 32.33 -38.61 -23.37
C TYR O 33 31.25 -39.53 -22.80
N TYR O 34 30.74 -39.23 -21.61
CA TYR O 34 29.66 -40.04 -21.02
C TYR O 34 28.50 -39.12 -20.73
N TRP O 35 27.27 -39.65 -20.72
CA TRP O 35 26.06 -38.87 -20.50
C TRP O 35 25.35 -39.34 -19.25
N SER O 36 25.28 -38.47 -18.25
CA SER O 36 24.69 -38.80 -16.96
C SER O 36 23.39 -38.10 -16.63
N TRP O 37 22.85 -38.48 -15.47
CA TRP O 37 21.66 -37.92 -14.86
C TRP O 37 21.98 -37.64 -13.39
N ILE O 38 21.78 -36.37 -12.97
CA ILE O 38 22.05 -35.89 -11.62
C ILE O 38 20.74 -35.34 -11.02
N ARG O 39 20.27 -36.05 -10.01
CA ARG O 39 19.05 -35.81 -9.23
C ARG O 39 19.28 -34.70 -8.20
N HIS O 40 18.21 -33.98 -7.79
CA HIS O 40 18.32 -32.92 -6.79
C HIS O 40 17.10 -32.81 -5.88
N HIS O 41 17.21 -33.41 -4.69
CA HIS O 41 16.17 -33.50 -3.67
C HIS O 41 15.76 -32.18 -3.01
N PRO O 42 14.58 -32.10 -2.32
CA PRO O 42 14.19 -30.83 -1.70
C PRO O 42 14.98 -30.62 -0.42
N GLY O 43 16.03 -29.80 -0.51
CA GLY O 43 16.93 -29.51 0.59
C GLY O 43 18.13 -30.44 0.62
N LYS O 44 17.88 -31.77 0.54
CA LYS O 44 18.90 -32.83 0.50
C LYS O 44 19.71 -32.69 -0.80
N GLY O 45 21.03 -32.78 -0.69
CA GLY O 45 22.01 -32.58 -1.75
C GLY O 45 21.84 -33.28 -3.09
N LEU O 46 22.81 -33.03 -3.98
CA LEU O 46 22.87 -33.60 -5.33
C LEU O 46 23.35 -35.05 -5.26
N GLU O 47 22.65 -35.92 -5.99
CA GLU O 47 22.92 -37.34 -6.09
C GLU O 47 23.11 -37.65 -7.56
N TRP O 48 24.13 -38.45 -7.88
CA TRP O 48 24.36 -38.83 -9.26
C TRP O 48 23.70 -40.16 -9.46
N ILE O 49 23.09 -40.35 -10.63
CA ILE O 49 22.37 -41.57 -10.93
C ILE O 49 23.26 -42.56 -11.70
N GLY O 50 23.37 -42.38 -13.01
CA GLY O 50 24.16 -43.24 -13.85
C GLY O 50 24.45 -42.63 -15.18
N TYR O 51 25.39 -43.23 -15.92
CA TYR O 51 25.74 -42.75 -17.25
C TYR O 51 25.56 -43.80 -18.34
N ILE O 52 25.82 -43.40 -19.59
CA ILE O 52 25.75 -44.19 -20.80
C ILE O 52 26.75 -43.60 -21.79
N ASN O 53 27.36 -44.46 -22.60
CA ASN O 53 28.37 -44.08 -23.57
C ASN O 53 27.77 -43.90 -24.96
N TYR O 54 28.61 -43.56 -25.96
CA TYR O 54 28.22 -43.40 -27.36
C TYR O 54 27.73 -44.72 -27.95
N ARG O 55 28.32 -45.86 -27.49
CA ARG O 55 27.98 -47.20 -27.95
C ARG O 55 27.29 -48.00 -26.84
N GLY O 56 26.79 -47.27 -25.84
CA GLY O 56 25.99 -47.81 -24.74
C GLY O 56 26.70 -48.54 -23.63
N ILE O 57 27.52 -47.80 -22.85
CA ILE O 57 28.23 -48.36 -21.68
C ILE O 57 27.75 -47.66 -20.41
N THR O 58 27.07 -48.41 -19.53
CA THR O 58 26.46 -47.93 -18.29
C THR O 58 27.17 -48.35 -17.00
N HIS O 59 27.08 -47.46 -16.01
CA HIS O 59 27.54 -47.62 -14.63
C HIS O 59 26.62 -46.76 -13.80
N TYR O 60 26.03 -47.32 -12.72
CA TYR O 60 25.11 -46.56 -11.88
C TYR O 60 25.52 -46.47 -10.42
N ASN O 61 24.79 -45.63 -9.66
CA ASN O 61 24.96 -45.44 -8.23
C ASN O 61 24.58 -46.72 -7.49
N ALA O 62 25.31 -47.06 -6.40
CA ALA O 62 25.10 -48.26 -5.58
C ALA O 62 23.68 -48.47 -5.07
N ALA O 63 22.98 -47.39 -4.70
CA ALA O 63 21.61 -47.43 -4.18
C ALA O 63 20.56 -47.42 -5.31
N LEU O 64 20.99 -47.05 -6.51
CA LEU O 64 20.11 -46.93 -7.67
C LEU O 64 20.24 -48.04 -8.71
N LYS O 65 21.38 -48.78 -8.70
CA LYS O 65 21.75 -49.90 -9.60
C LYS O 65 20.68 -50.99 -9.62
N SER O 66 20.00 -51.22 -8.49
CA SER O 66 18.94 -52.21 -8.34
C SER O 66 17.64 -51.87 -9.12
N ARG O 67 17.31 -50.57 -9.33
CA ARG O 67 16.07 -50.19 -10.02
C ARG O 67 16.25 -49.18 -11.16
N VAL O 68 17.51 -48.86 -11.53
CA VAL O 68 17.75 -47.89 -12.61
C VAL O 68 18.34 -48.54 -13.86
N SER O 69 17.68 -48.26 -14.99
CA SER O 69 18.08 -48.62 -16.35
C SER O 69 18.15 -47.33 -17.12
N MET O 70 19.01 -47.30 -18.14
CA MET O 70 19.21 -46.15 -19.00
C MET O 70 19.33 -46.64 -20.42
N SER O 71 18.90 -45.84 -21.38
CA SER O 71 19.03 -46.19 -22.79
C SER O 71 19.69 -45.01 -23.51
N VAL O 72 19.99 -45.20 -24.78
CA VAL O 72 20.62 -44.17 -25.61
C VAL O 72 20.36 -44.53 -27.07
N GLU O 73 20.26 -43.50 -27.93
CA GLU O 73 20.14 -43.64 -29.38
C GLU O 73 20.94 -42.49 -29.94
N THR O 74 22.04 -42.83 -30.65
CA THR O 74 22.93 -41.87 -31.28
C THR O 74 22.35 -41.34 -32.62
N SER O 75 21.39 -42.08 -33.23
CA SER O 75 20.74 -41.74 -34.49
C SER O 75 20.02 -40.39 -34.44
N GLN O 76 19.21 -40.14 -33.40
CA GLN O 76 18.47 -38.88 -33.25
C GLN O 76 19.04 -37.96 -32.17
N ASN O 77 20.06 -38.46 -31.41
CA ASN O 77 20.78 -37.78 -30.34
C ASN O 77 19.92 -37.52 -29.07
N HIS O 78 19.50 -38.61 -28.43
CA HIS O 78 18.74 -38.60 -27.17
C HIS O 78 19.13 -39.79 -26.31
N PHE O 79 19.13 -39.61 -24.99
CA PHE O 79 19.42 -40.67 -24.03
C PHE O 79 18.33 -40.75 -22.95
N SER O 80 18.12 -41.94 -22.37
CA SER O 80 17.09 -42.23 -21.39
C SER O 80 17.55 -42.38 -19.93
N LEU O 81 16.55 -42.46 -19.04
CA LEU O 81 16.63 -42.67 -17.61
C LEU O 81 15.34 -43.32 -17.14
N GLN O 82 15.44 -44.54 -16.61
CA GLN O 82 14.29 -45.34 -16.18
C GLN O 82 14.47 -45.83 -14.76
N LEU O 83 13.58 -45.40 -13.86
CA LEU O 83 13.56 -45.79 -12.45
C LEU O 83 12.19 -46.43 -12.15
N THR O 84 12.20 -47.70 -11.69
CA THR O 84 11.00 -48.48 -11.36
C THR O 84 10.73 -48.45 -9.85
N SER O 85 9.46 -48.68 -9.45
CA SER O 85 8.96 -48.72 -8.07
C SER O 85 9.30 -47.44 -7.31
N VAL O 86 8.83 -46.32 -7.88
CA VAL O 86 9.05 -44.97 -7.38
C VAL O 86 8.40 -44.76 -6.03
N THR O 87 9.00 -43.92 -5.22
CA THR O 87 8.53 -43.63 -3.86
C THR O 87 8.46 -42.11 -3.71
N ALA O 88 7.98 -41.62 -2.56
CA ALA O 88 7.92 -40.19 -2.28
C ALA O 88 9.36 -39.66 -2.05
N ALA O 89 10.27 -40.55 -1.64
CA ALA O 89 11.68 -40.22 -1.42
C ALA O 89 12.47 -40.18 -2.73
N ASP O 90 11.76 -40.28 -3.88
CA ASP O 90 12.34 -40.17 -5.21
C ASP O 90 11.91 -38.86 -5.87
N THR O 91 11.29 -37.96 -5.06
CA THR O 91 10.85 -36.61 -5.45
C THR O 91 12.09 -35.73 -5.48
N ALA O 92 12.44 -35.25 -6.68
CA ALA O 92 13.61 -34.41 -6.89
C ALA O 92 13.53 -33.65 -8.22
N VAL O 93 14.62 -32.96 -8.60
CA VAL O 93 14.77 -32.22 -9.84
C VAL O 93 15.89 -32.92 -10.59
N TYR O 94 15.54 -33.52 -11.73
CA TYR O 94 16.44 -34.30 -12.57
C TYR O 94 17.13 -33.47 -13.67
N TYR O 95 18.46 -33.35 -13.57
CA TYR O 95 19.32 -32.62 -14.48
C TYR O 95 20.10 -33.65 -15.31
N CYS O 96 20.34 -33.36 -16.59
CA CYS O 96 21.14 -34.23 -17.43
C CYS O 96 22.46 -33.54 -17.78
N ALA O 97 23.57 -34.29 -17.72
CA ALA O 97 24.89 -33.72 -17.95
C ALA O 97 25.72 -34.53 -18.94
N ARG O 98 26.99 -34.09 -19.13
CA ARG O 98 28.05 -34.70 -19.94
C ARG O 98 29.23 -34.85 -18.98
N LEU O 99 29.62 -36.11 -18.69
CA LEU O 99 30.69 -36.42 -17.77
C LEU O 99 32.07 -35.97 -18.24
N THR O 100 32.50 -36.41 -19.45
CA THR O 100 33.82 -36.14 -20.09
C THR O 100 35.06 -36.48 -19.23
N SER O 101 36.14 -36.91 -19.88
CA SER O 101 37.41 -37.24 -19.22
C SER O 101 38.64 -37.07 -20.15
N ASP O 102 38.67 -35.93 -20.84
CA ASP O 102 39.72 -35.47 -21.73
C ASP O 102 40.32 -34.22 -21.05
N CYS O 103 41.62 -34.01 -21.17
CA CYS O 103 42.32 -32.89 -20.52
C CYS O 103 43.56 -32.42 -21.29
N SER O 104 44.46 -31.69 -20.60
CA SER O 104 45.73 -31.16 -21.08
C SER O 104 46.81 -31.30 -19.98
N GLY O 105 47.37 -32.51 -19.92
CA GLY O 105 48.41 -32.91 -18.96
C GLY O 105 47.91 -33.95 -17.97
N GLY O 106 47.38 -33.46 -16.86
CA GLY O 106 46.85 -34.28 -15.77
C GLY O 106 45.37 -34.04 -15.54
N ASN O 107 44.76 -34.89 -14.68
CA ASN O 107 43.34 -34.86 -14.31
C ASN O 107 42.42 -35.02 -15.52
N CYS O 108 42.71 -36.01 -16.39
CA CYS O 108 41.85 -36.20 -17.56
C CYS O 108 40.49 -36.69 -17.18
N TYR O 109 40.40 -37.77 -16.37
CA TYR O 109 39.09 -38.22 -15.91
C TYR O 109 38.50 -37.15 -14.93
N GLN O 110 37.73 -36.22 -15.50
CA GLN O 110 37.18 -35.11 -14.74
C GLN O 110 35.65 -35.21 -14.63
N ALA O 111 35.02 -34.09 -14.23
CA ALA O 111 33.59 -33.99 -13.98
C ALA O 111 32.76 -33.34 -15.11
N PHE O 112 31.42 -33.30 -14.89
CA PHE O 112 30.37 -32.74 -15.73
C PHE O 112 30.56 -31.27 -16.05
N ASP O 113 30.58 -30.94 -17.34
CA ASP O 113 30.79 -29.58 -17.82
C ASP O 113 29.51 -28.92 -18.31
N TYR O 114 28.74 -29.62 -19.15
CA TYR O 114 27.48 -29.12 -19.67
C TYR O 114 26.31 -29.78 -18.96
N TRP O 115 25.27 -28.99 -18.64
CA TRP O 115 24.07 -29.37 -17.89
C TRP O 115 22.81 -28.76 -18.54
N GLY O 116 21.66 -29.35 -18.26
CA GLY O 116 20.36 -28.87 -18.72
C GLY O 116 19.66 -28.13 -17.61
N GLN O 117 18.55 -27.44 -17.90
CA GLN O 117 17.80 -26.70 -16.85
C GLN O 117 17.23 -27.64 -15.78
N GLY O 118 16.81 -28.84 -16.20
CA GLY O 118 16.27 -29.83 -15.30
C GLY O 118 14.78 -29.77 -15.13
N SER O 119 14.12 -30.95 -15.12
CA SER O 119 12.68 -31.08 -14.94
C SER O 119 12.33 -31.55 -13.54
N LEU O 120 11.42 -30.81 -12.91
CA LEU O 120 10.90 -31.10 -11.59
C LEU O 120 9.98 -32.31 -11.69
N VAL O 121 10.31 -33.34 -10.92
CA VAL O 121 9.49 -34.54 -10.86
C VAL O 121 8.94 -34.69 -9.44
N SER O 122 7.60 -34.67 -9.30
CA SER O 122 6.89 -34.86 -8.05
C SER O 122 6.35 -36.29 -8.08
N VAL O 123 6.55 -37.05 -6.98
CA VAL O 123 6.08 -38.44 -6.90
C VAL O 123 5.00 -38.55 -5.83
N SER O 124 3.73 -38.47 -6.25
CA SER O 124 2.56 -38.53 -5.37
C SER O 124 1.34 -39.10 -6.09
N GLY O 125 0.50 -39.81 -5.34
CA GLY O 125 -0.73 -40.43 -5.84
C GLY O 125 -1.93 -39.49 -5.82
N ALA O 126 -1.74 -38.27 -5.30
CA ALA O 126 -2.78 -37.26 -5.22
C ALA O 126 -3.14 -36.71 -6.59
N SER O 127 -4.43 -36.38 -6.78
CA SER O 127 -4.93 -35.81 -8.03
C SER O 127 -4.39 -34.40 -8.22
N THR O 128 -4.22 -33.99 -9.49
CA THR O 128 -3.74 -32.65 -9.83
C THR O 128 -4.83 -31.62 -9.53
N LYS O 129 -4.41 -30.39 -9.31
CA LYS O 129 -5.32 -29.30 -8.98
C LYS O 129 -5.02 -28.09 -9.84
N GLY O 130 -6.09 -27.44 -10.28
CA GLY O 130 -6.02 -26.24 -11.11
C GLY O 130 -5.84 -25.01 -10.23
N PRO O 131 -4.85 -24.15 -10.53
CA PRO O 131 -4.65 -22.94 -9.71
C PRO O 131 -5.67 -21.85 -10.01
N SER O 132 -6.30 -21.33 -8.96
CA SER O 132 -7.29 -20.27 -9.15
C SER O 132 -6.54 -18.96 -9.02
N VAL O 133 -6.29 -18.26 -10.17
CA VAL O 133 -5.53 -17.00 -10.17
C VAL O 133 -6.40 -15.84 -9.73
N PHE O 134 -5.97 -15.13 -8.67
CA PHE O 134 -6.68 -13.96 -8.18
C PHE O 134 -5.82 -12.73 -8.31
N PRO O 135 -6.31 -11.71 -9.04
CA PRO O 135 -5.50 -10.50 -9.24
C PRO O 135 -5.38 -9.65 -7.98
N LEU O 136 -4.15 -9.22 -7.67
CA LEU O 136 -3.84 -8.33 -6.56
C LEU O 136 -3.83 -6.94 -7.17
N ALA O 137 -5.00 -6.27 -7.12
CA ALA O 137 -5.26 -4.94 -7.67
C ALA O 137 -4.48 -3.86 -6.95
N PRO O 138 -3.88 -2.91 -7.70
CA PRO O 138 -3.14 -1.82 -7.05
C PRO O 138 -4.12 -0.91 -6.32
N SER O 139 -4.01 -0.86 -4.98
CA SER O 139 -4.86 -0.06 -4.10
C SER O 139 -4.20 1.29 -3.78
N SER O 140 -4.94 2.17 -3.08
CA SER O 140 -4.45 3.49 -2.65
C SER O 140 -3.38 3.32 -1.55
N LYS O 141 -3.53 2.28 -0.69
CA LYS O 141 -2.56 1.96 0.40
C LYS O 141 -1.27 1.31 -0.13
N SER O 142 -1.34 0.68 -1.32
CA SER O 142 -0.22 0.05 -2.02
C SER O 142 0.48 1.10 -2.95
N THR O 143 0.39 2.41 -2.59
CA THR O 143 1.00 3.52 -3.31
C THR O 143 1.96 4.22 -2.36
N SER O 144 3.27 4.08 -2.63
CA SER O 144 4.33 4.68 -1.83
C SER O 144 5.10 5.70 -2.67
N GLY O 145 4.57 6.92 -2.68
CA GLY O 145 5.13 8.04 -3.42
C GLY O 145 4.76 7.98 -4.89
N GLY O 146 5.78 8.09 -5.74
CA GLY O 146 5.66 8.06 -7.19
C GLY O 146 5.50 6.69 -7.80
N THR O 147 5.90 5.64 -7.06
CA THR O 147 5.79 4.23 -7.44
C THR O 147 4.53 3.59 -6.87
N ALA O 148 4.07 2.50 -7.49
CA ALA O 148 2.94 1.68 -7.06
C ALA O 148 3.40 0.23 -7.22
N ALA O 149 2.51 -0.72 -6.88
CA ALA O 149 2.74 -2.16 -6.95
C ALA O 149 1.43 -2.90 -7.17
N LEU O 150 1.51 -4.00 -7.93
CA LEU O 150 0.39 -4.88 -8.26
C LEU O 150 0.89 -6.32 -8.37
N GLY O 151 -0.03 -7.27 -8.50
CA GLY O 151 0.35 -8.67 -8.62
C GLY O 151 -0.78 -9.62 -8.90
N CYS O 152 -0.44 -10.91 -8.82
CA CYS O 152 -1.35 -12.04 -9.02
C CYS O 152 -0.98 -13.12 -8.01
N LEU O 153 -2.00 -13.70 -7.36
CA LEU O 153 -1.80 -14.78 -6.41
C LEU O 153 -2.34 -16.09 -7.00
N VAL O 154 -1.42 -17.00 -7.34
CA VAL O 154 -1.69 -18.31 -7.90
C VAL O 154 -1.89 -19.22 -6.70
N LYS O 155 -3.15 -19.29 -6.29
CA LYS O 155 -3.60 -20.04 -5.12
C LYS O 155 -4.09 -21.42 -5.47
N ASP O 156 -3.83 -22.37 -4.55
CA ASP O 156 -4.21 -23.78 -4.50
C ASP O 156 -4.02 -24.57 -5.82
N TYR O 157 -2.79 -25.06 -6.04
CA TYR O 157 -2.44 -25.90 -7.17
C TYR O 157 -1.56 -27.05 -6.71
N PHE O 158 -1.41 -28.07 -7.57
CA PHE O 158 -0.63 -29.27 -7.31
C PHE O 158 -0.46 -30.04 -8.61
N PRO O 159 0.77 -30.47 -8.99
CA PRO O 159 2.04 -30.28 -8.29
C PRO O 159 2.78 -29.04 -8.74
N GLU O 160 4.02 -28.88 -8.30
CA GLU O 160 4.82 -27.73 -8.66
C GLU O 160 5.48 -27.96 -10.04
N PRO O 161 5.69 -26.92 -10.88
CA PRO O 161 5.48 -25.48 -10.64
C PRO O 161 4.43 -24.81 -11.56
N VAL O 162 4.41 -23.46 -11.53
CA VAL O 162 3.61 -22.56 -12.37
C VAL O 162 4.53 -21.48 -12.93
N THR O 163 4.31 -21.10 -14.19
CA THR O 163 5.09 -20.08 -14.87
C THR O 163 4.26 -18.80 -15.01
N VAL O 164 4.75 -17.70 -14.44
CA VAL O 164 4.04 -16.42 -14.51
C VAL O 164 4.80 -15.48 -15.43
N SER O 165 4.19 -15.13 -16.58
CA SER O 165 4.77 -14.17 -17.52
C SER O 165 3.98 -12.89 -17.31
N TRP O 166 4.59 -11.73 -17.55
CA TRP O 166 3.88 -10.46 -17.36
C TRP O 166 3.78 -9.72 -18.67
N ASN O 167 2.53 -9.40 -19.06
CA ASN O 167 2.17 -8.76 -20.33
C ASN O 167 2.70 -9.63 -21.48
N SER O 168 2.44 -10.96 -21.36
CA SER O 168 2.85 -12.04 -22.25
C SER O 168 4.40 -12.17 -22.36
N GLY O 169 5.10 -11.75 -21.30
CA GLY O 169 6.55 -11.77 -21.18
C GLY O 169 7.24 -10.50 -21.65
N ALA O 170 6.50 -9.37 -21.70
CA ALA O 170 7.04 -8.09 -22.15
C ALA O 170 7.84 -7.45 -21.04
N LEU O 171 7.19 -7.16 -19.90
CA LEU O 171 7.87 -6.50 -18.80
C LEU O 171 8.47 -7.46 -17.79
N THR O 172 9.79 -7.44 -17.71
CA THR O 172 10.63 -8.25 -16.81
C THR O 172 11.39 -7.34 -15.83
N SER O 173 11.40 -6.02 -16.10
CA SER O 173 12.06 -5.02 -15.28
C SER O 173 11.15 -4.62 -14.12
N GLY O 174 11.63 -4.85 -12.90
CA GLY O 174 10.90 -4.56 -11.68
C GLY O 174 9.82 -5.59 -11.41
N VAL O 175 10.16 -6.88 -11.63
CA VAL O 175 9.27 -8.03 -11.46
C VAL O 175 9.85 -8.98 -10.41
N HIS O 176 9.00 -9.46 -9.49
CA HIS O 176 9.40 -10.42 -8.47
C HIS O 176 8.40 -11.57 -8.33
N THR O 177 8.70 -12.69 -8.99
CA THR O 177 7.90 -13.91 -8.95
C THR O 177 8.40 -14.74 -7.78
N PHE O 178 7.62 -14.76 -6.70
CA PHE O 178 7.91 -15.46 -5.45
C PHE O 178 7.81 -16.96 -5.57
N PRO O 179 8.64 -17.71 -4.81
CA PRO O 179 8.55 -19.18 -4.84
C PRO O 179 7.24 -19.70 -4.25
N ALA O 180 6.92 -20.97 -4.56
CA ALA O 180 5.72 -21.65 -4.08
C ALA O 180 5.89 -22.00 -2.62
N VAL O 181 4.87 -21.71 -1.84
CA VAL O 181 4.88 -22.01 -0.41
C VAL O 181 3.66 -22.87 -0.11
N LEU O 182 3.86 -24.05 0.51
CA LEU O 182 2.77 -24.96 0.91
C LEU O 182 1.83 -24.26 1.88
N GLN O 183 0.53 -24.36 1.61
CA GLN O 183 -0.55 -23.76 2.37
C GLN O 183 -0.86 -24.49 3.65
N SER O 184 -1.69 -23.83 4.47
CA SER O 184 -2.23 -24.35 5.72
C SER O 184 -2.96 -25.69 5.38
N SER O 185 -3.74 -25.70 4.26
CA SER O 185 -4.49 -26.84 3.71
C SER O 185 -3.61 -27.90 3.03
N GLY O 186 -2.33 -27.58 2.83
CA GLY O 186 -1.33 -28.44 2.23
C GLY O 186 -1.30 -28.47 0.72
N LEU O 187 -1.48 -27.31 0.07
CA LEU O 187 -1.46 -27.14 -1.38
C LEU O 187 -0.47 -26.03 -1.72
N TYR O 188 0.05 -25.99 -2.95
CA TYR O 188 1.00 -24.95 -3.33
C TYR O 188 0.33 -23.61 -3.60
N SER O 189 0.95 -22.52 -3.10
CA SER O 189 0.48 -21.15 -3.30
C SER O 189 1.65 -20.27 -3.74
N LEU O 190 1.52 -19.68 -4.93
CA LEU O 190 2.53 -18.82 -5.51
C LEU O 190 2.07 -17.39 -5.59
N SER O 191 2.94 -16.48 -5.20
CA SER O 191 2.68 -15.06 -5.31
C SER O 191 3.59 -14.54 -6.44
N SER O 192 3.15 -13.48 -7.14
CA SER O 192 3.93 -12.84 -8.20
C SER O 192 3.51 -11.39 -8.33
N VAL O 193 4.47 -10.47 -8.17
CA VAL O 193 4.19 -9.04 -8.19
C VAL O 193 5.03 -8.30 -9.22
N VAL O 194 4.66 -7.02 -9.43
CA VAL O 194 5.32 -6.06 -10.33
C VAL O 194 5.07 -4.62 -9.84
N THR O 195 6.13 -3.79 -9.86
CA THR O 195 6.06 -2.42 -9.37
C THR O 195 6.14 -1.39 -10.49
N VAL O 196 4.98 -0.98 -10.99
CA VAL O 196 4.88 0.06 -12.02
C VAL O 196 4.69 1.38 -11.30
N PRO O 197 5.12 2.55 -11.83
CA PRO O 197 4.88 3.79 -11.08
C PRO O 197 3.39 4.14 -11.07
N SER O 198 3.03 5.16 -10.28
CA SER O 198 1.67 5.69 -10.14
C SER O 198 1.27 6.53 -11.35
N SER O 199 2.24 6.86 -12.23
CA SER O 199 2.07 7.64 -13.47
C SER O 199 1.27 6.80 -14.47
N SER O 200 1.62 5.50 -14.59
CA SER O 200 0.99 4.53 -15.49
C SER O 200 -0.21 3.81 -14.84
N LEU O 201 -1.00 4.54 -14.03
CA LEU O 201 -2.17 4.06 -13.28
C LEU O 201 -3.23 3.36 -14.16
N GLY O 202 -3.79 4.09 -15.11
CA GLY O 202 -4.81 3.58 -16.01
C GLY O 202 -4.41 3.59 -17.48
N THR O 203 -3.12 3.35 -17.76
CA THR O 203 -2.60 3.35 -19.13
C THR O 203 -2.60 1.88 -19.66
N GLN O 204 -1.43 1.21 -19.66
CA GLN O 204 -1.24 -0.16 -20.16
C GLN O 204 -1.84 -1.23 -19.23
N THR O 205 -2.65 -2.12 -19.83
CA THR O 205 -3.33 -3.21 -19.14
C THR O 205 -2.30 -4.25 -18.67
N TYR O 206 -2.33 -4.56 -17.37
CA TYR O 206 -1.44 -5.50 -16.70
C TYR O 206 -2.14 -6.85 -16.58
N ILE O 207 -1.60 -7.87 -17.27
CA ILE O 207 -2.13 -9.23 -17.33
C ILE O 207 -1.01 -10.23 -16.94
N CYS O 208 -1.30 -11.12 -15.98
CA CYS O 208 -0.38 -12.17 -15.58
C CYS O 208 -0.72 -13.40 -16.41
N ASN O 209 0.30 -13.96 -17.07
CA ASN O 209 0.22 -15.13 -17.95
C ASN O 209 0.63 -16.37 -17.17
N VAL O 210 -0.31 -16.85 -16.35
CA VAL O 210 -0.11 -18.04 -15.50
C VAL O 210 -0.34 -19.32 -16.29
N ASN O 211 0.57 -20.30 -16.11
CA ASN O 211 0.48 -21.62 -16.75
C ASN O 211 0.87 -22.76 -15.82
N HIS O 212 -0.02 -23.76 -15.74
CA HIS O 212 0.17 -24.97 -14.94
C HIS O 212 0.09 -26.14 -15.90
N LYS O 213 1.24 -26.53 -16.46
CA LYS O 213 1.32 -27.61 -17.44
C LYS O 213 0.82 -28.98 -16.90
N PRO O 214 1.10 -29.44 -15.63
CA PRO O 214 0.57 -30.74 -15.19
C PRO O 214 -0.96 -30.85 -15.18
N SER O 215 -1.68 -29.72 -15.06
CA SER O 215 -3.14 -29.68 -15.10
C SER O 215 -3.66 -29.11 -16.43
N ASN O 216 -2.75 -28.52 -17.24
CA ASN O 216 -2.94 -27.86 -18.53
C ASN O 216 -3.99 -26.73 -18.44
N THR O 217 -3.71 -25.76 -17.57
CA THR O 217 -4.57 -24.61 -17.34
C THR O 217 -3.79 -23.36 -17.69
N LYS O 218 -4.24 -22.61 -18.71
CA LYS O 218 -3.59 -21.37 -19.17
C LYS O 218 -4.54 -20.21 -18.91
N VAL O 219 -4.33 -19.53 -17.76
CA VAL O 219 -5.15 -18.42 -17.25
C VAL O 219 -4.47 -17.07 -17.46
N ASP O 220 -5.20 -16.12 -18.08
CA ASP O 220 -4.71 -14.76 -18.33
C ASP O 220 -5.56 -13.73 -17.57
N LYS O 221 -5.26 -13.57 -16.27
CA LYS O 221 -5.94 -12.65 -15.36
C LYS O 221 -5.45 -11.21 -15.49
N ARG O 222 -6.40 -10.29 -15.75
CA ARG O 222 -6.15 -8.85 -15.88
C ARG O 222 -6.23 -8.20 -14.49
N VAL O 223 -5.26 -7.33 -14.18
CA VAL O 223 -5.18 -6.59 -12.91
C VAL O 223 -5.54 -5.12 -13.17
N GLU O 224 -6.63 -4.64 -12.56
CA GLU O 224 -7.09 -3.25 -12.70
C GLU O 224 -7.33 -2.63 -11.29
N PRO O 225 -6.91 -1.36 -11.04
CA PRO O 225 -7.12 -0.75 -9.72
C PRO O 225 -8.59 -0.56 -9.37
N ASP P 1 26.81 -55.97 -35.36
CA ASP P 1 28.05 -55.33 -34.89
C ASP P 1 28.40 -55.74 -33.45
N LEU P 2 29.06 -56.90 -33.32
CA LEU P 2 29.52 -57.45 -32.04
C LEU P 2 31.01 -57.77 -32.12
N PRO P 3 31.80 -57.37 -31.08
CA PRO P 3 33.25 -57.62 -31.13
C PRO P 3 33.67 -59.06 -31.38
N LEU P 4 34.55 -59.21 -32.35
CA LEU P 4 35.12 -60.46 -32.81
C LEU P 4 36.03 -61.06 -31.74
N LEU P 5 35.97 -62.37 -31.62
CA LEU P 5 36.78 -63.13 -30.67
C LEU P 5 37.55 -64.23 -31.38
N CYS P 6 38.77 -64.51 -30.90
CA CYS P 6 39.58 -65.56 -31.50
C CYS P 6 40.39 -66.37 -30.48
N THR P 7 40.39 -67.69 -30.66
CA THR P 7 41.09 -68.67 -29.83
C THR P 7 42.16 -69.34 -30.67
N LEU P 8 43.41 -69.37 -30.20
CA LEU P 8 44.52 -70.00 -30.91
C LEU P 8 45.43 -70.65 -29.90
N ASN P 9 45.89 -71.90 -30.15
CA ASN P 9 46.78 -72.62 -29.22
C ASN P 9 46.07 -72.86 -27.86
N LYS P 10 46.23 -71.93 -26.91
CA LYS P 10 45.66 -71.93 -25.55
C LYS P 10 45.94 -70.54 -25.02
N SER P 11 47.23 -70.14 -24.99
CA SER P 11 47.78 -68.87 -24.53
C SER P 11 47.51 -67.70 -25.47
N HIS P 12 47.35 -67.97 -26.78
CA HIS P 12 47.11 -66.93 -27.78
C HIS P 12 45.62 -66.59 -27.94
N LEU P 13 45.14 -65.70 -27.06
CA LEU P 13 43.77 -65.22 -27.01
C LEU P 13 43.67 -63.87 -27.71
N TYR P 14 42.69 -63.73 -28.62
CA TYR P 14 42.52 -62.53 -29.43
C TYR P 14 41.09 -61.95 -29.45
N ILE P 15 41.01 -60.63 -29.68
CA ILE P 15 39.77 -59.85 -29.70
C ILE P 15 39.89 -58.61 -30.62
N LYS P 16 38.82 -58.29 -31.38
CA LYS P 16 38.80 -57.10 -32.26
C LYS P 16 37.43 -56.41 -32.28
N GLY P 17 37.46 -55.12 -31.94
CA GLY P 17 36.29 -54.25 -31.97
C GLY P 17 36.62 -52.98 -32.72
N GLY P 18 35.95 -52.77 -33.85
CA GLY P 18 36.18 -51.63 -34.71
C GLY P 18 37.52 -51.68 -35.42
N ASN P 19 38.47 -50.85 -34.98
CA ASN P 19 39.81 -50.81 -35.58
C ASN P 19 40.83 -51.47 -34.66
N ALA P 20 40.60 -51.38 -33.34
CA ALA P 20 41.44 -51.94 -32.28
C ALA P 20 41.41 -53.47 -32.21
N SER P 21 42.58 -54.08 -31.92
CA SER P 21 42.75 -55.53 -31.75
C SER P 21 43.78 -55.83 -30.67
N PHE P 22 43.37 -56.62 -29.65
CA PHE P 22 44.20 -56.94 -28.49
C PHE P 22 44.61 -58.42 -28.38
N LYS P 23 45.51 -58.69 -27.42
CA LYS P 23 46.04 -60.01 -27.10
C LYS P 23 46.00 -60.20 -25.58
N ILE P 24 45.03 -61.01 -25.15
CA ILE P 24 44.80 -61.36 -23.76
C ILE P 24 45.74 -62.52 -23.38
N SER P 25 46.70 -62.24 -22.51
CA SER P 25 47.68 -63.22 -22.05
C SER P 25 47.68 -63.33 -20.54
N PHE P 26 47.94 -64.54 -20.02
CA PHE P 26 47.99 -64.81 -18.59
C PHE P 26 49.36 -65.37 -18.20
N ASP P 27 50.04 -64.65 -17.30
CA ASP P 27 51.33 -64.97 -16.73
C ASP P 27 51.63 -64.13 -15.49
N ASP P 28 52.61 -64.61 -14.71
CA ASP P 28 53.13 -64.07 -13.45
C ASP P 28 54.05 -62.85 -13.62
N ILE P 29 54.30 -62.42 -14.87
CA ILE P 29 55.15 -61.27 -15.20
C ILE P 29 54.34 -60.02 -14.87
N ALA P 30 55.00 -59.02 -14.25
CA ALA P 30 54.38 -57.78 -13.83
C ALA P 30 54.89 -56.57 -14.63
N VAL P 31 53.96 -55.70 -15.14
CA VAL P 31 54.32 -54.48 -15.89
C VAL P 31 53.61 -53.22 -15.37
N LEU P 32 52.46 -53.40 -14.70
CA LEU P 32 51.73 -52.28 -14.13
C LEU P 32 51.68 -52.42 -12.62
N LEU P 33 51.79 -51.28 -11.92
CA LEU P 33 51.82 -51.20 -10.47
C LEU P 33 51.07 -49.95 -9.97
N PRO P 34 50.43 -50.00 -8.76
CA PRO P 34 49.74 -48.80 -8.24
C PRO P 34 50.72 -47.70 -7.89
N GLU P 35 50.22 -46.44 -7.80
CA GLU P 35 50.94 -45.18 -7.53
C GLU P 35 51.79 -44.79 -8.74
N TYR P 36 52.40 -45.80 -9.35
CA TYR P 36 53.23 -45.75 -10.56
C TYR P 36 52.32 -45.54 -11.77
N ASP P 37 51.15 -46.22 -11.77
CA ASP P 37 50.20 -46.16 -12.87
C ASP P 37 48.80 -45.72 -12.42
N VAL P 38 47.77 -46.03 -13.22
CA VAL P 38 46.37 -45.67 -13.01
C VAL P 38 45.53 -46.80 -12.39
N ILE P 39 44.51 -46.43 -11.59
CA ILE P 39 43.60 -47.36 -10.92
C ILE P 39 42.16 -47.20 -11.48
N ILE P 40 41.79 -48.10 -12.40
CA ILE P 40 40.49 -48.11 -13.04
C ILE P 40 39.48 -48.69 -12.08
N GLN P 41 38.47 -47.89 -11.72
CA GLN P 41 37.44 -48.34 -10.78
C GLN P 41 36.13 -48.64 -11.53
N HIS P 42 35.64 -47.66 -12.30
CA HIS P 42 34.43 -47.77 -13.11
C HIS P 42 34.76 -47.51 -14.59
N PRO P 43 33.89 -47.86 -15.58
CA PRO P 43 34.29 -47.67 -17.00
C PRO P 43 34.56 -46.24 -17.50
N ALA P 44 34.45 -45.21 -16.65
CA ALA P 44 34.74 -43.83 -17.05
C ALA P 44 36.21 -43.44 -16.76
N ASP P 45 36.93 -44.33 -16.01
CA ASP P 45 38.35 -44.25 -15.68
C ASP P 45 39.21 -44.65 -16.88
N MET P 46 38.69 -45.59 -17.69
CA MET P 46 39.29 -46.20 -18.88
C MET P 46 39.48 -45.27 -20.08
N SER P 47 38.76 -44.17 -20.09
CA SER P 47 38.76 -43.22 -21.19
C SER P 47 39.99 -42.33 -21.25
N TRP P 48 40.74 -42.28 -20.14
CA TRP P 48 41.96 -41.49 -20.08
C TRP P 48 43.18 -42.46 -20.14
N CYS P 49 42.94 -43.67 -20.68
CA CYS P 49 43.94 -44.72 -20.86
C CYS P 49 44.45 -44.77 -22.27
N SER P 50 43.55 -44.53 -23.23
CA SER P 50 43.82 -44.50 -24.65
C SER P 50 43.19 -43.24 -25.28
N LYS P 51 43.60 -42.94 -26.52
CA LYS P 51 43.13 -41.81 -27.29
C LYS P 51 42.13 -42.29 -28.33
N SER P 52 42.33 -43.51 -28.86
CA SER P 52 41.43 -44.15 -29.83
C SER P 52 40.10 -44.51 -29.17
N ASP P 53 38.97 -44.32 -29.89
CA ASP P 53 37.61 -44.61 -29.41
C ASP P 53 37.33 -46.13 -29.31
N ASP P 54 37.83 -46.92 -30.27
CA ASP P 54 37.67 -48.37 -30.28
C ASP P 54 38.56 -49.04 -29.23
N GLN P 55 39.73 -48.45 -28.93
CA GLN P 55 40.66 -48.98 -27.94
C GLN P 55 40.13 -48.88 -26.50
N ILE P 56 39.34 -47.83 -26.22
CA ILE P 56 38.70 -47.59 -24.90
C ILE P 56 37.46 -48.47 -24.78
N TRP P 57 36.60 -48.47 -25.82
CA TRP P 57 35.36 -49.22 -25.87
C TRP P 57 35.54 -50.74 -25.81
N LEU P 58 36.51 -51.31 -26.53
CA LEU P 58 36.72 -52.76 -26.53
C LEU P 58 37.17 -53.26 -25.15
N SER P 59 37.99 -52.45 -24.47
CA SER P 59 38.52 -52.76 -23.15
C SER P 59 37.41 -52.73 -22.11
N GLN P 60 36.47 -51.78 -22.23
CA GLN P 60 35.35 -51.70 -21.30
C GLN P 60 34.27 -52.75 -21.65
N TRP P 61 34.20 -53.18 -22.94
CA TRP P 61 33.26 -54.22 -23.40
C TRP P 61 33.76 -55.58 -22.94
N PHE P 62 35.08 -55.80 -22.99
CA PHE P 62 35.67 -57.05 -22.55
C PHE P 62 35.49 -57.25 -21.04
N MET P 63 35.61 -56.18 -20.21
CA MET P 63 35.47 -56.29 -18.75
C MET P 63 34.02 -56.49 -18.28
N ASN P 64 33.04 -55.95 -19.04
CA ASN P 64 31.60 -56.13 -18.78
C ASN P 64 31.12 -57.49 -19.30
N ALA P 65 31.89 -58.10 -20.24
CA ALA P 65 31.58 -59.40 -20.81
C ALA P 65 32.00 -60.55 -19.88
N VAL P 66 33.17 -60.41 -19.22
CA VAL P 66 33.74 -61.38 -18.25
C VAL P 66 32.98 -61.36 -16.90
N GLY P 67 32.24 -60.27 -16.68
CA GLY P 67 31.46 -60.04 -15.47
C GLY P 67 32.25 -59.34 -14.40
N HIS P 68 32.92 -58.20 -14.75
CA HIS P 68 33.67 -57.43 -13.76
C HIS P 68 32.68 -56.47 -13.13
N ASP P 69 32.32 -56.75 -11.87
CA ASP P 69 31.43 -55.96 -11.03
C ASP P 69 32.21 -54.71 -10.69
N TRP P 70 31.82 -53.56 -11.26
CA TRP P 70 32.51 -52.29 -11.03
C TRP P 70 32.35 -51.75 -9.60
N TYR P 71 31.50 -52.41 -8.78
CA TYR P 71 31.25 -52.02 -7.39
C TYR P 71 31.93 -52.96 -6.42
N LEU P 72 31.75 -54.28 -6.61
CA LEU P 72 32.28 -55.30 -5.70
C LEU P 72 33.68 -55.75 -6.03
N ASP P 73 33.92 -56.07 -7.30
CA ASP P 73 35.21 -56.56 -7.77
C ASP P 73 36.35 -55.52 -7.64
N PRO P 74 37.57 -55.96 -7.23
CA PRO P 74 38.68 -55.02 -7.04
C PRO P 74 39.05 -54.27 -8.30
N PRO P 75 39.55 -53.03 -8.17
CA PRO P 75 39.96 -52.26 -9.34
C PRO P 75 41.20 -52.86 -9.98
N PHE P 76 41.43 -52.52 -11.23
CA PHE P 76 42.58 -53.03 -11.97
C PHE P 76 43.47 -51.90 -12.45
N LEU P 77 44.65 -52.24 -12.96
CA LEU P 77 45.61 -51.24 -13.42
C LEU P 77 45.57 -50.98 -14.91
N CYS P 78 46.09 -49.82 -15.31
CA CYS P 78 46.14 -49.37 -16.69
C CYS P 78 47.34 -48.45 -16.90
N ARG P 79 47.74 -48.25 -18.15
CA ARG P 79 48.84 -47.38 -18.55
C ARG P 79 48.32 -45.99 -18.87
N ASN P 80 48.98 -44.93 -18.33
CA ASN P 80 48.68 -43.52 -18.59
C ASN P 80 48.70 -43.28 -20.10
N ARG P 81 47.70 -42.52 -20.57
CA ARG P 81 47.44 -42.21 -21.97
C ARG P 81 48.57 -41.50 -22.69
N THR P 82 49.17 -40.51 -22.01
CA THR P 82 50.25 -39.71 -22.55
C THR P 82 51.59 -40.47 -22.51
N LYS P 83 51.52 -41.81 -22.55
CA LYS P 83 52.67 -42.69 -22.54
C LYS P 83 52.87 -43.44 -23.87
N THR P 84 54.07 -43.25 -24.47
CA THR P 84 54.59 -43.78 -25.74
C THR P 84 54.86 -45.28 -25.70
N GLU P 85 54.95 -45.84 -24.48
CA GLU P 85 55.18 -47.24 -24.19
C GLU P 85 54.08 -48.12 -24.81
N GLY P 86 52.97 -47.50 -25.14
CA GLY P 86 51.83 -48.13 -25.77
C GLY P 86 50.60 -48.14 -24.91
N PHE P 87 49.80 -49.18 -25.11
CA PHE P 87 48.53 -49.46 -24.44
C PHE P 87 48.57 -50.85 -23.84
N ILE P 88 48.21 -50.92 -22.56
CA ILE P 88 48.19 -52.14 -21.77
C ILE P 88 47.36 -51.91 -20.52
N PHE P 89 46.47 -52.85 -20.25
CA PHE P 89 45.67 -52.85 -19.06
C PHE P 89 45.87 -54.20 -18.39
N GLN P 90 46.11 -54.18 -17.10
CA GLN P 90 46.41 -55.35 -16.33
C GLN P 90 45.33 -55.62 -15.27
N VAL P 91 44.81 -56.86 -15.21
CA VAL P 91 43.83 -57.26 -14.22
C VAL P 91 44.47 -58.32 -13.31
N ASN P 92 44.49 -58.07 -11.98
CA ASN P 92 45.06 -59.04 -11.04
C ASN P 92 44.10 -60.23 -10.96
N THR P 93 44.53 -61.36 -11.52
CA THR P 93 43.75 -62.59 -11.58
C THR P 93 44.44 -63.74 -10.83
N SER P 94 45.01 -63.44 -9.65
CA SER P 94 45.68 -64.46 -8.86
C SER P 94 44.64 -65.31 -8.16
N LYS P 95 44.81 -66.64 -8.23
CA LYS P 95 43.88 -67.65 -7.71
C LYS P 95 44.12 -68.02 -6.23
N THR P 96 44.72 -67.09 -5.46
CA THR P 96 45.03 -67.27 -4.04
C THR P 96 45.09 -65.95 -3.26
N GLY P 97 44.47 -65.94 -2.09
CA GLY P 97 44.44 -64.78 -1.22
C GLY P 97 43.08 -64.13 -1.16
N ILE P 98 43.02 -62.84 -1.51
CA ILE P 98 41.82 -62.03 -1.48
C ILE P 98 41.17 -62.01 -2.88
N ASN P 99 42.01 -62.25 -3.90
CA ASN P 99 41.59 -62.24 -5.30
C ASN P 99 41.19 -63.64 -5.78
N GLU P 100 41.19 -64.62 -4.87
CA GLU P 100 40.81 -66.00 -5.15
C GLU P 100 39.34 -66.06 -5.60
N ASN P 101 38.43 -65.31 -4.92
CA ASN P 101 37.00 -65.27 -5.24
C ASN P 101 36.71 -64.60 -6.58
N TYR P 102 37.58 -63.63 -6.93
CA TYR P 102 37.50 -62.87 -8.17
C TYR P 102 38.11 -63.64 -9.32
N ALA P 103 39.19 -64.40 -9.04
CA ALA P 103 39.91 -65.18 -10.04
C ALA P 103 39.09 -66.31 -10.60
N LYS P 104 38.35 -67.05 -9.73
CA LYS P 104 37.48 -68.15 -10.16
C LYS P 104 36.29 -67.64 -10.98
N LYS P 105 35.82 -66.41 -10.66
CA LYS P 105 34.74 -65.70 -11.37
C LYS P 105 35.26 -65.27 -12.76
N PHE P 106 36.54 -64.87 -12.82
CA PHE P 106 37.23 -64.46 -14.04
C PHE P 106 37.61 -65.71 -14.88
N LYS P 107 37.81 -66.85 -14.20
CA LYS P 107 38.14 -68.15 -14.79
C LYS P 107 36.94 -68.70 -15.55
N THR P 108 35.72 -68.52 -15.02
CA THR P 108 34.49 -69.01 -15.66
C THR P 108 34.09 -68.11 -16.83
N GLY P 109 34.54 -66.84 -16.80
CA GLY P 109 34.30 -65.86 -17.85
C GLY P 109 34.87 -66.28 -19.19
N MET P 110 36.17 -66.68 -19.19
CA MET P 110 36.93 -67.14 -20.37
C MET P 110 36.36 -68.46 -20.90
N HIS P 111 35.71 -69.21 -19.99
CA HIS P 111 35.04 -70.48 -20.28
C HIS P 111 33.69 -70.22 -20.97
N HIS P 112 33.23 -68.96 -21.00
CA HIS P 112 31.98 -68.63 -21.68
C HIS P 112 32.16 -67.58 -22.80
N LEU P 113 33.33 -66.92 -22.88
CA LEU P 113 33.61 -65.96 -23.96
C LEU P 113 34.39 -66.65 -25.05
N TYR P 114 35.51 -67.26 -24.69
CA TYR P 114 36.40 -68.00 -25.58
C TYR P 114 36.03 -69.48 -25.63
N ARG P 115 34.94 -69.86 -24.91
CA ARG P 115 34.32 -71.19 -24.77
C ARG P 115 35.18 -72.19 -24.00
N GLU P 116 36.37 -72.51 -24.51
CA GLU P 116 37.23 -73.46 -23.82
C GLU P 116 38.59 -72.87 -23.59
N TYR P 117 38.96 -72.74 -22.31
CA TYR P 117 40.28 -72.22 -22.03
C TYR P 117 40.95 -72.88 -20.83
N PRO P 118 41.90 -73.83 -21.06
CA PRO P 118 42.68 -74.37 -19.93
C PRO P 118 43.58 -73.24 -19.45
N ASP P 119 43.19 -72.62 -18.31
CA ASP P 119 43.82 -71.45 -17.70
C ASP P 119 45.32 -71.59 -17.45
N SER P 120 46.09 -70.60 -17.96
CA SER P 120 47.55 -70.48 -17.79
C SER P 120 47.93 -69.83 -16.42
N CYS P 121 46.91 -69.72 -15.52
CA CYS P 121 47.00 -69.22 -14.15
C CYS P 121 47.10 -70.42 -13.20
N LEU P 122 48.07 -70.36 -12.26
CA LEU P 122 48.30 -71.42 -11.28
C LEU P 122 47.42 -71.19 -10.05
N ASP P 123 46.53 -72.16 -9.74
CA ASP P 123 45.64 -72.08 -8.57
C ASP P 123 46.47 -72.20 -7.29
N GLY P 124 46.70 -71.07 -6.65
CA GLY P 124 47.53 -71.02 -5.46
C GLY P 124 48.89 -70.42 -5.73
N LYS P 125 49.00 -69.58 -6.79
CA LYS P 125 50.22 -68.90 -7.22
C LYS P 125 49.86 -67.64 -8.02
N LEU P 126 50.76 -66.64 -7.99
CA LEU P 126 50.64 -65.35 -8.68
C LEU P 126 50.40 -65.50 -10.17
N CYS P 127 49.32 -64.84 -10.66
CA CYS P 127 48.96 -64.78 -12.08
C CYS P 127 48.31 -63.45 -12.44
N LEU P 128 48.72 -62.86 -13.57
CA LEU P 128 48.24 -61.54 -14.01
C LEU P 128 47.75 -61.51 -15.44
N MET P 129 46.53 -60.99 -15.61
CA MET P 129 45.90 -60.82 -16.93
C MET P 129 46.52 -59.57 -17.56
N LYS P 130 46.92 -59.64 -18.84
CA LYS P 130 47.55 -58.52 -19.54
C LYS P 130 47.12 -58.47 -21.01
N ALA P 131 46.47 -57.36 -21.42
CA ALA P 131 46.02 -57.16 -22.80
C ALA P 131 46.86 -56.09 -23.49
N GLN P 132 47.44 -56.42 -24.66
CA GLN P 132 48.27 -55.51 -25.45
C GLN P 132 47.80 -55.46 -26.91
N PRO P 133 47.64 -54.24 -27.51
CA PRO P 133 47.19 -54.16 -28.90
C PRO P 133 48.14 -54.82 -29.87
N THR P 134 47.67 -55.90 -30.46
CA THR P 134 48.41 -56.70 -31.43
C THR P 134 47.75 -56.56 -32.81
N SER P 135 48.41 -57.11 -33.85
CA SER P 135 47.89 -57.13 -35.21
C SER P 135 46.82 -58.20 -35.25
N TRP P 136 45.84 -58.08 -36.16
CA TRP P 136 44.84 -59.15 -36.28
C TRP P 136 45.54 -60.34 -36.95
N PRO P 137 45.59 -61.52 -36.28
CA PRO P 137 46.32 -62.66 -36.87
C PRO P 137 45.80 -63.16 -38.21
N LEU P 138 46.68 -63.80 -38.96
CA LEU P 138 46.44 -64.39 -40.27
C LEU P 138 45.49 -65.57 -40.11
N GLN P 139 45.76 -66.44 -39.10
CA GLN P 139 44.96 -67.63 -38.76
C GLN P 139 43.55 -67.28 -38.30
N CYS P 140 43.40 -66.19 -37.52
CA CYS P 140 42.11 -65.73 -37.02
C CYS P 140 41.23 -65.21 -38.16
N PRO P 141 40.07 -65.83 -38.38
CA PRO P 141 39.21 -65.35 -39.48
C PRO P 141 38.50 -64.05 -39.14
N LEU P 142 38.07 -63.32 -40.19
CA LEU P 142 37.30 -62.07 -40.22
C LEU P 142 37.98 -60.90 -39.46
N VAL Q 1 2.39 50.56 23.70
CA VAL Q 1 2.90 51.31 22.56
C VAL Q 1 2.02 52.54 22.33
N GLN Q 2 2.43 53.66 22.97
CA GLN Q 2 1.70 54.92 22.93
C GLN Q 2 2.54 56.10 22.47
N LEU Q 3 1.87 57.16 21.99
CA LEU Q 3 2.51 58.39 21.52
C LEU Q 3 1.87 59.63 22.13
N GLN Q 4 2.73 60.57 22.57
CA GLN Q 4 2.32 61.81 23.21
C GLN Q 4 2.97 63.02 22.57
N GLU Q 5 2.15 64.02 22.19
CA GLU Q 5 2.62 65.27 21.59
C GLU Q 5 2.66 66.34 22.66
N SER Q 6 3.73 67.14 22.66
CA SER Q 6 3.90 68.23 23.61
C SER Q 6 4.53 69.44 22.95
N GLY Q 7 3.74 70.51 22.85
CA GLY Q 7 4.15 71.78 22.24
C GLY Q 7 3.25 72.95 22.60
N PRO Q 8 3.70 74.21 22.32
CA PRO Q 8 2.86 75.37 22.64
C PRO Q 8 1.59 75.41 21.80
N GLY Q 9 0.50 75.84 22.43
CA GLY Q 9 -0.80 75.95 21.79
C GLY Q 9 -0.87 77.14 20.84
N LEU Q 10 -0.18 78.23 21.22
CA LEU Q 10 -0.10 79.46 20.44
C LEU Q 10 1.35 79.90 20.26
N VAL Q 11 1.74 80.02 18.98
CA VAL Q 11 3.08 80.45 18.54
C VAL Q 11 2.91 81.69 17.66
N LYS Q 12 3.65 82.75 17.97
CA LYS Q 12 3.59 84.00 17.22
C LYS Q 12 4.12 83.81 15.79
N PRO Q 13 3.55 84.48 14.74
CA PRO Q 13 4.06 84.32 13.38
C PRO Q 13 5.50 84.79 13.20
N SER Q 14 6.16 84.32 12.12
CA SER Q 14 7.55 84.52 11.70
C SER Q 14 8.58 83.99 12.73
N GLN Q 15 8.12 83.15 13.67
CA GLN Q 15 8.95 82.55 14.71
C GLN Q 15 9.10 81.04 14.50
N THR Q 16 9.55 80.31 15.52
CA THR Q 16 9.70 78.88 15.33
C THR Q 16 8.79 78.05 16.21
N LEU Q 17 8.09 77.12 15.56
CA LEU Q 17 7.26 76.14 16.22
C LEU Q 17 8.08 74.88 16.47
N SER Q 18 8.01 74.39 17.70
CA SER Q 18 8.72 73.22 18.13
C SER Q 18 7.83 72.31 18.94
N LEU Q 19 7.75 71.04 18.52
CA LEU Q 19 6.95 70.00 19.16
C LEU Q 19 7.82 68.75 19.34
N THR Q 20 7.65 68.05 20.46
CA THR Q 20 8.38 66.82 20.72
C THR Q 20 7.43 65.67 21.06
N CYS Q 21 7.62 64.52 20.39
CA CYS Q 21 6.79 63.33 20.60
C CYS Q 21 7.47 62.28 21.45
N SER Q 22 6.71 61.68 22.38
CA SER Q 22 7.18 60.69 23.34
C SER Q 22 6.77 59.26 22.98
N VAL Q 23 7.74 58.34 22.95
CA VAL Q 23 7.54 56.90 22.68
C VAL Q 23 7.59 56.19 24.03
N SER Q 24 6.52 55.44 24.37
CA SER Q 24 6.47 54.73 25.65
C SER Q 24 6.39 53.22 25.47
N GLY Q 25 7.25 52.53 26.21
CA GLY Q 25 7.32 51.06 26.21
C GLY Q 25 8.22 50.43 25.17
N GLY Q 26 8.79 51.26 24.29
CA GLY Q 26 9.67 50.82 23.21
C GLY Q 26 10.91 51.70 23.07
N SER Q 27 12.11 51.07 23.07
CA SER Q 27 13.41 51.77 22.98
C SER Q 27 13.81 52.19 21.56
N ILE Q 28 12.85 52.11 20.59
CA ILE Q 28 13.02 52.47 19.17
C ILE Q 28 13.98 51.50 18.47
N GLY Q 29 13.39 50.61 17.68
CA GLY Q 29 14.11 49.62 16.88
C GLY Q 29 13.98 49.99 15.43
N GLY Q 30 14.72 51.03 15.03
CA GLY Q 30 14.69 51.63 13.70
C GLY Q 30 15.09 50.84 12.47
N SER Q 31 14.77 49.53 12.43
CA SER Q 31 15.01 48.66 11.28
C SER Q 31 14.04 49.05 10.15
N SER Q 32 12.87 49.58 10.54
CA SER Q 32 11.77 50.00 9.67
C SER Q 32 10.88 51.07 10.33
N TYR Q 33 11.11 51.31 11.63
CA TYR Q 33 10.33 52.24 12.45
C TYR Q 33 10.74 53.71 12.18
N TYR Q 34 10.32 54.26 11.04
CA TYR Q 34 10.64 55.66 10.72
C TYR Q 34 9.59 56.55 11.36
N TRP Q 35 10.02 57.44 12.27
CA TRP Q 35 9.17 58.33 13.06
C TRP Q 35 8.81 59.62 12.36
N SER Q 36 7.49 59.85 12.12
CA SER Q 36 7.04 61.03 11.39
C SER Q 36 6.21 62.03 12.18
N TRP Q 37 5.75 63.06 11.45
CA TRP Q 37 4.87 64.12 11.93
C TRP Q 37 3.91 64.43 10.79
N ILE Q 38 2.59 64.39 11.06
CA ILE Q 38 1.52 64.61 10.08
C ILE Q 38 0.59 65.71 10.62
N ARG Q 39 0.21 66.69 9.78
CA ARG Q 39 -0.66 67.78 10.20
C ARG Q 39 -2.01 67.82 9.48
N HIS Q 40 -3.00 68.53 10.05
CA HIS Q 40 -4.34 68.66 9.49
C HIS Q 40 -4.87 70.09 9.57
N HIS Q 41 -5.01 70.71 8.40
CA HIS Q 41 -5.46 72.10 8.24
C HIS Q 41 -6.94 72.32 8.48
N PRO Q 42 -7.36 73.51 8.98
CA PRO Q 42 -8.78 73.73 9.32
C PRO Q 42 -9.79 73.63 8.17
N GLY Q 43 -10.66 72.62 8.25
CA GLY Q 43 -11.70 72.36 7.27
C GLY Q 43 -11.16 71.88 5.94
N LYS Q 44 -9.84 71.59 5.90
CA LYS Q 44 -9.10 71.15 4.73
C LYS Q 44 -8.70 69.67 4.87
N GLY Q 45 -7.47 69.32 4.52
CA GLY Q 45 -7.01 67.94 4.58
C GLY Q 45 -5.68 67.69 5.24
N LEU Q 46 -5.37 66.39 5.40
CA LEU Q 46 -4.17 65.81 6.02
C LEU Q 46 -2.94 65.79 5.10
N GLU Q 47 -1.75 66.03 5.69
CA GLU Q 47 -0.47 66.03 4.99
C GLU Q 47 0.72 65.69 5.88
N TRP Q 48 1.72 65.00 5.31
CA TRP Q 48 2.92 64.53 5.99
C TRP Q 48 4.04 65.55 5.93
N ILE Q 49 4.83 65.60 7.01
CA ILE Q 49 5.93 66.57 7.16
C ILE Q 49 7.31 65.90 6.94
N GLY Q 50 7.78 65.11 7.90
CA GLY Q 50 9.08 64.46 7.78
C GLY Q 50 9.33 63.32 8.75
N TYR Q 51 10.32 62.47 8.44
CA TYR Q 51 10.68 61.35 9.31
C TYR Q 51 12.15 61.33 9.72
N ILE Q 52 12.42 60.64 10.83
CA ILE Q 52 13.73 60.43 11.43
C ILE Q 52 13.87 58.94 11.81
N ASN Q 53 15.10 58.40 11.85
CA ASN Q 53 15.34 57.01 12.16
C ASN Q 53 15.88 56.83 13.58
N TYR Q 54 16.31 55.61 13.93
CA TYR Q 54 16.88 55.26 15.22
C TYR Q 54 18.29 55.84 15.33
N ARG Q 55 18.98 56.02 14.18
CA ARG Q 55 20.34 56.56 14.08
C ARG Q 55 20.35 57.95 13.39
N GLY Q 56 19.14 58.51 13.25
CA GLY Q 56 18.94 59.85 12.72
C GLY Q 56 19.03 60.00 11.22
N ILE Q 57 18.11 59.36 10.50
CA ILE Q 57 18.06 59.46 9.04
C ILE Q 57 16.77 60.20 8.66
N THR Q 58 16.92 61.41 8.09
CA THR Q 58 15.78 62.25 7.73
C THR Q 58 15.47 62.38 6.26
N HIS Q 59 14.18 62.65 5.96
CA HIS Q 59 13.60 62.93 4.64
C HIS Q 59 12.31 63.68 4.91
N TYR Q 60 12.11 64.81 4.22
CA TYR Q 60 10.92 65.63 4.46
C TYR Q 60 10.10 65.84 3.18
N ASN Q 61 8.92 66.47 3.35
CA ASN Q 61 8.02 66.85 2.27
C ASN Q 61 8.69 67.96 1.44
N ALA Q 62 8.47 67.95 0.11
CA ALA Q 62 9.03 68.93 -0.85
C ALA Q 62 8.77 70.42 -0.52
N ALA Q 63 7.57 70.76 0.00
CA ALA Q 63 7.19 72.12 0.37
C ALA Q 63 7.66 72.51 1.78
N LEU Q 64 8.07 71.53 2.58
CA LEU Q 64 8.51 71.72 3.96
C LEU Q 64 10.01 71.58 4.19
N LYS Q 65 10.74 70.90 3.27
CA LYS Q 65 12.18 70.61 3.28
C LYS Q 65 12.99 71.89 3.46
N SER Q 66 12.50 73.02 2.92
CA SER Q 66 13.15 74.32 3.03
C SER Q 66 13.15 74.92 4.45
N ARG Q 67 12.14 74.61 5.30
CA ARG Q 67 12.08 75.21 6.65
C ARG Q 67 11.83 74.18 7.78
N VAL Q 68 11.93 72.87 7.49
CA VAL Q 68 11.71 71.84 8.53
C VAL Q 68 12.99 71.05 8.86
N SER Q 69 13.31 71.02 10.17
CA SER Q 69 14.38 70.24 10.81
C SER Q 69 13.73 69.35 11.82
N MET Q 70 14.35 68.22 12.09
CA MET Q 70 13.84 67.28 13.05
C MET Q 70 14.98 66.74 13.87
N SER Q 71 14.70 66.36 15.10
CA SER Q 71 15.73 65.78 15.95
C SER Q 71 15.20 64.50 16.56
N VAL Q 72 16.10 63.71 17.18
CA VAL Q 72 15.78 62.44 17.83
C VAL Q 72 16.82 62.16 18.92
N GLU Q 73 16.39 61.49 20.00
CA GLU Q 73 17.23 61.06 21.11
C GLU Q 73 16.69 59.71 21.57
N THR Q 74 17.54 58.67 21.47
CA THR Q 74 17.19 57.31 21.85
C THR Q 74 17.20 57.11 23.38
N SER Q 75 18.01 57.93 24.09
CA SER Q 75 18.18 57.91 25.54
C SER Q 75 16.87 58.04 26.33
N GLN Q 76 16.05 59.05 26.02
CA GLN Q 76 14.78 59.26 26.73
C GLN Q 76 13.54 58.87 25.89
N ASN Q 77 13.75 58.34 24.68
CA ASN Q 77 12.74 57.88 23.71
C ASN Q 77 11.79 59.00 23.20
N HIS Q 78 12.39 60.10 22.69
CA HIS Q 78 11.63 61.22 22.12
C HIS Q 78 12.24 61.64 20.78
N PHE Q 79 11.48 62.36 19.96
CA PHE Q 79 11.89 62.93 18.67
C PHE Q 79 11.16 64.24 18.46
N SER Q 80 11.86 65.29 17.98
CA SER Q 80 11.22 66.61 17.81
C SER Q 80 11.07 67.08 16.33
N LEU Q 81 10.20 68.08 16.15
CA LEU Q 81 9.91 68.73 14.86
C LEU Q 81 10.09 70.25 15.01
N GLN Q 82 10.85 70.85 14.10
CA GLN Q 82 11.16 72.29 14.10
C GLN Q 82 10.81 72.91 12.76
N LEU Q 83 9.86 73.84 12.76
CA LEU Q 83 9.43 74.56 11.56
C LEU Q 83 9.63 76.04 11.85
N THR Q 84 10.47 76.70 11.03
CA THR Q 84 10.80 78.14 11.18
C THR Q 84 9.96 79.04 10.26
N SER Q 85 9.90 80.37 10.59
CA SER Q 85 9.18 81.40 9.83
C SER Q 85 7.72 80.99 9.59
N VAL Q 86 7.04 80.69 10.72
CA VAL Q 86 5.64 80.25 10.77
C VAL Q 86 4.71 81.33 10.25
N THR Q 87 3.64 80.91 9.59
CA THR Q 87 2.64 81.79 9.00
C THR Q 87 1.27 81.36 9.53
N ALA Q 88 0.20 82.07 9.18
CA ALA Q 88 -1.15 81.72 9.58
C ALA Q 88 -1.57 80.45 8.84
N ALA Q 89 -0.96 80.20 7.67
CA ALA Q 89 -1.23 79.03 6.85
C ALA Q 89 -0.43 77.81 7.32
N ASP Q 90 0.15 77.90 8.52
CA ASP Q 90 0.89 76.83 9.17
C ASP Q 90 0.04 76.33 10.34
N THR Q 91 -1.18 76.88 10.47
CA THR Q 91 -2.17 76.55 11.51
C THR Q 91 -2.77 75.18 11.15
N ALA Q 92 -2.59 74.20 12.03
CA ALA Q 92 -3.05 72.82 11.85
C ALA Q 92 -3.04 72.04 13.19
N VAL Q 93 -3.30 70.72 13.12
CA VAL Q 93 -3.26 69.84 14.28
C VAL Q 93 -2.13 68.88 13.96
N TYR Q 94 -1.06 68.90 14.77
CA TYR Q 94 0.14 68.09 14.60
C TYR Q 94 0.09 66.79 15.38
N TYR Q 95 0.02 65.69 14.61
CA TYR Q 95 -0.01 64.31 15.08
C TYR Q 95 1.36 63.71 14.87
N CYS Q 96 1.77 62.85 15.79
CA CYS Q 96 3.02 62.14 15.64
C CYS Q 96 2.73 60.66 15.43
N ALA Q 97 3.37 60.07 14.41
CA ALA Q 97 3.14 58.69 14.04
C ALA Q 97 4.44 57.92 13.73
N ARG Q 98 4.34 56.58 13.62
CA ARG Q 98 5.41 55.64 13.32
C ARG Q 98 5.05 54.98 11.99
N LEU Q 99 5.98 55.05 11.02
CA LEU Q 99 5.82 54.51 9.67
C LEU Q 99 5.69 52.99 9.60
N THR Q 100 6.75 52.20 9.91
CA THR Q 100 6.82 50.73 9.79
C THR Q 100 6.81 50.36 8.31
N SER Q 101 7.79 49.56 7.87
CA SER Q 101 7.92 49.17 6.46
C SER Q 101 8.54 47.75 6.31
N ASP Q 102 8.20 46.84 7.25
CA ASP Q 102 8.68 45.44 7.24
C ASP Q 102 7.90 44.59 6.25
N CYS Q 103 8.63 43.83 5.42
CA CYS Q 103 7.99 42.96 4.45
C CYS Q 103 8.69 41.60 4.31
N SER Q 104 7.88 40.57 4.00
CA SER Q 104 8.22 39.17 3.75
C SER Q 104 6.89 38.47 3.39
N GLY Q 105 6.79 38.01 2.14
CA GLY Q 105 5.62 37.34 1.58
C GLY Q 105 4.75 38.23 0.71
N GLY Q 106 4.38 39.37 1.26
CA GLY Q 106 3.54 40.36 0.60
C GLY Q 106 3.31 41.58 1.47
N ASN Q 107 2.73 42.63 0.86
CA ASN Q 107 2.41 43.91 1.49
C ASN Q 107 3.66 44.59 2.08
N CYS Q 108 4.47 45.17 1.18
CA CYS Q 108 5.72 45.83 1.51
C CYS Q 108 5.54 47.34 1.67
N TYR Q 109 6.46 47.97 2.42
CA TYR Q 109 6.54 49.40 2.76
C TYR Q 109 5.21 50.05 2.99
N GLN Q 110 4.60 49.65 4.08
CA GLN Q 110 3.30 50.14 4.47
C GLN Q 110 3.44 51.54 5.07
N ALA Q 111 2.31 52.12 5.52
CA ALA Q 111 2.29 53.45 6.12
C ALA Q 111 2.01 53.40 7.62
N PHE Q 112 1.96 54.59 8.25
CA PHE Q 112 1.72 54.90 9.65
C PHE Q 112 0.64 54.05 10.32
N ASP Q 113 1.00 53.40 11.44
CA ASP Q 113 0.10 52.51 12.18
C ASP Q 113 -0.26 53.07 13.55
N TYR Q 114 0.75 53.39 14.40
CA TYR Q 114 0.49 53.97 15.70
C TYR Q 114 0.62 55.46 15.65
N TRP Q 115 -0.27 56.14 16.38
CA TRP Q 115 -0.41 57.60 16.39
C TRP Q 115 -0.52 58.19 17.79
N GLY Q 116 -0.56 59.52 17.83
CA GLY Q 116 -0.78 60.29 19.04
C GLY Q 116 -2.10 61.02 18.99
N GLN Q 117 -2.45 61.75 20.07
CA GLN Q 117 -3.71 62.52 20.20
C GLN Q 117 -3.78 63.73 19.28
N GLY Q 118 -2.62 64.25 18.90
CA GLY Q 118 -2.50 65.40 18.01
C GLY Q 118 -2.70 66.72 18.71
N SER Q 119 -1.63 67.55 18.78
CA SER Q 119 -1.68 68.87 19.43
C SER Q 119 -2.12 69.96 18.46
N LEU Q 120 -3.15 70.71 18.89
CA LEU Q 120 -3.69 71.83 18.13
C LEU Q 120 -2.72 72.98 18.27
N VAL Q 121 -2.20 73.44 17.13
CA VAL Q 121 -1.28 74.57 17.09
C VAL Q 121 -1.96 75.70 16.32
N SER Q 122 -2.15 76.84 16.99
CA SER Q 122 -2.72 78.04 16.42
C SER Q 122 -1.53 79.01 16.23
N VAL Q 123 -1.41 79.61 15.04
CA VAL Q 123 -0.34 80.56 14.69
C VAL Q 123 -0.92 81.96 14.50
N SER Q 124 -0.84 82.80 15.55
CA SER Q 124 -1.37 84.16 15.55
C SER Q 124 -0.64 84.99 16.58
N GLY Q 125 -0.49 86.29 16.27
CA GLY Q 125 0.16 87.27 17.13
C GLY Q 125 -0.75 87.89 18.17
N ALA Q 126 -2.04 87.57 18.09
CA ALA Q 126 -3.07 88.07 19.00
C ALA Q 126 -2.87 87.55 20.43
N SER Q 127 -3.29 88.38 21.40
CA SER Q 127 -3.25 88.11 22.84
C SER Q 127 -4.22 87.00 23.20
N THR Q 128 -3.85 86.16 24.19
CA THR Q 128 -4.71 85.08 24.67
C THR Q 128 -5.88 85.68 25.47
N LYS Q 129 -7.02 84.98 25.52
CA LYS Q 129 -8.19 85.48 26.20
C LYS Q 129 -8.77 84.40 27.14
N GLY Q 130 -9.16 84.82 28.33
CA GLY Q 130 -9.74 83.94 29.33
C GLY Q 130 -11.22 83.71 29.07
N PRO Q 131 -11.69 82.44 29.05
CA PRO Q 131 -13.12 82.20 28.79
C PRO Q 131 -14.00 82.47 30.01
N SER Q 132 -15.07 83.25 29.79
CA SER Q 132 -16.00 83.57 30.86
C SER Q 132 -17.09 82.51 30.79
N VAL Q 133 -17.08 81.53 31.76
CA VAL Q 133 -18.05 80.42 31.81
C VAL Q 133 -19.37 80.88 32.45
N PHE Q 134 -20.49 80.77 31.72
CA PHE Q 134 -21.81 81.13 32.22
C PHE Q 134 -22.67 79.89 32.26
N PRO Q 135 -23.20 79.56 33.45
CA PRO Q 135 -24.03 78.35 33.57
C PRO Q 135 -25.39 78.50 32.91
N LEU Q 136 -25.77 77.49 32.14
CA LEU Q 136 -27.07 77.39 31.50
C LEU Q 136 -27.92 76.59 32.47
N ALA Q 137 -28.61 77.31 33.36
CA ALA Q 137 -29.47 76.74 34.40
C ALA Q 137 -30.69 76.03 33.84
N PRO Q 138 -31.07 74.84 34.39
CA PRO Q 138 -32.26 74.15 33.90
C PRO Q 138 -33.52 74.93 34.30
N SER Q 139 -34.25 75.42 33.29
CA SER Q 139 -35.47 76.19 33.45
C SER Q 139 -36.70 75.28 33.31
N SER Q 140 -37.89 75.84 33.59
CA SER Q 140 -39.17 75.13 33.46
C SER Q 140 -39.49 74.89 31.97
N LYS Q 141 -39.06 75.81 31.06
CA LYS Q 141 -39.27 75.69 29.62
C LYS Q 141 -38.30 74.67 28.98
N SER Q 142 -37.15 74.42 29.65
CA SER Q 142 -36.13 73.43 29.23
C SER Q 142 -36.42 72.04 29.88
N THR Q 143 -37.72 71.76 30.15
CA THR Q 143 -38.24 70.50 30.70
C THR Q 143 -39.25 69.92 29.71
N SER Q 144 -38.86 68.82 29.06
CA SER Q 144 -39.69 68.11 28.08
C SER Q 144 -40.03 66.71 28.57
N GLY Q 145 -41.10 66.64 29.36
CA GLY Q 145 -41.59 65.41 29.96
C GLY Q 145 -40.83 65.03 31.21
N GLY Q 146 -40.36 63.78 31.22
CA GLY Q 146 -39.59 63.18 32.31
C GLY Q 146 -38.12 63.55 32.35
N THR Q 147 -37.56 64.00 31.21
CA THR Q 147 -36.17 64.46 31.05
C THR Q 147 -36.07 65.98 31.17
N ALA Q 148 -34.89 66.48 31.53
CA ALA Q 148 -34.57 67.89 31.61
C ALA Q 148 -33.22 68.04 30.93
N ALA Q 149 -32.68 69.26 30.91
CA ALA Q 149 -31.41 69.59 30.28
C ALA Q 149 -30.81 70.83 30.92
N LEU Q 150 -29.47 70.85 30.99
CA LEU Q 150 -28.67 71.94 31.55
C LEU Q 150 -27.35 72.02 30.80
N GLY Q 151 -26.56 73.05 31.08
CA GLY Q 151 -25.27 73.21 30.42
C GLY Q 151 -24.42 74.38 30.90
N CYS Q 152 -23.36 74.62 30.15
CA CYS Q 152 -22.38 75.68 30.39
C CYS Q 152 -21.96 76.24 29.05
N LEU Q 153 -21.96 77.58 28.93
CA LEU Q 153 -21.52 78.27 27.73
C LEU Q 153 -20.16 78.95 28.01
N VAL Q 154 -19.08 78.38 27.41
CA VAL Q 154 -17.69 78.84 27.47
C VAL Q 154 -17.57 79.93 26.40
N LYS Q 155 -17.87 81.16 26.82
CA LYS Q 155 -17.89 82.32 25.96
C LYS Q 155 -16.58 83.09 25.95
N ASP Q 156 -16.24 83.63 24.78
CA ASP Q 156 -15.11 84.49 24.43
C ASP Q 156 -13.76 84.03 24.96
N TYR Q 157 -13.10 83.15 24.19
CA TYR Q 157 -11.75 82.66 24.50
C TYR Q 157 -10.91 82.62 23.23
N PHE Q 158 -9.57 82.52 23.37
CA PHE Q 158 -8.60 82.46 22.28
C PHE Q 158 -7.24 82.00 22.83
N PRO Q 159 -6.57 80.99 22.21
CA PRO Q 159 -6.97 80.22 21.03
C PRO Q 159 -7.72 78.96 21.41
N GLU Q 160 -7.96 78.09 20.43
CA GLU Q 160 -8.66 76.84 20.66
C GLU Q 160 -7.70 75.77 21.23
N PRO Q 161 -8.13 74.83 22.12
CA PRO Q 161 -9.50 74.58 22.59
C PRO Q 161 -9.69 74.76 24.11
N VAL Q 162 -10.86 74.28 24.60
CA VAL Q 162 -11.25 74.20 26.01
C VAL Q 162 -11.78 72.79 26.30
N THR Q 163 -11.45 72.25 27.48
CA THR Q 163 -11.86 70.91 27.90
C THR Q 163 -12.94 71.05 28.97
N VAL Q 164 -14.12 70.46 28.71
CA VAL Q 164 -15.27 70.49 29.62
C VAL Q 164 -15.54 69.10 30.20
N SER Q 165 -15.29 68.96 31.49
CA SER Q 165 -15.55 67.72 32.20
C SER Q 165 -16.82 67.97 32.99
N TRP Q 166 -17.62 66.93 33.23
CA TRP Q 166 -18.86 67.09 33.99
C TRP Q 166 -18.81 66.30 35.29
N ASN Q 167 -18.99 67.01 36.43
CA ASN Q 167 -18.91 66.47 37.79
C ASN Q 167 -17.51 65.84 37.99
N SER Q 168 -16.46 66.59 37.54
CA SER Q 168 -15.03 66.21 37.55
C SER Q 168 -14.74 64.95 36.69
N GLY Q 169 -15.57 64.76 35.66
CA GLY Q 169 -15.49 63.65 34.72
C GLY Q 169 -16.25 62.42 35.15
N ALA Q 170 -17.28 62.59 36.01
CA ALA Q 170 -18.10 61.48 36.51
C ALA Q 170 -19.16 61.10 35.49
N LEU Q 171 -20.04 62.05 35.13
CA LEU Q 171 -21.10 61.74 34.18
C LEU Q 171 -20.73 62.08 32.75
N THR Q 172 -20.63 61.02 31.94
CA THR Q 172 -20.32 61.04 30.52
C THR Q 172 -21.50 60.53 29.69
N SER Q 173 -22.47 59.90 30.37
CA SER Q 173 -23.65 59.37 29.72
C SER Q 173 -24.69 60.49 29.53
N GLY Q 174 -25.08 60.72 28.28
CA GLY Q 174 -26.02 61.77 27.92
C GLY Q 174 -25.38 63.15 27.99
N VAL Q 175 -24.17 63.25 27.46
CA VAL Q 175 -23.39 64.49 27.46
C VAL Q 175 -23.07 64.87 26.01
N HIS Q 176 -23.23 66.15 25.67
CA HIS Q 176 -22.93 66.65 24.34
C HIS Q 176 -22.13 67.95 24.38
N THR Q 177 -20.79 67.84 24.28
CA THR Q 177 -19.89 69.00 24.28
C THR Q 177 -19.76 69.45 22.83
N PHE Q 178 -20.39 70.58 22.51
CA PHE Q 178 -20.44 71.18 21.18
C PHE Q 178 -19.11 71.79 20.74
N PRO Q 179 -18.80 71.74 19.42
CA PRO Q 179 -17.55 72.35 18.95
C PRO Q 179 -17.53 73.87 19.09
N ALA Q 180 -16.32 74.45 19.03
CA ALA Q 180 -16.11 75.89 19.14
C ALA Q 180 -16.54 76.55 17.85
N VAL Q 181 -17.29 77.65 17.98
CA VAL Q 181 -17.79 78.43 16.84
C VAL Q 181 -17.36 79.88 17.02
N LEU Q 182 -16.66 80.43 16.00
CA LEU Q 182 -16.20 81.81 15.99
C LEU Q 182 -17.40 82.75 16.08
N GLN Q 183 -17.33 83.67 17.04
CA GLN Q 183 -18.35 84.63 17.39
C GLN Q 183 -18.50 85.76 16.40
N SER Q 184 -19.58 86.55 16.59
CA SER Q 184 -19.92 87.77 15.86
C SER Q 184 -18.72 88.74 15.99
N SER Q 185 -18.15 88.83 17.22
CA SER Q 185 -16.98 89.64 17.58
C SER Q 185 -15.62 89.03 17.11
N GLY Q 186 -15.65 87.76 16.69
CA GLY Q 186 -14.51 87.01 16.19
C GLY Q 186 -13.62 86.36 17.23
N LEU Q 187 -14.23 85.73 18.23
CA LEU Q 187 -13.62 85.00 19.33
C LEU Q 187 -14.28 83.64 19.41
N TYR Q 188 -13.59 82.65 20.00
CA TYR Q 188 -14.18 81.31 20.11
C TYR Q 188 -15.25 81.21 21.19
N SER Q 189 -16.35 80.53 20.87
CA SER Q 189 -17.46 80.28 21.78
C SER Q 189 -17.83 78.79 21.73
N LEU Q 190 -17.77 78.13 22.90
CA LEU Q 190 -18.07 76.71 23.06
C LEU Q 190 -19.30 76.50 23.93
N SER Q 191 -20.20 75.63 23.47
CA SER Q 191 -21.37 75.25 24.24
C SER Q 191 -21.15 73.82 24.73
N SER Q 192 -21.69 73.47 25.89
CA SER Q 192 -21.60 72.12 26.45
C SER Q 192 -22.79 71.86 27.33
N VAL Q 193 -23.58 70.85 26.97
CA VAL Q 193 -24.81 70.50 27.69
C VAL Q 193 -24.81 69.05 28.21
N VAL Q 194 -25.79 68.77 29.08
CA VAL Q 194 -26.06 67.46 29.70
C VAL Q 194 -27.56 67.34 30.02
N THR Q 195 -28.15 66.18 29.70
CA THR Q 195 -29.57 65.94 29.89
C THR Q 195 -29.85 64.95 31.03
N VAL Q 196 -30.03 65.49 32.25
CA VAL Q 196 -30.38 64.70 33.42
C VAL Q 196 -31.90 64.65 33.49
N PRO Q 197 -32.56 63.60 34.02
CA PRO Q 197 -34.03 63.63 34.06
C PRO Q 197 -34.53 64.68 35.06
N SER Q 198 -35.85 64.91 35.07
CA SER Q 198 -36.53 65.84 35.98
C SER Q 198 -36.64 65.23 37.38
N SER Q 199 -36.33 63.92 37.52
CA SER Q 199 -36.34 63.17 38.79
C SER Q 199 -35.23 63.68 39.71
N SER Q 200 -34.04 63.97 39.12
CA SER Q 200 -32.84 64.48 39.80
C SER Q 200 -32.74 66.02 39.76
N LEU Q 201 -33.90 66.70 39.88
CA LEU Q 201 -34.03 68.16 39.87
C LEU Q 201 -33.11 68.86 40.88
N GLY Q 202 -33.34 68.62 42.17
CA GLY Q 202 -32.58 69.24 43.25
C GLY Q 202 -31.75 68.30 44.10
N THR Q 203 -31.23 67.24 43.47
CA THR Q 203 -30.39 66.25 44.13
C THR Q 203 -28.91 66.65 43.89
N GLN Q 204 -28.34 66.05 42.84
CA GLN Q 204 -26.98 66.12 42.32
C GLN Q 204 -26.53 67.51 41.94
N THR Q 205 -25.37 67.96 42.49
CA THR Q 205 -24.82 69.26 42.13
C THR Q 205 -24.08 69.09 40.81
N TYR Q 206 -24.52 69.83 39.79
CA TYR Q 206 -23.96 69.79 38.44
C TYR Q 206 -22.94 70.91 38.27
N ILE Q 207 -21.66 70.54 38.09
CA ILE Q 207 -20.51 71.45 37.93
C ILE Q 207 -19.74 71.11 36.65
N CYS Q 208 -19.54 72.12 35.79
CA CYS Q 208 -18.75 71.94 34.58
C CYS Q 208 -17.31 72.32 34.92
N ASN Q 209 -16.39 71.45 34.54
CA ASN Q 209 -14.97 71.59 34.81
C ASN Q 209 -14.26 72.06 33.54
N VAL Q 210 -14.35 73.37 33.33
CA VAL Q 210 -13.78 74.02 32.16
C VAL Q 210 -12.32 74.32 32.36
N ASN Q 211 -11.50 74.07 31.32
CA ASN Q 211 -10.07 74.36 31.35
C ASN Q 211 -9.54 74.89 30.02
N HIS Q 212 -8.85 76.04 30.09
CA HIS Q 212 -8.23 76.68 28.94
C HIS Q 212 -6.75 76.76 29.23
N LYS Q 213 -6.01 75.72 28.83
CA LYS Q 213 -4.57 75.63 29.09
C LYS Q 213 -3.76 76.80 28.49
N PRO Q 214 -4.01 77.33 27.24
CA PRO Q 214 -3.19 78.46 26.73
C PRO Q 214 -3.24 79.75 27.56
N SER Q 215 -4.32 79.95 28.33
CA SER Q 215 -4.48 81.08 29.22
C SER Q 215 -4.31 80.68 30.70
N ASN Q 216 -4.30 79.35 30.96
CA ASN Q 216 -4.22 78.67 32.25
C ASN Q 216 -5.32 79.15 33.21
N THR Q 217 -6.57 78.92 32.81
CA THR Q 217 -7.76 79.29 33.57
C THR Q 217 -8.57 78.03 33.85
N LYS Q 218 -8.71 77.66 35.14
CA LYS Q 218 -9.45 76.47 35.59
C LYS Q 218 -10.66 76.92 36.41
N VAL Q 219 -11.81 77.00 35.72
CA VAL Q 219 -13.10 77.47 36.25
C VAL Q 219 -14.05 76.30 36.49
N ASP Q 220 -14.61 76.21 37.71
CA ASP Q 220 -15.58 75.17 38.10
C ASP Q 220 -16.93 75.79 38.44
N LYS Q 221 -17.70 76.09 37.38
CA LYS Q 221 -19.02 76.71 37.46
C LYS Q 221 -20.12 75.71 37.81
N ARG Q 222 -20.86 76.02 38.87
CA ARG Q 222 -22.00 75.26 39.38
C ARG Q 222 -23.29 75.68 38.63
N VAL Q 223 -24.11 74.70 38.20
CA VAL Q 223 -25.38 74.92 37.51
C VAL Q 223 -26.53 74.54 38.44
N GLU Q 224 -27.35 75.52 38.84
CA GLU Q 224 -28.50 75.31 39.75
C GLU Q 224 -29.79 75.91 39.11
N PRO Q 225 -30.97 75.22 39.21
CA PRO Q 225 -32.21 75.76 38.60
C PRO Q 225 -32.73 77.02 39.29
N ASP R 1 30.98 55.12 16.02
CA ASP R 1 31.62 54.64 14.80
C ASP R 1 31.07 55.40 13.59
N LEU R 2 31.82 56.39 13.07
CA LEU R 2 31.40 57.07 11.85
C LEU R 2 31.86 56.13 10.76
N PRO R 3 30.88 55.51 10.02
CA PRO R 3 31.22 54.46 9.04
C PRO R 3 32.63 54.51 8.46
N LEU R 4 33.42 53.49 8.83
CA LEU R 4 34.80 53.27 8.41
C LEU R 4 34.86 53.12 6.90
N LEU R 5 35.88 53.72 6.31
CA LEU R 5 36.08 53.69 4.86
C LEU R 5 37.42 53.10 4.50
N CYS R 6 37.46 52.35 3.41
CA CYS R 6 38.73 51.81 2.98
C CYS R 6 38.97 51.90 1.50
N THR R 7 40.24 52.12 1.18
CA THR R 7 40.82 52.22 -0.15
C THR R 7 41.69 51.02 -0.41
N LEU R 8 41.63 50.47 -1.63
CA LEU R 8 42.52 49.39 -1.98
C LEU R 8 42.58 49.33 -3.49
N ASN R 9 43.80 49.28 -4.06
CA ASN R 9 44.02 49.20 -5.52
C ASN R 9 43.47 50.51 -6.17
N LYS R 10 42.22 50.50 -6.66
CA LYS R 10 41.51 51.60 -7.31
C LYS R 10 40.05 51.19 -7.36
N SER R 11 39.82 49.90 -7.66
CA SER R 11 38.55 49.22 -7.84
C SER R 11 38.01 48.57 -6.56
N HIS R 12 38.91 48.20 -5.63
CA HIS R 12 38.51 47.58 -4.36
C HIS R 12 38.18 48.64 -3.30
N LEU R 13 36.94 49.13 -3.34
CA LEU R 13 36.41 50.17 -2.44
C LEU R 13 35.59 49.51 -1.33
N TYR R 14 35.93 49.85 -0.07
CA TYR R 14 35.30 49.25 1.11
C TYR R 14 34.72 50.25 2.11
N ILE R 15 33.72 49.78 2.88
CA ILE R 15 32.97 50.53 3.91
C ILE R 15 32.42 49.61 5.04
N LYS R 16 32.49 50.06 6.32
CA LYS R 16 31.97 49.30 7.47
C LYS R 16 31.29 50.17 8.51
N GLY R 17 30.04 49.85 8.78
CA GLY R 17 29.22 50.51 9.79
C GLY R 17 28.63 49.46 10.68
N GLY R 18 29.02 49.48 11.95
CA GLY R 18 28.58 48.54 12.96
C GLY R 18 29.09 47.13 12.72
N ASN R 19 28.21 46.24 12.27
CA ASN R 19 28.52 44.84 11.99
C ASN R 19 28.65 44.60 10.49
N ALA R 20 27.86 45.35 9.69
CA ALA R 20 27.84 45.28 8.23
C ALA R 20 29.09 45.85 7.58
N SER R 21 29.55 45.22 6.48
CA SER R 21 30.70 45.64 5.66
C SER R 21 30.46 45.34 4.19
N PHE R 22 30.48 46.38 3.35
CA PHE R 22 30.19 46.28 1.93
C PHE R 22 31.41 46.47 1.02
N LYS R 23 31.22 46.16 -0.27
CA LYS R 23 32.19 46.31 -1.35
C LYS R 23 31.55 47.04 -2.51
N ILE R 24 31.97 48.30 -2.65
CA ILE R 24 31.52 49.24 -3.67
C ILE R 24 32.35 49.05 -4.94
N SER R 25 31.73 48.53 -6.00
CA SER R 25 32.39 48.30 -7.28
C SER R 25 31.65 48.98 -8.43
N PHE R 26 32.41 49.42 -9.45
CA PHE R 26 31.89 50.05 -10.64
C PHE R 26 32.27 49.22 -11.89
N ASP R 27 31.24 48.69 -12.57
CA ASP R 27 31.36 47.87 -13.78
C ASP R 27 30.09 47.89 -14.64
N ASP R 28 30.24 47.58 -15.93
CA ASP R 28 29.17 47.55 -16.94
C ASP R 28 28.26 46.31 -16.82
N ILE R 29 28.55 45.41 -15.87
CA ILE R 29 27.79 44.18 -15.63
C ILE R 29 26.49 44.56 -14.92
N ALA R 30 25.34 43.96 -15.31
CA ALA R 30 24.02 44.27 -14.73
C ALA R 30 23.51 43.11 -13.89
N VAL R 31 22.88 43.42 -12.73
CA VAL R 31 22.36 42.42 -11.78
C VAL R 31 20.87 42.65 -11.47
N LEU R 32 20.48 43.90 -11.20
CA LEU R 32 19.10 44.22 -10.85
C LEU R 32 18.36 44.92 -11.99
N LEU R 33 17.05 44.68 -12.09
CA LEU R 33 16.18 45.24 -13.13
C LEU R 33 14.85 45.75 -12.54
N PRO R 34 14.15 46.74 -13.17
CA PRO R 34 12.90 47.27 -12.60
C PRO R 34 11.77 46.25 -12.36
N GLU R 35 11.24 45.58 -13.41
CA GLU R 35 10.15 44.62 -13.24
C GLU R 35 10.64 43.24 -12.78
N TYR R 36 11.39 43.26 -11.67
CA TYR R 36 11.98 42.10 -11.02
C TYR R 36 12.27 42.39 -9.56
N ASP R 37 12.89 43.57 -9.30
CA ASP R 37 13.37 43.97 -8.00
C ASP R 37 12.75 45.25 -7.42
N VAL R 38 13.32 45.69 -6.29
CA VAL R 38 12.94 46.82 -5.47
C VAL R 38 13.47 48.15 -6.04
N ILE R 39 12.61 49.19 -6.01
CA ILE R 39 12.94 50.56 -6.41
C ILE R 39 12.85 51.46 -5.18
N ILE R 40 13.95 52.19 -4.92
CA ILE R 40 14.19 53.05 -3.77
C ILE R 40 14.09 54.53 -4.13
N GLN R 41 13.15 55.24 -3.50
CA GLN R 41 13.02 56.67 -3.75
C GLN R 41 13.46 57.49 -2.54
N HIS R 42 13.10 57.06 -1.32
CA HIS R 42 13.50 57.70 -0.07
C HIS R 42 14.05 56.63 0.93
N PRO R 43 14.90 56.95 1.93
CA PRO R 43 15.43 55.89 2.85
C PRO R 43 14.44 54.94 3.51
N ALA R 44 13.16 55.30 3.71
CA ALA R 44 12.19 54.39 4.33
C ALA R 44 11.91 53.11 3.50
N ASP R 45 12.33 53.12 2.20
CA ASP R 45 12.26 52.04 1.21
C ASP R 45 13.39 51.01 1.42
N MET R 46 14.49 51.42 2.07
CA MET R 46 15.66 50.57 2.36
C MET R 46 15.40 49.44 3.35
N SER R 47 14.26 49.49 4.06
CA SER R 47 13.86 48.49 5.05
C SER R 47 13.66 47.11 4.44
N TRP R 48 13.03 47.03 3.25
CA TRP R 48 12.85 45.73 2.60
C TRP R 48 13.94 45.56 1.52
N CYS R 49 15.17 45.44 2.01
CA CYS R 49 16.40 45.27 1.26
C CYS R 49 17.24 44.33 2.11
N SER R 50 17.27 44.61 3.42
CA SER R 50 17.93 43.82 4.44
C SER R 50 17.11 43.75 5.72
N LYS R 51 17.42 42.77 6.58
CA LYS R 51 16.75 42.57 7.86
C LYS R 51 17.61 43.15 8.98
N SER R 52 18.96 43.17 8.78
CA SER R 52 19.93 43.72 9.73
C SER R 52 19.80 45.23 9.79
N ASP R 53 19.95 45.80 10.98
CA ASP R 53 19.82 47.23 11.22
C ASP R 53 21.04 48.01 10.69
N ASP R 54 22.25 47.43 10.80
CA ASP R 54 23.50 48.03 10.31
C ASP R 54 23.60 47.94 8.77
N GLN R 55 22.98 46.90 8.17
CA GLN R 55 22.98 46.70 6.72
C GLN R 55 22.07 47.72 6.00
N ILE R 56 20.99 48.19 6.66
CA ILE R 56 20.05 49.17 6.13
C ILE R 56 20.63 50.59 6.32
N TRP R 57 21.03 50.92 7.55
CA TRP R 57 21.60 52.22 7.94
C TRP R 57 22.87 52.60 7.14
N LEU R 58 23.81 51.64 6.91
CA LEU R 58 25.05 51.88 6.17
C LEU R 58 24.79 52.24 4.70
N SER R 59 23.77 51.61 4.09
CA SER R 59 23.34 51.84 2.71
C SER R 59 22.70 53.22 2.57
N GLN R 60 21.97 53.67 3.61
CA GLN R 60 21.30 54.98 3.68
C GLN R 60 22.31 56.08 3.96
N TRP R 61 23.32 55.78 4.79
CA TRP R 61 24.40 56.68 5.17
C TRP R 61 25.32 56.89 3.98
N PHE R 62 25.61 55.84 3.21
CA PHE R 62 26.46 55.96 2.04
C PHE R 62 25.81 56.82 0.96
N MET R 63 24.49 56.70 0.74
CA MET R 63 23.77 57.46 -0.29
C MET R 63 23.56 58.92 0.08
N ASN R 64 23.44 59.23 1.38
CA ASN R 64 23.34 60.61 1.87
C ASN R 64 24.71 61.28 1.95
N ALA R 65 25.78 60.47 1.96
CA ALA R 65 27.14 60.96 2.00
C ALA R 65 27.61 61.40 0.62
N VAL R 66 27.27 60.63 -0.43
CA VAL R 66 27.63 60.92 -1.83
C VAL R 66 26.81 62.07 -2.42
N GLY R 67 25.73 62.42 -1.73
CA GLY R 67 24.81 63.49 -2.09
C GLY R 67 23.71 63.04 -3.01
N HIS R 68 23.01 61.94 -2.66
CA HIS R 68 21.89 61.45 -3.47
C HIS R 68 20.66 62.21 -2.99
N ASP R 69 20.18 63.15 -3.84
CA ASP R 69 18.99 63.97 -3.63
C ASP R 69 17.83 63.00 -3.76
N TRP R 70 17.14 62.70 -2.67
CA TRP R 70 16.01 61.76 -2.69
C TRP R 70 14.76 62.30 -3.43
N TYR R 71 14.80 63.59 -3.81
CA TYR R 71 13.71 64.24 -4.53
C TYR R 71 14.02 64.40 -6.02
N LEU R 72 15.22 64.92 -6.34
CA LEU R 72 15.64 65.22 -7.73
C LEU R 72 16.33 64.06 -8.45
N ASP R 73 17.31 63.45 -7.79
CA ASP R 73 18.08 62.34 -8.35
C ASP R 73 17.23 61.09 -8.61
N PRO R 74 17.50 60.37 -9.73
CA PRO R 74 16.69 59.19 -10.07
C PRO R 74 16.74 58.07 -9.03
N PRO R 75 15.66 57.27 -8.87
CA PRO R 75 15.68 56.19 -7.89
C PRO R 75 16.61 55.07 -8.33
N PHE R 76 17.04 54.25 -7.38
CA PHE R 76 17.94 53.15 -7.67
C PHE R 76 17.35 51.80 -7.28
N LEU R 77 17.96 50.73 -7.78
CA LEU R 77 17.49 49.39 -7.53
C LEU R 77 18.06 48.75 -6.27
N CYS R 78 17.33 47.77 -5.73
CA CYS R 78 17.69 47.05 -4.53
C CYS R 78 17.16 45.61 -4.53
N ARG R 79 17.72 44.77 -3.64
CA ARG R 79 17.40 43.36 -3.45
C ARG R 79 16.00 43.16 -2.86
N ASN R 80 15.26 42.18 -3.41
CA ASN R 80 13.97 41.74 -2.91
C ASN R 80 14.33 40.92 -1.67
N ARG R 81 14.35 41.59 -0.49
CA ARG R 81 14.74 41.08 0.84
C ARG R 81 14.40 39.61 1.09
N THR R 82 13.22 39.16 0.57
CA THR R 82 12.70 37.80 0.69
C THR R 82 13.40 36.83 -0.33
N LYS R 83 14.75 36.86 -0.36
CA LYS R 83 15.57 36.02 -1.22
C LYS R 83 16.80 35.53 -0.48
N THR R 84 17.07 34.21 -0.60
CA THR R 84 18.22 33.50 -0.02
C THR R 84 19.54 33.84 -0.74
N GLU R 85 19.45 34.54 -1.88
CA GLU R 85 20.57 34.99 -2.71
C GLU R 85 21.51 35.93 -1.98
N GLY R 86 20.97 36.62 -0.98
CA GLY R 86 21.70 37.55 -0.12
C GLY R 86 21.26 38.98 -0.24
N PHE R 87 22.25 39.88 -0.29
CA PHE R 87 22.05 41.32 -0.37
C PHE R 87 22.88 41.96 -1.47
N ILE R 88 22.31 43.02 -2.10
CA ILE R 88 22.88 43.84 -3.17
C ILE R 88 21.96 45.05 -3.48
N PHE R 89 22.57 46.22 -3.71
CA PHE R 89 21.86 47.41 -4.13
C PHE R 89 22.63 48.04 -5.30
N GLN R 90 21.90 48.37 -6.36
CA GLN R 90 22.48 48.89 -7.60
C GLN R 90 22.10 50.33 -7.84
N VAL R 91 23.07 51.17 -8.22
CA VAL R 91 22.84 52.57 -8.57
C VAL R 91 23.30 52.80 -10.02
N ASN R 92 22.41 53.32 -10.91
CA ASN R 92 22.80 53.59 -12.31
C ASN R 92 23.71 54.80 -12.33
N THR R 93 25.00 54.56 -12.65
CA THR R 93 26.06 55.58 -12.70
C THR R 93 26.68 55.72 -14.09
N SER R 94 25.84 55.64 -15.12
CA SER R 94 26.30 55.78 -16.49
C SER R 94 26.50 57.26 -16.79
N LYS R 95 27.67 57.59 -17.38
CA LYS R 95 28.06 58.97 -17.69
C LYS R 95 27.69 59.37 -19.14
N THR R 96 26.42 59.09 -19.55
CA THR R 96 25.94 59.39 -20.90
C THR R 96 24.40 59.44 -20.98
N GLY R 97 23.91 60.48 -21.62
CA GLY R 97 22.48 60.69 -21.81
C GLY R 97 21.83 61.47 -20.68
N ILE R 98 20.84 60.84 -20.04
CA ILE R 98 20.04 61.43 -18.98
C ILE R 98 20.73 61.30 -17.62
N ASN R 99 21.47 60.21 -17.44
CA ASN R 99 22.18 59.90 -16.20
C ASN R 99 23.56 60.54 -16.12
N GLU R 100 23.97 61.25 -17.18
CA GLU R 100 25.24 61.98 -17.25
C GLU R 100 25.35 63.06 -16.14
N ASN R 101 24.26 63.84 -15.92
CA ASN R 101 24.21 64.89 -14.89
C ASN R 101 24.36 64.33 -13.47
N TYR R 102 23.76 63.16 -13.22
CA TYR R 102 23.79 62.43 -11.96
C TYR R 102 25.14 61.72 -11.74
N ALA R 103 25.68 61.12 -12.83
CA ALA R 103 26.94 60.39 -12.77
C ALA R 103 28.11 61.27 -12.40
N LYS R 104 28.18 62.52 -12.94
CA LYS R 104 29.24 63.49 -12.62
C LYS R 104 29.14 64.00 -11.17
N LYS R 105 27.91 64.09 -10.65
CA LYS R 105 27.61 64.44 -9.26
C LYS R 105 28.00 63.26 -8.34
N PHE R 106 27.81 62.02 -8.83
CA PHE R 106 28.21 60.80 -8.11
C PHE R 106 29.74 60.60 -8.20
N LYS R 107 30.35 61.09 -9.29
CA LYS R 107 31.79 61.02 -9.56
C LYS R 107 32.57 61.90 -8.58
N THR R 108 32.03 63.09 -8.24
CA THR R 108 32.69 64.01 -7.32
C THR R 108 32.51 63.53 -5.84
N GLY R 109 31.42 62.80 -5.56
CA GLY R 109 31.10 62.24 -4.26
C GLY R 109 32.16 61.31 -3.71
N MET R 110 32.58 60.33 -4.53
CA MET R 110 33.64 59.35 -4.23
C MET R 110 34.98 60.08 -4.06
N HIS R 111 35.12 61.20 -4.79
CA HIS R 111 36.29 62.05 -4.75
C HIS R 111 36.38 62.83 -3.40
N HIS R 112 35.29 62.86 -2.62
CA HIS R 112 35.31 63.52 -1.32
C HIS R 112 35.05 62.56 -0.15
N LEU R 113 34.46 61.38 -0.45
CA LEU R 113 34.17 60.33 0.54
C LEU R 113 35.42 59.54 0.73
N TYR R 114 35.85 58.98 -0.36
CA TYR R 114 37.00 58.14 -0.45
C TYR R 114 38.27 58.95 -0.70
N ARG R 115 38.18 60.16 -1.30
CA ARG R 115 39.31 61.03 -1.64
C ARG R 115 39.78 60.71 -3.08
N GLU R 116 41.05 60.93 -3.43
CA GLU R 116 41.59 60.75 -4.78
C GLU R 116 41.66 59.29 -5.31
N TYR R 117 40.51 58.62 -5.44
CA TYR R 117 40.54 57.30 -6.08
C TYR R 117 39.23 56.94 -6.80
N PRO R 118 38.85 57.74 -7.80
CA PRO R 118 37.66 57.37 -8.58
C PRO R 118 38.08 56.72 -9.91
N ASP R 119 37.37 55.66 -10.36
CA ASP R 119 37.72 55.02 -11.64
C ASP R 119 36.64 54.08 -12.21
N SER R 120 37.03 53.34 -13.27
CA SER R 120 36.34 52.29 -14.02
C SER R 120 35.12 52.73 -14.90
N CYS R 121 34.30 53.72 -14.48
CA CYS R 121 33.17 54.20 -15.30
C CYS R 121 33.65 55.02 -16.49
N LEU R 122 33.29 54.58 -17.71
CA LEU R 122 33.68 55.23 -18.96
C LEU R 122 32.69 56.35 -19.28
N ASP R 123 33.23 57.57 -19.46
CA ASP R 123 32.45 58.77 -19.80
C ASP R 123 31.94 58.63 -21.23
N GLY R 124 30.67 58.30 -21.35
CA GLY R 124 30.02 58.10 -22.64
C GLY R 124 29.82 56.64 -22.95
N LYS R 125 29.72 55.81 -21.90
CA LYS R 125 29.53 54.37 -22.00
C LYS R 125 28.53 53.89 -20.93
N LEU R 126 28.49 52.57 -20.66
CA LEU R 126 27.59 52.01 -19.65
C LEU R 126 28.39 51.64 -18.39
N CYS R 127 27.95 52.14 -17.23
CA CYS R 127 28.53 51.84 -15.95
C CYS R 127 27.46 51.69 -14.88
N LEU R 128 27.68 50.77 -13.94
CA LEU R 128 26.72 50.48 -12.88
C LEU R 128 27.36 50.25 -11.52
N MET R 129 26.94 51.07 -10.54
CA MET R 129 27.40 50.98 -9.15
C MET R 129 26.72 49.79 -8.52
N LYS R 130 27.48 49.07 -7.71
CA LYS R 130 27.00 47.90 -6.99
C LYS R 130 27.69 47.79 -5.66
N ALA R 131 26.99 47.24 -4.66
CA ALA R 131 27.54 47.04 -3.33
C ALA R 131 27.06 45.71 -2.80
N GLN R 132 28.02 44.84 -2.42
CA GLN R 132 27.72 43.51 -1.89
C GLN R 132 28.38 43.30 -0.51
N PRO R 133 27.62 42.80 0.52
CA PRO R 133 28.23 42.58 1.83
C PRO R 133 29.36 41.56 1.77
N THR R 134 30.56 42.07 2.00
CA THR R 134 31.82 41.35 2.00
C THR R 134 32.40 41.27 3.42
N SER R 135 33.52 40.53 3.55
CA SER R 135 34.25 40.40 4.81
C SER R 135 35.10 41.64 4.92
N TRP R 136 35.41 42.07 6.14
CA TRP R 136 36.29 43.21 6.28
C TRP R 136 37.68 42.75 5.90
N PRO R 137 38.33 43.40 4.90
CA PRO R 137 39.66 42.93 4.46
C PRO R 137 40.74 43.00 5.51
N LEU R 138 41.76 42.16 5.35
CA LEU R 138 42.95 42.01 6.20
C LEU R 138 43.79 43.25 6.08
N GLN R 139 44.01 43.74 4.84
CA GLN R 139 44.78 44.94 4.52
C GLN R 139 44.16 46.21 5.08
N CYS R 140 42.81 46.30 5.01
CA CYS R 140 42.05 47.44 5.51
C CYS R 140 42.12 47.54 7.05
N PRO R 141 42.71 48.63 7.58
CA PRO R 141 42.83 48.76 9.04
C PRO R 141 41.49 49.04 9.73
N LEU R 142 41.39 48.65 11.01
CA LEU R 142 40.23 48.81 11.90
C LEU R 142 38.93 48.24 11.31
N ILE S 1 11.92 39.12 -20.69
CA ILE S 1 10.55 39.61 -20.87
C ILE S 1 10.24 39.65 -22.36
N GLN S 2 9.62 38.56 -22.87
CA GLN S 2 9.23 38.33 -24.28
C GLN S 2 10.40 38.46 -25.26
N MET S 3 11.12 37.35 -25.51
CA MET S 3 12.27 37.31 -26.42
C MET S 3 11.84 37.05 -27.85
N THR S 4 12.11 38.04 -28.73
CA THR S 4 11.76 38.02 -30.15
C THR S 4 12.98 37.67 -31.01
N GLN S 5 12.98 36.45 -31.59
CA GLN S 5 14.08 35.99 -32.43
C GLN S 5 13.72 35.96 -33.92
N SER S 6 14.63 36.51 -34.73
CA SER S 6 14.57 36.62 -36.19
C SER S 6 15.98 36.38 -36.78
N PRO S 7 16.11 35.66 -37.93
CA PRO S 7 15.04 35.13 -38.78
C PRO S 7 14.43 33.79 -38.33
N SER S 8 13.43 33.31 -39.08
CA SER S 8 12.74 32.05 -38.83
C SER S 8 13.68 30.85 -39.09
N THR S 9 14.32 30.84 -40.29
CA THR S 9 15.27 29.84 -40.80
C THR S 9 16.33 30.56 -41.65
N LEU S 10 17.60 30.40 -41.28
CA LEU S 10 18.74 31.05 -41.94
C LEU S 10 19.39 30.06 -42.90
N SER S 11 19.41 30.42 -44.18
CA SER S 11 19.99 29.55 -45.20
C SER S 11 21.26 30.18 -45.76
N ALA S 12 22.42 29.70 -45.31
CA ALA S 12 23.69 30.24 -45.77
C ALA S 12 24.76 29.17 -45.92
N SER S 13 25.76 29.45 -46.78
CA SER S 13 26.86 28.53 -47.04
C SER S 13 28.05 28.81 -46.13
N VAL S 14 28.98 27.82 -46.02
CA VAL S 14 30.21 27.87 -45.21
C VAL S 14 31.17 28.94 -45.75
N GLY S 15 31.55 29.87 -44.88
CA GLY S 15 32.44 30.97 -45.22
C GLY S 15 31.81 32.34 -45.09
N ASP S 16 30.46 32.39 -45.12
CA ASP S 16 29.65 33.61 -45.00
C ASP S 16 29.72 34.22 -43.58
N ARG S 17 29.46 35.54 -43.50
CA ARG S 17 29.44 36.30 -42.26
C ARG S 17 27.97 36.31 -41.84
N VAL S 18 27.52 35.21 -41.20
CA VAL S 18 26.13 35.03 -40.75
C VAL S 18 25.87 35.67 -39.37
N THR S 19 24.69 36.26 -39.22
CA THR S 19 24.35 37.00 -38.01
C THR S 19 22.84 36.87 -37.66
N ILE S 20 22.55 36.56 -36.38
CA ILE S 20 21.21 36.38 -35.82
C ILE S 20 20.87 37.51 -34.84
N THR S 21 19.68 38.07 -34.98
CA THR S 21 19.20 39.17 -34.14
C THR S 21 18.28 38.67 -33.02
N CYS S 22 18.06 39.51 -31.99
CA CYS S 22 17.24 39.22 -30.82
C CYS S 22 16.68 40.53 -30.28
N ARG S 23 15.39 40.52 -29.91
CA ARG S 23 14.68 41.68 -29.36
C ARG S 23 14.11 41.41 -27.98
N ALA S 24 13.85 42.49 -27.21
CA ALA S 24 13.35 42.43 -25.84
C ALA S 24 12.28 43.47 -25.60
N SER S 25 11.22 43.07 -24.90
CA SER S 25 10.09 43.95 -24.59
C SER S 25 10.49 45.04 -23.57
N GLN S 26 11.16 44.65 -22.49
CA GLN S 26 11.62 45.58 -21.47
C GLN S 26 13.10 45.89 -21.76
N SER S 27 13.57 47.09 -21.36
CA SER S 27 14.95 47.58 -21.52
C SER S 27 15.94 46.69 -20.73
N ILE S 28 16.40 45.60 -21.37
CA ILE S 28 17.36 44.65 -20.80
C ILE S 28 18.76 45.05 -21.22
N ASP S 29 19.56 45.45 -20.23
CA ASP S 29 20.92 45.89 -20.46
C ASP S 29 21.86 44.72 -20.78
N ASN S 30 22.29 43.97 -19.75
CA ASN S 30 23.23 42.85 -19.88
C ASN S 30 22.83 41.56 -19.14
N TRP S 31 21.78 40.89 -19.64
CA TRP S 31 21.30 39.66 -19.04
C TRP S 31 21.01 38.60 -20.11
N LEU S 32 21.75 38.68 -21.22
CA LEU S 32 21.52 37.73 -22.29
C LEU S 32 22.58 36.64 -22.39
N ALA S 33 22.21 35.57 -23.13
CA ALA S 33 22.97 34.37 -23.48
C ALA S 33 22.40 33.70 -24.74
N TRP S 34 23.28 33.09 -25.52
CA TRP S 34 22.94 32.39 -26.76
C TRP S 34 23.21 30.90 -26.59
N TYR S 35 22.41 30.06 -27.27
CA TYR S 35 22.56 28.60 -27.19
C TYR S 35 22.74 27.96 -28.55
N GLN S 36 23.34 26.76 -28.58
CA GLN S 36 23.57 25.99 -29.82
C GLN S 36 23.05 24.59 -29.61
N GLN S 37 21.90 24.29 -30.21
CA GLN S 37 21.29 22.98 -30.05
C GLN S 37 21.32 22.18 -31.35
N LYS S 38 22.27 21.24 -31.48
CA LYS S 38 22.29 20.35 -32.64
C LYS S 38 21.20 19.32 -32.34
N PRO S 39 20.15 19.20 -33.20
CA PRO S 39 19.01 18.33 -32.85
C PRO S 39 19.41 16.88 -32.53
N GLY S 40 19.11 16.44 -31.31
CA GLY S 40 19.46 15.12 -30.81
C GLY S 40 20.35 15.18 -29.57
N LYS S 41 20.72 16.41 -29.17
CA LYS S 41 21.52 16.71 -27.99
C LYS S 41 21.14 18.07 -27.39
N ALA S 42 21.25 18.22 -26.04
CA ALA S 42 20.96 19.42 -25.26
C ALA S 42 21.78 20.61 -25.75
N PRO S 43 21.20 21.83 -25.73
CA PRO S 43 21.98 23.00 -26.20
C PRO S 43 23.14 23.29 -25.29
N LYS S 44 24.21 23.85 -25.85
CA LYS S 44 25.42 24.21 -25.12
C LYS S 44 25.35 25.73 -24.92
N LEU S 45 25.89 26.25 -23.82
CA LEU S 45 25.91 27.71 -23.60
C LEU S 45 27.04 28.34 -24.44
N LEU S 46 26.77 29.48 -25.10
CA LEU S 46 27.76 30.14 -25.96
C LEU S 46 28.31 31.41 -25.33
N ILE S 47 27.45 32.43 -25.13
CA ILE S 47 27.87 33.72 -24.62
C ILE S 47 27.03 34.21 -23.44
N TYR S 48 27.60 34.20 -22.23
CA TYR S 48 26.95 34.74 -21.02
C TYR S 48 27.12 36.27 -20.97
N THR S 49 26.13 37.01 -20.39
CA THR S 49 26.06 38.50 -20.23
C THR S 49 26.13 39.25 -21.58
N ALA S 50 25.75 38.58 -22.68
CA ALA S 50 25.73 39.05 -24.06
C ALA S 50 27.11 39.45 -24.66
N SER S 51 28.13 39.75 -23.83
CA SER S 51 29.44 40.20 -24.30
C SER S 51 30.52 39.11 -24.36
N ARG S 52 30.79 38.46 -23.21
CA ARG S 52 31.83 37.45 -23.02
C ARG S 52 31.38 36.04 -23.30
N LEU S 53 32.11 35.40 -24.22
CA LEU S 53 31.93 34.01 -24.64
C LEU S 53 32.34 33.10 -23.49
N GLU S 54 31.75 31.91 -23.43
CA GLU S 54 32.09 30.95 -22.36
C GLU S 54 33.49 30.34 -22.63
N SER S 55 34.12 29.76 -21.58
CA SER S 55 35.45 29.14 -21.65
C SER S 55 35.34 27.80 -22.39
N GLY S 56 35.71 27.82 -23.68
CA GLY S 56 35.66 26.64 -24.54
C GLY S 56 34.55 26.68 -25.57
N VAL S 57 34.48 27.79 -26.33
CA VAL S 57 33.53 28.03 -27.42
C VAL S 57 34.28 28.81 -28.52
N PRO S 58 34.29 28.31 -29.78
CA PRO S 58 35.06 28.99 -30.85
C PRO S 58 34.91 30.50 -30.94
N SER S 59 36.02 31.16 -31.31
CA SER S 59 36.20 32.61 -31.43
C SER S 59 35.38 33.27 -32.56
N ARG S 60 34.91 32.48 -33.54
CA ARG S 60 34.10 32.97 -34.66
C ARG S 60 32.75 33.53 -34.18
N PHE S 61 32.23 32.98 -33.08
CA PHE S 61 30.97 33.41 -32.47
C PHE S 61 31.20 34.73 -31.74
N SER S 62 30.37 35.73 -32.02
CA SER S 62 30.49 37.03 -31.39
C SER S 62 29.13 37.59 -31.12
N GLY S 63 28.88 37.84 -29.85
CA GLY S 63 27.62 38.42 -29.41
C GLY S 63 27.86 39.87 -29.08
N SER S 64 27.04 40.76 -29.67
CA SER S 64 27.12 42.20 -29.47
C SER S 64 25.70 42.75 -29.30
N GLY S 65 25.53 43.67 -28.37
CA GLY S 65 24.24 44.28 -28.10
C GLY S 65 24.08 44.76 -26.68
N SER S 66 23.35 45.87 -26.52
CA SER S 66 23.09 46.52 -25.24
C SER S 66 21.83 47.39 -25.35
N GLY S 67 21.07 47.39 -24.27
CA GLY S 67 19.83 48.17 -24.14
C GLY S 67 18.57 47.38 -24.46
N THR S 68 18.46 46.91 -25.71
CA THR S 68 17.31 46.13 -26.22
C THR S 68 17.67 45.18 -27.38
N GLU S 69 18.50 45.62 -28.36
CA GLU S 69 18.92 44.81 -29.51
C GLU S 69 20.16 44.01 -29.19
N PHE S 70 20.14 42.74 -29.58
CA PHE S 70 21.25 41.83 -29.37
C PHE S 70 21.45 41.04 -30.64
N THR S 71 22.71 40.86 -31.02
CA THR S 71 23.14 40.17 -32.23
C THR S 71 24.24 39.15 -31.98
N LEU S 72 24.09 37.98 -32.60
CA LEU S 72 25.06 36.90 -32.58
C LEU S 72 25.55 36.63 -33.98
N THR S 73 26.77 37.06 -34.25
CA THR S 73 27.38 36.87 -35.55
C THR S 73 28.42 35.75 -35.49
N ILE S 74 28.55 35.00 -36.61
CA ILE S 74 29.55 33.95 -36.83
C ILE S 74 30.35 34.46 -38.04
N SER S 75 31.58 34.91 -37.78
CA SER S 75 32.51 35.46 -38.77
C SER S 75 32.70 34.57 -40.01
N SER S 76 33.09 33.29 -39.81
CA SER S 76 33.25 32.32 -40.90
C SER S 76 32.89 30.96 -40.34
N LEU S 77 31.61 30.62 -40.49
CA LEU S 77 31.09 29.40 -39.94
C LEU S 77 31.66 28.16 -40.59
N GLN S 78 31.87 27.14 -39.77
CA GLN S 78 32.38 25.81 -40.09
C GLN S 78 31.18 24.83 -40.14
N PRO S 79 31.32 23.61 -40.72
CA PRO S 79 30.17 22.67 -40.73
C PRO S 79 29.70 22.21 -39.35
N ASP S 80 30.54 22.33 -38.31
CA ASP S 80 30.17 21.93 -36.95
C ASP S 80 29.38 23.05 -36.19
N ASP S 81 28.74 24.00 -36.94
CA ASP S 81 27.97 25.14 -36.41
C ASP S 81 26.48 25.12 -36.79
N PHE S 82 26.12 24.19 -37.70
CA PHE S 82 24.75 24.08 -38.19
C PHE S 82 23.83 23.46 -37.17
N ALA S 83 23.17 24.34 -36.40
CA ALA S 83 22.23 23.99 -35.35
C ALA S 83 21.21 25.12 -35.16
N THR S 84 20.36 25.03 -34.12
CA THR S 84 19.38 26.05 -33.78
C THR S 84 19.94 26.90 -32.63
N TYR S 85 19.70 28.22 -32.72
CA TYR S 85 20.16 29.21 -31.75
C TYR S 85 18.97 29.80 -31.04
N TYR S 86 19.18 30.29 -29.80
CA TYR S 86 18.13 30.85 -28.96
C TYR S 86 18.60 32.07 -28.18
N CYS S 87 17.66 32.73 -27.49
CA CYS S 87 17.90 33.89 -26.63
C CYS S 87 17.71 33.47 -25.18
N GLN S 88 18.23 34.29 -24.25
CA GLN S 88 18.12 33.98 -22.84
C GLN S 88 16.98 34.74 -22.16
N HIS S 89 17.26 35.35 -21.01
CA HIS S 89 16.36 36.08 -20.11
C HIS S 89 15.18 35.22 -19.62
N ARG S 90 13.98 35.85 -19.44
CA ARG S 90 12.73 35.24 -18.97
C ARG S 90 12.35 34.12 -19.98
N THR S 91 11.50 34.45 -20.97
CA THR S 91 11.07 33.54 -22.04
C THR S 91 12.27 33.31 -22.97
N PHE S 92 12.15 32.37 -23.92
CA PHE S 92 13.21 32.05 -24.86
C PHE S 92 12.88 32.52 -26.27
N GLY S 93 13.92 32.65 -27.08
CA GLY S 93 13.79 33.05 -28.47
C GLY S 93 13.15 31.92 -29.25
N GLN S 94 12.41 32.29 -30.32
CA GLN S 94 11.68 31.40 -31.24
C GLN S 94 12.50 30.19 -31.68
N GLY S 95 13.72 30.44 -32.11
CA GLY S 95 14.63 29.39 -32.58
C GLY S 95 14.97 29.64 -34.03
N THR S 96 16.27 29.90 -34.29
CA THR S 96 16.81 30.17 -35.63
C THR S 96 17.64 28.99 -36.10
N LYS S 97 16.99 28.13 -36.87
CA LYS S 97 17.60 26.95 -37.44
C LYS S 97 18.47 27.40 -38.60
N VAL S 98 19.81 27.15 -38.52
CA VAL S 98 20.77 27.52 -39.57
C VAL S 98 21.02 26.32 -40.48
N GLU S 99 20.67 26.52 -41.73
CA GLU S 99 20.75 25.54 -42.79
C GLU S 99 21.81 25.96 -43.78
N ILE S 100 22.25 25.01 -44.59
CA ILE S 100 23.24 25.24 -45.62
C ILE S 100 22.60 25.80 -46.91
N LYS S 101 23.46 26.23 -47.84
CA LYS S 101 23.09 26.76 -49.13
C LYS S 101 23.70 25.82 -50.14
N ARG S 102 22.88 25.29 -51.06
CA ARG S 102 23.34 24.38 -52.11
C ARG S 102 22.41 24.36 -53.34
N THR S 103 22.91 23.70 -54.39
CA THR S 103 22.25 23.48 -55.67
C THR S 103 20.91 22.82 -55.42
N VAL S 104 19.86 23.33 -56.08
CA VAL S 104 18.52 22.75 -55.99
C VAL S 104 18.57 21.28 -56.41
N ALA S 105 17.90 20.40 -55.66
CA ALA S 105 17.87 18.98 -55.97
C ALA S 105 16.45 18.51 -56.23
N ALA S 106 16.28 17.70 -57.28
CA ALA S 106 14.98 17.15 -57.67
C ALA S 106 14.68 15.96 -56.78
N PRO S 107 13.44 15.82 -56.30
CA PRO S 107 13.12 14.66 -55.45
C PRO S 107 12.93 13.37 -56.27
N SER S 108 13.37 12.23 -55.71
CA SER S 108 13.23 10.93 -56.34
C SER S 108 11.91 10.33 -55.80
N VAL S 109 10.79 10.62 -56.51
CA VAL S 109 9.41 10.22 -56.15
C VAL S 109 9.16 8.71 -56.40
N PHE S 110 8.67 7.99 -55.36
CA PHE S 110 8.35 6.56 -55.34
C PHE S 110 7.05 6.32 -54.60
N ILE S 111 6.08 5.65 -55.22
CA ILE S 111 4.82 5.35 -54.53
C ILE S 111 4.88 3.89 -54.01
N PHE S 112 4.44 3.65 -52.77
CA PHE S 112 4.44 2.33 -52.16
C PHE S 112 3.02 1.89 -51.87
N PRO S 113 2.60 0.70 -52.38
CA PRO S 113 1.23 0.24 -52.11
C PRO S 113 1.10 -0.22 -50.65
N PRO S 114 -0.12 -0.32 -50.09
CA PRO S 114 -0.23 -0.84 -48.71
C PRO S 114 0.18 -2.32 -48.66
N SER S 115 0.86 -2.74 -47.58
CA SER S 115 1.32 -4.13 -47.42
C SER S 115 0.13 -5.09 -47.40
N ASP S 116 0.33 -6.35 -47.85
CA ASP S 116 -0.68 -7.40 -47.91
C ASP S 116 -1.17 -7.78 -46.49
N GLU S 117 -0.24 -7.76 -45.52
CA GLU S 117 -0.48 -8.04 -44.10
C GLU S 117 -1.30 -6.88 -43.52
N GLN S 118 -1.07 -5.65 -44.05
CA GLN S 118 -1.77 -4.42 -43.64
C GLN S 118 -3.18 -4.36 -44.20
N LEU S 119 -3.40 -4.98 -45.36
CA LEU S 119 -4.71 -4.98 -45.99
C LEU S 119 -5.69 -5.87 -45.23
N LYS S 120 -5.20 -7.01 -44.69
CA LYS S 120 -6.00 -7.99 -43.95
C LYS S 120 -6.52 -7.47 -42.60
N SER S 121 -5.77 -6.57 -41.92
CA SER S 121 -6.15 -5.98 -40.63
C SER S 121 -7.35 -4.99 -40.69
N GLY S 122 -7.67 -4.49 -41.89
CA GLY S 122 -8.78 -3.56 -42.07
C GLY S 122 -8.38 -2.12 -42.34
N THR S 123 -7.21 -1.72 -41.83
CA THR S 123 -6.70 -0.37 -42.02
C THR S 123 -5.48 -0.44 -42.93
N ALA S 124 -5.62 0.07 -44.17
CA ALA S 124 -4.55 0.08 -45.16
C ALA S 124 -4.15 1.48 -45.56
N SER S 125 -2.92 1.87 -45.20
CA SER S 125 -2.33 3.18 -45.49
C SER S 125 -1.40 3.10 -46.71
N VAL S 126 -1.48 4.10 -47.59
CA VAL S 126 -0.70 4.27 -48.82
C VAL S 126 0.48 5.27 -48.61
N VAL S 127 1.71 4.76 -48.75
CA VAL S 127 2.93 5.54 -48.54
C VAL S 127 3.51 6.06 -49.85
N CYS S 128 3.99 7.32 -49.83
CA CYS S 128 4.67 7.96 -50.96
C CYS S 128 5.98 8.57 -50.47
N LEU S 129 7.07 8.23 -51.16
CA LEU S 129 8.41 8.71 -50.89
C LEU S 129 8.81 9.72 -51.94
N LEU S 130 9.70 10.63 -51.57
CA LEU S 130 10.33 11.66 -52.39
C LEU S 130 11.62 12.04 -51.70
N ASN S 131 12.65 11.23 -52.02
CA ASN S 131 14.00 11.23 -51.50
C ASN S 131 14.89 12.33 -52.09
N ASN S 132 15.70 12.91 -51.20
CA ASN S 132 16.74 13.90 -51.43
C ASN S 132 16.39 15.04 -52.44
N PHE S 133 15.79 16.10 -51.92
CA PHE S 133 15.47 17.37 -52.59
C PHE S 133 15.99 18.51 -51.67
N TYR S 134 16.74 19.54 -52.18
CA TYR S 134 17.25 20.60 -51.29
C TYR S 134 16.15 21.58 -50.82
N PRO S 135 15.43 22.32 -51.70
CA PRO S 135 14.40 23.24 -51.19
C PRO S 135 13.31 22.49 -50.40
N ARG S 136 13.35 22.62 -49.06
CA ARG S 136 12.43 22.00 -48.10
C ARG S 136 10.95 22.22 -48.45
N GLU S 137 10.62 23.36 -49.09
CA GLU S 137 9.23 23.67 -49.49
C GLU S 137 8.79 22.81 -50.69
N ALA S 138 8.31 21.60 -50.39
CA ALA S 138 7.82 20.62 -51.35
C ALA S 138 6.49 20.12 -50.85
N LYS S 139 5.45 20.28 -51.68
CA LYS S 139 4.11 19.89 -51.30
C LYS S 139 3.63 18.64 -52.02
N VAL S 140 2.93 17.77 -51.28
CA VAL S 140 2.41 16.52 -51.81
C VAL S 140 0.88 16.54 -51.88
N GLN S 141 0.35 16.18 -53.05
CA GLN S 141 -1.06 16.13 -53.35
C GLN S 141 -1.50 14.70 -53.65
N TRP S 142 -2.28 14.12 -52.73
CA TRP S 142 -2.80 12.78 -52.91
C TRP S 142 -4.01 12.80 -53.81
N LYS S 143 -3.93 12.07 -54.91
CA LYS S 143 -5.01 12.02 -55.89
C LYS S 143 -5.48 10.59 -56.11
N VAL S 144 -6.65 10.27 -55.54
CA VAL S 144 -7.25 8.95 -55.69
C VAL S 144 -8.44 9.16 -56.61
N ASP S 145 -8.24 8.77 -57.89
CA ASP S 145 -9.17 8.97 -59.01
C ASP S 145 -9.43 10.49 -59.19
N ASN S 146 -8.42 11.33 -58.79
CA ASN S 146 -8.32 12.79 -58.86
C ASN S 146 -9.06 13.60 -57.76
N ALA S 147 -8.63 13.47 -56.46
CA ALA S 147 -9.11 14.19 -55.26
C ALA S 147 -8.77 13.48 -53.95
N LEU S 148 -8.32 14.27 -52.92
CA LEU S 148 -8.00 13.83 -51.55
C LEU S 148 -7.09 14.78 -50.79
N GLN S 149 -7.35 14.89 -49.48
CA GLN S 149 -6.65 15.70 -48.48
C GLN S 149 -6.81 15.16 -47.02
N SER S 150 -7.67 14.12 -46.85
CA SER S 150 -7.97 13.45 -45.57
C SER S 150 -6.75 12.79 -44.89
N GLY S 151 -6.18 11.74 -45.51
CA GLY S 151 -5.00 11.04 -45.03
C GLY S 151 -3.69 11.77 -45.30
N ASN S 152 -3.73 12.81 -46.17
CA ASN S 152 -2.59 13.65 -46.60
C ASN S 152 -2.00 14.50 -45.45
N SER S 153 -2.74 14.64 -44.33
CA SER S 153 -2.31 15.40 -43.15
C SER S 153 -1.18 14.71 -42.37
N GLN S 154 -0.72 13.54 -42.85
CA GLN S 154 0.36 12.78 -42.20
C GLN S 154 1.57 12.64 -43.14
N GLU S 155 2.54 13.57 -43.03
CA GLU S 155 3.79 13.59 -43.79
C GLU S 155 4.93 14.07 -42.91
N SER S 156 6.06 13.38 -42.97
CA SER S 156 7.22 13.69 -42.14
C SER S 156 8.48 13.96 -42.97
N VAL S 157 9.44 14.71 -42.39
CA VAL S 157 10.70 15.08 -43.04
C VAL S 157 11.94 14.89 -42.15
N THR S 158 12.98 14.24 -42.72
CA THR S 158 14.27 14.08 -42.04
C THR S 158 15.02 15.39 -42.20
N GLU S 159 15.99 15.64 -41.33
CA GLU S 159 16.78 16.85 -41.45
C GLU S 159 17.86 16.67 -42.51
N GLN S 160 18.52 17.78 -42.85
CA GLN S 160 19.58 17.87 -43.85
C GLN S 160 20.63 16.75 -43.70
N ASP S 161 20.90 16.01 -44.81
CA ASP S 161 21.87 14.91 -44.95
C ASP S 161 23.30 15.40 -44.67
N SER S 162 24.19 14.49 -44.22
CA SER S 162 25.60 14.81 -43.95
C SER S 162 26.45 14.98 -45.23
N LYS S 163 26.19 14.13 -46.24
CA LYS S 163 26.91 14.08 -47.51
C LYS S 163 26.46 15.13 -48.52
N ASP S 164 25.21 15.02 -49.00
CA ASP S 164 24.63 15.85 -50.04
C ASP S 164 23.67 16.95 -49.53
N SER S 165 23.50 17.06 -48.21
CA SER S 165 22.70 18.07 -47.49
C SER S 165 21.31 18.32 -48.06
N THR S 166 20.49 17.28 -48.09
CA THR S 166 19.15 17.40 -48.61
C THR S 166 18.15 16.68 -47.72
N TYR S 167 16.92 17.23 -47.67
CA TYR S 167 15.81 16.69 -46.90
C TYR S 167 15.08 15.63 -47.73
N SER S 168 14.30 14.77 -47.08
CA SER S 168 13.51 13.73 -47.73
C SER S 168 12.12 13.75 -47.07
N LEU S 169 11.07 13.42 -47.84
CA LEU S 169 9.68 13.44 -47.37
C LEU S 169 9.02 12.07 -47.52
N SER S 170 8.13 11.75 -46.56
CA SER S 170 7.32 10.53 -46.52
C SER S 170 5.88 10.91 -46.24
N SER S 171 5.08 11.02 -47.31
CA SER S 171 3.66 11.33 -47.17
C SER S 171 2.88 10.02 -47.09
N THR S 172 2.04 9.89 -46.04
CA THR S 172 1.26 8.68 -45.80
C THR S 172 -0.22 8.96 -45.78
N LEU S 173 -0.88 8.51 -46.84
CA LEU S 173 -2.34 8.58 -46.98
C LEU S 173 -2.90 7.45 -46.13
N THR S 174 -3.73 7.78 -45.14
CA THR S 174 -4.29 6.75 -44.31
C THR S 174 -5.75 6.60 -44.64
N LEU S 175 -6.23 5.35 -44.82
CA LEU S 175 -7.61 5.02 -45.15
C LEU S 175 -7.97 3.57 -44.76
N SER S 176 -9.26 3.21 -44.81
CA SER S 176 -9.74 1.87 -44.47
C SER S 176 -9.72 0.93 -45.68
N LYS S 177 -9.95 -0.38 -45.43
CA LYS S 177 -10.06 -1.43 -46.44
C LYS S 177 -11.35 -1.19 -47.25
N ALA S 178 -12.39 -0.65 -46.57
CA ALA S 178 -13.70 -0.28 -47.10
C ALA S 178 -13.56 0.83 -48.15
N ASP S 179 -12.70 1.83 -47.87
CA ASP S 179 -12.42 2.92 -48.79
C ASP S 179 -11.40 2.49 -49.82
N TYR S 180 -10.60 1.42 -49.53
CA TYR S 180 -9.55 0.91 -50.42
C TYR S 180 -10.12 0.17 -51.62
N GLU S 181 -11.01 -0.82 -51.42
CA GLU S 181 -11.53 -1.46 -52.63
C GLU S 181 -12.91 -0.87 -52.98
N LYS S 182 -12.87 0.44 -53.27
CA LYS S 182 -13.95 1.34 -53.66
C LYS S 182 -13.41 2.30 -54.73
N HIS S 183 -12.07 2.38 -54.85
CA HIS S 183 -11.39 3.23 -55.83
C HIS S 183 -10.27 2.47 -56.60
N LYS S 184 -9.97 2.94 -57.84
CA LYS S 184 -9.03 2.28 -58.77
C LYS S 184 -7.57 2.80 -58.77
N VAL S 185 -7.34 4.02 -59.27
CA VAL S 185 -6.00 4.57 -59.39
C VAL S 185 -5.60 5.38 -58.16
N TYR S 186 -4.40 5.08 -57.63
CA TYR S 186 -3.80 5.76 -56.48
C TYR S 186 -2.58 6.55 -56.95
N ALA S 187 -2.68 7.88 -56.90
CA ALA S 187 -1.60 8.78 -57.34
C ALA S 187 -1.01 9.64 -56.24
N CYS S 188 0.23 10.08 -56.48
CA CYS S 188 0.99 10.92 -55.58
C CYS S 188 1.60 12.07 -56.39
N GLU S 189 0.83 13.17 -56.50
CA GLU S 189 1.24 14.38 -57.22
C GLU S 189 2.23 15.19 -56.36
N VAL S 190 3.47 15.35 -56.86
CA VAL S 190 4.55 16.05 -56.16
C VAL S 190 4.88 17.38 -56.85
N THR S 191 4.67 18.51 -56.14
CA THR S 191 4.96 19.86 -56.60
C THR S 191 6.24 20.34 -55.92
N HIS S 192 7.29 20.61 -56.75
CA HIS S 192 8.63 21.06 -56.31
C HIS S 192 9.33 21.90 -57.40
N GLN S 193 10.27 22.75 -56.95
CA GLN S 193 11.07 23.66 -57.76
C GLN S 193 12.02 22.94 -58.71
N GLY S 194 12.58 21.81 -58.23
CA GLY S 194 13.47 20.96 -59.02
C GLY S 194 12.76 20.12 -60.07
N LEU S 195 11.43 20.27 -60.14
CA LEU S 195 10.59 19.57 -61.10
C LEU S 195 9.94 20.60 -62.01
N SER S 196 10.35 20.60 -63.30
CA SER S 196 9.84 21.53 -64.32
C SER S 196 8.34 21.30 -64.52
N SER S 197 7.95 20.03 -64.68
CA SER S 197 6.57 19.58 -64.80
C SER S 197 6.33 18.66 -63.60
N PRO S 198 5.54 19.10 -62.57
CA PRO S 198 5.35 18.25 -61.37
C PRO S 198 4.98 16.79 -61.69
N VAL S 199 5.90 15.88 -61.33
CA VAL S 199 5.83 14.43 -61.58
C VAL S 199 4.82 13.73 -60.65
N THR S 200 4.12 12.71 -61.21
CA THR S 200 3.11 11.88 -60.55
C THR S 200 3.48 10.40 -60.71
N LYS S 201 3.66 9.67 -59.59
CA LYS S 201 3.98 8.24 -59.55
C LYS S 201 2.73 7.51 -59.09
N SER S 202 2.19 6.60 -59.94
CA SER S 202 0.93 5.90 -59.67
C SER S 202 0.92 4.39 -59.91
N PHE S 203 0.02 3.71 -59.18
CA PHE S 203 -0.31 2.29 -59.24
C PHE S 203 -1.82 2.16 -59.25
N ASN S 204 -2.33 0.94 -59.36
CA ASN S 204 -3.77 0.70 -59.41
C ASN S 204 -4.17 -0.28 -58.28
N ARG S 205 -3.71 -1.53 -58.39
CA ARG S 205 -3.93 -2.62 -57.44
C ARG S 205 -2.85 -3.65 -57.78
N GLY S 206 -2.73 -3.95 -59.07
CA GLY S 206 -1.75 -4.89 -59.62
C GLY S 206 -1.25 -4.45 -60.97
N GLN T 1 34.17 17.20 -15.66
CA GLN T 1 33.80 16.26 -14.60
C GLN T 1 32.32 16.35 -14.24
N VAL T 2 31.70 17.50 -14.54
CA VAL T 2 30.30 17.81 -14.27
C VAL T 2 29.36 16.91 -15.09
N GLN T 3 28.48 16.20 -14.39
CA GLN T 3 27.48 15.30 -14.95
C GLN T 3 26.10 15.56 -14.30
N LEU T 4 25.02 15.50 -15.12
CA LEU T 4 23.63 15.68 -14.73
C LEU T 4 22.77 14.60 -15.39
N VAL T 5 22.24 13.69 -14.56
CA VAL T 5 21.43 12.57 -15.02
C VAL T 5 19.99 12.66 -14.52
N GLU T 6 19.03 12.19 -15.34
CA GLU T 6 17.60 12.19 -15.03
C GLU T 6 17.11 10.80 -14.61
N SER T 7 16.10 10.75 -13.73
CA SER T 7 15.54 9.49 -13.22
C SER T 7 14.71 8.77 -14.30
N GLY T 8 13.59 9.37 -14.69
CA GLY T 8 12.69 8.82 -15.68
C GLY T 8 11.25 9.24 -15.52
N GLY T 9 10.47 8.99 -16.57
CA GLY T 9 9.05 9.30 -16.68
C GLY T 9 8.69 9.22 -18.14
N GLY T 10 7.63 8.49 -18.43
CA GLY T 10 7.17 8.31 -19.81
C GLY T 10 5.71 8.64 -19.94
N VAL T 11 4.87 7.59 -20.10
CA VAL T 11 3.41 7.69 -20.25
C VAL T 11 2.75 8.06 -18.91
N VAL T 12 1.74 8.94 -19.01
CA VAL T 12 0.90 9.45 -17.92
C VAL T 12 -0.40 10.02 -18.53
N GLN T 13 -1.57 9.59 -18.00
CA GLN T 13 -2.86 10.09 -18.44
C GLN T 13 -3.02 11.50 -17.97
N PRO T 14 -3.64 12.37 -18.76
CA PRO T 14 -3.78 13.77 -18.32
C PRO T 14 -4.54 13.92 -16.99
N GLY T 15 -3.84 14.48 -16.01
CA GLY T 15 -4.37 14.70 -14.67
C GLY T 15 -3.60 13.98 -13.58
N ARG T 16 -3.08 12.79 -13.92
CA ARG T 16 -2.29 12.00 -12.98
C ARG T 16 -0.92 12.64 -12.78
N SER T 17 -0.46 12.68 -11.53
CA SER T 17 0.83 13.25 -11.17
C SER T 17 1.99 12.34 -11.59
N LEU T 18 3.12 12.95 -11.94
CA LEU T 18 4.35 12.29 -12.30
C LEU T 18 5.51 13.04 -11.64
N ARG T 19 6.47 12.30 -11.10
CA ARG T 19 7.65 12.87 -10.48
C ARG T 19 8.91 12.55 -11.28
N LEU T 20 9.78 13.57 -11.42
CA LEU T 20 11.05 13.51 -12.14
C LEU T 20 12.20 14.00 -11.26
N SER T 21 13.35 13.34 -11.36
CA SER T 21 14.53 13.73 -10.60
C SER T 21 15.72 14.01 -11.47
N CYS T 22 16.72 14.67 -10.89
CA CYS T 22 17.97 15.00 -11.54
C CYS T 22 19.13 14.84 -10.56
N ALA T 23 19.84 13.71 -10.66
CA ALA T 23 21.00 13.42 -9.80
C ALA T 23 22.20 14.20 -10.32
N ALA T 24 22.96 14.79 -9.42
CA ALA T 24 24.11 15.62 -9.76
C ALA T 24 25.40 15.12 -9.16
N SER T 25 26.52 15.32 -9.89
CA SER T 25 27.88 14.94 -9.48
C SER T 25 28.95 15.73 -10.26
N GLY T 26 30.18 15.72 -9.73
CA GLY T 26 31.34 16.37 -10.33
C GLY T 26 31.54 17.83 -9.98
N PHE T 27 30.59 18.44 -9.24
CA PHE T 27 30.62 19.85 -8.82
C PHE T 27 29.97 20.02 -7.43
N THR T 28 30.21 21.18 -6.78
CA THR T 28 29.61 21.48 -5.48
C THR T 28 28.14 21.82 -5.73
N PHE T 29 27.27 20.84 -5.46
CA PHE T 29 25.84 20.90 -5.71
C PHE T 29 25.08 21.87 -4.81
N SER T 30 25.41 21.93 -3.51
CA SER T 30 24.73 22.82 -2.56
C SER T 30 24.99 24.33 -2.80
N SER T 31 26.00 24.66 -3.62
CA SER T 31 26.34 26.05 -3.93
C SER T 31 25.66 26.58 -5.19
N SER T 32 25.83 25.87 -6.32
CA SER T 32 25.24 26.26 -7.61
C SER T 32 23.74 25.94 -7.66
N ALA T 33 22.91 26.95 -8.00
CA ALA T 33 21.45 26.82 -8.09
C ALA T 33 21.07 25.89 -9.24
N MET T 34 19.87 25.27 -9.14
CA MET T 34 19.38 24.30 -10.13
C MET T 34 18.04 24.71 -10.81
N HIS T 35 17.85 24.27 -12.08
CA HIS T 35 16.68 24.58 -12.92
C HIS T 35 16.06 23.34 -13.58
N TRP T 36 15.01 23.56 -14.38
CA TRP T 36 14.27 22.57 -15.16
C TRP T 36 13.83 23.22 -16.48
N VAL T 37 14.03 22.50 -17.60
CA VAL T 37 13.71 23.03 -18.93
C VAL T 37 12.84 22.06 -19.74
N ARG T 38 11.66 22.53 -20.15
CA ARG T 38 10.71 21.82 -20.99
C ARG T 38 11.17 21.95 -22.46
N GLN T 39 11.14 20.84 -23.22
CA GLN T 39 11.51 20.78 -24.64
C GLN T 39 10.58 19.84 -25.45
N ALA T 40 9.58 20.41 -26.11
CA ALA T 40 8.68 19.67 -26.99
C ALA T 40 9.37 19.64 -28.39
N PRO T 41 9.21 18.57 -29.20
CA PRO T 41 9.89 18.53 -30.52
C PRO T 41 9.44 19.62 -31.50
N GLY T 42 8.19 20.03 -31.39
CA GLY T 42 7.55 21.02 -32.24
C GLY T 42 7.57 22.45 -31.76
N LYS T 43 8.54 22.82 -30.88
CA LYS T 43 8.68 24.21 -30.40
C LYS T 43 10.13 24.56 -30.03
N GLY T 44 10.86 23.56 -29.57
CA GLY T 44 12.25 23.68 -29.16
C GLY T 44 12.38 23.81 -27.66
N LEU T 45 12.95 24.92 -27.16
CA LEU T 45 13.17 25.13 -25.72
C LEU T 45 12.10 25.95 -25.02
N GLU T 46 12.00 25.78 -23.68
CA GLU T 46 11.10 26.50 -22.78
C GLU T 46 11.53 26.26 -21.34
N TRP T 47 11.68 27.33 -20.56
CA TRP T 47 12.05 27.19 -19.16
C TRP T 47 10.78 26.85 -18.36
N VAL T 48 10.86 26.01 -17.32
CA VAL T 48 9.62 25.63 -16.64
C VAL T 48 9.56 26.02 -15.15
N ALA T 49 10.71 26.02 -14.44
CA ALA T 49 10.84 26.31 -13.01
C ALA T 49 12.29 26.54 -12.53
N VAL T 50 12.42 27.14 -11.31
CA VAL T 50 13.71 27.38 -10.68
C VAL T 50 13.61 27.38 -9.15
N ILE T 51 14.64 26.79 -8.54
CA ILE T 51 14.84 26.69 -7.10
C ILE T 51 16.26 27.17 -6.80
N TRP T 52 16.40 28.07 -5.82
CA TRP T 52 17.71 28.58 -5.43
C TRP T 52 18.43 27.50 -4.63
N SER T 53 19.78 27.57 -4.62
CA SER T 53 20.64 26.64 -3.90
C SER T 53 20.41 26.68 -2.39
N ASP T 54 20.42 25.50 -1.74
CA ASP T 54 20.22 25.32 -0.30
C ASP T 54 18.87 25.91 0.18
N GLY T 55 17.78 25.28 -0.25
CA GLY T 55 16.42 25.69 0.07
C GLY T 55 15.92 26.92 -0.63
N SER T 56 14.69 27.35 -0.27
CA SER T 56 13.94 28.52 -0.75
C SER T 56 13.75 28.60 -2.29
N ASN T 57 12.52 28.23 -2.76
CA ASN T 57 12.12 28.32 -4.18
C ASN T 57 11.87 29.79 -4.48
N GLU T 58 12.08 30.20 -5.72
CA GLU T 58 11.83 31.59 -6.08
C GLU T 58 10.58 31.74 -6.94
N ASN T 59 10.49 31.02 -8.09
CA ASN T 59 9.36 31.06 -9.02
C ASN T 59 9.35 29.86 -10.00
N TYR T 60 8.28 29.76 -10.80
CA TYR T 60 8.07 28.80 -11.87
C TYR T 60 7.68 29.62 -13.11
N ALA T 61 7.52 28.97 -14.26
CA ALA T 61 7.05 29.66 -15.47
C ALA T 61 5.54 29.67 -15.41
N ASP T 62 4.92 30.86 -15.63
CA ASP T 62 3.47 31.07 -15.65
C ASP T 62 2.71 30.16 -16.66
N SER T 63 3.46 29.43 -17.52
CA SER T 63 2.96 28.50 -18.53
C SER T 63 2.34 27.27 -17.84
N VAL T 64 2.87 26.96 -16.63
CA VAL T 64 2.49 25.87 -15.74
C VAL T 64 3.12 26.29 -14.37
N LYS T 65 2.50 27.29 -13.72
CA LYS T 65 3.08 27.87 -12.50
C LYS T 65 2.64 27.20 -11.18
N GLY T 66 1.43 27.51 -10.74
CA GLY T 66 0.87 27.04 -9.48
C GLY T 66 0.32 25.63 -9.49
N ARG T 67 0.21 24.99 -10.66
CA ARG T 67 -0.34 23.64 -10.76
C ARG T 67 0.71 22.50 -10.62
N PHE T 68 1.95 22.83 -10.19
CA PHE T 68 3.04 21.89 -9.95
C PHE T 68 4.19 22.57 -9.18
N THR T 69 4.94 21.78 -8.38
CA THR T 69 6.05 22.27 -7.55
C THR T 69 7.37 21.59 -7.87
N ILE T 70 8.51 22.21 -7.47
CA ILE T 70 9.86 21.65 -7.63
C ILE T 70 10.61 21.68 -6.29
N SER T 71 11.35 20.61 -6.00
CA SER T 71 12.08 20.47 -4.76
C SER T 71 13.56 20.29 -5.01
N ARG T 72 14.36 20.22 -3.92
CA ARG T 72 15.81 20.03 -3.93
C ARG T 72 16.30 19.40 -2.62
N ASP T 73 17.09 18.33 -2.72
CA ASP T 73 17.68 17.65 -1.57
C ASP T 73 19.20 17.70 -1.73
N ASN T 74 19.85 18.48 -0.85
CA ASN T 74 21.29 18.71 -0.88
C ASN T 74 22.08 17.56 -0.31
N SER T 75 21.45 16.73 0.56
CA SER T 75 22.09 15.56 1.15
C SER T 75 22.20 14.42 0.13
N LYS T 76 21.09 14.14 -0.60
CA LYS T 76 21.06 13.11 -1.65
C LYS T 76 21.71 13.63 -2.95
N ASN T 77 21.89 14.96 -3.07
CA ASN T 77 22.49 15.65 -4.23
C ASN T 77 21.65 15.48 -5.50
N THR T 78 20.33 15.38 -5.31
CA THR T 78 19.34 15.25 -6.38
C THR T 78 18.39 16.47 -6.41
N LEU T 79 17.72 16.66 -7.55
CA LEU T 79 16.73 17.69 -7.83
C LEU T 79 15.40 16.93 -7.97
N TYR T 80 14.27 17.61 -7.76
CA TYR T 80 12.96 16.99 -7.89
C TYR T 80 12.02 17.87 -8.67
N LEU T 81 10.99 17.27 -9.27
CA LEU T 81 9.96 17.96 -10.04
C LEU T 81 8.61 17.26 -9.81
N GLN T 82 7.75 17.83 -8.94
CA GLN T 82 6.43 17.25 -8.68
C GLN T 82 5.41 17.85 -9.65
N MET T 83 5.20 17.18 -10.78
CA MET T 83 4.28 17.61 -11.84
C MET T 83 2.93 16.91 -11.71
N SER T 84 1.94 17.61 -11.09
CA SER T 84 0.58 17.13 -10.84
C SER T 84 -0.46 17.81 -11.77
N SER T 85 -1.66 17.19 -11.90
CA SER T 85 -2.78 17.68 -12.74
C SER T 85 -2.30 18.01 -14.15
N LEU T 86 -1.67 17.02 -14.80
CA LEU T 86 -1.09 17.14 -16.13
C LEU T 86 -2.08 17.40 -17.23
N ARG T 87 -1.66 18.21 -18.20
CA ARG T 87 -2.43 18.52 -19.39
C ARG T 87 -1.73 17.78 -20.53
N ALA T 88 -2.44 17.54 -21.64
CA ALA T 88 -1.93 16.81 -22.80
C ALA T 88 -0.80 17.55 -23.54
N GLU T 89 -0.80 18.90 -23.47
CA GLU T 89 0.16 19.79 -24.11
C GLU T 89 1.59 19.77 -23.48
N ASP T 90 1.76 19.10 -22.31
CA ASP T 90 3.05 18.95 -21.61
C ASP T 90 3.89 17.78 -22.16
N THR T 91 3.55 17.31 -23.36
CA THR T 91 4.27 16.25 -24.04
C THR T 91 5.63 16.84 -24.46
N ALA T 92 6.65 16.69 -23.59
CA ALA T 92 7.98 17.24 -23.82
C ALA T 92 9.10 16.41 -23.19
N VAL T 93 10.35 16.91 -23.33
CA VAL T 93 11.59 16.33 -22.81
C VAL T 93 12.12 17.30 -21.77
N TYR T 94 12.38 16.79 -20.55
CA TYR T 94 12.77 17.63 -19.42
C TYR T 94 14.22 17.54 -19.03
N TYR T 95 14.96 18.64 -19.24
CA TYR T 95 16.38 18.72 -18.93
C TYR T 95 16.59 19.41 -17.60
N CYS T 96 17.73 19.15 -16.97
CA CYS T 96 18.09 19.84 -15.74
C CYS T 96 19.41 20.61 -15.93
N ALA T 97 19.44 21.85 -15.42
CA ALA T 97 20.60 22.73 -15.60
C ALA T 97 21.06 23.44 -14.32
N THR T 98 22.33 23.90 -14.34
CA THR T 98 22.99 24.55 -13.20
C THR T 98 23.63 25.90 -13.64
N ASP T 99 23.89 26.78 -12.65
CA ASP T 99 24.45 28.14 -12.78
C ASP T 99 24.60 28.79 -11.42
N LYS T 100 25.49 29.78 -11.30
CA LYS T 100 25.64 30.48 -10.03
C LYS T 100 26.05 31.95 -10.21
N THR T 101 27.27 32.27 -9.75
CA THR T 101 27.89 33.59 -9.79
C THR T 101 28.28 33.91 -11.23
N TYR T 102 28.03 35.14 -11.70
CA TYR T 102 28.57 35.54 -12.99
C TYR T 102 30.06 35.78 -12.63
N VAL T 103 31.03 35.34 -13.49
CA VAL T 103 32.51 35.31 -13.37
C VAL T 103 33.07 36.25 -12.26
N SER T 104 32.64 37.52 -12.16
CA SER T 104 33.09 38.44 -11.11
C SER T 104 32.32 38.25 -9.78
N GLY T 105 32.39 39.23 -8.89
CA GLY T 105 31.78 39.17 -7.57
C GLY T 105 30.29 39.42 -7.48
N TYR T 106 29.48 38.57 -8.16
CA TYR T 106 28.01 38.65 -8.12
C TYR T 106 27.46 37.27 -7.88
N THR T 107 26.19 37.13 -7.48
CA THR T 107 25.64 35.82 -7.11
C THR T 107 24.24 35.50 -7.70
N SER T 108 23.21 36.21 -7.22
CA SER T 108 21.76 36.14 -7.43
C SER T 108 21.23 35.48 -8.75
N THR T 109 20.00 34.86 -8.64
CA THR T 109 19.15 34.15 -9.61
C THR T 109 19.89 33.66 -10.87
N TRP T 110 20.00 34.56 -11.87
CA TRP T 110 20.70 34.37 -13.14
C TRP T 110 20.07 33.29 -14.04
N TYR T 111 19.32 33.69 -15.08
CA TYR T 111 18.78 32.75 -16.06
C TYR T 111 19.93 32.58 -17.06
N TYR T 112 20.61 31.44 -16.99
CA TYR T 112 21.75 31.01 -17.81
C TYR T 112 22.01 29.57 -17.42
N PHE T 113 22.41 28.73 -18.40
CA PHE T 113 22.64 27.31 -18.17
C PHE T 113 23.90 26.79 -18.87
N ASN T 114 25.01 26.73 -18.13
CA ASN T 114 26.30 26.25 -18.62
C ASN T 114 26.42 24.72 -18.71
N TYR T 115 25.79 23.99 -17.76
CA TYR T 115 25.80 22.53 -17.68
C TYR T 115 24.40 21.94 -17.65
N TRP T 116 24.10 21.11 -18.66
CA TRP T 116 22.79 20.49 -18.90
C TRP T 116 22.75 18.99 -18.54
N GLY T 117 21.59 18.39 -18.77
CA GLY T 117 21.35 16.98 -18.54
C GLY T 117 21.25 16.21 -19.85
N GLN T 118 20.36 15.22 -19.86
CA GLN T 118 20.09 14.36 -21.02
C GLN T 118 18.62 14.45 -21.45
N GLY T 119 17.73 14.67 -20.50
CA GLY T 119 16.30 14.77 -20.72
C GLY T 119 15.62 13.41 -20.78
N THR T 120 14.45 13.30 -20.13
CA THR T 120 13.57 12.12 -20.12
C THR T 120 12.27 12.49 -20.77
N LEU T 121 11.94 11.83 -21.90
CA LEU T 121 10.71 12.10 -22.67
C LEU T 121 9.47 11.65 -21.89
N VAL T 122 8.65 12.65 -21.50
CA VAL T 122 7.40 12.48 -20.77
C VAL T 122 6.21 12.83 -21.69
N THR T 123 5.57 11.77 -22.22
CA THR T 123 4.39 11.87 -23.09
C THR T 123 3.12 11.82 -22.24
N VAL T 124 2.30 12.87 -22.31
CA VAL T 124 1.06 12.93 -21.54
C VAL T 124 -0.13 12.60 -22.45
N SER T 125 -0.60 11.33 -22.38
CA SER T 125 -1.75 10.76 -23.11
C SER T 125 -2.39 9.59 -22.35
N GLY T 126 -3.69 9.43 -22.50
CA GLY T 126 -4.41 8.34 -21.86
C GLY T 126 -4.13 6.99 -22.50
N ALA T 127 -3.69 6.98 -23.77
CA ALA T 127 -3.41 5.77 -24.56
C ALA T 127 -2.49 4.75 -23.87
N SER T 128 -2.79 3.45 -24.06
CA SER T 128 -2.06 2.29 -23.52
C SER T 128 -0.77 2.05 -24.29
N THR T 129 0.26 1.58 -23.58
CA THR T 129 1.55 1.27 -24.16
C THR T 129 1.40 -0.01 -24.97
N LYS T 130 1.62 0.07 -26.29
CA LYS T 130 1.53 -1.08 -27.18
C LYS T 130 2.71 -1.18 -28.14
N GLY T 131 2.93 -2.40 -28.62
CA GLY T 131 4.00 -2.72 -29.55
C GLY T 131 3.73 -2.30 -30.98
N PRO T 132 4.79 -2.04 -31.78
CA PRO T 132 4.58 -1.67 -33.20
C PRO T 132 4.34 -2.86 -34.12
N SER T 133 3.54 -2.63 -35.16
CA SER T 133 3.25 -3.61 -36.21
C SER T 133 4.08 -3.15 -37.41
N VAL T 134 5.03 -3.99 -37.86
CA VAL T 134 5.94 -3.69 -38.96
C VAL T 134 5.46 -4.30 -40.27
N PHE T 135 5.30 -3.44 -41.30
CA PHE T 135 4.86 -3.83 -42.65
C PHE T 135 5.91 -3.43 -43.69
N PRO T 136 6.32 -4.34 -44.61
CA PRO T 136 7.36 -3.97 -45.57
C PRO T 136 6.82 -3.13 -46.73
N LEU T 137 7.59 -2.10 -47.09
CA LEU T 137 7.30 -1.21 -48.20
C LEU T 137 7.78 -1.95 -49.44
N ALA T 138 6.80 -2.49 -50.20
CA ALA T 138 7.04 -3.33 -51.38
C ALA T 138 7.83 -2.59 -52.47
N PRO T 139 9.10 -3.00 -52.75
CA PRO T 139 9.90 -2.31 -53.78
C PRO T 139 9.39 -2.60 -55.20
N SER T 140 8.46 -1.77 -55.69
CA SER T 140 7.88 -1.89 -57.03
C SER T 140 8.97 -1.76 -58.11
N SER T 141 8.81 -2.46 -59.24
CA SER T 141 9.77 -2.46 -60.34
C SER T 141 9.47 -1.39 -61.40
N LYS T 142 8.97 -0.21 -60.95
CA LYS T 142 8.67 0.95 -61.81
C LYS T 142 9.99 1.54 -62.31
N SER T 143 10.85 2.03 -61.39
CA SER T 143 12.17 2.56 -61.70
C SER T 143 13.14 1.37 -61.58
N THR T 144 13.09 0.47 -62.58
CA THR T 144 13.84 -0.79 -62.68
C THR T 144 15.29 -0.59 -63.20
N SER T 145 15.78 0.68 -63.17
CA SER T 145 17.14 1.05 -63.55
C SER T 145 18.07 0.38 -62.55
N GLY T 146 19.22 -0.08 -63.04
CA GLY T 146 20.21 -0.83 -62.28
C GLY T 146 21.03 -0.08 -61.24
N GLY T 147 20.66 1.17 -60.94
CA GLY T 147 21.36 1.97 -59.93
C GLY T 147 20.45 2.60 -58.89
N THR T 148 19.13 2.69 -59.19
CA THR T 148 18.16 3.33 -58.29
C THR T 148 16.86 2.51 -58.13
N ALA T 149 16.55 2.18 -56.87
CA ALA T 149 15.34 1.47 -56.44
C ALA T 149 15.16 1.71 -54.93
N ALA T 150 13.93 2.06 -54.51
CA ALA T 150 13.60 2.32 -53.11
C ALA T 150 13.03 1.07 -52.46
N LEU T 151 13.33 0.92 -51.16
CA LEU T 151 12.96 -0.21 -50.32
C LEU T 151 12.82 0.31 -48.89
N GLY T 152 11.74 -0.06 -48.23
CA GLY T 152 11.53 0.39 -46.86
C GLY T 152 10.71 -0.51 -45.98
N CYS T 153 10.51 -0.05 -44.76
CA CYS T 153 9.70 -0.70 -43.73
C CYS T 153 8.73 0.35 -43.19
N LEU T 154 7.65 -0.09 -42.56
CA LEU T 154 6.68 0.83 -42.00
C LEU T 154 6.47 0.49 -40.54
N VAL T 155 7.00 1.33 -39.64
CA VAL T 155 6.82 1.15 -38.21
C VAL T 155 5.50 1.82 -37.92
N LYS T 156 4.42 1.04 -37.96
CA LYS T 156 3.06 1.56 -37.80
C LYS T 156 2.43 1.20 -36.44
N ASP T 157 1.73 2.21 -35.87
CA ASP T 157 0.91 2.20 -34.64
C ASP T 157 1.64 1.71 -33.36
N TYR T 158 2.53 2.54 -32.81
CA TYR T 158 3.21 2.21 -31.56
C TYR T 158 2.98 3.33 -30.55
N PHE T 159 3.23 3.05 -29.26
CA PHE T 159 3.09 4.01 -28.17
C PHE T 159 3.79 3.54 -26.90
N PRO T 160 4.67 4.37 -26.30
CA PRO T 160 5.05 5.75 -26.67
C PRO T 160 6.39 5.85 -27.42
N GLU T 161 6.86 7.09 -27.72
CA GLU T 161 8.16 7.35 -28.35
C GLU T 161 9.32 6.85 -27.44
N PRO T 162 10.47 6.35 -27.95
CA PRO T 162 10.90 6.31 -29.35
C PRO T 162 11.01 4.92 -29.96
N VAL T 163 11.56 4.85 -31.18
CA VAL T 163 11.81 3.64 -31.95
C VAL T 163 13.20 3.74 -32.63
N THR T 164 14.03 2.70 -32.50
CA THR T 164 15.36 2.61 -33.12
C THR T 164 15.33 1.62 -34.28
N VAL T 165 15.60 2.11 -35.51
CA VAL T 165 15.58 1.31 -36.73
C VAL T 165 16.95 1.29 -37.41
N SER T 166 17.42 0.06 -37.69
CA SER T 166 18.65 -0.27 -38.41
C SER T 166 18.30 -1.16 -39.62
N TRP T 167 19.31 -1.51 -40.42
CA TRP T 167 19.16 -2.32 -41.63
C TRP T 167 20.32 -3.30 -41.72
N ASN T 168 20.00 -4.59 -41.77
CA ASN T 168 20.93 -5.72 -41.81
C ASN T 168 21.89 -5.69 -40.61
N SER T 169 21.33 -5.43 -39.42
CA SER T 169 22.02 -5.30 -38.12
C SER T 169 23.22 -4.31 -38.18
N GLY T 170 22.95 -3.10 -38.68
CA GLY T 170 23.94 -2.03 -38.79
C GLY T 170 24.96 -2.17 -39.90
N ALA T 171 24.56 -2.74 -41.06
CA ALA T 171 25.45 -2.91 -42.21
C ALA T 171 25.09 -1.93 -43.35
N LEU T 172 24.14 -1.00 -43.12
CA LEU T 172 23.70 -0.01 -44.10
C LEU T 172 23.72 1.43 -43.60
N THR T 173 24.21 2.35 -44.44
CA THR T 173 24.29 3.80 -44.17
C THR T 173 23.85 4.63 -45.38
N SER T 174 24.11 4.10 -46.58
CA SER T 174 23.78 4.78 -47.84
C SER T 174 22.29 4.64 -48.18
N GLY T 175 21.62 5.79 -48.21
CA GLY T 175 20.20 5.86 -48.53
C GLY T 175 19.29 5.69 -47.34
N VAL T 176 19.84 5.27 -46.18
CA VAL T 176 19.06 5.05 -44.97
C VAL T 176 18.54 6.38 -44.37
N HIS T 177 17.24 6.64 -44.61
CA HIS T 177 16.51 7.80 -44.11
C HIS T 177 15.43 7.32 -43.15
N THR T 178 15.68 7.48 -41.83
CA THR T 178 14.73 7.10 -40.79
C THR T 178 13.86 8.34 -40.55
N PHE T 179 12.66 8.35 -41.13
CA PHE T 179 11.72 9.47 -41.05
C PHE T 179 11.15 9.64 -39.66
N PRO T 180 10.96 10.89 -39.18
CA PRO T 180 10.44 11.09 -37.82
C PRO T 180 9.02 10.53 -37.59
N ALA T 181 8.68 10.28 -36.31
CA ALA T 181 7.41 9.74 -35.87
C ALA T 181 6.26 10.72 -36.07
N VAL T 182 5.07 10.19 -36.41
CA VAL T 182 3.85 10.95 -36.63
C VAL T 182 2.79 10.36 -35.70
N LEU T 183 2.33 11.13 -34.70
CA LEU T 183 1.25 10.65 -33.82
C LEU T 183 -0.06 10.93 -34.56
N GLN T 184 -0.73 9.88 -35.05
CA GLN T 184 -2.00 10.02 -35.76
C GLN T 184 -3.17 10.12 -34.76
N SER T 185 -4.41 9.83 -35.20
CA SER T 185 -5.59 9.89 -34.34
C SER T 185 -5.45 8.98 -33.13
N SER T 186 -5.40 9.62 -31.95
CA SER T 186 -5.26 9.04 -30.62
C SER T 186 -4.05 8.11 -30.47
N GLY T 187 -2.97 8.71 -29.96
CA GLY T 187 -1.67 8.12 -29.62
C GLY T 187 -1.18 6.91 -30.38
N LEU T 188 -1.11 7.02 -31.72
CA LEU T 188 -0.62 5.96 -32.58
C LEU T 188 0.55 6.48 -33.39
N TYR T 189 1.76 6.57 -32.78
CA TYR T 189 2.91 7.01 -33.56
C TYR T 189 3.19 5.97 -34.65
N SER T 190 3.40 6.46 -35.89
CA SER T 190 3.69 5.65 -37.06
C SER T 190 4.74 6.36 -37.90
N LEU T 191 5.89 5.71 -38.13
CA LEU T 191 6.95 6.25 -38.96
C LEU T 191 7.32 5.34 -40.12
N SER T 192 8.26 5.79 -40.93
CA SER T 192 8.76 5.04 -42.06
C SER T 192 10.29 5.19 -42.12
N SER T 193 10.97 4.15 -42.62
CA SER T 193 12.41 4.13 -42.84
C SER T 193 12.67 3.50 -44.20
N VAL T 194 13.31 4.27 -45.09
CA VAL T 194 13.60 3.87 -46.45
C VAL T 194 15.12 3.74 -46.69
N VAL T 195 15.49 3.03 -47.78
CA VAL T 195 16.85 2.78 -48.24
C VAL T 195 16.85 2.68 -49.78
N THR T 196 17.82 3.33 -50.44
CA THR T 196 17.97 3.31 -51.90
C THR T 196 19.04 2.31 -52.25
N VAL T 197 18.66 1.31 -53.05
CA VAL T 197 19.50 0.21 -53.50
C VAL T 197 19.44 0.04 -55.01
N PRO T 198 20.55 -0.36 -55.69
CA PRO T 198 20.48 -0.59 -57.14
C PRO T 198 19.60 -1.81 -57.44
N SER T 199 19.13 -1.96 -58.72
CA SER T 199 18.30 -3.10 -59.13
C SER T 199 19.05 -4.44 -59.05
N SER T 200 20.39 -4.41 -59.11
CA SER T 200 21.25 -5.60 -59.00
C SER T 200 21.19 -6.18 -57.57
N SER T 201 21.11 -5.31 -56.55
CA SER T 201 21.00 -5.67 -55.14
C SER T 201 19.56 -6.08 -54.80
N LEU T 202 18.61 -5.66 -55.67
CA LEU T 202 17.18 -5.94 -55.60
C LEU T 202 16.92 -7.30 -56.28
N GLY T 203 17.44 -8.34 -55.64
CA GLY T 203 17.32 -9.73 -56.11
C GLY T 203 18.49 -10.60 -55.74
N THR T 204 19.51 -10.06 -55.07
CA THR T 204 20.69 -10.80 -54.64
C THR T 204 20.85 -10.74 -53.12
N GLN T 205 20.79 -9.51 -52.57
CA GLN T 205 20.95 -9.25 -51.13
C GLN T 205 19.62 -9.27 -50.38
N THR T 206 19.63 -9.88 -49.20
CA THR T 206 18.47 -9.96 -48.30
C THR T 206 18.42 -8.69 -47.47
N TYR T 207 17.25 -8.03 -47.50
CA TYR T 207 17.02 -6.81 -46.74
C TYR T 207 15.99 -6.96 -45.65
N ILE T 208 16.45 -6.69 -44.42
CA ILE T 208 15.67 -6.75 -43.19
C ILE T 208 15.85 -5.49 -42.35
N CYS T 209 14.78 -5.05 -41.69
CA CYS T 209 14.85 -3.87 -40.84
C CYS T 209 14.84 -4.24 -39.38
N ASN T 210 15.90 -3.80 -38.70
CA ASN T 210 16.12 -4.02 -37.27
C ASN T 210 15.38 -2.97 -36.42
N VAL T 211 14.07 -3.14 -36.30
CA VAL T 211 13.23 -2.24 -35.54
C VAL T 211 13.05 -2.75 -34.10
N ASN T 212 13.19 -1.83 -33.12
CA ASN T 212 12.98 -2.13 -31.70
C ASN T 212 12.27 -0.99 -30.96
N HIS T 213 11.34 -1.37 -30.09
CA HIS T 213 10.57 -0.45 -29.28
C HIS T 213 10.71 -0.96 -27.85
N LYS T 214 11.79 -0.52 -27.13
CA LYS T 214 12.04 -0.95 -25.75
C LYS T 214 10.88 -0.60 -24.77
N PRO T 215 10.06 0.48 -24.89
CA PRO T 215 8.93 0.65 -23.94
C PRO T 215 7.93 -0.51 -23.92
N SER T 216 7.85 -1.31 -25.01
CA SER T 216 7.00 -2.51 -25.15
C SER T 216 7.80 -3.81 -25.30
N ASN T 217 9.14 -3.68 -25.43
CA ASN T 217 10.12 -4.77 -25.61
C ASN T 217 9.80 -5.61 -26.88
N THR T 218 9.38 -4.94 -27.97
CA THR T 218 9.01 -5.61 -29.21
C THR T 218 10.15 -5.46 -30.24
N LYS T 219 10.98 -6.51 -30.36
CA LYS T 219 12.06 -6.57 -31.34
C LYS T 219 11.50 -7.30 -32.56
N VAL T 220 11.41 -6.60 -33.70
CA VAL T 220 10.88 -7.12 -34.97
C VAL T 220 11.93 -7.03 -36.08
N ASP T 221 11.97 -8.05 -36.96
CA ASP T 221 12.85 -8.13 -38.12
C ASP T 221 11.99 -8.61 -39.30
N LYS T 222 11.76 -7.71 -40.26
CA LYS T 222 10.88 -8.00 -41.39
C LYS T 222 11.59 -8.10 -42.72
N ARG T 223 11.31 -9.19 -43.43
CA ARG T 223 11.85 -9.50 -44.76
C ARG T 223 11.19 -8.63 -45.80
N VAL T 224 12.01 -7.88 -46.56
CA VAL T 224 11.52 -6.98 -47.61
C VAL T 224 11.92 -7.45 -49.01
N GLU T 225 10.91 -7.84 -49.81
CA GLU T 225 11.05 -8.26 -51.21
C GLU T 225 9.82 -7.83 -52.05
N PRO T 226 10.00 -7.52 -53.36
CA PRO T 226 8.84 -7.12 -54.18
C PRO T 226 7.80 -8.25 -54.31
#